data_2JNX
#
_entry.id   2JNX
#
_cell.length_a   1.000
_cell.length_b   1.000
_cell.length_c   1.000
_cell.angle_alpha   90.00
_cell.angle_beta   90.00
_cell.angle_gamma   90.00
#
_symmetry.space_group_name_H-M   'P 1'
#
loop_
_entity.id
_entity.type
_entity.pdbx_description
1 polymer 'Calcium binding protein 2'
2 non-polymer 'CALCIUM ION'
#
_entity_poly.entity_id   1
_entity_poly.type   'polypeptide(L)'
_entity_poly.pdbx_seq_one_letter_code
;MAEALFKQLDANGDGSVSYEEVKAFVSSKRPIKNEQLLQLIFKAIDIDGNGEIDLAEFTKFAAAVKEQDLSDEKVGLKIL
YKLMDADGDGKLTKEEVTTFFKKFGYEKVVDQIMKADANGDGYITLEEFLAFNL
;
_entity_poly.pdbx_strand_id   A
#
# COMPACT_ATOMS: atom_id res chain seq x y z
N MET A 1 17.58 26.92 -17.62
CA MET A 1 18.02 25.69 -18.26
C MET A 1 17.82 24.49 -17.34
N ALA A 2 16.57 24.07 -17.23
CA ALA A 2 16.23 22.93 -16.39
C ALA A 2 14.78 22.54 -16.64
N GLU A 3 14.40 21.39 -16.10
CA GLU A 3 13.05 20.89 -16.23
C GLU A 3 12.74 19.85 -15.15
N ALA A 4 11.46 19.71 -14.86
CA ALA A 4 11.03 18.76 -13.85
C ALA A 4 9.50 18.74 -13.80
N LEU A 5 8.92 18.02 -14.76
CA LEU A 5 7.46 17.91 -14.83
C LEU A 5 7.10 16.87 -15.89
N PHE A 6 6.51 15.78 -15.42
CA PHE A 6 6.09 14.71 -16.30
C PHE A 6 5.19 15.24 -17.42
N LYS A 7 4.65 16.42 -17.19
CA LYS A 7 3.77 17.05 -18.16
C LYS A 7 4.30 16.78 -19.57
N GLN A 8 5.44 17.40 -19.86
CA GLN A 8 6.06 17.24 -21.17
C GLN A 8 6.28 15.75 -21.47
N LEU A 9 6.98 15.09 -20.56
CA LEU A 9 7.26 13.67 -20.72
C LEU A 9 6.03 12.98 -21.31
N ASP A 10 4.87 13.33 -20.77
CA ASP A 10 3.62 12.75 -21.24
C ASP A 10 3.16 13.49 -22.50
N ALA A 11 2.88 14.77 -22.32
CA ALA A 11 2.43 15.60 -23.43
C ALA A 11 0.98 15.24 -23.77
N ASN A 12 0.74 13.94 -23.88
CA ASN A 12 -0.60 13.46 -24.20
C ASN A 12 -1.63 14.32 -23.48
N GLY A 13 -1.24 14.81 -22.31
CA GLY A 13 -2.13 15.65 -21.52
C GLY A 13 -3.35 14.86 -21.03
N ASP A 14 -3.20 13.54 -21.05
CA ASP A 14 -4.27 12.67 -20.61
C ASP A 14 -4.26 12.58 -19.08
N GLY A 15 -3.19 13.09 -18.50
CA GLY A 15 -3.04 13.08 -17.06
C GLY A 15 -2.64 11.69 -16.55
N SER A 16 -3.40 10.70 -16.97
CA SER A 16 -3.13 9.33 -16.58
C SER A 16 -2.27 8.63 -17.65
N VAL A 17 -1.56 7.60 -17.21
CA VAL A 17 -0.70 6.85 -18.10
C VAL A 17 -0.01 5.72 -17.32
N SER A 18 0.86 5.02 -18.02
CA SER A 18 1.59 3.92 -17.41
C SER A 18 2.87 4.45 -16.75
N TYR A 19 2.77 4.69 -15.45
CA TYR A 19 3.91 5.19 -14.69
C TYR A 19 5.21 4.57 -15.20
N GLU A 20 5.10 3.36 -15.70
CA GLU A 20 6.27 2.65 -16.22
C GLU A 20 7.12 3.59 -17.07
N GLU A 21 6.44 4.42 -17.85
CA GLU A 21 7.12 5.36 -18.72
C GLU A 21 7.79 6.45 -17.89
N VAL A 22 7.15 6.79 -16.77
CA VAL A 22 7.66 7.81 -15.89
C VAL A 22 8.77 7.20 -15.00
N LYS A 23 8.63 5.90 -14.76
CA LYS A 23 9.60 5.20 -13.94
C LYS A 23 10.95 5.18 -14.65
N ALA A 24 10.90 4.99 -15.96
CA ALA A 24 12.10 4.95 -16.76
C ALA A 24 12.61 6.37 -16.99
N PHE A 25 11.67 7.25 -17.33
CA PHE A 25 12.01 8.64 -17.57
C PHE A 25 12.83 9.22 -16.42
N VAL A 26 12.40 8.89 -15.20
CA VAL A 26 13.08 9.36 -14.02
C VAL A 26 14.33 8.52 -13.77
N SER A 27 14.19 7.22 -14.02
CA SER A 27 15.29 6.30 -13.83
C SER A 27 16.51 6.77 -14.64
N SER A 28 16.23 7.50 -15.70
CA SER A 28 17.28 8.02 -16.55
C SER A 28 17.62 9.46 -16.16
N LYS A 29 17.64 9.69 -14.86
CA LYS A 29 17.95 11.02 -14.34
C LYS A 29 18.87 10.89 -13.13
N ARG A 30 18.26 10.91 -11.95
CA ARG A 30 19.01 10.80 -10.72
C ARG A 30 19.32 9.33 -10.41
N PRO A 31 18.23 8.51 -10.38
CA PRO A 31 18.37 7.09 -10.10
C PRO A 31 18.92 6.35 -11.31
N ILE A 32 18.74 5.03 -11.31
CA ILE A 32 19.22 4.20 -12.40
C ILE A 32 18.54 2.83 -12.31
N LYS A 33 18.47 2.31 -11.10
CA LYS A 33 17.87 1.01 -10.87
C LYS A 33 16.81 1.13 -9.77
N ASN A 34 15.59 0.78 -10.12
CA ASN A 34 14.48 0.85 -9.18
C ASN A 34 13.16 0.90 -9.95
N GLU A 35 13.25 1.39 -11.18
CA GLU A 35 12.07 1.51 -12.03
C GLU A 35 11.31 0.19 -12.06
N GLN A 36 12.04 -0.89 -11.79
CA GLN A 36 11.45 -2.22 -11.79
C GLN A 36 10.59 -2.41 -10.54
N LEU A 37 11.28 -2.50 -9.41
CA LEU A 37 10.59 -2.69 -8.14
C LEU A 37 9.41 -1.72 -8.05
N LEU A 38 9.70 -0.46 -8.34
CA LEU A 38 8.68 0.57 -8.30
C LEU A 38 7.55 0.22 -9.28
N GLN A 39 7.88 0.32 -10.56
CA GLN A 39 6.92 0.01 -11.61
C GLN A 39 6.05 -1.18 -11.19
N LEU A 40 6.72 -2.19 -10.65
CA LEU A 40 6.03 -3.40 -10.21
C LEU A 40 5.00 -3.03 -9.14
N ILE A 41 5.52 -2.66 -7.98
CA ILE A 41 4.66 -2.28 -6.87
C ILE A 41 3.53 -1.40 -7.38
N PHE A 42 3.91 -0.38 -8.13
CA PHE A 42 2.94 0.55 -8.69
C PHE A 42 1.87 -0.19 -9.49
N LYS A 43 2.33 -0.94 -10.48
CA LYS A 43 1.42 -1.70 -11.32
C LYS A 43 0.38 -2.40 -10.45
N ALA A 44 0.86 -2.92 -9.33
CA ALA A 44 -0.02 -3.63 -8.41
C ALA A 44 -0.75 -2.59 -7.54
N ILE A 45 -0.09 -1.48 -7.31
CA ILE A 45 -0.67 -0.40 -6.51
C ILE A 45 -1.83 0.23 -7.27
N ASP A 46 -1.93 -0.12 -8.55
CA ASP A 46 -2.98 0.40 -9.39
C ASP A 46 -4.09 -0.64 -9.51
N ILE A 47 -3.97 -1.48 -10.53
CA ILE A 47 -4.96 -2.53 -10.76
C ILE A 47 -6.35 -1.97 -10.48
N ASP A 48 -6.49 -0.67 -10.69
CA ASP A 48 -7.77 0.00 -10.47
C ASP A 48 -8.72 -0.34 -11.62
N GLY A 49 -8.21 -1.12 -12.56
CA GLY A 49 -9.00 -1.51 -13.71
C GLY A 49 -8.31 -1.11 -15.02
N ASN A 50 -6.99 -1.21 -15.01
CA ASN A 50 -6.21 -0.86 -16.18
C ASN A 50 -4.72 -1.11 -15.88
N GLY A 51 -4.11 -0.12 -15.25
CA GLY A 51 -2.69 -0.22 -14.90
C GLY A 51 -1.99 1.12 -15.12
N GLU A 52 -2.70 2.04 -15.77
CA GLU A 52 -2.15 3.35 -16.04
C GLU A 52 -2.56 4.34 -14.95
N ILE A 53 -1.55 4.84 -14.24
CA ILE A 53 -1.79 5.78 -13.16
C ILE A 53 -1.51 7.19 -13.66
N ASP A 54 -1.84 8.17 -12.82
CA ASP A 54 -1.64 9.56 -13.17
C ASP A 54 -0.76 10.23 -12.11
N LEU A 55 0.19 11.01 -12.58
CA LEU A 55 1.10 11.72 -11.68
C LEU A 55 0.33 12.18 -10.44
N ALA A 56 -0.93 12.50 -10.65
CA ALA A 56 -1.79 12.96 -9.57
C ALA A 56 -1.91 11.85 -8.52
N GLU A 57 -2.41 10.71 -8.97
CA GLU A 57 -2.59 9.57 -8.09
C GLU A 57 -1.35 9.38 -7.22
N PHE A 58 -0.19 9.50 -7.87
CA PHE A 58 1.07 9.34 -7.16
C PHE A 58 1.29 10.46 -6.15
N THR A 59 1.22 11.69 -6.65
CA THR A 59 1.41 12.86 -5.81
C THR A 59 0.40 12.84 -4.65
N LYS A 60 -0.86 12.74 -5.01
CA LYS A 60 -1.92 12.71 -4.02
C LYS A 60 -1.59 11.68 -2.95
N PHE A 61 -1.24 10.49 -3.42
CA PHE A 61 -0.90 9.39 -2.52
C PHE A 61 0.24 9.80 -1.58
N ALA A 62 1.20 10.52 -2.13
CA ALA A 62 2.33 10.97 -1.35
C ALA A 62 1.85 11.94 -0.27
N ALA A 63 0.97 12.84 -0.68
CA ALA A 63 0.41 13.82 0.23
C ALA A 63 -0.56 13.14 1.19
N ALA A 64 -1.04 11.98 0.77
CA ALA A 64 -1.97 11.21 1.57
C ALA A 64 -1.21 10.45 2.66
N VAL A 65 -0.01 10.01 2.31
CA VAL A 65 0.82 9.28 3.24
C VAL A 65 1.55 10.27 4.16
N LYS A 66 1.77 11.46 3.62
CA LYS A 66 2.44 12.51 4.38
C LYS A 66 1.65 12.80 5.66
N GLU A 67 0.34 12.86 5.50
CA GLU A 67 -0.53 13.12 6.64
C GLU A 67 -0.18 12.22 7.81
N GLN A 68 -0.15 12.81 8.99
CA GLN A 68 0.16 12.07 10.20
C GLN A 68 -1.10 11.78 11.00
N ASP A 69 -1.97 10.96 10.41
CA ASP A 69 -3.21 10.60 11.05
C ASP A 69 -4.03 9.71 10.10
N LEU A 70 -3.44 8.60 9.73
CA LEU A 70 -4.09 7.66 8.83
C LEU A 70 -3.22 6.41 8.68
N SER A 71 -2.03 6.62 8.13
CA SER A 71 -1.11 5.53 7.91
C SER A 71 -0.78 4.85 9.25
N ASP A 72 -0.33 5.66 10.18
CA ASP A 72 0.02 5.15 11.51
C ASP A 72 -1.02 4.11 11.93
N GLU A 73 -2.28 4.53 11.94
CA GLU A 73 -3.36 3.65 12.33
C GLU A 73 -3.15 2.26 11.73
N LYS A 74 -2.75 2.25 10.47
CA LYS A 74 -2.51 0.99 9.77
C LYS A 74 -1.13 0.45 10.17
N VAL A 75 -0.17 1.35 10.21
CA VAL A 75 1.19 0.98 10.57
C VAL A 75 1.15 -0.04 11.70
N GLY A 76 0.25 0.20 12.65
CA GLY A 76 0.10 -0.68 13.79
C GLY A 76 -0.15 -2.12 13.33
N LEU A 77 -1.28 -2.30 12.66
CA LEU A 77 -1.65 -3.61 12.16
C LEU A 77 -0.54 -4.16 11.27
N LYS A 78 0.21 -3.22 10.68
CA LYS A 78 1.31 -3.60 9.81
C LYS A 78 2.44 -4.19 10.64
N ILE A 79 2.99 -3.35 11.52
CA ILE A 79 4.07 -3.78 12.38
C ILE A 79 3.73 -5.13 13.01
N LEU A 80 2.44 -5.32 13.29
CA LEU A 80 1.97 -6.55 13.88
C LEU A 80 2.01 -7.66 12.83
N TYR A 81 1.64 -7.30 11.61
CA TYR A 81 1.63 -8.25 10.52
C TYR A 81 3.02 -8.82 10.26
N LYS A 82 4.01 -7.98 10.49
CA LYS A 82 5.41 -8.39 10.30
C LYS A 82 5.87 -9.18 11.52
N LEU A 83 5.51 -8.68 12.69
CA LEU A 83 5.89 -9.33 13.93
C LEU A 83 5.19 -10.68 14.02
N MET A 84 3.88 -10.62 14.22
CA MET A 84 3.08 -11.84 14.32
C MET A 84 3.57 -12.90 13.34
N ASP A 85 4.12 -12.43 12.23
CA ASP A 85 4.64 -13.32 11.21
C ASP A 85 5.89 -14.03 11.74
N ALA A 86 5.67 -15.14 12.43
CA ALA A 86 6.76 -15.91 12.99
C ALA A 86 7.03 -17.12 12.09
N ASP A 87 5.97 -17.60 11.45
CA ASP A 87 6.09 -18.74 10.56
C ASP A 87 6.24 -18.25 9.13
N GLY A 88 5.46 -17.23 8.80
CA GLY A 88 5.50 -16.66 7.46
C GLY A 88 6.93 -16.30 7.05
N ASP A 89 7.59 -15.56 7.93
CA ASP A 89 8.96 -15.14 7.67
C ASP A 89 8.95 -14.00 6.64
N GLY A 90 7.76 -13.48 6.39
CA GLY A 90 7.61 -12.40 5.43
C GLY A 90 6.25 -12.47 4.74
N LYS A 91 5.82 -13.70 4.47
CA LYS A 91 4.55 -13.92 3.81
C LYS A 91 3.63 -14.72 4.73
N LEU A 92 2.39 -14.25 4.84
CA LEU A 92 1.41 -14.91 5.68
C LEU A 92 0.57 -15.85 4.83
N THR A 93 0.60 -17.13 5.22
CA THR A 93 -0.15 -18.15 4.49
C THR A 93 -1.64 -18.06 4.85
N LYS A 94 -2.46 -18.48 3.91
CA LYS A 94 -3.90 -18.46 4.11
C LYS A 94 -4.21 -18.61 5.61
N GLU A 95 -4.13 -19.85 6.07
CA GLU A 95 -4.39 -20.15 7.46
C GLU A 95 -3.84 -19.03 8.36
N GLU A 96 -2.57 -18.72 8.15
CA GLU A 96 -1.92 -17.68 8.93
C GLU A 96 -2.75 -16.39 8.88
N VAL A 97 -2.85 -15.83 7.69
CA VAL A 97 -3.61 -14.61 7.50
C VAL A 97 -5.02 -14.80 8.05
N THR A 98 -5.78 -15.66 7.37
CA THR A 98 -7.14 -15.94 7.78
C THR A 98 -7.29 -15.77 9.29
N THR A 99 -6.42 -16.46 10.02
CA THR A 99 -6.45 -16.40 11.47
C THR A 99 -6.03 -15.02 11.96
N PHE A 100 -4.89 -14.57 11.45
CA PHE A 100 -4.36 -13.27 11.82
C PHE A 100 -5.37 -12.16 11.52
N PHE A 101 -5.59 -11.93 10.24
CA PHE A 101 -6.53 -10.89 9.82
C PHE A 101 -7.85 -11.02 10.58
N LYS A 102 -8.23 -12.26 10.84
CA LYS A 102 -9.46 -12.52 11.57
C LYS A 102 -9.30 -12.10 13.02
N LYS A 103 -8.16 -12.48 13.59
CA LYS A 103 -7.87 -12.15 14.98
C LYS A 103 -7.78 -10.64 15.12
N PHE A 104 -7.49 -9.98 14.01
CA PHE A 104 -7.37 -8.53 14.00
C PHE A 104 -8.74 -7.87 13.83
N GLY A 105 -9.58 -8.55 13.07
CA GLY A 105 -10.92 -8.03 12.81
C GLY A 105 -11.17 -7.92 11.30
N TYR A 106 -10.80 -8.96 10.58
CA TYR A 106 -10.97 -9.00 9.14
C TYR A 106 -11.47 -10.37 8.69
N GLU A 107 -12.56 -10.80 9.30
CA GLU A 107 -13.15 -12.09 8.97
C GLU A 107 -13.81 -12.02 7.59
N LYS A 108 -14.45 -10.89 7.33
CA LYS A 108 -15.13 -10.70 6.05
C LYS A 108 -14.09 -10.59 4.94
N VAL A 109 -12.86 -10.33 5.33
CA VAL A 109 -11.77 -10.21 4.39
C VAL A 109 -11.29 -11.60 3.98
N VAL A 110 -11.31 -12.51 4.94
CA VAL A 110 -10.89 -13.87 4.70
C VAL A 110 -11.39 -14.32 3.32
N ASP A 111 -12.56 -13.81 2.96
CA ASP A 111 -13.17 -14.15 1.68
C ASP A 111 -12.31 -13.56 0.56
N GLN A 112 -12.13 -12.25 0.61
CA GLN A 112 -11.34 -11.56 -0.38
C GLN A 112 -9.88 -12.00 -0.32
N ILE A 113 -9.48 -12.44 0.87
CA ILE A 113 -8.12 -12.89 1.09
C ILE A 113 -7.89 -14.18 0.30
N MET A 114 -8.75 -15.15 0.54
CA MET A 114 -8.65 -16.43 -0.14
C MET A 114 -8.87 -16.27 -1.64
N LYS A 115 -9.67 -15.28 -1.99
CA LYS A 115 -9.97 -15.01 -3.39
C LYS A 115 -8.94 -14.01 -3.94
N ALA A 116 -8.17 -13.44 -3.03
CA ALA A 116 -7.15 -12.47 -3.40
C ALA A 116 -5.97 -13.20 -4.04
N ASP A 117 -5.39 -14.11 -3.27
CA ASP A 117 -4.25 -14.88 -3.74
C ASP A 117 -4.76 -16.14 -4.46
N ALA A 118 -4.01 -16.54 -5.48
CA ALA A 118 -4.37 -17.72 -6.26
C ALA A 118 -3.59 -17.70 -7.57
N ASN A 119 -2.33 -17.32 -7.48
CA ASN A 119 -1.47 -17.27 -8.65
C ASN A 119 -0.35 -18.29 -8.51
N GLY A 120 0.32 -18.24 -7.36
CA GLY A 120 1.41 -19.17 -7.09
C GLY A 120 2.08 -18.83 -5.76
N ASP A 121 1.27 -18.42 -4.80
CA ASP A 121 1.77 -18.07 -3.49
C ASP A 121 0.91 -18.73 -2.42
N GLY A 122 -0.41 -18.61 -2.61
CA GLY A 122 -1.35 -19.19 -1.67
C GLY A 122 -1.29 -18.48 -0.32
N TYR A 123 -0.53 -17.39 -0.29
CA TYR A 123 -0.37 -16.62 0.93
C TYR A 123 -0.55 -15.12 0.66
N ILE A 124 -0.40 -14.34 1.71
CA ILE A 124 -0.54 -12.90 1.59
C ILE A 124 0.55 -12.22 2.43
N THR A 125 1.29 -11.33 1.77
CA THR A 125 2.36 -10.61 2.43
C THR A 125 1.86 -9.25 2.92
N LEU A 126 2.67 -8.63 3.77
CA LEU A 126 2.32 -7.32 4.31
C LEU A 126 1.67 -6.48 3.21
N GLU A 127 2.43 -6.26 2.15
CA GLU A 127 1.94 -5.48 1.03
C GLU A 127 0.53 -5.92 0.64
N GLU A 128 0.44 -7.18 0.23
CA GLU A 128 -0.84 -7.73 -0.18
C GLU A 128 -1.97 -7.15 0.68
N PHE A 129 -1.95 -7.53 1.95
CA PHE A 129 -2.96 -7.05 2.88
C PHE A 129 -3.19 -5.55 2.73
N LEU A 130 -2.09 -4.82 2.78
CA LEU A 130 -2.15 -3.37 2.65
C LEU A 130 -2.69 -3.01 1.26
N ALA A 131 -2.51 -3.94 0.34
CA ALA A 131 -2.96 -3.73 -1.03
C ALA A 131 -4.49 -3.74 -1.06
N PHE A 132 -5.06 -4.68 -0.32
CA PHE A 132 -6.51 -4.80 -0.26
C PHE A 132 -7.14 -3.50 0.25
N ASN A 133 -6.39 -2.79 1.07
CA ASN A 133 -6.87 -1.53 1.63
C ASN A 133 -5.77 -0.48 1.49
N LEU A 134 -5.50 -0.09 0.25
CA LEU A 134 -4.48 0.91 -0.02
C LEU A 134 -5.16 2.23 -0.38
N MET A 1 -15.48 28.72 -18.18
CA MET A 1 -15.21 30.11 -18.51
C MET A 1 -14.25 30.74 -17.49
N ALA A 2 -14.64 30.62 -16.22
CA ALA A 2 -13.83 31.16 -15.15
C ALA A 2 -14.41 30.73 -13.81
N GLU A 3 -13.82 29.68 -13.25
CA GLU A 3 -14.27 29.15 -11.98
C GLU A 3 -13.25 28.16 -11.41
N ALA A 4 -13.44 27.80 -10.16
CA ALA A 4 -12.54 26.86 -9.49
C ALA A 4 -13.32 26.10 -8.43
N LEU A 5 -12.65 25.11 -7.85
CA LEU A 5 -13.26 24.28 -6.83
C LEU A 5 -14.36 23.42 -7.45
N PHE A 6 -14.28 22.12 -7.18
CA PHE A 6 -15.26 21.19 -7.70
C PHE A 6 -16.68 21.65 -7.39
N LYS A 7 -16.79 22.47 -6.35
CA LYS A 7 -18.09 22.99 -5.94
C LYS A 7 -18.89 23.38 -7.19
N GLN A 8 -18.19 23.88 -8.19
CA GLN A 8 -18.81 24.29 -9.43
C GLN A 8 -19.48 23.08 -10.10
N LEU A 9 -18.73 21.99 -10.19
CA LEU A 9 -19.23 20.78 -10.81
C LEU A 9 -20.23 20.12 -9.85
N ASP A 10 -19.94 20.21 -8.57
CA ASP A 10 -20.81 19.62 -7.56
C ASP A 10 -22.02 20.53 -7.35
N ALA A 11 -21.95 21.72 -7.92
CA ALA A 11 -23.03 22.68 -7.81
C ALA A 11 -24.37 21.94 -7.84
N ASN A 12 -24.37 20.81 -8.55
CA ASN A 12 -25.57 20.01 -8.67
C ASN A 12 -26.38 20.13 -7.38
N GLY A 13 -25.67 20.14 -6.26
CA GLY A 13 -26.31 20.24 -4.97
C GLY A 13 -26.52 18.86 -4.34
N ASP A 14 -25.61 17.96 -4.68
CA ASP A 14 -25.67 16.60 -4.15
C ASP A 14 -24.51 16.38 -3.18
N GLY A 15 -23.50 17.23 -3.31
CA GLY A 15 -22.32 17.15 -2.45
C GLY A 15 -21.49 15.92 -2.80
N SER A 16 -22.14 14.77 -2.76
CA SER A 16 -21.47 13.51 -3.06
C SER A 16 -21.65 13.16 -4.54
N VAL A 17 -20.76 12.32 -5.03
CA VAL A 17 -20.80 11.90 -6.42
C VAL A 17 -19.64 10.96 -6.71
N SER A 18 -19.51 10.60 -7.98
CA SER A 18 -18.44 9.71 -8.40
C SER A 18 -17.18 10.52 -8.72
N TYR A 19 -16.30 10.59 -7.73
CA TYR A 19 -15.06 11.32 -7.89
C TYR A 19 -14.53 11.20 -9.32
N GLU A 20 -14.84 10.06 -9.94
CA GLU A 20 -14.40 9.80 -11.30
C GLU A 20 -14.65 11.02 -12.18
N GLU A 21 -15.75 11.71 -11.89
CA GLU A 21 -16.11 12.89 -12.64
C GLU A 21 -15.14 14.03 -12.34
N VAL A 22 -14.58 14.00 -11.14
CA VAL A 22 -13.64 15.02 -10.72
C VAL A 22 -12.25 14.68 -11.29
N LYS A 23 -12.04 13.41 -11.53
CA LYS A 23 -10.77 12.95 -12.07
C LYS A 23 -10.65 13.38 -13.52
N ALA A 24 -11.78 13.32 -14.22
CA ALA A 24 -11.82 13.69 -15.62
C ALA A 24 -11.86 15.22 -15.73
N PHE A 25 -12.67 15.83 -14.88
CA PHE A 25 -12.81 17.27 -14.87
C PHE A 25 -11.50 17.94 -14.48
N VAL A 26 -10.84 17.37 -13.48
CA VAL A 26 -9.58 17.89 -12.98
C VAL A 26 -8.47 17.53 -13.98
N SER A 27 -8.60 16.34 -14.55
CA SER A 27 -7.61 15.86 -15.51
C SER A 27 -7.72 16.67 -16.81
N SER A 28 -8.89 17.23 -17.02
CA SER A 28 -9.13 18.03 -18.22
C SER A 28 -8.81 19.50 -17.94
N LYS A 29 -7.70 19.71 -17.26
CA LYS A 29 -7.27 21.05 -16.92
C LYS A 29 -5.80 21.24 -17.31
N ARG A 30 -4.93 21.04 -16.34
CA ARG A 30 -3.50 21.17 -16.57
C ARG A 30 -2.95 19.89 -17.20
N PRO A 31 -3.23 18.75 -16.52
CA PRO A 31 -2.76 17.46 -17.01
C PRO A 31 -3.58 16.99 -18.21
N ILE A 32 -3.51 15.69 -18.45
CA ILE A 32 -4.24 15.11 -19.57
C ILE A 32 -4.34 13.59 -19.38
N LYS A 33 -3.22 13.01 -18.97
CA LYS A 33 -3.16 11.58 -18.74
C LYS A 33 -2.99 11.31 -17.25
N ASN A 34 -4.05 10.76 -16.65
CA ASN A 34 -4.03 10.45 -15.24
C ASN A 34 -5.43 10.06 -14.79
N GLU A 35 -6.42 10.66 -15.45
CA GLU A 35 -7.81 10.37 -15.13
C GLU A 35 -8.05 8.87 -15.09
N GLN A 36 -7.23 8.15 -15.84
CA GLN A 36 -7.35 6.70 -15.89
C GLN A 36 -6.81 6.07 -14.61
N LEU A 37 -5.50 6.23 -14.42
CA LEU A 37 -4.86 5.69 -13.24
C LEU A 37 -5.66 6.06 -11.99
N LEU A 38 -6.16 7.29 -12.00
CA LEU A 38 -6.95 7.78 -10.88
C LEU A 38 -8.30 7.04 -10.86
N GLN A 39 -9.05 7.21 -11.94
CA GLN A 39 -10.35 6.57 -12.04
C GLN A 39 -10.34 5.21 -11.34
N LEU A 40 -9.27 4.46 -11.58
CA LEU A 40 -9.12 3.14 -10.98
C LEU A 40 -8.86 3.31 -9.48
N ILE A 41 -7.73 3.93 -9.17
CA ILE A 41 -7.35 4.14 -7.78
C ILE A 41 -8.55 4.69 -7.01
N PHE A 42 -9.44 5.34 -7.75
CA PHE A 42 -10.65 5.90 -7.15
C PHE A 42 -11.64 4.81 -6.79
N LYS A 43 -12.09 4.10 -7.81
CA LYS A 43 -13.06 3.02 -7.63
C LYS A 43 -12.63 2.18 -6.42
N ALA A 44 -11.33 2.10 -6.22
CA ALA A 44 -10.79 1.33 -5.12
C ALA A 44 -10.82 2.18 -3.84
N ILE A 45 -10.53 3.46 -4.00
CA ILE A 45 -10.53 4.38 -2.89
C ILE A 45 -11.94 4.95 -2.69
N ASP A 46 -12.89 4.32 -3.38
CA ASP A 46 -14.28 4.75 -3.29
C ASP A 46 -15.08 3.72 -2.51
N ILE A 47 -14.82 2.45 -2.81
CA ILE A 47 -15.51 1.37 -2.15
C ILE A 47 -15.65 1.69 -0.66
N ASP A 48 -14.70 2.47 -0.17
CA ASP A 48 -14.70 2.87 1.23
C ASP A 48 -16.11 3.34 1.63
N GLY A 49 -16.84 3.79 0.62
CA GLY A 49 -18.19 4.27 0.83
C GLY A 49 -19.20 3.49 0.00
N ASN A 50 -18.85 3.32 -1.27
CA ASN A 50 -19.72 2.58 -2.19
C ASN A 50 -19.22 2.81 -3.63
N GLY A 51 -19.75 3.86 -4.24
CA GLY A 51 -19.37 4.19 -5.61
C GLY A 51 -19.59 5.68 -5.89
N GLU A 52 -19.54 6.46 -4.83
CA GLU A 52 -19.74 7.90 -4.95
C GLU A 52 -19.18 8.62 -3.72
N ILE A 53 -18.10 9.34 -3.95
CA ILE A 53 -17.46 10.09 -2.87
C ILE A 53 -17.80 11.58 -3.01
N ASP A 54 -17.66 12.28 -1.90
CA ASP A 54 -17.96 13.70 -1.88
C ASP A 54 -16.68 14.48 -1.54
N LEU A 55 -16.54 15.63 -2.18
CA LEU A 55 -15.37 16.47 -1.97
C LEU A 55 -14.97 16.40 -0.49
N ALA A 56 -15.97 16.26 0.36
CA ALA A 56 -15.74 16.19 1.79
C ALA A 56 -14.81 15.01 2.09
N GLU A 57 -15.34 13.81 1.87
CA GLU A 57 -14.56 12.60 2.11
C GLU A 57 -13.09 12.82 1.72
N PHE A 58 -12.90 13.40 0.55
CA PHE A 58 -11.56 13.67 0.06
C PHE A 58 -10.85 14.67 0.96
N THR A 59 -11.42 15.86 1.05
CA THR A 59 -10.85 16.92 1.87
C THR A 59 -10.58 16.40 3.29
N LYS A 60 -11.65 15.89 3.91
CA LYS A 60 -11.54 15.37 5.26
C LYS A 60 -10.28 14.50 5.37
N PHE A 61 -10.27 13.43 4.58
CA PHE A 61 -9.14 12.51 4.58
C PHE A 61 -7.81 13.29 4.57
N ALA A 62 -7.73 14.25 3.66
CA ALA A 62 -6.54 15.06 3.54
C ALA A 62 -6.27 15.78 4.86
N ALA A 63 -7.36 16.17 5.51
CA ALA A 63 -7.26 16.88 6.77
C ALA A 63 -6.76 15.91 7.85
N ALA A 64 -7.11 14.64 7.68
CA ALA A 64 -6.71 13.61 8.62
C ALA A 64 -5.23 13.28 8.41
N VAL A 65 -4.81 13.39 7.15
CA VAL A 65 -3.42 13.11 6.80
C VAL A 65 -2.55 14.33 7.14
N LYS A 66 -3.19 15.49 7.12
CA LYS A 66 -2.49 16.73 7.42
C LYS A 66 -1.98 16.67 8.86
N GLU A 67 -2.77 16.04 9.72
CA GLU A 67 -2.41 15.92 11.12
C GLU A 67 -0.92 15.57 11.25
N GLN A 68 -0.61 14.32 10.96
CA GLN A 68 0.77 13.85 11.05
C GLN A 68 0.91 12.49 10.37
N ASP A 69 0.61 12.46 9.09
CA ASP A 69 0.69 11.23 8.32
C ASP A 69 -0.46 10.31 8.70
N LEU A 70 -0.43 9.88 9.96
CA LEU A 70 -1.46 8.99 10.47
C LEU A 70 -1.27 7.60 9.86
N SER A 71 -0.09 7.39 9.30
CA SER A 71 0.22 6.11 8.69
C SER A 71 0.39 5.03 9.78
N ASP A 72 0.63 5.50 10.99
CA ASP A 72 0.82 4.60 12.12
C ASP A 72 -0.30 3.55 12.10
N GLU A 73 -1.52 4.03 11.96
CA GLU A 73 -2.68 3.14 11.93
C GLU A 73 -2.37 1.90 11.08
N LYS A 74 -1.92 2.16 9.87
CA LYS A 74 -1.58 1.07 8.96
C LYS A 74 -0.33 0.36 9.45
N VAL A 75 0.60 1.15 9.98
CA VAL A 75 1.84 0.60 10.50
C VAL A 75 1.52 -0.38 11.63
N GLY A 76 0.35 -0.23 12.20
CA GLY A 76 -0.08 -1.09 13.28
C GLY A 76 -0.25 -2.53 12.80
N LEU A 77 -1.23 -2.71 11.92
CA LEU A 77 -1.52 -4.03 11.38
C LEU A 77 -0.25 -4.59 10.73
N LYS A 78 0.41 -3.73 9.96
CA LYS A 78 1.63 -4.12 9.28
C LYS A 78 2.60 -4.74 10.29
N ILE A 79 3.09 -3.88 11.18
CA ILE A 79 4.03 -4.31 12.21
C ILE A 79 3.55 -5.66 12.78
N LEU A 80 2.30 -5.67 13.20
CA LEU A 80 1.72 -6.87 13.78
C LEU A 80 1.81 -8.02 12.76
N TYR A 81 1.58 -7.67 11.50
CA TYR A 81 1.64 -8.64 10.43
C TYR A 81 3.01 -9.32 10.37
N LYS A 82 4.04 -8.53 10.66
CA LYS A 82 5.40 -9.03 10.65
C LYS A 82 5.68 -9.77 11.95
N LEU A 83 5.23 -9.17 13.05
CA LEU A 83 5.43 -9.76 14.36
C LEU A 83 4.59 -11.04 14.46
N MET A 84 3.28 -10.85 14.49
CA MET A 84 2.37 -11.98 14.59
C MET A 84 2.87 -13.17 13.78
N ASP A 85 3.58 -12.85 12.70
CA ASP A 85 4.13 -13.88 11.84
C ASP A 85 5.01 -14.83 12.66
N ALA A 86 5.81 -15.60 11.95
CA ALA A 86 6.70 -16.55 12.60
C ALA A 86 7.14 -17.61 11.60
N ASP A 87 6.16 -18.20 10.93
CA ASP A 87 6.43 -19.22 9.94
C ASP A 87 6.50 -18.57 8.55
N GLY A 88 5.69 -17.56 8.36
CA GLY A 88 5.64 -16.84 7.10
C GLY A 88 7.02 -16.27 6.75
N ASP A 89 7.59 -15.55 7.70
CA ASP A 89 8.90 -14.95 7.51
C ASP A 89 8.75 -13.70 6.62
N GLY A 90 7.56 -13.13 6.66
CA GLY A 90 7.28 -11.95 5.87
C GLY A 90 5.86 -11.99 5.28
N LYS A 91 5.58 -13.09 4.57
CA LYS A 91 4.28 -13.26 3.97
C LYS A 91 3.36 -14.01 4.93
N LEU A 92 2.10 -13.63 4.92
CA LEU A 92 1.12 -14.25 5.79
C LEU A 92 0.25 -15.21 4.97
N THR A 93 0.38 -16.49 5.30
CA THR A 93 -0.38 -17.52 4.60
C THR A 93 -1.81 -17.56 5.11
N LYS A 94 -2.68 -18.18 4.33
CA LYS A 94 -4.09 -18.30 4.69
C LYS A 94 -4.20 -18.37 6.21
N GLU A 95 -3.93 -19.55 6.74
CA GLU A 95 -4.01 -19.77 8.17
C GLU A 95 -3.52 -18.52 8.93
N GLU A 96 -2.25 -18.20 8.70
CA GLU A 96 -1.65 -17.04 9.33
C GLU A 96 -2.60 -15.84 9.27
N VAL A 97 -2.91 -15.44 8.04
CA VAL A 97 -3.80 -14.32 7.82
C VAL A 97 -5.15 -14.59 8.49
N THR A 98 -5.85 -15.58 7.94
CA THR A 98 -7.15 -15.95 8.47
C THR A 98 -7.19 -15.72 9.99
N THR A 99 -6.22 -16.31 10.67
CA THR A 99 -6.13 -16.17 12.11
C THR A 99 -5.78 -14.74 12.49
N PHE A 100 -4.77 -14.21 11.82
CA PHE A 100 -4.32 -12.86 12.09
C PHE A 100 -5.42 -11.85 11.76
N PHE A 101 -5.68 -11.70 10.47
CA PHE A 101 -6.71 -10.77 10.03
C PHE A 101 -7.98 -10.90 10.88
N LYS A 102 -8.22 -12.11 11.33
CA LYS A 102 -9.39 -12.37 12.16
C LYS A 102 -9.14 -11.86 13.58
N LYS A 103 -7.96 -12.16 14.07
CA LYS A 103 -7.58 -11.73 15.42
C LYS A 103 -7.57 -10.21 15.48
N PHE A 104 -7.27 -9.60 14.33
CA PHE A 104 -7.22 -8.16 14.24
C PHE A 104 -8.63 -7.56 14.21
N GLY A 105 -9.32 -7.83 13.11
CA GLY A 105 -10.67 -7.34 12.94
C GLY A 105 -11.13 -7.44 11.48
N TYR A 106 -11.06 -8.67 10.98
CA TYR A 106 -11.46 -8.92 9.60
C TYR A 106 -11.81 -10.40 9.39
N GLU A 107 -12.92 -10.80 9.98
CA GLU A 107 -13.37 -12.18 9.86
C GLU A 107 -14.36 -12.32 8.70
N LYS A 108 -13.87 -12.02 7.51
CA LYS A 108 -14.68 -12.12 6.31
C LYS A 108 -13.79 -12.00 5.07
N VAL A 109 -12.84 -11.08 5.15
CA VAL A 109 -11.92 -10.85 4.06
C VAL A 109 -11.32 -12.19 3.61
N VAL A 110 -11.34 -13.13 4.54
CA VAL A 110 -10.80 -14.46 4.26
C VAL A 110 -11.16 -14.86 2.83
N ASP A 111 -12.40 -14.58 2.46
CA ASP A 111 -12.88 -14.91 1.13
C ASP A 111 -11.99 -14.22 0.10
N GLN A 112 -11.84 -12.91 0.27
CA GLN A 112 -11.03 -12.13 -0.64
C GLN A 112 -9.54 -12.51 -0.50
N ILE A 113 -9.22 -13.04 0.67
CA ILE A 113 -7.86 -13.45 0.95
C ILE A 113 -7.49 -14.62 0.05
N MET A 114 -8.44 -15.54 -0.09
CA MET A 114 -8.22 -16.71 -0.92
C MET A 114 -8.41 -16.38 -2.40
N LYS A 115 -9.30 -15.44 -2.66
CA LYS A 115 -9.57 -15.02 -4.02
C LYS A 115 -8.44 -14.11 -4.51
N ALA A 116 -8.21 -13.05 -3.74
CA ALA A 116 -7.18 -12.09 -4.07
C ALA A 116 -5.95 -12.84 -4.59
N ASP A 117 -5.41 -13.70 -3.73
CA ASP A 117 -4.25 -14.48 -4.08
C ASP A 117 -4.69 -15.77 -4.79
N ALA A 118 -3.86 -16.19 -5.73
CA ALA A 118 -4.16 -17.40 -6.49
C ALA A 118 -3.30 -17.44 -7.75
N ASN A 119 -2.05 -17.04 -7.58
CA ASN A 119 -1.11 -17.02 -8.70
C ASN A 119 0.00 -18.03 -8.44
N GLY A 120 0.59 -17.94 -7.25
CA GLY A 120 1.66 -18.84 -6.87
C GLY A 120 2.25 -18.45 -5.51
N ASP A 121 1.36 -18.02 -4.62
CA ASP A 121 1.77 -17.62 -3.28
C ASP A 121 0.81 -18.22 -2.26
N GLY A 122 -0.48 -18.09 -2.54
CA GLY A 122 -1.50 -18.61 -1.66
C GLY A 122 -1.48 -17.89 -0.32
N TYR A 123 -0.70 -16.82 -0.27
CA TYR A 123 -0.58 -16.04 0.96
C TYR A 123 -0.77 -14.55 0.68
N ILE A 124 -0.67 -13.76 1.74
CA ILE A 124 -0.82 -12.32 1.62
C ILE A 124 0.14 -11.62 2.58
N THR A 125 0.99 -10.78 2.01
CA THR A 125 1.96 -10.05 2.81
C THR A 125 1.37 -8.72 3.29
N LEU A 126 2.00 -8.19 4.33
CA LEU A 126 1.54 -6.92 4.89
C LEU A 126 1.05 -6.01 3.77
N GLU A 127 1.92 -5.82 2.78
CA GLU A 127 1.59 -4.98 1.65
C GLU A 127 0.32 -5.49 0.96
N GLU A 128 0.35 -6.78 0.64
CA GLU A 128 -0.79 -7.40 -0.02
C GLU A 128 -2.09 -6.99 0.66
N PHE A 129 -2.23 -7.40 1.91
CA PHE A 129 -3.43 -7.08 2.68
C PHE A 129 -3.78 -5.60 2.54
N LEU A 130 -2.78 -4.76 2.80
CA LEU A 130 -2.97 -3.33 2.72
C LEU A 130 -3.28 -2.94 1.28
N ALA A 131 -2.92 -3.82 0.37
CA ALA A 131 -3.15 -3.58 -1.05
C ALA A 131 -4.66 -3.72 -1.34
N PHE A 132 -5.22 -4.81 -0.86
CA PHE A 132 -6.64 -5.07 -1.05
C PHE A 132 -7.47 -3.82 -0.76
N ASN A 133 -6.93 -2.98 0.11
CA ASN A 133 -7.60 -1.75 0.49
C ASN A 133 -6.71 -0.55 0.12
N LEU A 134 -6.21 -0.58 -1.10
CA LEU A 134 -5.34 0.49 -1.57
C LEU A 134 -6.19 1.52 -2.34
N MET A 1 24.65 28.54 -0.73
CA MET A 1 24.82 28.93 -2.13
C MET A 1 24.46 27.78 -3.07
N ALA A 2 23.36 27.10 -2.73
CA ALA A 2 22.90 25.99 -3.54
C ALA A 2 21.44 25.68 -3.18
N GLU A 3 20.92 24.65 -3.82
CA GLU A 3 19.55 24.24 -3.59
C GLU A 3 19.39 22.73 -3.83
N ALA A 4 18.19 22.24 -3.55
CA ALA A 4 17.91 20.83 -3.72
C ALA A 4 16.39 20.61 -3.61
N LEU A 5 15.80 20.25 -4.74
CA LEU A 5 14.37 20.01 -4.79
C LEU A 5 14.00 19.40 -6.15
N PHE A 6 13.38 18.24 -6.09
CA PHE A 6 12.97 17.55 -7.30
C PHE A 6 12.27 18.51 -8.27
N LYS A 7 11.68 19.54 -7.70
CA LYS A 7 10.98 20.54 -8.50
C LYS A 7 11.82 20.86 -9.74
N GLN A 8 13.12 20.84 -9.56
CA GLN A 8 14.04 21.12 -10.65
C GLN A 8 13.95 20.04 -11.72
N LEU A 9 13.95 18.80 -11.26
CA LEU A 9 13.87 17.66 -12.17
C LEU A 9 12.44 17.55 -12.72
N ASP A 10 11.48 17.66 -11.81
CA ASP A 10 10.09 17.58 -12.19
C ASP A 10 9.68 18.86 -12.91
N ALA A 11 10.55 19.86 -12.81
CA ALA A 11 10.30 21.14 -13.46
C ALA A 11 9.62 20.91 -14.81
N ASN A 12 9.96 19.77 -15.41
CA ASN A 12 9.40 19.42 -16.70
C ASN A 12 7.94 19.89 -16.77
N GLY A 13 7.27 19.81 -15.63
CA GLY A 13 5.88 20.23 -15.54
C GLY A 13 4.95 19.03 -15.66
N ASP A 14 4.70 18.39 -14.54
CA ASP A 14 3.83 17.23 -14.50
C ASP A 14 3.46 16.91 -13.06
N GLY A 15 4.44 17.07 -12.18
CA GLY A 15 4.23 16.81 -10.77
C GLY A 15 4.47 15.33 -10.44
N SER A 16 3.85 14.48 -11.26
CA SER A 16 3.99 13.05 -11.07
C SER A 16 5.00 12.48 -12.07
N VAL A 17 5.61 11.37 -11.67
CA VAL A 17 6.59 10.72 -12.52
C VAL A 17 7.13 9.48 -11.81
N SER A 18 8.11 8.86 -12.43
CA SER A 18 8.72 7.65 -11.88
C SER A 18 9.84 8.04 -10.90
N TYR A 19 9.49 8.02 -9.62
CA TYR A 19 10.45 8.36 -8.58
C TYR A 19 11.85 7.84 -8.93
N GLU A 20 11.86 6.76 -9.69
CA GLU A 20 13.12 6.14 -10.10
C GLU A 20 14.11 7.23 -10.54
N GLU A 21 13.58 8.25 -11.18
CA GLU A 21 14.40 9.35 -11.65
C GLU A 21 14.95 10.16 -10.47
N VAL A 22 14.10 10.31 -9.46
CA VAL A 22 14.48 11.05 -8.27
C VAL A 22 15.36 10.16 -7.38
N LYS A 23 15.18 8.86 -7.54
CA LYS A 23 15.93 7.89 -6.76
C LYS A 23 17.39 7.91 -7.21
N ALA A 24 17.58 8.10 -8.51
CA ALA A 24 18.92 8.15 -9.07
C ALA A 24 19.52 9.54 -8.84
N PHE A 25 18.64 10.55 -8.93
CA PHE A 25 19.08 11.91 -8.74
C PHE A 25 19.47 12.17 -7.28
N VAL A 26 18.70 11.58 -6.38
CA VAL A 26 18.96 11.73 -4.96
C VAL A 26 20.08 10.77 -4.54
N SER A 27 20.03 9.57 -5.11
CA SER A 27 21.04 8.57 -4.81
C SER A 27 22.38 8.97 -5.41
N SER A 28 22.31 9.83 -6.43
CA SER A 28 23.52 10.30 -7.09
C SER A 28 24.03 11.57 -6.40
N LYS A 29 24.00 11.54 -5.08
CA LYS A 29 24.47 12.67 -4.29
C LYS A 29 25.52 12.19 -3.29
N ARG A 30 25.02 11.74 -2.14
CA ARG A 30 25.90 11.25 -1.09
C ARG A 30 26.35 9.82 -1.40
N PRO A 31 25.35 8.95 -1.67
CA PRO A 31 25.61 7.55 -1.98
C PRO A 31 26.18 7.41 -3.39
N ILE A 32 26.09 6.18 -3.90
CA ILE A 32 26.58 5.89 -5.23
C ILE A 32 26.19 4.46 -5.61
N LYS A 33 25.38 4.35 -6.66
CA LYS A 33 24.94 3.06 -7.13
C LYS A 33 23.98 2.45 -6.10
N ASN A 34 22.74 2.28 -6.54
CA ASN A 34 21.71 1.72 -5.67
C ASN A 34 20.33 2.12 -6.20
N GLU A 35 20.30 3.25 -6.89
CA GLU A 35 19.05 3.76 -7.45
C GLU A 35 18.35 2.66 -8.25
N GLN A 36 19.14 1.70 -8.70
CA GLN A 36 18.61 0.59 -9.47
C GLN A 36 17.77 -0.32 -8.58
N LEU A 37 18.42 -0.88 -7.57
CA LEU A 37 17.74 -1.77 -6.64
C LEU A 37 16.51 -1.05 -6.06
N LEU A 38 16.64 0.26 -5.91
CA LEU A 38 15.55 1.05 -5.37
C LEU A 38 14.48 1.23 -6.44
N GLN A 39 14.88 1.85 -7.54
CA GLN A 39 13.96 2.09 -8.65
C GLN A 39 13.01 0.91 -8.80
N LEU A 40 13.57 -0.28 -8.84
CA LEU A 40 12.77 -1.49 -8.97
C LEU A 40 11.95 -1.70 -7.70
N ILE A 41 12.65 -1.70 -6.57
CA ILE A 41 12.01 -1.90 -5.29
C ILE A 41 10.76 -1.02 -5.22
N PHE A 42 10.81 0.10 -5.93
CA PHE A 42 9.69 1.02 -5.96
C PHE A 42 8.61 0.54 -6.92
N LYS A 43 8.95 0.55 -8.21
CA LYS A 43 8.02 0.14 -9.23
C LYS A 43 7.29 -1.13 -8.77
N ALA A 44 8.00 -1.91 -7.97
CA ALA A 44 7.45 -3.15 -7.45
C ALA A 44 6.57 -2.84 -6.24
N ILE A 45 7.09 -1.97 -5.38
CA ILE A 45 6.37 -1.58 -4.18
C ILE A 45 5.38 -0.47 -4.52
N ASP A 46 5.20 -0.26 -5.81
CA ASP A 46 4.29 0.77 -6.28
C ASP A 46 3.20 0.13 -7.15
N ILE A 47 2.89 -1.11 -6.82
CA ILE A 47 1.86 -1.85 -7.55
C ILE A 47 0.52 -1.18 -7.35
N ASP A 48 0.51 -0.15 -6.51
CA ASP A 48 -0.70 0.58 -6.23
C ASP A 48 -1.52 0.73 -7.52
N GLY A 49 -0.80 0.77 -8.63
CA GLY A 49 -1.44 0.90 -9.93
C GLY A 49 -0.73 1.95 -10.79
N ASN A 50 0.59 1.96 -10.68
CA ASN A 50 1.40 2.89 -11.44
C ASN A 50 2.73 3.12 -10.70
N GLY A 51 3.79 2.62 -11.31
CA GLY A 51 5.12 2.76 -10.73
C GLY A 51 5.53 4.23 -10.65
N GLU A 52 4.68 5.08 -11.23
CA GLU A 52 4.95 6.51 -11.24
C GLU A 52 4.25 7.18 -10.05
N ILE A 53 5.00 8.03 -9.37
CA ILE A 53 4.48 8.74 -8.22
C ILE A 53 4.84 10.22 -8.32
N ASP A 54 4.29 11.00 -7.40
CA ASP A 54 4.56 12.43 -7.38
C ASP A 54 5.13 12.82 -6.01
N LEU A 55 6.15 13.66 -6.06
CA LEU A 55 6.80 14.12 -4.84
C LEU A 55 5.74 14.33 -3.76
N ALA A 56 4.56 14.76 -4.19
CA ALA A 56 3.47 15.00 -3.27
C ALA A 56 3.12 13.69 -2.55
N GLU A 57 2.79 12.69 -3.35
CA GLU A 57 2.43 11.39 -2.81
C GLU A 57 3.40 10.99 -1.70
N PHE A 58 4.67 11.21 -1.97
CA PHE A 58 5.72 10.88 -1.02
C PHE A 58 5.64 11.78 0.22
N THR A 59 5.72 13.08 -0.03
CA THR A 59 5.66 14.07 1.03
C THR A 59 4.43 13.82 1.91
N LYS A 60 3.30 13.60 1.24
CA LYS A 60 2.06 13.35 1.95
C LYS A 60 2.23 12.14 2.88
N PHE A 61 2.56 11.01 2.27
CA PHE A 61 2.76 9.79 3.03
C PHE A 61 3.69 10.02 4.21
N ALA A 62 4.67 10.89 4.00
CA ALA A 62 5.63 11.21 5.04
C ALA A 62 4.92 11.95 6.18
N ALA A 63 4.08 12.89 5.79
CA ALA A 63 3.33 13.67 6.76
C ALA A 63 2.31 12.78 7.46
N ALA A 64 1.67 11.94 6.67
CA ALA A 64 0.68 11.02 7.20
C ALA A 64 1.34 10.05 8.18
N VAL A 65 2.59 9.71 7.87
CA VAL A 65 3.35 8.80 8.71
C VAL A 65 3.91 9.58 9.90
N LYS A 66 4.09 10.87 9.70
CA LYS A 66 4.62 11.72 10.75
C LYS A 66 3.63 11.75 11.93
N GLU A 67 2.48 12.35 11.68
CA GLU A 67 1.45 12.45 12.70
C GLU A 67 0.07 12.60 12.06
N GLN A 68 -0.75 11.59 12.27
CA GLN A 68 -2.11 11.59 11.72
C GLN A 68 -2.85 10.34 12.15
N ASP A 69 -4.04 10.18 11.58
CA ASP A 69 -4.87 9.03 11.90
C ASP A 69 -5.07 8.17 10.63
N LEU A 70 -5.70 7.03 10.82
CA LEU A 70 -5.95 6.12 9.72
C LEU A 70 -4.66 5.40 9.36
N SER A 71 -3.77 6.12 8.70
CA SER A 71 -2.49 5.56 8.29
C SER A 71 -1.94 4.68 9.41
N ASP A 72 -2.07 5.17 10.63
CA ASP A 72 -1.59 4.44 11.79
C ASP A 72 -2.19 3.04 11.80
N GLU A 73 -3.52 3.00 11.69
CA GLU A 73 -4.23 1.74 11.69
C GLU A 73 -3.57 0.75 10.73
N LYS A 74 -2.99 1.30 9.67
CA LYS A 74 -2.32 0.48 8.68
C LYS A 74 -0.93 0.08 9.20
N VAL A 75 -0.29 1.04 9.85
CA VAL A 75 1.03 0.79 10.40
C VAL A 75 0.94 -0.26 11.51
N GLY A 76 -0.16 -0.20 12.25
CA GLY A 76 -0.39 -1.13 13.34
C GLY A 76 -0.45 -2.57 12.82
N LEU A 77 -1.26 -2.76 11.80
CA LEU A 77 -1.41 -4.09 11.21
C LEU A 77 -0.06 -4.55 10.66
N LYS A 78 0.45 -3.78 9.70
CA LYS A 78 1.72 -4.10 9.09
C LYS A 78 2.71 -4.56 10.17
N ILE A 79 2.99 -3.65 11.09
CA ILE A 79 3.90 -3.96 12.19
C ILE A 79 3.61 -5.35 12.72
N LEU A 80 2.38 -5.53 13.17
CA LEU A 80 1.96 -6.82 13.71
C LEU A 80 2.15 -7.91 12.65
N TYR A 81 1.98 -7.49 11.39
CA TYR A 81 2.13 -8.42 10.29
C TYR A 81 3.60 -8.79 10.07
N LYS A 82 4.46 -7.81 10.33
CA LYS A 82 5.89 -8.02 10.17
C LYS A 82 6.43 -8.77 11.39
N LEU A 83 5.99 -8.33 12.56
CA LEU A 83 6.42 -8.95 13.80
C LEU A 83 5.69 -10.28 13.98
N MET A 84 4.39 -10.19 14.24
CA MET A 84 3.57 -11.36 14.43
C MET A 84 3.63 -12.28 13.20
N ASP A 85 3.39 -11.68 12.05
CA ASP A 85 3.41 -12.42 10.80
C ASP A 85 2.81 -13.80 11.02
N ALA A 86 3.68 -14.77 11.30
CA ALA A 86 3.24 -16.13 11.53
C ALA A 86 4.46 -16.98 11.92
N ASP A 87 5.40 -17.08 10.99
CA ASP A 87 6.60 -17.86 11.23
C ASP A 87 7.77 -16.91 11.50
N GLY A 88 7.92 -15.94 10.60
CA GLY A 88 8.99 -14.97 10.73
C GLY A 88 9.80 -14.88 9.44
N ASP A 89 9.09 -14.93 8.32
CA ASP A 89 9.73 -14.85 7.02
C ASP A 89 9.24 -13.59 6.29
N GLY A 90 7.93 -13.47 6.21
CA GLY A 90 7.32 -12.31 5.55
C GLY A 90 6.25 -12.77 4.55
N LYS A 91 5.45 -13.72 4.99
CA LYS A 91 4.38 -14.24 4.14
C LYS A 91 3.34 -14.94 5.02
N LEU A 92 2.12 -14.42 4.96
CA LEU A 92 1.03 -14.98 5.73
C LEU A 92 0.14 -15.82 4.82
N THR A 93 0.11 -17.12 5.09
CA THR A 93 -0.68 -18.03 4.30
C THR A 93 -2.15 -17.97 4.74
N LYS A 94 -3.00 -18.58 3.93
CA LYS A 94 -4.43 -18.60 4.22
C LYS A 94 -4.63 -18.70 5.73
N GLU A 95 -4.52 -19.93 6.23
CA GLU A 95 -4.69 -20.18 7.66
C GLU A 95 -4.05 -19.06 8.47
N GLU A 96 -2.79 -18.79 8.16
CA GLU A 96 -2.05 -17.75 8.86
C GLU A 96 -2.86 -16.44 8.86
N VAL A 97 -3.11 -15.94 7.67
CA VAL A 97 -3.87 -14.71 7.52
C VAL A 97 -5.23 -14.86 8.21
N THR A 98 -6.04 -15.73 7.64
CA THR A 98 -7.37 -15.98 8.19
C THR A 98 -7.37 -15.79 9.70
N THR A 99 -6.37 -16.39 10.34
CA THR A 99 -6.24 -16.30 11.78
C THR A 99 -5.70 -14.92 12.18
N PHE A 100 -4.60 -14.54 11.55
CA PHE A 100 -3.98 -13.25 11.82
C PHE A 100 -4.98 -12.11 11.62
N PHE A 101 -5.45 -11.99 10.39
CA PHE A 101 -6.40 -10.95 10.05
C PHE A 101 -7.63 -11.01 10.96
N LYS A 102 -8.09 -12.23 11.20
CA LYS A 102 -9.25 -12.44 12.06
C LYS A 102 -8.91 -11.99 13.48
N LYS A 103 -7.93 -12.65 14.07
CA LYS A 103 -7.50 -12.33 15.42
C LYS A 103 -7.42 -10.81 15.57
N PHE A 104 -7.04 -10.17 14.48
CA PHE A 104 -6.90 -8.71 14.47
C PHE A 104 -8.28 -8.04 14.46
N GLY A 105 -9.17 -8.61 13.69
CA GLY A 105 -10.53 -8.08 13.58
C GLY A 105 -10.94 -7.93 12.11
N TYR A 106 -10.61 -8.95 11.33
CA TYR A 106 -10.95 -8.95 9.91
C TYR A 106 -11.41 -10.33 9.46
N GLU A 107 -12.54 -10.76 10.01
CA GLU A 107 -13.09 -12.07 9.67
C GLU A 107 -14.05 -11.94 8.49
N LYS A 108 -13.83 -10.90 7.69
CA LYS A 108 -14.67 -10.65 6.53
C LYS A 108 -13.79 -10.60 5.27
N VAL A 109 -12.66 -9.92 5.41
CA VAL A 109 -11.73 -9.78 4.30
C VAL A 109 -11.31 -11.17 3.82
N VAL A 110 -11.33 -12.11 4.74
CA VAL A 110 -10.97 -13.48 4.43
C VAL A 110 -11.50 -13.85 3.05
N ASP A 111 -12.63 -13.23 2.71
CA ASP A 111 -13.26 -13.49 1.42
C ASP A 111 -12.39 -12.91 0.31
N GLN A 112 -12.06 -11.64 0.44
CA GLN A 112 -11.24 -10.96 -0.54
C GLN A 112 -9.81 -11.51 -0.49
N ILE A 113 -9.41 -11.92 0.70
CA ILE A 113 -8.07 -12.47 0.89
C ILE A 113 -7.91 -13.73 0.05
N MET A 114 -8.88 -14.62 0.19
CA MET A 114 -8.86 -15.88 -0.55
C MET A 114 -9.11 -15.63 -2.04
N LYS A 115 -9.88 -14.61 -2.32
CA LYS A 115 -10.20 -14.25 -3.70
C LYS A 115 -9.13 -13.29 -4.24
N ALA A 116 -8.21 -12.94 -3.36
CA ALA A 116 -7.13 -12.04 -3.73
C ALA A 116 -5.99 -12.83 -4.36
N ASP A 117 -5.45 -13.76 -3.58
CA ASP A 117 -4.36 -14.58 -4.04
C ASP A 117 -4.93 -15.81 -4.77
N ALA A 118 -4.19 -16.25 -5.78
CA ALA A 118 -4.62 -17.40 -6.57
C ALA A 118 -3.84 -17.42 -7.89
N ASN A 119 -2.55 -17.11 -7.78
CA ASN A 119 -1.70 -17.09 -8.96
C ASN A 119 -0.64 -18.19 -8.83
N GLY A 120 0.03 -18.20 -7.68
CA GLY A 120 1.05 -19.18 -7.42
C GLY A 120 1.75 -18.90 -6.09
N ASP A 121 0.98 -18.46 -5.12
CA ASP A 121 1.51 -18.15 -3.81
C ASP A 121 0.60 -18.77 -2.74
N GLY A 122 -0.69 -18.56 -2.91
CA GLY A 122 -1.67 -19.09 -1.98
C GLY A 122 -1.52 -18.43 -0.60
N TYR A 123 -0.67 -17.42 -0.56
CA TYR A 123 -0.42 -16.71 0.69
C TYR A 123 -0.58 -15.20 0.49
N ILE A 124 -0.36 -14.46 1.58
CA ILE A 124 -0.47 -13.02 1.54
C ILE A 124 0.57 -12.40 2.48
N THR A 125 1.43 -11.59 1.90
CA THR A 125 2.47 -10.93 2.67
C THR A 125 1.99 -9.57 3.19
N LEU A 126 2.70 -9.08 4.20
CA LEU A 126 2.34 -7.80 4.79
C LEU A 126 1.90 -6.83 3.70
N GLU A 127 2.66 -6.83 2.62
CA GLU A 127 2.37 -5.96 1.48
C GLU A 127 1.01 -6.31 0.89
N GLU A 128 0.84 -7.61 0.61
CA GLU A 128 -0.40 -8.09 0.02
C GLU A 128 -1.59 -7.51 0.78
N PHE A 129 -1.70 -7.91 2.04
CA PHE A 129 -2.79 -7.45 2.88
C PHE A 129 -2.96 -5.93 2.78
N LEU A 130 -1.85 -5.23 2.97
CA LEU A 130 -1.85 -3.78 2.90
C LEU A 130 -2.20 -3.35 1.48
N ALA A 131 -2.03 -4.27 0.54
CA ALA A 131 -2.33 -3.99 -0.85
C ALA A 131 -3.84 -3.92 -1.03
N PHE A 132 -4.53 -4.91 -0.48
CA PHE A 132 -5.98 -4.98 -0.58
C PHE A 132 -6.61 -3.62 -0.26
N ASN A 133 -6.00 -2.94 0.71
CA ASN A 133 -6.50 -1.64 1.12
C ASN A 133 -5.71 -0.54 0.39
N LEU A 134 -4.40 -0.57 0.59
CA LEU A 134 -3.52 0.40 -0.04
C LEU A 134 -4.19 1.78 0.01
N MET A 1 20.34 27.23 -7.75
CA MET A 1 21.57 26.86 -8.42
C MET A 1 21.27 26.09 -9.71
N ALA A 2 20.37 25.12 -9.58
CA ALA A 2 19.99 24.30 -10.72
C ALA A 2 19.04 23.20 -10.25
N GLU A 3 17.76 23.51 -10.28
CA GLU A 3 16.75 22.56 -9.86
C GLU A 3 15.39 23.25 -9.73
N ALA A 4 14.34 22.45 -9.91
CA ALA A 4 12.98 22.98 -9.82
C ALA A 4 12.00 21.93 -10.36
N LEU A 5 11.19 21.41 -9.45
CA LEU A 5 10.21 20.40 -9.82
C LEU A 5 10.92 19.08 -10.14
N PHE A 6 10.52 18.05 -9.43
CA PHE A 6 11.12 16.74 -9.63
C PHE A 6 11.03 16.30 -11.10
N LYS A 7 10.13 16.97 -11.82
CA LYS A 7 9.94 16.67 -13.22
C LYS A 7 11.30 16.42 -13.88
N GLN A 8 12.08 17.48 -13.98
CA GLN A 8 13.40 17.39 -14.57
C GLN A 8 14.24 16.33 -13.85
N LEU A 9 14.33 16.48 -12.54
CA LEU A 9 15.10 15.55 -11.73
C LEU A 9 14.88 14.13 -12.26
N ASP A 10 13.62 13.82 -12.53
CA ASP A 10 13.27 12.50 -13.03
C ASP A 10 13.51 12.45 -14.54
N ALA A 11 12.78 13.30 -15.25
CA ALA A 11 12.90 13.37 -16.70
C ALA A 11 12.25 12.13 -17.33
N ASN A 12 12.60 10.98 -16.77
CA ASN A 12 12.06 9.72 -17.25
C ASN A 12 10.59 9.91 -17.65
N GLY A 13 9.94 10.81 -16.92
CA GLY A 13 8.54 11.10 -17.18
C GLY A 13 7.65 9.89 -16.85
N ASP A 14 8.23 8.97 -16.10
CA ASP A 14 7.51 7.77 -15.71
C ASP A 14 6.62 8.09 -14.50
N GLY A 15 6.85 9.25 -13.93
CA GLY A 15 6.07 9.69 -12.77
C GLY A 15 6.53 8.97 -11.50
N SER A 16 6.54 7.64 -11.58
CA SER A 16 6.95 6.83 -10.45
C SER A 16 8.45 6.51 -10.56
N VAL A 17 9.05 6.26 -9.41
CA VAL A 17 10.46 5.93 -9.36
C VAL A 17 10.88 5.70 -7.90
N SER A 18 12.17 5.50 -7.71
CA SER A 18 12.71 5.27 -6.39
C SER A 18 13.03 6.60 -5.70
N TYR A 19 12.07 7.06 -4.90
CA TYR A 19 12.24 8.31 -4.19
C TYR A 19 13.69 8.51 -3.74
N GLU A 20 14.35 7.39 -3.50
CA GLU A 20 15.74 7.43 -3.07
C GLU A 20 16.51 8.51 -3.85
N GLU A 21 16.28 8.53 -5.16
CA GLU A 21 16.93 9.50 -6.01
C GLU A 21 16.46 10.91 -5.68
N VAL A 22 15.18 11.01 -5.37
CA VAL A 22 14.58 12.30 -5.04
C VAL A 22 15.01 12.70 -3.62
N LYS A 23 15.32 11.68 -2.83
CA LYS A 23 15.75 11.91 -1.45
C LYS A 23 17.10 12.63 -1.46
N ALA A 24 17.97 12.18 -2.35
CA ALA A 24 19.29 12.76 -2.47
C ALA A 24 19.19 14.13 -3.14
N PHE A 25 18.31 14.20 -4.13
CA PHE A 25 18.10 15.44 -4.87
C PHE A 25 17.63 16.55 -3.94
N VAL A 26 16.71 16.19 -3.06
CA VAL A 26 16.15 17.14 -2.10
C VAL A 26 17.12 17.30 -0.93
N SER A 27 17.81 16.21 -0.63
CA SER A 27 18.77 16.21 0.47
C SER A 27 19.97 17.11 0.11
N SER A 28 20.17 17.28 -1.19
CA SER A 28 21.26 18.11 -1.67
C SER A 28 20.83 19.57 -1.75
N LYS A 29 20.09 19.99 -0.73
CA LYS A 29 19.61 21.36 -0.68
C LYS A 29 19.99 21.98 0.68
N ARG A 30 19.11 21.77 1.65
CA ARG A 30 19.35 22.30 2.98
C ARG A 30 20.26 21.37 3.77
N PRO A 31 19.83 20.08 3.87
CA PRO A 31 20.61 19.09 4.59
C PRO A 31 21.83 18.65 3.78
N ILE A 32 22.36 17.49 4.14
CA ILE A 32 23.52 16.94 3.45
C ILE A 32 23.66 15.46 3.79
N LYS A 33 23.45 15.15 5.06
CA LYS A 33 23.55 13.77 5.51
C LYS A 33 22.19 13.31 6.04
N ASN A 34 21.55 12.44 5.26
CA ASN A 34 20.25 11.92 5.64
C ASN A 34 19.69 11.08 4.49
N GLU A 35 20.00 11.52 3.27
CA GLU A 35 19.54 10.82 2.09
C GLU A 35 19.91 9.34 2.16
N GLN A 36 21.07 9.09 2.76
CA GLN A 36 21.56 7.72 2.90
C GLN A 36 20.60 6.90 3.75
N LEU A 37 20.57 7.22 5.04
CA LEU A 37 19.69 6.52 5.97
C LEU A 37 18.28 6.48 5.40
N LEU A 38 17.85 7.62 4.88
CA LEU A 38 16.52 7.73 4.30
C LEU A 38 16.40 6.77 3.12
N GLN A 39 17.17 7.05 2.08
CA GLN A 39 17.16 6.22 0.89
C GLN A 39 16.92 4.76 1.26
N LEU A 40 17.77 4.25 2.15
CA LEU A 40 17.66 2.87 2.59
C LEU A 40 16.29 2.67 3.23
N ILE A 41 16.12 3.27 4.40
CA ILE A 41 14.86 3.15 5.12
C ILE A 41 13.70 3.26 4.13
N PHE A 42 13.94 3.97 3.05
CA PHE A 42 12.93 4.16 2.03
C PHE A 42 12.73 2.88 1.22
N LYS A 43 13.77 2.51 0.48
CA LYS A 43 13.73 1.31 -0.34
C LYS A 43 12.99 0.20 0.42
N ALA A 44 13.11 0.26 1.74
CA ALA A 44 12.47 -0.73 2.59
C ALA A 44 11.00 -0.35 2.78
N ILE A 45 10.79 0.92 3.11
CA ILE A 45 9.45 1.42 3.32
C ILE A 45 8.87 1.93 2.00
N ASP A 46 9.44 1.42 0.91
CA ASP A 46 9.00 1.81 -0.41
C ASP A 46 8.08 0.72 -0.98
N ILE A 47 8.39 -0.52 -0.61
CA ILE A 47 7.60 -1.65 -1.07
C ILE A 47 6.12 -1.31 -1.00
N ASP A 48 5.79 -0.39 -0.09
CA ASP A 48 4.42 0.03 0.08
C ASP A 48 3.79 0.29 -1.30
N GLY A 49 4.64 0.59 -2.25
CA GLY A 49 4.19 0.85 -3.61
C GLY A 49 4.79 -0.16 -4.59
N ASN A 50 6.08 -0.37 -4.47
CA ASN A 50 6.79 -1.31 -5.33
C ASN A 50 8.25 -0.87 -5.47
N GLY A 51 8.85 -0.53 -4.33
CA GLY A 51 10.23 -0.10 -4.32
C GLY A 51 10.44 1.12 -5.21
N GLU A 52 9.32 1.76 -5.56
CA GLU A 52 9.36 2.93 -6.41
C GLU A 52 8.11 3.79 -6.18
N ILE A 53 8.33 4.94 -5.56
CA ILE A 53 7.24 5.86 -5.28
C ILE A 53 7.24 6.97 -6.32
N ASP A 54 6.06 7.57 -6.51
CA ASP A 54 5.91 8.65 -7.47
C ASP A 54 5.51 9.92 -6.73
N LEU A 55 6.00 11.04 -7.23
CA LEU A 55 5.69 12.33 -6.64
C LEU A 55 4.25 12.32 -6.13
N ALA A 56 3.35 11.87 -7.00
CA ALA A 56 1.94 11.81 -6.65
C ALA A 56 1.79 11.13 -5.29
N GLU A 57 2.27 9.89 -5.23
CA GLU A 57 2.18 9.12 -4.00
C GLU A 57 2.54 10.00 -2.80
N PHE A 58 3.66 10.69 -2.92
CA PHE A 58 4.11 11.57 -1.85
C PHE A 58 3.13 12.71 -1.63
N THR A 59 3.02 13.56 -2.64
CA THR A 59 2.12 14.70 -2.58
C THR A 59 0.76 14.27 -2.03
N LYS A 60 0.14 13.33 -2.73
CA LYS A 60 -1.15 12.82 -2.33
C LYS A 60 -1.14 12.52 -0.83
N PHE A 61 -0.36 11.53 -0.46
CA PHE A 61 -0.24 11.13 0.93
C PHE A 61 -0.14 12.37 1.85
N ALA A 62 0.63 13.34 1.37
CA ALA A 62 0.82 14.57 2.12
C ALA A 62 -0.52 15.26 2.33
N ALA A 63 -1.19 15.54 1.21
CA ALA A 63 -2.48 16.19 1.25
C ALA A 63 -3.46 15.32 2.03
N ALA A 64 -3.12 14.05 2.14
CA ALA A 64 -3.97 13.11 2.86
C ALA A 64 -3.72 13.26 4.36
N VAL A 65 -2.46 13.45 4.70
CA VAL A 65 -2.08 13.60 6.09
C VAL A 65 -2.39 15.03 6.55
N LYS A 66 -2.47 15.92 5.57
CA LYS A 66 -2.76 17.32 5.85
C LYS A 66 -3.97 17.41 6.79
N GLU A 67 -5.11 16.96 6.27
CA GLU A 67 -6.33 16.98 7.06
C GLU A 67 -6.30 15.89 8.13
N GLN A 68 -6.40 14.65 7.67
CA GLN A 68 -6.38 13.51 8.56
C GLN A 68 -6.21 12.21 7.77
N ASP A 69 -5.17 11.47 8.15
CA ASP A 69 -4.88 10.21 7.49
C ASP A 69 -4.81 9.09 8.53
N LEU A 70 -5.56 8.03 8.26
CA LEU A 70 -5.59 6.90 9.17
C LEU A 70 -4.44 5.95 8.83
N SER A 71 -3.24 6.52 8.75
CA SER A 71 -2.05 5.75 8.43
C SER A 71 -1.62 4.93 9.66
N ASP A 72 -1.43 5.64 10.76
CA ASP A 72 -1.02 4.99 12.00
C ASP A 72 -1.77 3.66 12.15
N GLU A 73 -3.03 3.69 11.76
CA GLU A 73 -3.87 2.51 11.84
C GLU A 73 -3.28 1.38 10.99
N LYS A 74 -2.98 1.72 9.73
CA LYS A 74 -2.42 0.76 8.81
C LYS A 74 -1.03 0.34 9.29
N VAL A 75 -0.40 1.24 10.04
CA VAL A 75 0.93 0.98 10.57
C VAL A 75 0.83 -0.05 11.70
N GLY A 76 -0.28 0.03 12.43
CA GLY A 76 -0.51 -0.88 13.54
C GLY A 76 -0.57 -2.33 13.06
N LEU A 77 -1.43 -2.57 12.08
CA LEU A 77 -1.59 -3.90 11.52
C LEU A 77 -0.30 -4.30 10.81
N LYS A 78 0.05 -3.51 9.81
CA LYS A 78 1.26 -3.77 9.03
C LYS A 78 2.38 -4.22 9.97
N ILE A 79 2.72 -3.33 10.90
CA ILE A 79 3.77 -3.62 11.86
C ILE A 79 3.51 -5.00 12.49
N LEU A 80 2.36 -5.10 13.14
CA LEU A 80 1.98 -6.34 13.80
C LEU A 80 2.16 -7.50 12.82
N TYR A 81 1.85 -7.22 11.55
CA TYR A 81 1.97 -8.23 10.51
C TYR A 81 3.43 -8.62 10.30
N LYS A 82 4.31 -7.63 10.44
CA LYS A 82 5.73 -7.87 10.27
C LYS A 82 6.30 -8.49 11.55
N LEU A 83 5.90 -7.93 12.67
CA LEU A 83 6.36 -8.41 13.96
C LEU A 83 5.66 -9.74 14.28
N MET A 84 4.37 -9.64 14.55
CA MET A 84 3.58 -10.83 14.87
C MET A 84 3.68 -11.86 13.75
N ASP A 85 3.39 -11.42 12.53
CA ASP A 85 3.44 -12.28 11.38
C ASP A 85 2.90 -13.67 11.76
N ALA A 86 3.83 -14.54 12.12
CA ALA A 86 3.47 -15.90 12.52
C ALA A 86 4.74 -16.73 12.67
N ASP A 87 5.51 -16.80 11.60
CA ASP A 87 6.74 -17.56 11.60
C ASP A 87 7.92 -16.60 11.73
N GLY A 88 7.78 -15.45 11.09
CA GLY A 88 8.82 -14.44 11.12
C GLY A 88 9.43 -14.24 9.73
N ASP A 89 8.66 -14.61 8.72
CA ASP A 89 9.10 -14.47 7.35
C ASP A 89 8.48 -13.22 6.73
N GLY A 90 7.17 -13.13 6.87
CA GLY A 90 6.44 -11.99 6.33
C GLY A 90 5.33 -12.47 5.38
N LYS A 91 5.45 -13.71 4.95
CA LYS A 91 4.47 -14.28 4.04
C LYS A 91 3.49 -15.15 4.83
N LEU A 92 2.23 -14.73 4.80
CA LEU A 92 1.19 -15.46 5.50
C LEU A 92 0.35 -16.25 4.51
N THR A 93 0.32 -17.56 4.71
CA THR A 93 -0.44 -18.43 3.83
C THR A 93 -1.93 -18.37 4.17
N LYS A 94 -2.74 -18.92 3.26
CA LYS A 94 -4.17 -18.93 3.46
C LYS A 94 -4.48 -19.14 4.95
N GLU A 95 -4.50 -20.40 5.35
CA GLU A 95 -4.76 -20.74 6.73
C GLU A 95 -4.12 -19.71 7.67
N GLU A 96 -2.89 -19.35 7.35
CA GLU A 96 -2.15 -18.39 8.15
C GLU A 96 -2.90 -17.06 8.20
N VAL A 97 -2.87 -16.36 7.08
CA VAL A 97 -3.54 -15.07 6.98
C VAL A 97 -4.95 -15.19 7.55
N THR A 98 -5.71 -16.11 6.95
CA THR A 98 -7.08 -16.34 7.38
C THR A 98 -7.19 -16.21 8.91
N THR A 99 -6.29 -16.91 9.58
CA THR A 99 -6.27 -16.91 11.03
C THR A 99 -5.74 -15.57 11.55
N PHE A 100 -4.56 -15.22 11.05
CA PHE A 100 -3.92 -13.98 11.45
C PHE A 100 -4.84 -12.78 11.22
N PHE A 101 -5.14 -12.54 9.95
CA PHE A 101 -6.01 -11.44 9.59
C PHE A 101 -7.32 -11.49 10.37
N LYS A 102 -7.76 -12.71 10.64
CA LYS A 102 -9.00 -12.91 11.37
C LYS A 102 -8.84 -12.37 12.80
N LYS A 103 -7.79 -12.84 13.46
CA LYS A 103 -7.51 -12.41 14.82
C LYS A 103 -7.32 -10.90 14.85
N PHE A 104 -6.82 -10.38 13.73
CA PHE A 104 -6.59 -8.94 13.62
C PHE A 104 -7.91 -8.17 13.59
N GLY A 105 -8.98 -8.92 13.31
CA GLY A 105 -10.30 -8.32 13.26
C GLY A 105 -10.76 -8.15 11.80
N TYR A 106 -10.37 -9.12 10.98
CA TYR A 106 -10.75 -9.09 9.58
C TYR A 106 -11.21 -10.47 9.10
N GLU A 107 -12.37 -10.86 9.59
CA GLU A 107 -12.93 -12.16 9.22
C GLU A 107 -13.64 -12.07 7.88
N LYS A 108 -14.41 -11.00 7.73
CA LYS A 108 -15.15 -10.77 6.49
C LYS A 108 -14.17 -10.55 5.35
N VAL A 109 -12.93 -10.26 5.71
CA VAL A 109 -11.89 -10.03 4.73
C VAL A 109 -11.37 -11.36 4.21
N VAL A 110 -11.17 -12.29 5.13
CA VAL A 110 -10.69 -13.61 4.78
C VAL A 110 -11.35 -14.07 3.48
N ASP A 111 -12.60 -13.67 3.32
CA ASP A 111 -13.35 -14.02 2.13
C ASP A 111 -12.70 -13.39 0.91
N GLN A 112 -12.60 -12.07 0.94
CA GLN A 112 -12.00 -11.33 -0.16
C GLN A 112 -10.51 -11.65 -0.26
N ILE A 113 -9.93 -12.00 0.89
CA ILE A 113 -8.52 -12.33 0.95
C ILE A 113 -8.28 -13.66 0.22
N MET A 114 -9.09 -14.63 0.58
CA MET A 114 -8.97 -15.96 -0.02
C MET A 114 -9.28 -15.90 -1.52
N LYS A 115 -10.21 -15.02 -1.87
CA LYS A 115 -10.60 -14.86 -3.26
C LYS A 115 -9.65 -13.87 -3.94
N ALA A 116 -8.85 -13.22 -3.13
CA ALA A 116 -7.89 -12.24 -3.63
C ALA A 116 -6.71 -12.98 -4.27
N ASP A 117 -6.13 -13.89 -3.50
CA ASP A 117 -5.01 -14.67 -3.99
C ASP A 117 -5.52 -15.97 -4.61
N ALA A 118 -4.81 -16.42 -5.63
CA ALA A 118 -5.18 -17.65 -6.31
C ALA A 118 -4.47 -17.71 -7.67
N ASN A 119 -3.21 -17.29 -7.66
CA ASN A 119 -2.41 -17.30 -8.87
C ASN A 119 -1.31 -18.36 -8.75
N GLY A 120 -0.63 -18.33 -7.62
CA GLY A 120 0.44 -19.27 -7.37
C GLY A 120 1.20 -18.92 -6.09
N ASP A 121 0.44 -18.50 -5.08
CA ASP A 121 1.02 -18.13 -3.81
C ASP A 121 0.14 -18.68 -2.68
N GLY A 122 -1.15 -18.40 -2.78
CA GLY A 122 -2.09 -18.86 -1.78
C GLY A 122 -1.84 -18.18 -0.44
N TYR A 123 -0.93 -17.22 -0.45
CA TYR A 123 -0.58 -16.49 0.75
C TYR A 123 -0.65 -14.98 0.53
N ILE A 124 -0.36 -14.24 1.58
CA ILE A 124 -0.38 -12.79 1.52
C ILE A 124 0.70 -12.21 2.44
N THR A 125 1.61 -11.47 1.84
CA THR A 125 2.70 -10.87 2.59
C THR A 125 2.28 -9.49 3.12
N LEU A 126 3.04 -9.01 4.09
CA LEU A 126 2.77 -7.72 4.68
C LEU A 126 2.43 -6.71 3.57
N GLU A 127 3.11 -6.87 2.44
CA GLU A 127 2.89 -5.99 1.31
C GLU A 127 1.52 -6.26 0.69
N GLU A 128 1.19 -7.53 0.56
CA GLU A 128 -0.09 -7.93 0.00
C GLU A 128 -1.24 -7.40 0.85
N PHE A 129 -1.23 -7.81 2.11
CA PHE A 129 -2.27 -7.39 3.04
C PHE A 129 -2.41 -5.86 3.04
N LEU A 130 -1.28 -5.19 3.15
CA LEU A 130 -1.27 -3.74 3.16
C LEU A 130 -1.62 -3.22 1.77
N ALA A 131 -1.29 -4.03 0.77
CA ALA A 131 -1.57 -3.66 -0.61
C ALA A 131 -3.08 -3.62 -0.83
N PHE A 132 -3.73 -4.72 -0.48
CA PHE A 132 -5.17 -4.82 -0.63
C PHE A 132 -5.87 -3.55 -0.14
N ASN A 133 -5.19 -2.86 0.77
CA ASN A 133 -5.73 -1.64 1.33
C ASN A 133 -5.27 -0.45 0.49
N LEU A 134 -3.97 -0.18 0.58
CA LEU A 134 -3.38 0.93 -0.17
C LEU A 134 -4.15 2.21 0.14
N MET A 1 -11.75 36.21 -13.06
CA MET A 1 -12.75 36.41 -12.03
C MET A 1 -13.48 35.11 -11.69
N ALA A 2 -12.84 34.34 -10.83
CA ALA A 2 -13.41 33.07 -10.41
C ALA A 2 -12.49 32.41 -9.37
N GLU A 3 -12.94 31.28 -8.85
CA GLU A 3 -12.17 30.56 -7.86
C GLU A 3 -11.53 29.31 -8.48
N ALA A 4 -10.74 28.63 -7.67
CA ALA A 4 -10.07 27.42 -8.13
C ALA A 4 -10.39 26.27 -7.18
N LEU A 5 -11.44 25.53 -7.53
CA LEU A 5 -11.86 24.41 -6.72
C LEU A 5 -12.89 23.58 -7.50
N PHE A 6 -13.07 22.34 -7.05
CA PHE A 6 -14.00 21.44 -7.70
C PHE A 6 -15.45 21.93 -7.51
N LYS A 7 -15.67 22.59 -6.39
CA LYS A 7 -16.99 23.10 -6.07
C LYS A 7 -17.63 23.67 -7.35
N GLN A 8 -16.77 24.16 -8.23
CA GLN A 8 -17.23 24.73 -9.49
C GLN A 8 -17.81 23.64 -10.39
N LEU A 9 -17.01 22.60 -10.60
CA LEU A 9 -17.43 21.49 -11.43
C LEU A 9 -18.53 20.72 -10.72
N ASP A 10 -18.36 20.55 -9.42
CA ASP A 10 -19.33 19.84 -8.61
C ASP A 10 -20.52 20.74 -8.34
N ALA A 11 -20.34 22.02 -8.63
CA ALA A 11 -21.40 23.00 -8.43
C ALA A 11 -22.74 22.37 -8.78
N ASN A 12 -22.71 21.46 -9.74
CA ASN A 12 -23.90 20.79 -10.18
C ASN A 12 -24.79 20.50 -8.97
N GLY A 13 -24.14 20.29 -7.84
CA GLY A 13 -24.85 20.00 -6.61
C GLY A 13 -25.05 18.49 -6.42
N ASP A 14 -24.09 17.90 -5.71
CA ASP A 14 -24.14 16.47 -5.45
C ASP A 14 -23.10 16.12 -4.38
N GLY A 15 -21.96 16.79 -4.47
CA GLY A 15 -20.88 16.56 -3.51
C GLY A 15 -20.04 15.34 -3.92
N SER A 16 -20.70 14.19 -3.97
CA SER A 16 -20.03 12.96 -4.34
C SER A 16 -20.19 12.71 -5.84
N VAL A 17 -19.19 12.06 -6.40
CA VAL A 17 -19.20 11.75 -7.82
C VAL A 17 -17.92 11.00 -8.19
N SER A 18 -17.75 10.77 -9.49
CA SER A 18 -16.58 10.07 -9.99
C SER A 18 -15.41 11.05 -10.16
N TYR A 19 -14.52 11.03 -9.19
CA TYR A 19 -13.35 11.90 -9.23
C TYR A 19 -12.82 12.05 -10.66
N GLU A 20 -13.07 11.01 -11.45
CA GLU A 20 -12.62 11.01 -12.83
C GLU A 20 -12.89 12.37 -13.48
N GLU A 21 -14.01 12.96 -13.10
CA GLU A 21 -14.39 14.26 -13.63
C GLU A 21 -13.46 15.35 -13.09
N VAL A 22 -13.04 15.16 -11.84
CA VAL A 22 -12.16 16.11 -11.20
C VAL A 22 -10.72 15.89 -11.69
N LYS A 23 -10.49 14.69 -12.18
CA LYS A 23 -9.17 14.34 -12.70
C LYS A 23 -8.94 15.03 -14.04
N ALA A 24 -9.97 14.99 -14.87
CA ALA A 24 -9.90 15.61 -16.18
C ALA A 24 -9.89 17.14 -16.02
N PHE A 25 -10.81 17.62 -15.20
CA PHE A 25 -10.92 19.04 -14.95
C PHE A 25 -9.63 19.59 -14.34
N VAL A 26 -9.06 18.81 -13.43
CA VAL A 26 -7.83 19.21 -12.77
C VAL A 26 -6.65 18.94 -13.70
N SER A 27 -6.67 17.77 -14.32
CA SER A 27 -5.62 17.38 -15.24
C SER A 27 -5.48 18.41 -16.36
N SER A 28 -6.60 19.08 -16.63
CA SER A 28 -6.62 20.09 -17.67
C SER A 28 -6.48 21.49 -17.06
N LYS A 29 -5.53 21.60 -16.14
CA LYS A 29 -5.29 22.87 -15.47
C LYS A 29 -3.78 23.13 -15.41
N ARG A 30 -3.17 22.69 -14.33
CA ARG A 30 -1.74 22.87 -14.13
C ARG A 30 -0.97 21.75 -14.85
N PRO A 31 -1.34 20.49 -14.51
CA PRO A 31 -0.69 19.34 -15.11
C PRO A 31 -1.17 19.13 -16.55
N ILE A 32 -0.96 17.91 -17.04
CA ILE A 32 -1.35 17.57 -18.38
C ILE A 32 -1.27 16.05 -18.57
N LYS A 33 -2.44 15.44 -18.73
CA LYS A 33 -2.51 14.00 -18.91
C LYS A 33 -2.14 13.30 -17.61
N ASN A 34 -3.01 12.42 -17.16
CA ASN A 34 -2.78 11.68 -15.94
C ASN A 34 -4.12 11.23 -15.36
N GLU A 35 -5.16 11.94 -15.75
CA GLU A 35 -6.50 11.63 -15.28
C GLU A 35 -6.80 10.14 -15.47
N GLN A 36 -6.06 9.54 -16.40
CA GLN A 36 -6.23 8.12 -16.69
C GLN A 36 -5.64 7.27 -15.56
N LEU A 37 -4.31 7.28 -15.50
CA LEU A 37 -3.60 6.52 -14.48
C LEU A 37 -4.24 6.79 -13.12
N LEU A 38 -4.42 8.06 -12.82
CA LEU A 38 -5.02 8.47 -11.56
C LEU A 38 -6.41 7.82 -11.42
N GLN A 39 -7.32 8.27 -12.27
CA GLN A 39 -8.67 7.75 -12.27
C GLN A 39 -8.66 6.27 -11.88
N LEU A 40 -7.73 5.54 -12.47
CA LEU A 40 -7.61 4.11 -12.19
C LEU A 40 -7.22 3.91 -10.73
N ILE A 41 -5.98 4.27 -10.42
CA ILE A 41 -5.48 4.13 -9.06
C ILE A 41 -6.56 4.57 -8.08
N PHE A 42 -7.40 5.48 -8.55
CA PHE A 42 -8.48 5.99 -7.71
C PHE A 42 -9.56 4.93 -7.50
N LYS A 43 -10.15 4.51 -8.61
CA LYS A 43 -11.20 3.50 -8.56
C LYS A 43 -10.76 2.37 -7.64
N ALA A 44 -9.47 2.14 -7.60
CA ALA A 44 -8.91 1.09 -6.75
C ALA A 44 -8.81 1.60 -5.31
N ILE A 45 -8.43 2.86 -5.19
CA ILE A 45 -8.28 3.48 -3.88
C ILE A 45 -9.67 3.84 -3.34
N ASP A 46 -10.68 3.53 -4.14
CA ASP A 46 -12.05 3.82 -3.75
C ASP A 46 -12.72 2.52 -3.29
N ILE A 47 -13.27 1.79 -4.25
CA ILE A 47 -13.94 0.54 -3.97
C ILE A 47 -14.72 0.68 -2.66
N ASP A 48 -15.15 1.90 -2.39
CA ASP A 48 -15.91 2.18 -1.18
C ASP A 48 -17.29 1.54 -1.29
N GLY A 49 -17.56 0.99 -2.46
CA GLY A 49 -18.84 0.35 -2.71
C GLY A 49 -19.55 0.99 -3.91
N ASN A 50 -18.75 1.42 -4.86
CA ASN A 50 -19.29 2.06 -6.06
C ASN A 50 -18.13 2.48 -6.97
N GLY A 51 -17.61 3.67 -6.70
CA GLY A 51 -16.50 4.19 -7.49
C GLY A 51 -16.50 5.72 -7.47
N GLU A 52 -17.64 6.28 -7.10
CA GLU A 52 -17.78 7.73 -7.04
C GLU A 52 -17.49 8.23 -5.63
N ILE A 53 -16.47 9.08 -5.53
CA ILE A 53 -16.08 9.64 -4.25
C ILE A 53 -16.49 11.11 -4.19
N ASP A 54 -16.20 11.73 -3.06
CA ASP A 54 -16.54 13.13 -2.86
C ASP A 54 -15.28 13.89 -2.41
N LEU A 55 -15.13 15.09 -2.95
CA LEU A 55 -13.99 15.93 -2.61
C LEU A 55 -13.67 15.77 -1.13
N ALA A 56 -14.72 15.54 -0.35
CA ALA A 56 -14.56 15.37 1.08
C ALA A 56 -13.65 14.17 1.35
N GLU A 57 -14.16 12.99 1.02
CA GLU A 57 -13.41 11.76 1.21
C GLU A 57 -11.93 11.99 0.91
N PHE A 58 -11.69 12.65 -0.22
CA PHE A 58 -10.33 12.94 -0.64
C PHE A 58 -9.63 13.86 0.36
N THR A 59 -10.29 14.97 0.65
CA THR A 59 -9.73 15.94 1.59
C THR A 59 -9.57 15.31 2.97
N LYS A 60 -10.69 14.81 3.50
CA LYS A 60 -10.68 14.17 4.80
C LYS A 60 -9.45 13.28 4.92
N PHE A 61 -9.36 12.33 4.00
CA PHE A 61 -8.24 11.40 4.00
C PHE A 61 -6.91 12.15 4.06
N ALA A 62 -6.78 13.15 3.20
CA ALA A 62 -5.58 13.95 3.15
C ALA A 62 -5.33 14.60 4.50
N ALA A 63 -6.43 14.95 5.16
CA ALA A 63 -6.34 15.57 6.47
C ALA A 63 -5.93 14.53 7.51
N ALA A 64 -6.38 13.30 7.27
CA ALA A 64 -6.08 12.20 8.17
C ALA A 64 -4.65 11.71 7.90
N VAL A 65 -4.20 11.93 6.68
CA VAL A 65 -2.86 11.52 6.28
C VAL A 65 -1.86 12.56 6.77
N LYS A 66 -2.29 13.80 6.78
CA LYS A 66 -1.44 14.90 7.23
C LYS A 66 -1.10 14.72 8.70
N GLU A 67 -2.16 14.75 9.51
CA GLU A 67 -1.98 14.59 10.95
C GLU A 67 -1.79 13.12 11.30
N GLN A 68 -0.54 12.77 11.56
CA GLN A 68 -0.20 11.41 11.90
C GLN A 68 -1.27 10.80 12.82
N ASP A 69 -1.95 9.79 12.29
CA ASP A 69 -3.00 9.12 13.04
C ASP A 69 -3.58 8.00 12.18
N LEU A 70 -3.88 8.33 10.94
CA LEU A 70 -4.44 7.36 10.02
C LEU A 70 -3.37 6.32 9.65
N SER A 71 -2.19 6.84 9.30
CA SER A 71 -1.08 5.98 8.93
C SER A 71 -0.86 4.92 10.02
N ASP A 72 -0.99 5.35 11.26
CA ASP A 72 -0.79 4.46 12.39
C ASP A 72 -1.71 3.24 12.23
N GLU A 73 -2.98 3.52 12.01
CA GLU A 73 -3.97 2.46 11.84
C GLU A 73 -3.36 1.30 11.06
N LYS A 74 -2.64 1.64 9.99
CA LYS A 74 -2.01 0.64 9.16
C LYS A 74 -0.71 0.18 9.82
N VAL A 75 0.06 1.16 10.28
CA VAL A 75 1.32 0.88 10.94
C VAL A 75 1.12 -0.25 11.95
N GLY A 76 -0.03 -0.22 12.61
CA GLY A 76 -0.36 -1.23 13.61
C GLY A 76 -0.44 -2.61 12.97
N LEU A 77 -1.44 -2.79 12.14
CA LEU A 77 -1.65 -4.06 11.46
C LEU A 77 -0.35 -4.47 10.77
N LYS A 78 0.23 -3.53 10.04
CA LYS A 78 1.46 -3.77 9.31
C LYS A 78 2.49 -4.38 10.27
N ILE A 79 2.94 -3.56 11.21
CA ILE A 79 3.91 -4.00 12.19
C ILE A 79 3.53 -5.40 12.70
N LEU A 80 2.34 -5.48 13.28
CA LEU A 80 1.84 -6.74 13.80
C LEU A 80 2.08 -7.85 12.77
N TYR A 81 1.98 -7.46 11.51
CA TYR A 81 2.18 -8.41 10.42
C TYR A 81 3.65 -8.80 10.30
N LYS A 82 4.51 -7.81 10.52
CA LYS A 82 5.94 -8.03 10.44
C LYS A 82 6.42 -8.76 11.70
N LEU A 83 5.91 -8.29 12.83
CA LEU A 83 6.27 -8.87 14.11
C LEU A 83 5.57 -10.22 14.27
N MET A 84 4.26 -10.15 14.44
CA MET A 84 3.46 -11.36 14.60
C MET A 84 3.63 -12.30 13.41
N ASP A 85 3.44 -11.73 12.22
CA ASP A 85 3.57 -12.50 10.99
C ASP A 85 3.02 -13.91 11.22
N ALA A 86 3.93 -14.82 11.54
CA ALA A 86 3.55 -16.20 11.79
C ALA A 86 4.81 -17.05 11.97
N ASP A 87 5.62 -17.06 10.92
CA ASP A 87 6.86 -17.82 10.96
C ASP A 87 8.04 -16.86 11.14
N GLY A 88 8.15 -15.92 10.22
CA GLY A 88 9.23 -14.94 10.28
C GLY A 88 9.74 -14.61 8.88
N ASP A 89 8.80 -14.44 7.96
CA ASP A 89 9.15 -14.11 6.59
C ASP A 89 8.41 -12.84 6.17
N GLY A 90 7.09 -12.87 6.36
CA GLY A 90 6.26 -11.73 6.00
C GLY A 90 5.05 -12.17 5.17
N LYS A 91 5.14 -13.39 4.66
CA LYS A 91 4.07 -13.94 3.86
C LYS A 91 3.16 -14.82 4.73
N LEU A 92 1.91 -14.42 4.81
CA LEU A 92 0.93 -15.14 5.61
C LEU A 92 0.00 -15.93 4.68
N THR A 93 0.00 -17.24 4.87
CA THR A 93 -0.83 -18.11 4.05
C THR A 93 -2.27 -18.08 4.56
N LYS A 94 -3.15 -18.71 3.78
CA LYS A 94 -4.55 -18.76 4.14
C LYS A 94 -4.69 -18.94 5.65
N GLU A 95 -4.64 -20.20 6.08
CA GLU A 95 -4.75 -20.51 7.49
C GLU A 95 -4.09 -19.42 8.34
N GLU A 96 -2.90 -19.03 7.92
CA GLU A 96 -2.15 -18.00 8.61
C GLU A 96 -2.95 -16.71 8.65
N VAL A 97 -2.99 -16.04 7.51
CA VAL A 97 -3.71 -14.78 7.39
C VAL A 97 -5.07 -14.91 8.07
N THR A 98 -5.84 -15.88 7.58
CA THR A 98 -7.17 -16.13 8.12
C THR A 98 -7.17 -15.94 9.63
N THR A 99 -6.26 -16.66 10.29
CA THR A 99 -6.14 -16.57 11.74
C THR A 99 -5.60 -15.21 12.15
N PHE A 100 -4.53 -14.81 11.49
CA PHE A 100 -3.90 -13.52 11.79
C PHE A 100 -4.89 -12.37 11.58
N PHE A 101 -5.21 -12.12 10.32
CA PHE A 101 -6.13 -11.06 9.97
C PHE A 101 -7.39 -11.12 10.85
N LYS A 102 -7.73 -12.33 11.25
CA LYS A 102 -8.89 -12.54 12.09
C LYS A 102 -8.55 -12.17 13.54
N LYS A 103 -7.34 -12.53 13.94
CA LYS A 103 -6.88 -12.24 15.28
C LYS A 103 -6.69 -10.73 15.45
N PHE A 104 -6.36 -10.09 14.34
CA PHE A 104 -6.16 -8.65 14.35
C PHE A 104 -7.49 -7.90 14.43
N GLY A 105 -8.36 -8.19 13.48
CA GLY A 105 -9.66 -7.56 13.43
C GLY A 105 -10.19 -7.46 12.00
N TYR A 106 -10.34 -8.63 11.37
CA TYR A 106 -10.82 -8.68 10.01
C TYR A 106 -11.36 -10.08 9.68
N GLU A 107 -12.57 -10.34 10.14
CA GLU A 107 -13.21 -11.62 9.91
C GLU A 107 -14.22 -11.51 8.76
N LYS A 108 -13.70 -11.21 7.58
CA LYS A 108 -14.55 -11.06 6.40
C LYS A 108 -13.66 -11.02 5.16
N VAL A 109 -12.56 -10.29 5.27
CA VAL A 109 -11.63 -10.17 4.15
C VAL A 109 -11.33 -11.55 3.59
N VAL A 110 -11.48 -12.55 4.43
CA VAL A 110 -11.23 -13.93 4.03
C VAL A 110 -11.67 -14.11 2.59
N ASP A 111 -12.79 -13.48 2.26
CA ASP A 111 -13.33 -13.57 0.91
C ASP A 111 -12.29 -13.08 -0.09
N GLN A 112 -11.88 -11.84 0.10
CA GLN A 112 -10.88 -11.25 -0.78
C GLN A 112 -9.54 -11.95 -0.62
N ILE A 113 -9.25 -12.35 0.61
CA ILE A 113 -8.00 -13.04 0.91
C ILE A 113 -7.86 -14.23 -0.03
N MET A 114 -8.97 -14.92 -0.25
CA MET A 114 -8.97 -16.09 -1.12
C MET A 114 -9.02 -15.66 -2.59
N LYS A 115 -9.71 -14.56 -2.83
CA LYS A 115 -9.84 -14.04 -4.19
C LYS A 115 -8.72 -13.03 -4.45
N ALA A 116 -7.72 -13.06 -3.59
CA ALA A 116 -6.60 -12.15 -3.72
C ALA A 116 -5.31 -12.96 -3.84
N ASP A 117 -5.30 -13.88 -4.80
CA ASP A 117 -4.15 -14.72 -5.03
C ASP A 117 -4.04 -15.04 -6.52
N ALA A 118 -2.86 -15.50 -6.92
CA ALA A 118 -2.63 -15.84 -8.31
C ALA A 118 -1.17 -16.29 -8.47
N ASN A 119 -0.67 -16.94 -7.43
CA ASN A 119 0.70 -17.44 -7.44
C ASN A 119 0.68 -18.97 -7.36
N GLY A 120 -0.43 -19.49 -6.85
CA GLY A 120 -0.59 -20.93 -6.71
C GLY A 120 -0.35 -21.36 -5.26
N ASP A 121 -0.36 -20.38 -4.38
CA ASP A 121 -0.15 -20.64 -2.96
C ASP A 121 -1.42 -20.28 -2.19
N GLY A 122 -1.75 -19.00 -2.20
CA GLY A 122 -2.93 -18.51 -1.51
C GLY A 122 -2.55 -17.86 -0.18
N TYR A 123 -1.62 -16.91 -0.25
CA TYR A 123 -1.17 -16.22 0.93
C TYR A 123 -1.26 -14.70 0.73
N ILE A 124 -0.97 -13.98 1.81
CA ILE A 124 -1.00 -12.52 1.77
C ILE A 124 0.16 -11.96 2.60
N THR A 125 0.99 -11.16 1.95
CA THR A 125 2.13 -10.56 2.59
C THR A 125 1.78 -9.17 3.12
N LEU A 126 2.65 -8.64 3.98
CA LEU A 126 2.44 -7.32 4.55
C LEU A 126 1.84 -6.40 3.49
N GLU A 127 2.53 -6.32 2.37
CA GLU A 127 2.08 -5.48 1.27
C GLU A 127 0.73 -5.96 0.75
N GLU A 128 0.72 -7.20 0.30
CA GLU A 128 -0.50 -7.80 -0.22
C GLU A 128 -1.71 -7.37 0.62
N PHE A 129 -1.67 -7.77 1.89
CA PHE A 129 -2.74 -7.44 2.81
C PHE A 129 -3.08 -5.94 2.74
N LEU A 130 -2.04 -5.13 2.91
CA LEU A 130 -2.22 -3.69 2.87
C LEU A 130 -2.70 -3.27 1.48
N ALA A 131 -2.47 -4.16 0.53
CA ALA A 131 -2.88 -3.89 -0.85
C ALA A 131 -4.40 -4.00 -0.96
N PHE A 132 -4.93 -5.07 -0.38
CA PHE A 132 -6.37 -5.31 -0.41
C PHE A 132 -7.14 -4.04 -0.02
N ASN A 133 -6.50 -3.25 0.82
CA ASN A 133 -7.11 -2.01 1.28
C ASN A 133 -6.16 -0.84 0.99
N LEU A 134 -5.93 -0.59 -0.28
CA LEU A 134 -5.06 0.49 -0.69
C LEU A 134 -5.88 1.59 -1.36
N MET A 1 1.29 -9.91 -23.06
CA MET A 1 2.47 -9.53 -22.31
C MET A 1 2.28 -8.15 -21.68
N ALA A 2 2.32 -8.13 -20.35
CA ALA A 2 2.15 -6.88 -19.61
C ALA A 2 2.74 -7.05 -18.21
N GLU A 3 2.65 -5.99 -17.43
CA GLU A 3 3.15 -6.00 -16.07
C GLU A 3 2.10 -5.47 -15.10
N ALA A 4 2.33 -5.73 -13.83
CA ALA A 4 1.40 -5.29 -12.79
C ALA A 4 1.67 -3.81 -12.48
N LEU A 5 1.63 -3.00 -13.53
CA LEU A 5 1.87 -1.58 -13.38
C LEU A 5 1.41 -0.85 -14.66
N PHE A 6 1.22 0.45 -14.52
CA PHE A 6 0.79 1.26 -15.65
C PHE A 6 1.97 1.62 -16.55
N LYS A 7 3.17 1.51 -15.99
CA LYS A 7 4.37 1.82 -16.72
C LYS A 7 4.30 1.18 -18.11
N GLN A 8 3.74 -0.02 -18.14
CA GLN A 8 3.62 -0.75 -19.39
C GLN A 8 2.64 -0.02 -20.33
N LEU A 9 1.61 0.55 -19.73
CA LEU A 9 0.61 1.28 -20.49
C LEU A 9 1.16 2.68 -20.83
N ASP A 10 1.78 3.29 -19.84
CA ASP A 10 2.35 4.61 -20.02
C ASP A 10 3.65 4.51 -20.81
N ALA A 11 4.12 3.27 -20.96
CA ALA A 11 5.35 3.03 -21.69
C ALA A 11 5.42 3.97 -22.89
N ASN A 12 4.25 4.30 -23.41
CA ASN A 12 4.16 5.20 -24.56
C ASN A 12 5.21 6.30 -24.41
N GLY A 13 5.49 6.64 -23.17
CA GLY A 13 6.46 7.68 -22.87
C GLY A 13 5.77 9.02 -22.64
N ASP A 14 4.81 9.00 -21.72
CA ASP A 14 4.07 10.20 -21.38
C ASP A 14 4.37 10.60 -19.94
N GLY A 15 4.58 9.58 -19.12
CA GLY A 15 4.88 9.79 -17.71
C GLY A 15 3.75 10.59 -17.03
N SER A 16 2.63 10.66 -17.72
CA SER A 16 1.48 11.38 -17.20
C SER A 16 0.33 11.32 -18.20
N VAL A 17 -0.89 11.39 -17.66
CA VAL A 17 -2.08 11.33 -18.48
C VAL A 17 -3.32 11.39 -17.59
N SER A 18 -4.47 11.21 -18.22
CA SER A 18 -5.73 11.25 -17.49
C SER A 18 -6.03 9.88 -16.87
N TYR A 19 -5.75 9.77 -15.58
CA TYR A 19 -5.97 8.53 -14.87
C TYR A 19 -7.20 7.80 -15.41
N GLU A 20 -8.16 8.60 -15.89
CA GLU A 20 -9.38 8.03 -16.43
C GLU A 20 -9.07 6.83 -17.32
N GLU A 21 -7.98 6.96 -18.08
CA GLU A 21 -7.55 5.89 -18.97
C GLU A 21 -7.06 4.68 -18.17
N VAL A 22 -6.42 4.99 -17.04
CA VAL A 22 -5.89 3.95 -16.17
C VAL A 22 -7.03 3.36 -15.34
N LYS A 23 -8.02 4.20 -15.07
CA LYS A 23 -9.16 3.77 -14.28
C LYS A 23 -9.92 2.69 -15.05
N ALA A 24 -10.02 2.89 -16.36
CA ALA A 24 -10.72 1.94 -17.20
C ALA A 24 -9.83 0.71 -17.43
N PHE A 25 -8.55 0.98 -17.67
CA PHE A 25 -7.60 -0.09 -17.91
C PHE A 25 -7.63 -1.10 -16.76
N VAL A 26 -7.75 -0.57 -15.55
CA VAL A 26 -7.78 -1.42 -14.37
C VAL A 26 -9.17 -2.05 -14.23
N SER A 27 -10.17 -1.17 -14.25
CA SER A 27 -11.55 -1.62 -14.13
C SER A 27 -11.80 -2.79 -15.10
N SER A 28 -11.02 -2.81 -16.16
CA SER A 28 -11.15 -3.86 -17.16
C SER A 28 -10.03 -4.90 -16.98
N LYS A 29 -9.87 -5.33 -15.74
CA LYS A 29 -8.85 -6.32 -15.42
C LYS A 29 -9.34 -7.20 -14.27
N ARG A 30 -8.98 -6.79 -13.06
CA ARG A 30 -9.37 -7.53 -11.88
C ARG A 30 -10.77 -7.11 -11.43
N PRO A 31 -10.93 -5.77 -11.22
CA PRO A 31 -12.20 -5.23 -10.79
C PRO A 31 -13.20 -5.21 -11.95
N ILE A 32 -14.24 -4.40 -11.78
CA ILE A 32 -15.28 -4.27 -12.80
C ILE A 32 -15.99 -2.94 -12.63
N LYS A 33 -16.39 -2.67 -11.39
CA LYS A 33 -17.09 -1.42 -11.08
C LYS A 33 -16.43 -0.77 -9.86
N ASN A 34 -15.89 0.41 -10.09
CA ASN A 34 -15.23 1.15 -9.03
C ASN A 34 -14.49 2.35 -9.62
N GLU A 35 -14.02 2.16 -10.85
CA GLU A 35 -13.28 3.20 -11.54
C GLU A 35 -14.05 4.53 -11.46
N GLN A 36 -15.37 4.41 -11.41
CA GLN A 36 -16.23 5.58 -11.34
C GLN A 36 -15.97 6.34 -10.04
N LEU A 37 -16.08 5.62 -8.93
CA LEU A 37 -15.87 6.22 -7.62
C LEU A 37 -14.42 6.72 -7.53
N LEU A 38 -13.51 5.89 -8.05
CA LEU A 38 -12.09 6.23 -8.03
C LEU A 38 -11.86 7.46 -8.92
N GLN A 39 -12.01 7.23 -10.23
CA GLN A 39 -11.81 8.30 -11.19
C GLN A 39 -12.34 9.62 -10.63
N LEU A 40 -13.51 9.55 -10.02
CA LEU A 40 -14.13 10.73 -9.44
C LEU A 40 -13.20 11.31 -8.37
N ILE A 41 -13.05 10.56 -7.28
CA ILE A 41 -12.20 11.00 -6.18
C ILE A 41 -10.94 11.64 -6.76
N PHE A 42 -10.42 11.04 -7.80
CA PHE A 42 -9.21 11.54 -8.45
C PHE A 42 -9.49 12.88 -9.14
N LYS A 43 -10.49 12.85 -10.02
CA LYS A 43 -10.86 14.06 -10.75
C LYS A 43 -10.90 15.25 -9.80
N ALA A 44 -11.24 14.95 -8.55
CA ALA A 44 -11.32 15.98 -7.53
C ALA A 44 -9.92 16.29 -7.02
N ILE A 45 -9.17 15.24 -6.74
CA ILE A 45 -7.80 15.40 -6.25
C ILE A 45 -6.85 15.51 -7.43
N ASP A 46 -7.42 15.81 -8.59
CA ASP A 46 -6.63 15.95 -9.80
C ASP A 46 -6.31 17.42 -10.03
N ILE A 47 -7.35 18.25 -9.91
CA ILE A 47 -7.19 19.68 -10.10
C ILE A 47 -5.87 20.13 -9.47
N ASP A 48 -5.46 19.40 -8.45
CA ASP A 48 -4.23 19.72 -7.74
C ASP A 48 -3.11 19.97 -8.77
N GLY A 49 -3.29 19.38 -9.93
CA GLY A 49 -2.33 19.53 -11.00
C GLY A 49 -2.94 20.22 -12.22
N ASN A 50 -4.09 19.70 -12.63
CA ASN A 50 -4.80 20.25 -13.78
C ASN A 50 -5.93 19.29 -14.18
N GLY A 51 -5.59 18.37 -15.07
CA GLY A 51 -6.56 17.41 -15.55
C GLY A 51 -5.94 16.01 -15.66
N GLU A 52 -4.71 15.99 -16.12
CA GLU A 52 -3.99 14.73 -16.29
C GLU A 52 -3.11 14.47 -15.06
N ILE A 53 -3.16 13.22 -14.61
CA ILE A 53 -2.39 12.82 -13.45
C ILE A 53 -1.43 11.69 -13.84
N ASP A 54 -0.32 11.61 -13.12
CA ASP A 54 0.69 10.60 -13.39
C ASP A 54 0.69 9.59 -12.24
N LEU A 55 0.65 8.31 -12.62
CA LEU A 55 0.67 7.25 -11.64
C LEU A 55 1.59 7.63 -10.47
N ALA A 56 2.63 8.37 -10.81
CA ALA A 56 3.59 8.81 -9.80
C ALA A 56 2.89 9.74 -8.81
N GLU A 57 2.29 10.80 -9.34
CA GLU A 57 1.60 11.76 -8.51
C GLU A 57 0.71 11.04 -7.49
N PHE A 58 0.02 10.02 -7.98
CA PHE A 58 -0.86 9.24 -7.11
C PHE A 58 -0.06 8.44 -6.09
N THR A 59 0.94 7.73 -6.59
CA THR A 59 1.79 6.91 -5.74
C THR A 59 2.45 7.78 -4.66
N LYS A 60 3.06 8.87 -5.12
CA LYS A 60 3.74 9.77 -4.21
C LYS A 60 2.76 10.22 -3.12
N PHE A 61 1.67 10.84 -3.56
CA PHE A 61 0.66 11.31 -2.63
C PHE A 61 0.27 10.22 -1.64
N ALA A 62 0.17 9.00 -2.16
CA ALA A 62 -0.20 7.86 -1.33
C ALA A 62 0.84 7.70 -0.22
N ALA A 63 2.10 7.77 -0.61
CA ALA A 63 3.20 7.63 0.34
C ALA A 63 3.28 8.89 1.20
N ALA A 64 2.83 10.00 0.63
CA ALA A 64 2.84 11.28 1.33
C ALA A 64 1.92 11.18 2.54
N VAL A 65 0.77 10.56 2.33
CA VAL A 65 -0.21 10.42 3.39
C VAL A 65 0.19 9.25 4.29
N LYS A 66 0.69 8.20 3.65
CA LYS A 66 1.12 7.02 4.37
C LYS A 66 1.98 7.43 5.56
N GLU A 67 2.64 8.58 5.41
CA GLU A 67 3.49 9.09 6.46
C GLU A 67 2.87 8.84 7.83
N GLN A 68 1.97 9.75 8.22
CA GLN A 68 1.30 9.62 9.50
C GLN A 68 -0.09 10.27 9.43
N ASP A 69 -1.04 9.46 8.97
CA ASP A 69 -2.41 9.93 8.85
C ASP A 69 -3.28 8.82 8.26
N LEU A 70 -4.21 8.33 9.09
CA LEU A 70 -5.10 7.26 8.67
C LEU A 70 -4.31 5.97 8.53
N SER A 71 -3.34 6.00 7.62
CA SER A 71 -2.51 4.82 7.38
C SER A 71 -2.13 4.18 8.71
N ASP A 72 -2.00 5.01 9.73
CA ASP A 72 -1.64 4.53 11.06
C ASP A 72 -2.41 3.23 11.34
N GLU A 73 -3.73 3.34 11.34
CA GLU A 73 -4.56 2.19 11.60
C GLU A 73 -4.08 0.98 10.79
N LYS A 74 -3.63 1.26 9.58
CA LYS A 74 -3.14 0.21 8.71
C LYS A 74 -1.72 -0.18 9.13
N VAL A 75 -0.98 0.82 9.61
CA VAL A 75 0.38 0.59 10.05
C VAL A 75 0.39 -0.45 11.17
N GLY A 76 -0.64 -0.37 12.01
CA GLY A 76 -0.76 -1.31 13.12
C GLY A 76 -0.68 -2.75 12.63
N LEU A 77 -1.71 -3.15 11.89
CA LEU A 77 -1.76 -4.51 11.36
C LEU A 77 -0.46 -4.82 10.63
N LYS A 78 0.03 -3.82 9.92
CA LYS A 78 1.28 -3.97 9.17
C LYS A 78 2.37 -4.46 10.12
N ILE A 79 2.58 -3.69 11.17
CA ILE A 79 3.60 -4.03 12.16
C ILE A 79 3.31 -5.41 12.74
N LEU A 80 2.02 -5.69 12.90
CA LEU A 80 1.60 -6.97 13.45
C LEU A 80 1.88 -8.06 12.42
N TYR A 81 1.74 -7.70 11.16
CA TYR A 81 1.98 -8.65 10.08
C TYR A 81 3.47 -8.97 9.95
N LYS A 82 4.28 -7.94 10.17
CA LYS A 82 5.72 -8.09 10.08
C LYS A 82 6.25 -8.71 11.37
N LEU A 83 5.70 -8.23 12.48
CA LEU A 83 6.11 -8.72 13.79
C LEU A 83 5.51 -10.12 14.01
N MET A 84 4.20 -10.14 14.17
CA MET A 84 3.50 -11.40 14.39
C MET A 84 3.76 -12.38 13.25
N ASP A 85 3.51 -11.91 12.04
CA ASP A 85 3.71 -12.73 10.86
C ASP A 85 3.31 -14.18 11.17
N ALA A 86 4.30 -14.96 11.55
CA ALA A 86 4.06 -16.35 11.88
C ALA A 86 5.40 -17.05 12.15
N ASP A 87 6.25 -17.04 11.13
CA ASP A 87 7.55 -17.67 11.25
C ASP A 87 8.61 -16.59 11.46
N GLY A 88 8.62 -15.61 10.56
CA GLY A 88 9.56 -14.52 10.63
C GLY A 88 10.09 -14.15 9.26
N ASP A 89 9.16 -14.07 8.31
CA ASP A 89 9.53 -13.73 6.94
C ASP A 89 8.63 -12.59 6.45
N GLY A 90 7.33 -12.80 6.61
CA GLY A 90 6.35 -11.80 6.20
C GLY A 90 5.25 -12.43 5.34
N LYS A 91 5.49 -13.68 4.95
CA LYS A 91 4.54 -14.40 4.13
C LYS A 91 3.58 -15.17 5.04
N LEU A 92 2.33 -14.76 5.02
CA LEU A 92 1.31 -15.40 5.83
C LEU A 92 0.47 -16.32 4.95
N THR A 93 0.59 -17.62 5.24
CA THR A 93 -0.15 -18.62 4.47
C THR A 93 -1.60 -18.69 4.96
N LYS A 94 -2.38 -19.49 4.24
CA LYS A 94 -3.78 -19.65 4.58
C LYS A 94 -3.93 -19.65 6.10
N GLU A 95 -3.60 -20.79 6.70
CA GLU A 95 -3.69 -20.93 8.14
C GLU A 95 -3.22 -19.66 8.84
N GLU A 96 -1.98 -19.27 8.51
CA GLU A 96 -1.40 -18.08 9.10
C GLU A 96 -2.37 -16.90 8.99
N VAL A 97 -2.82 -16.66 7.77
CA VAL A 97 -3.75 -15.57 7.51
C VAL A 97 -5.02 -15.79 8.33
N THR A 98 -5.71 -16.88 8.01
CA THR A 98 -6.94 -17.21 8.71
C THR A 98 -6.83 -16.86 10.19
N THR A 99 -5.78 -17.40 10.81
CA THR A 99 -5.54 -17.15 12.23
C THR A 99 -5.16 -15.69 12.46
N PHE A 100 -4.08 -15.28 11.82
CA PHE A 100 -3.60 -13.91 11.94
C PHE A 100 -4.75 -12.91 11.82
N PHE A 101 -5.29 -12.83 10.61
CA PHE A 101 -6.41 -11.92 10.36
C PHE A 101 -7.50 -12.09 11.40
N LYS A 102 -7.68 -13.33 11.83
CA LYS A 102 -8.69 -13.63 12.83
C LYS A 102 -8.40 -12.85 14.12
N LYS A 103 -7.18 -13.02 14.61
CA LYS A 103 -6.76 -12.34 15.81
C LYS A 103 -7.01 -10.84 15.66
N PHE A 104 -6.72 -10.34 14.47
CA PHE A 104 -6.92 -8.93 14.18
C PHE A 104 -8.40 -8.58 14.08
N GLY A 105 -9.06 -9.25 13.14
CA GLY A 105 -10.48 -9.03 12.92
C GLY A 105 -10.87 -9.38 11.48
N TYR A 106 -10.07 -8.91 10.55
CA TYR A 106 -10.32 -9.18 9.14
C TYR A 106 -11.82 -9.29 8.86
N GLU A 107 -12.58 -8.42 9.52
CA GLU A 107 -14.02 -8.41 9.35
C GLU A 107 -14.42 -7.54 8.16
N LYS A 108 -13.74 -7.76 7.05
CA LYS A 108 -14.01 -7.00 5.84
C LYS A 108 -13.09 -7.48 4.73
N VAL A 109 -11.86 -7.80 5.11
CA VAL A 109 -10.87 -8.27 4.16
C VAL A 109 -11.31 -9.63 3.61
N VAL A 110 -12.20 -10.28 4.35
CA VAL A 110 -12.70 -11.58 3.96
C VAL A 110 -12.87 -11.61 2.43
N ASP A 111 -13.25 -10.47 1.88
CA ASP A 111 -13.45 -10.35 0.44
C ASP A 111 -12.18 -10.79 -0.28
N GLN A 112 -11.11 -10.04 -0.03
CA GLN A 112 -9.83 -10.33 -0.65
C GLN A 112 -9.24 -11.62 -0.07
N ILE A 113 -9.25 -11.69 1.25
CA ILE A 113 -8.72 -12.86 1.94
C ILE A 113 -9.17 -14.12 1.21
N MET A 114 -10.40 -14.08 0.72
CA MET A 114 -10.97 -15.21 0.01
C MET A 114 -10.50 -15.23 -1.44
N LYS A 115 -10.56 -14.05 -2.07
CA LYS A 115 -10.15 -13.92 -3.46
C LYS A 115 -8.98 -12.93 -3.54
N ALA A 116 -7.92 -13.28 -2.83
CA ALA A 116 -6.73 -12.43 -2.80
C ALA A 116 -5.63 -13.09 -3.65
N ASP A 117 -4.96 -14.05 -3.03
CA ASP A 117 -3.89 -14.76 -3.71
C ASP A 117 -4.48 -15.87 -4.57
N ALA A 118 -3.81 -16.14 -5.69
CA ALA A 118 -4.27 -17.17 -6.59
C ALA A 118 -3.57 -16.99 -7.95
N ASN A 119 -2.28 -16.67 -7.88
CA ASN A 119 -1.49 -16.46 -9.09
C ASN A 119 -0.37 -17.49 -9.13
N GLY A 120 0.42 -17.51 -8.07
CA GLY A 120 1.53 -18.44 -7.98
C GLY A 120 2.26 -18.29 -6.65
N ASP A 121 1.50 -17.98 -5.61
CA ASP A 121 2.07 -17.79 -4.29
C ASP A 121 1.34 -18.71 -3.30
N GLY A 122 0.01 -18.67 -3.38
CA GLY A 122 -0.81 -19.49 -2.50
C GLY A 122 -0.96 -18.82 -1.13
N TYR A 123 0.12 -18.26 -0.64
CA TYR A 123 0.12 -17.59 0.65
C TYR A 123 -0.25 -16.12 0.49
N ILE A 124 -0.24 -15.42 1.63
CA ILE A 124 -0.56 -14.00 1.63
C ILE A 124 0.47 -13.25 2.46
N THR A 125 1.14 -12.31 1.80
CA THR A 125 2.16 -11.51 2.47
C THR A 125 1.54 -10.22 3.03
N LEU A 126 2.26 -9.62 3.96
CA LEU A 126 1.81 -8.38 4.57
C LEU A 126 1.36 -7.41 3.49
N GLU A 127 1.99 -7.54 2.33
CA GLU A 127 1.68 -6.68 1.20
C GLU A 127 0.28 -6.99 0.66
N GLU A 128 -0.08 -8.26 0.74
CA GLU A 128 -1.38 -8.71 0.27
C GLU A 128 -2.49 -8.09 1.12
N PHE A 129 -2.46 -8.42 2.40
CA PHE A 129 -3.46 -7.91 3.32
C PHE A 129 -3.51 -6.37 3.27
N LEU A 130 -2.34 -5.78 3.17
CA LEU A 130 -2.24 -4.33 3.11
C LEU A 130 -2.61 -3.85 1.71
N ALA A 131 -2.43 -4.75 0.75
CA ALA A 131 -2.74 -4.44 -0.64
C ALA A 131 -4.25 -4.24 -0.79
N PHE A 132 -5.00 -5.18 -0.25
CA PHE A 132 -6.46 -5.12 -0.33
C PHE A 132 -6.96 -3.73 0.07
N ASN A 133 -6.20 -3.09 0.96
CA ASN A 133 -6.57 -1.76 1.42
C ASN A 133 -5.93 -0.71 0.49
N LEU A 134 -4.63 -0.55 0.63
CA LEU A 134 -3.90 0.41 -0.18
C LEU A 134 -4.62 1.75 -0.16
N MET A 1 19.97 8.76 -3.90
CA MET A 1 19.26 7.76 -3.12
C MET A 1 20.08 7.31 -1.92
N ALA A 2 20.05 8.13 -0.88
CA ALA A 2 20.79 7.83 0.34
C ALA A 2 20.02 8.35 1.55
N GLU A 3 20.13 9.65 1.77
CA GLU A 3 19.45 10.29 2.88
C GLU A 3 19.53 11.82 2.75
N ALA A 4 18.81 12.34 1.78
CA ALA A 4 18.79 13.76 1.55
C ALA A 4 17.35 14.22 1.27
N LEU A 5 17.17 15.53 1.24
CA LEU A 5 15.86 16.09 0.98
C LEU A 5 15.48 15.86 -0.47
N PHE A 6 14.18 15.94 -0.74
CA PHE A 6 13.68 15.74 -2.09
C PHE A 6 14.20 16.81 -3.04
N LYS A 7 14.68 17.89 -2.46
CA LYS A 7 15.23 18.99 -3.24
C LYS A 7 16.01 18.42 -4.44
N GLN A 8 17.14 17.81 -4.13
CA GLN A 8 17.98 17.23 -5.16
C GLN A 8 17.15 16.29 -6.04
N LEU A 9 16.47 15.36 -5.39
CA LEU A 9 15.64 14.40 -6.10
C LEU A 9 14.93 15.11 -7.26
N ASP A 10 14.43 16.30 -6.96
CA ASP A 10 13.71 17.08 -7.97
C ASP A 10 14.74 17.84 -8.83
N ALA A 11 15.48 18.72 -8.18
CA ALA A 11 16.49 19.50 -8.87
C ALA A 11 15.79 20.55 -9.75
N ASN A 12 14.81 20.08 -10.49
CA ASN A 12 14.06 20.96 -11.38
C ASN A 12 13.88 22.32 -10.72
N GLY A 13 13.78 22.29 -9.39
CA GLY A 13 13.61 23.51 -8.62
C GLY A 13 12.24 24.14 -8.89
N ASP A 14 11.34 23.32 -9.40
CA ASP A 14 10.00 23.78 -9.71
C ASP A 14 9.14 23.71 -8.44
N GLY A 15 9.74 23.18 -7.39
CA GLY A 15 9.05 23.05 -6.11
C GLY A 15 8.01 21.93 -6.17
N SER A 16 7.12 22.05 -7.15
CA SER A 16 6.08 21.06 -7.33
C SER A 16 6.52 19.99 -8.32
N VAL A 17 5.85 18.84 -8.26
CA VAL A 17 6.17 17.75 -9.16
C VAL A 17 5.26 16.56 -8.84
N SER A 18 5.51 15.46 -9.52
CA SER A 18 4.72 14.25 -9.32
C SER A 18 5.29 13.44 -8.16
N TYR A 19 4.64 13.57 -7.01
CA TYR A 19 5.07 12.86 -5.82
C TYR A 19 5.59 11.46 -6.17
N GLU A 20 5.04 10.91 -7.24
CA GLU A 20 5.44 9.59 -7.70
C GLU A 20 6.96 9.47 -7.71
N GLU A 21 7.61 10.61 -7.94
CA GLU A 21 9.06 10.63 -7.98
C GLU A 21 9.64 10.48 -6.57
N VAL A 22 8.91 11.02 -5.61
CA VAL A 22 9.33 10.95 -4.22
C VAL A 22 8.96 9.58 -3.65
N LYS A 23 7.95 8.98 -4.26
CA LYS A 23 7.49 7.67 -3.83
C LYS A 23 8.50 6.60 -4.26
N ALA A 24 9.09 6.83 -5.42
CA ALA A 24 10.07 5.91 -5.95
C ALA A 24 11.42 6.16 -5.27
N PHE A 25 11.70 7.42 -5.03
CA PHE A 25 12.95 7.80 -4.38
C PHE A 25 12.98 7.32 -2.93
N VAL A 26 11.85 7.45 -2.26
CA VAL A 26 11.74 7.03 -0.88
C VAL A 26 11.58 5.51 -0.82
N SER A 27 10.76 4.99 -1.71
CA SER A 27 10.51 3.57 -1.78
C SER A 27 11.77 2.83 -2.24
N SER A 28 12.64 3.58 -2.92
CA SER A 28 13.87 3.02 -3.41
C SER A 28 14.97 3.15 -2.35
N LYS A 29 14.59 2.85 -1.12
CA LYS A 29 15.52 2.93 0.00
C LYS A 29 15.48 1.61 0.77
N ARG A 30 14.55 1.53 1.70
CA ARG A 30 14.40 0.33 2.51
C ARG A 30 13.59 -0.72 1.76
N PRO A 31 12.37 -0.31 1.32
CA PRO A 31 11.50 -1.22 0.58
C PRO A 31 12.00 -1.42 -0.85
N ILE A 32 11.09 -1.88 -1.69
CA ILE A 32 11.41 -2.12 -3.09
C ILE A 32 10.12 -2.34 -3.88
N LYS A 33 9.24 -3.14 -3.29
CA LYS A 33 7.96 -3.43 -3.93
C LYS A 33 6.85 -2.64 -3.22
N ASN A 34 7.21 -1.47 -2.76
CA ASN A 34 6.25 -0.61 -2.06
C ASN A 34 6.00 0.64 -2.91
N GLU A 35 6.95 0.94 -3.77
CA GLU A 35 6.85 2.10 -4.64
C GLU A 35 5.56 2.04 -5.47
N GLN A 36 5.29 0.85 -5.98
CA GLN A 36 4.11 0.64 -6.80
C GLN A 36 2.85 0.94 -5.98
N LEU A 37 2.67 0.16 -4.91
CA LEU A 37 1.51 0.34 -4.05
C LEU A 37 1.44 1.80 -3.60
N LEU A 38 2.60 2.36 -3.30
CA LEU A 38 2.68 3.74 -2.86
C LEU A 38 2.19 4.66 -3.99
N GLN A 39 2.94 4.66 -5.08
CA GLN A 39 2.60 5.48 -6.22
C GLN A 39 1.08 5.54 -6.41
N LEU A 40 0.48 4.37 -6.43
CA LEU A 40 -0.96 4.27 -6.59
C LEU A 40 -1.65 5.03 -5.46
N ILE A 41 -1.55 4.49 -4.26
CA ILE A 41 -2.15 5.11 -3.10
C ILE A 41 -1.96 6.63 -3.18
N PHE A 42 -0.76 7.01 -3.57
CA PHE A 42 -0.42 8.42 -3.70
C PHE A 42 -1.23 9.08 -4.81
N LYS A 43 -1.17 8.47 -5.99
CA LYS A 43 -1.88 8.99 -7.14
C LYS A 43 -3.31 9.37 -6.72
N ALA A 44 -3.87 8.56 -5.84
CA ALA A 44 -5.22 8.81 -5.36
C ALA A 44 -5.16 9.85 -4.25
N ILE A 45 -4.09 9.82 -3.49
CA ILE A 45 -3.90 10.75 -2.39
C ILE A 45 -3.27 12.04 -2.93
N ASP A 46 -3.19 12.12 -4.25
CA ASP A 46 -2.61 13.28 -4.90
C ASP A 46 -3.72 14.12 -5.53
N ILE A 47 -4.77 13.43 -5.97
CA ILE A 47 -5.90 14.09 -6.59
C ILE A 47 -6.25 15.36 -5.79
N ASP A 48 -5.88 15.33 -4.51
CA ASP A 48 -6.15 16.45 -3.64
C ASP A 48 -5.89 17.75 -4.40
N GLY A 49 -4.96 17.67 -5.34
CA GLY A 49 -4.61 18.84 -6.15
C GLY A 49 -4.75 18.54 -7.64
N ASN A 50 -4.26 17.37 -8.02
CA ASN A 50 -4.33 16.95 -9.41
C ASN A 50 -3.43 15.73 -9.61
N GLY A 51 -2.17 16.01 -9.94
CA GLY A 51 -1.20 14.94 -10.16
C GLY A 51 0.17 15.34 -9.61
N GLU A 52 0.52 16.60 -9.80
CA GLU A 52 1.80 17.11 -9.33
C GLU A 52 1.59 18.04 -8.13
N ILE A 53 2.50 17.94 -7.18
CA ILE A 53 2.43 18.77 -5.99
C ILE A 53 3.83 18.98 -5.43
N ASP A 54 3.90 19.68 -4.30
CA ASP A 54 5.17 19.96 -3.66
C ASP A 54 5.31 19.07 -2.41
N LEU A 55 6.51 18.55 -2.23
CA LEU A 55 6.78 17.70 -1.09
C LEU A 55 6.21 18.34 0.17
N ALA A 56 6.07 19.65 0.12
CA ALA A 56 5.54 20.40 1.25
C ALA A 56 4.11 19.93 1.53
N GLU A 57 3.24 20.17 0.56
CA GLU A 57 1.85 19.78 0.69
C GLU A 57 1.74 18.40 1.33
N PHE A 58 2.62 17.51 0.91
CA PHE A 58 2.63 16.16 1.43
C PHE A 58 3.04 16.15 2.91
N THR A 59 4.24 16.64 3.16
CA THR A 59 4.77 16.69 4.52
C THR A 59 3.72 17.28 5.47
N LYS A 60 3.01 18.27 4.97
CA LYS A 60 1.98 18.93 5.76
C LYS A 60 0.87 17.92 6.08
N PHE A 61 0.25 17.41 5.02
CA PHE A 61 -0.81 16.44 5.18
C PHE A 61 -0.37 15.26 6.05
N ALA A 62 0.91 14.89 5.87
CA ALA A 62 1.46 13.79 6.63
C ALA A 62 1.47 14.14 8.12
N ALA A 63 1.84 15.38 8.40
CA ALA A 63 1.89 15.85 9.78
C ALA A 63 0.46 16.12 10.27
N ALA A 64 -0.41 16.42 9.32
CA ALA A 64 -1.80 16.69 9.64
C ALA A 64 -2.54 15.37 9.88
N VAL A 65 -2.18 14.38 9.07
CA VAL A 65 -2.79 13.06 9.18
C VAL A 65 -2.18 12.32 10.36
N LYS A 66 -0.93 12.64 10.65
CA LYS A 66 -0.21 12.01 11.75
C LYS A 66 -1.07 12.10 13.02
N GLU A 67 -1.44 13.33 13.36
CA GLU A 67 -2.25 13.55 14.54
C GLU A 67 -3.36 12.52 14.64
N GLN A 68 -4.38 12.71 13.81
CA GLN A 68 -5.51 11.80 13.78
C GLN A 68 -5.03 10.36 13.55
N ASP A 69 -5.95 9.43 13.71
CA ASP A 69 -5.64 8.02 13.53
C ASP A 69 -6.00 7.61 12.10
N LEU A 70 -5.01 7.04 11.42
CA LEU A 70 -5.21 6.60 10.05
C LEU A 70 -3.98 5.81 9.59
N SER A 71 -2.88 6.53 9.39
CA SER A 71 -1.65 5.91 8.95
C SER A 71 -1.22 4.84 9.96
N ASP A 72 -1.03 5.27 11.20
CA ASP A 72 -0.62 4.37 12.26
C ASP A 72 -1.39 3.06 12.13
N GLU A 73 -2.70 3.19 11.93
CA GLU A 73 -3.56 2.02 11.79
C GLU A 73 -2.93 1.02 10.81
N LYS A 74 -2.43 1.55 9.71
CA LYS A 74 -1.81 0.72 8.69
C LYS A 74 -0.46 0.21 9.21
N VAL A 75 0.23 1.07 9.94
CA VAL A 75 1.52 0.73 10.50
C VAL A 75 1.33 -0.36 11.57
N GLY A 76 0.17 -0.32 12.20
CA GLY A 76 -0.15 -1.29 13.24
C GLY A 76 -0.31 -2.69 12.64
N LEU A 77 -1.02 -2.75 11.53
CA LEU A 77 -1.25 -4.02 10.87
C LEU A 77 0.08 -4.56 10.32
N LYS A 78 0.71 -3.73 9.49
CA LYS A 78 1.98 -4.10 8.89
C LYS A 78 2.89 -4.71 9.98
N ILE A 79 3.09 -3.93 11.03
CA ILE A 79 3.93 -4.36 12.13
C ILE A 79 3.49 -5.76 12.58
N LEU A 80 2.26 -5.84 13.07
CA LEU A 80 1.71 -7.09 13.53
C LEU A 80 1.95 -8.17 12.47
N TYR A 81 1.75 -7.77 11.22
CA TYR A 81 1.94 -8.69 10.11
C TYR A 81 3.35 -9.27 10.10
N LYS A 82 4.30 -8.43 10.48
CA LYS A 82 5.70 -8.84 10.53
C LYS A 82 5.95 -9.63 11.82
N LEU A 83 5.43 -9.09 12.91
CA LEU A 83 5.58 -9.73 14.21
C LEU A 83 4.90 -11.09 14.19
N MET A 84 3.56 -11.05 14.15
CA MET A 84 2.78 -12.27 14.14
C MET A 84 3.38 -13.29 13.16
N ASP A 85 4.09 -12.77 12.17
CA ASP A 85 4.71 -13.62 11.18
C ASP A 85 5.84 -14.43 11.83
N ALA A 86 5.44 -15.50 12.50
CA ALA A 86 6.41 -16.35 13.18
C ALA A 86 6.87 -17.45 12.22
N ASP A 87 5.92 -17.92 11.41
CA ASP A 87 6.21 -18.98 10.45
C ASP A 87 6.43 -18.35 9.07
N GLY A 88 5.60 -17.36 8.77
CA GLY A 88 5.68 -16.67 7.49
C GLY A 88 7.10 -16.13 7.25
N ASP A 89 7.57 -15.36 8.23
CA ASP A 89 8.90 -14.76 8.13
C ASP A 89 8.86 -13.59 7.15
N GLY A 90 7.66 -13.23 6.76
CA GLY A 90 7.48 -12.12 5.83
C GLY A 90 6.08 -12.15 5.21
N LYS A 91 5.74 -13.29 4.62
CA LYS A 91 4.44 -13.46 4.00
C LYS A 91 3.51 -14.20 4.96
N LEU A 92 2.24 -13.82 4.91
CA LEU A 92 1.25 -14.44 5.76
C LEU A 92 0.41 -15.42 4.93
N THR A 93 0.46 -16.68 5.33
CA THR A 93 -0.29 -17.72 4.64
C THR A 93 -1.76 -17.69 5.06
N LYS A 94 -2.60 -18.22 4.20
CA LYS A 94 -4.03 -18.27 4.46
C LYS A 94 -4.25 -18.40 5.98
N GLU A 95 -4.00 -19.59 6.48
CA GLU A 95 -4.17 -19.86 7.90
C GLU A 95 -3.67 -18.68 8.73
N GLU A 96 -2.43 -18.30 8.45
CA GLU A 96 -1.82 -17.18 9.16
C GLU A 96 -2.70 -15.94 9.07
N VAL A 97 -3.01 -15.56 7.83
CA VAL A 97 -3.84 -14.40 7.59
C VAL A 97 -5.20 -14.61 8.25
N THR A 98 -5.91 -15.63 7.78
CA THR A 98 -7.22 -15.94 8.33
C THR A 98 -7.25 -15.69 9.84
N THR A 99 -6.30 -16.30 10.52
CA THR A 99 -6.20 -16.15 11.97
C THR A 99 -5.75 -14.73 12.33
N PHE A 100 -4.65 -14.32 11.72
CA PHE A 100 -4.11 -13.00 11.96
C PHE A 100 -5.16 -11.92 11.70
N PHE A 101 -5.48 -11.74 10.43
CA PHE A 101 -6.47 -10.76 10.03
C PHE A 101 -7.71 -10.84 10.92
N LYS A 102 -8.10 -12.06 11.22
CA LYS A 102 -9.27 -12.29 12.06
C LYS A 102 -9.00 -11.76 13.46
N LYS A 103 -7.92 -12.27 14.05
CA LYS A 103 -7.54 -11.85 15.40
C LYS A 103 -7.48 -10.33 15.46
N PHE A 104 -7.23 -9.72 14.30
CA PHE A 104 -7.16 -8.28 14.21
C PHE A 104 -8.56 -7.65 14.16
N GLY A 105 -9.44 -8.30 13.41
CA GLY A 105 -10.79 -7.82 13.26
C GLY A 105 -11.20 -7.76 11.79
N TYR A 106 -11.08 -8.91 11.13
CA TYR A 106 -11.43 -9.00 9.71
C TYR A 106 -12.07 -10.35 9.39
N GLU A 107 -13.10 -10.68 10.16
CA GLU A 107 -13.81 -11.93 9.97
C GLU A 107 -14.74 -11.84 8.77
N LYS A 108 -14.17 -11.46 7.64
CA LYS A 108 -14.93 -11.34 6.41
C LYS A 108 -13.97 -11.27 5.21
N VAL A 109 -12.91 -10.50 5.39
CA VAL A 109 -11.92 -10.34 4.34
C VAL A 109 -11.40 -11.73 3.93
N VAL A 110 -11.42 -12.65 4.89
CA VAL A 110 -10.95 -13.99 4.63
C VAL A 110 -11.41 -14.44 3.25
N ASP A 111 -12.62 -14.02 2.89
CA ASP A 111 -13.18 -14.35 1.60
C ASP A 111 -12.34 -13.70 0.49
N GLN A 112 -12.16 -12.40 0.62
CA GLN A 112 -11.38 -11.66 -0.35
C GLN A 112 -9.91 -12.09 -0.31
N ILE A 113 -9.49 -12.52 0.87
CA ILE A 113 -8.12 -12.97 1.05
C ILE A 113 -7.85 -14.17 0.16
N MET A 114 -8.69 -15.18 0.32
CA MET A 114 -8.56 -16.40 -0.47
C MET A 114 -8.84 -16.13 -1.95
N LYS A 115 -9.71 -15.15 -2.17
CA LYS A 115 -10.07 -14.78 -3.53
C LYS A 115 -9.12 -13.70 -4.04
N ALA A 116 -8.18 -13.33 -3.18
CA ALA A 116 -7.20 -12.32 -3.53
C ALA A 116 -5.97 -12.99 -4.16
N ASP A 117 -5.44 -13.97 -3.43
CA ASP A 117 -4.28 -14.70 -3.90
C ASP A 117 -4.74 -15.93 -4.68
N ALA A 118 -3.95 -16.28 -5.69
CA ALA A 118 -4.27 -17.43 -6.53
C ALA A 118 -3.40 -17.39 -7.79
N ASN A 119 -2.14 -17.01 -7.60
CA ASN A 119 -1.20 -16.93 -8.70
C ASN A 119 -0.11 -17.98 -8.50
N GLY A 120 0.54 -17.90 -7.36
CA GLY A 120 1.62 -18.83 -7.04
C GLY A 120 2.27 -18.48 -5.70
N ASP A 121 1.43 -18.02 -4.78
CA ASP A 121 1.91 -17.65 -3.46
C ASP A 121 1.03 -18.32 -2.40
N GLY A 122 -0.27 -18.25 -2.62
CA GLY A 122 -1.22 -18.85 -1.70
C GLY A 122 -1.19 -18.14 -0.34
N TYR A 123 -0.44 -17.04 -0.30
CA TYR A 123 -0.32 -16.26 0.92
C TYR A 123 -0.55 -14.77 0.65
N ILE A 124 -0.45 -14.00 1.72
CA ILE A 124 -0.65 -12.56 1.62
C ILE A 124 0.28 -11.85 2.61
N THR A 125 1.14 -11.00 2.08
CA THR A 125 2.07 -10.26 2.89
C THR A 125 1.45 -8.94 3.37
N LEU A 126 2.21 -8.21 4.16
CA LEU A 126 1.74 -6.93 4.67
C LEU A 126 1.34 -6.03 3.51
N GLU A 127 2.20 -6.01 2.50
CA GLU A 127 1.95 -5.19 1.33
C GLU A 127 0.70 -5.69 0.59
N GLU A 128 0.44 -6.98 0.75
CA GLU A 128 -0.70 -7.59 0.10
C GLU A 128 -2.00 -7.12 0.77
N PHE A 129 -2.05 -7.32 2.08
CA PHE A 129 -3.22 -6.93 2.85
C PHE A 129 -3.51 -5.44 2.68
N LEU A 130 -2.44 -4.66 2.69
CA LEU A 130 -2.57 -3.22 2.55
C LEU A 130 -2.80 -2.88 1.06
N ALA A 131 -2.35 -3.78 0.21
CA ALA A 131 -2.49 -3.59 -1.22
C ALA A 131 -3.99 -3.59 -1.58
N PHE A 132 -4.66 -4.64 -1.17
CA PHE A 132 -6.08 -4.78 -1.43
C PHE A 132 -6.84 -3.52 -1.02
N ASN A 133 -6.22 -2.76 -0.14
CA ASN A 133 -6.82 -1.52 0.34
C ASN A 133 -5.88 -0.35 0.02
N LEU A 134 -5.15 -0.50 -1.07
CA LEU A 134 -4.22 0.53 -1.49
C LEU A 134 -5.00 1.79 -1.90
N MET A 1 19.00 24.20 -9.25
CA MET A 1 20.15 23.35 -9.51
C MET A 1 20.18 22.15 -8.55
N ALA A 2 20.17 22.47 -7.26
CA ALA A 2 20.21 21.45 -6.23
C ALA A 2 18.77 21.16 -5.76
N GLU A 3 18.67 20.31 -4.76
CA GLU A 3 17.38 19.95 -4.20
C GLU A 3 16.49 21.19 -4.10
N ALA A 4 15.32 21.11 -4.72
CA ALA A 4 14.37 22.20 -4.69
C ALA A 4 12.97 21.67 -4.97
N LEU A 5 12.01 22.58 -4.96
CA LEU A 5 10.63 22.21 -5.22
C LEU A 5 10.53 21.52 -6.58
N PHE A 6 9.54 20.64 -6.69
CA PHE A 6 9.32 19.90 -7.92
C PHE A 6 9.05 20.87 -9.08
N LYS A 7 8.67 22.08 -8.74
CA LYS A 7 8.38 23.10 -9.74
C LYS A 7 9.41 23.00 -10.87
N GLN A 8 10.64 23.39 -10.55
CA GLN A 8 11.72 23.35 -11.52
C GLN A 8 11.78 21.97 -12.19
N LEU A 9 12.00 20.96 -11.36
CA LEU A 9 12.08 19.59 -11.86
C LEU A 9 11.05 19.40 -12.97
N ASP A 10 9.88 19.99 -12.77
CA ASP A 10 8.81 19.88 -13.73
C ASP A 10 9.03 20.90 -14.85
N ALA A 11 8.93 22.17 -14.48
CA ALA A 11 9.12 23.25 -15.44
C ALA A 11 7.97 23.24 -16.44
N ASN A 12 7.71 22.07 -17.00
CA ASN A 12 6.65 21.92 -17.97
C ASN A 12 5.47 22.81 -17.57
N GLY A 13 5.32 22.98 -16.26
CA GLY A 13 4.24 23.80 -15.74
C GLY A 13 2.89 23.12 -15.94
N ASP A 14 2.71 22.01 -15.23
CA ASP A 14 1.46 21.26 -15.32
C ASP A 14 0.72 21.34 -13.99
N GLY A 15 1.50 21.43 -12.92
CA GLY A 15 0.93 21.53 -11.58
C GLY A 15 0.25 20.22 -11.19
N SER A 16 0.52 19.19 -11.97
CA SER A 16 -0.05 17.87 -11.72
C SER A 16 0.52 16.85 -12.70
N VAL A 17 0.67 15.63 -12.20
CA VAL A 17 1.21 14.55 -13.02
C VAL A 17 1.29 13.28 -12.19
N SER A 18 1.89 12.26 -12.78
CA SER A 18 2.04 10.98 -12.10
C SER A 18 3.30 11.00 -11.22
N TYR A 19 3.06 11.20 -9.94
CA TYR A 19 4.16 11.25 -8.97
C TYR A 19 5.29 10.29 -9.39
N GLU A 20 4.88 9.21 -10.05
CA GLU A 20 5.85 8.22 -10.50
C GLU A 20 7.09 8.90 -11.07
N GLU A 21 6.84 9.92 -11.89
CA GLU A 21 7.92 10.66 -12.52
C GLU A 21 8.72 11.42 -11.45
N VAL A 22 8.00 11.89 -10.45
CA VAL A 22 8.63 12.64 -9.37
C VAL A 22 9.38 11.67 -8.45
N LYS A 23 8.82 10.47 -8.35
CA LYS A 23 9.42 9.44 -7.50
C LYS A 23 10.82 9.11 -8.02
N ALA A 24 10.93 9.05 -9.34
CA ALA A 24 12.20 8.74 -9.97
C ALA A 24 13.13 9.95 -9.83
N PHE A 25 12.58 11.12 -10.08
CA PHE A 25 13.34 12.35 -10.00
C PHE A 25 14.05 12.45 -8.65
N VAL A 26 13.32 12.11 -7.60
CA VAL A 26 13.87 12.16 -6.25
C VAL A 26 14.72 10.91 -6.01
N SER A 27 14.09 9.76 -6.20
CA SER A 27 14.77 8.49 -6.00
C SER A 27 16.20 8.57 -6.56
N SER A 28 16.35 9.41 -7.57
CA SER A 28 17.65 9.58 -8.20
C SER A 28 18.27 10.92 -7.77
N LYS A 29 18.25 11.14 -6.47
CA LYS A 29 18.80 12.36 -5.90
C LYS A 29 19.41 12.06 -4.53
N ARG A 30 18.61 12.28 -3.51
CA ARG A 30 19.07 12.04 -2.14
C ARG A 30 18.95 10.56 -1.81
N PRO A 31 17.72 10.01 -2.01
CA PRO A 31 17.47 8.60 -1.73
C PRO A 31 18.10 7.70 -2.80
N ILE A 32 17.74 6.44 -2.74
CA ILE A 32 18.25 5.47 -3.70
C ILE A 32 17.24 4.34 -3.87
N LYS A 33 16.76 3.85 -2.74
CA LYS A 33 15.79 2.76 -2.74
C LYS A 33 14.58 3.16 -1.87
N ASN A 34 13.41 3.08 -2.48
CA ASN A 34 12.19 3.43 -1.77
C ASN A 34 11.11 3.82 -2.79
N GLU A 35 11.58 4.24 -3.96
CA GLU A 35 10.68 4.65 -5.02
C GLU A 35 9.51 3.66 -5.14
N GLN A 36 9.80 2.40 -4.83
CA GLN A 36 8.80 1.36 -4.89
C GLN A 36 7.65 1.68 -3.93
N LEU A 37 8.00 1.78 -2.66
CA LEU A 37 7.02 2.08 -1.62
C LEU A 37 6.38 3.44 -1.92
N LEU A 38 7.11 4.27 -2.64
CA LEU A 38 6.63 5.59 -2.99
C LEU A 38 5.46 5.46 -3.97
N GLN A 39 5.79 5.06 -5.19
CA GLN A 39 4.77 4.88 -6.21
C GLN A 39 3.58 4.12 -5.66
N LEU A 40 3.87 3.14 -4.84
CA LEU A 40 2.83 2.33 -4.22
C LEU A 40 1.91 3.23 -3.40
N ILE A 41 2.49 3.89 -2.42
CA ILE A 41 1.75 4.78 -1.55
C ILE A 41 1.06 5.84 -2.40
N PHE A 42 1.85 6.50 -3.24
CA PHE A 42 1.33 7.53 -4.12
C PHE A 42 0.11 7.03 -4.91
N LYS A 43 0.38 6.08 -5.78
CA LYS A 43 -0.67 5.50 -6.61
C LYS A 43 -1.93 5.35 -5.77
N ALA A 44 -1.82 4.54 -4.73
CA ALA A 44 -2.95 4.31 -3.84
C ALA A 44 -3.44 5.64 -3.27
N ILE A 45 -2.48 6.50 -2.96
CA ILE A 45 -2.80 7.81 -2.42
C ILE A 45 -3.64 8.59 -3.43
N ASP A 46 -3.64 8.10 -4.66
CA ASP A 46 -4.40 8.74 -5.72
C ASP A 46 -5.70 7.96 -5.96
N ILE A 47 -5.66 7.12 -6.99
CA ILE A 47 -6.81 6.31 -7.33
C ILE A 47 -8.08 7.16 -7.18
N ASP A 48 -7.92 8.46 -7.36
CA ASP A 48 -9.03 9.38 -7.25
C ASP A 48 -9.89 9.28 -8.51
N GLY A 49 -9.46 8.42 -9.42
CA GLY A 49 -10.19 8.22 -10.66
C GLY A 49 -9.32 8.59 -11.87
N ASN A 50 -8.03 8.34 -11.72
CA ASN A 50 -7.08 8.64 -12.78
C ASN A 50 -5.76 7.91 -12.51
N GLY A 51 -4.89 8.59 -11.78
CA GLY A 51 -3.59 8.03 -11.45
C GLY A 51 -2.55 9.12 -11.27
N GLU A 52 -2.85 10.29 -11.80
CA GLU A 52 -1.95 11.43 -11.71
C GLU A 52 -2.32 12.30 -10.51
N ILE A 53 -1.28 12.76 -9.82
CA ILE A 53 -1.47 13.59 -8.65
C ILE A 53 -0.67 14.88 -8.81
N ASP A 54 -0.75 15.73 -7.80
CA ASP A 54 -0.04 17.00 -7.82
C ASP A 54 0.71 17.18 -6.50
N LEU A 55 1.99 17.52 -6.63
CA LEU A 55 2.83 17.73 -5.45
C LEU A 55 2.01 18.40 -4.36
N ALA A 56 1.13 19.29 -4.78
CA ALA A 56 0.28 20.01 -3.84
C ALA A 56 -0.59 19.00 -3.08
N GLU A 57 -1.33 18.21 -3.84
CA GLU A 57 -2.21 17.21 -3.25
C GLU A 57 -1.45 16.39 -2.20
N PHE A 58 -0.19 16.11 -2.51
CA PHE A 58 0.65 15.35 -1.60
C PHE A 58 0.97 16.16 -0.34
N THR A 59 1.62 17.30 -0.55
CA THR A 59 1.98 18.16 0.56
C THR A 59 0.80 18.33 1.52
N LYS A 60 -0.34 18.67 0.93
CA LYS A 60 -1.55 18.87 1.72
C LYS A 60 -1.85 17.61 2.51
N PHE A 61 -2.22 16.56 1.78
CA PHE A 61 -2.55 15.29 2.39
C PHE A 61 -1.49 14.90 3.42
N ALA A 62 -0.26 15.30 3.15
CA ALA A 62 0.84 15.00 4.04
C ALA A 62 0.65 15.74 5.37
N ALA A 63 0.24 16.99 5.25
CA ALA A 63 0.01 17.82 6.43
C ALA A 63 -1.33 17.42 7.06
N ALA A 64 -2.24 16.96 6.22
CA ALA A 64 -3.55 16.54 6.69
C ALA A 64 -3.43 15.17 7.37
N VAL A 65 -2.54 14.36 6.83
CA VAL A 65 -2.32 13.02 7.37
C VAL A 65 -1.41 13.12 8.59
N LYS A 66 -0.53 14.11 8.56
CA LYS A 66 0.40 14.32 9.67
C LYS A 66 -0.40 14.59 10.94
N GLU A 67 -1.22 15.64 10.87
CA GLU A 67 -2.03 16.02 12.02
C GLU A 67 -3.35 15.26 12.01
N GLN A 68 -3.23 13.94 11.98
CA GLN A 68 -4.41 13.08 11.97
C GLN A 68 -3.99 11.61 11.96
N ASP A 69 -4.75 10.81 12.70
CA ASP A 69 -4.47 9.39 12.79
C ASP A 69 -5.25 8.65 11.69
N LEU A 70 -4.51 7.92 10.87
CA LEU A 70 -5.12 7.17 9.79
C LEU A 70 -4.12 6.12 9.29
N SER A 71 -2.95 6.59 8.89
CA SER A 71 -1.91 5.70 8.40
C SER A 71 -1.41 4.80 9.52
N ASP A 72 -1.12 5.44 10.65
CA ASP A 72 -0.63 4.70 11.81
C ASP A 72 -1.48 3.45 12.02
N GLU A 73 -2.78 3.63 11.82
CA GLU A 73 -3.71 2.53 11.98
C GLU A 73 -3.27 1.32 11.16
N LYS A 74 -2.90 1.60 9.92
CA LYS A 74 -2.45 0.55 9.02
C LYS A 74 -1.02 0.14 9.39
N VAL A 75 -0.28 1.11 9.90
CA VAL A 75 1.09 0.87 10.30
C VAL A 75 1.12 -0.15 11.45
N GLY A 76 0.14 -0.01 12.33
CA GLY A 76 0.04 -0.91 13.48
C GLY A 76 -0.05 -2.37 13.02
N LEU A 77 -1.14 -2.67 12.31
CA LEU A 77 -1.36 -4.02 11.82
C LEU A 77 -0.11 -4.49 11.05
N LYS A 78 0.44 -3.56 10.27
CA LYS A 78 1.62 -3.87 9.49
C LYS A 78 2.71 -4.44 10.41
N ILE A 79 3.12 -3.61 11.37
CA ILE A 79 4.14 -4.02 12.32
C ILE A 79 3.79 -5.40 12.88
N LEU A 80 2.51 -5.56 13.21
CA LEU A 80 2.05 -6.82 13.76
C LEU A 80 2.16 -7.91 12.69
N TYR A 81 1.98 -7.50 11.44
CA TYR A 81 2.05 -8.42 10.32
C TYR A 81 3.49 -8.83 10.05
N LYS A 82 4.40 -7.88 10.28
CA LYS A 82 5.81 -8.13 10.07
C LYS A 82 6.38 -8.90 11.26
N LEU A 83 5.99 -8.47 12.45
CA LEU A 83 6.46 -9.11 13.66
C LEU A 83 5.73 -10.44 13.85
N MET A 84 4.43 -10.34 14.12
CA MET A 84 3.62 -11.52 14.32
C MET A 84 3.68 -12.44 13.10
N ASP A 85 3.37 -11.85 11.95
CA ASP A 85 3.38 -12.60 10.71
C ASP A 85 2.86 -14.02 10.96
N ALA A 86 3.79 -14.93 11.19
CA ALA A 86 3.44 -16.32 11.44
C ALA A 86 4.70 -17.12 11.76
N ASP A 87 5.65 -17.05 10.84
CA ASP A 87 6.91 -17.76 11.00
C ASP A 87 8.02 -16.74 11.30
N GLY A 88 7.89 -15.58 10.69
CA GLY A 88 8.87 -14.52 10.88
C GLY A 88 9.69 -14.29 9.61
N ASP A 89 9.07 -14.63 8.48
CA ASP A 89 9.73 -14.47 7.19
C ASP A 89 9.15 -13.25 6.48
N GLY A 90 7.83 -13.23 6.39
CA GLY A 90 7.13 -12.14 5.73
C GLY A 90 6.13 -12.65 4.70
N LYS A 91 5.41 -13.69 5.10
CA LYS A 91 4.41 -14.28 4.23
C LYS A 91 3.34 -14.97 5.07
N LEU A 92 2.14 -14.39 5.02
CA LEU A 92 1.02 -14.93 5.77
C LEU A 92 0.12 -15.74 4.84
N THR A 93 0.11 -17.05 5.07
CA THR A 93 -0.69 -17.95 4.26
C THR A 93 -2.16 -17.90 4.71
N LYS A 94 -2.99 -18.58 3.95
CA LYS A 94 -4.42 -18.64 4.25
C LYS A 94 -4.61 -18.77 5.76
N GLU A 95 -4.55 -20.01 6.23
CA GLU A 95 -4.71 -20.28 7.64
C GLU A 95 -4.09 -19.17 8.48
N GLU A 96 -2.87 -18.80 8.10
CA GLU A 96 -2.16 -17.75 8.80
C GLU A 96 -2.97 -16.45 8.79
N VAL A 97 -3.05 -15.85 7.62
CA VAL A 97 -3.79 -14.61 7.46
C VAL A 97 -5.17 -14.77 8.11
N THR A 98 -5.92 -15.72 7.60
CA THR A 98 -7.26 -15.98 8.11
C THR A 98 -7.29 -15.76 9.63
N THR A 99 -6.33 -16.36 10.31
CA THR A 99 -6.24 -16.25 11.75
C THR A 99 -5.78 -14.84 12.14
N PHE A 100 -4.70 -14.41 11.50
CA PHE A 100 -4.15 -13.09 11.77
C PHE A 100 -5.20 -12.00 11.54
N PHE A 101 -5.60 -11.87 10.29
CA PHE A 101 -6.59 -10.88 9.91
C PHE A 101 -7.84 -10.99 10.80
N LYS A 102 -8.17 -12.22 11.14
CA LYS A 102 -9.33 -12.48 11.98
C LYS A 102 -9.03 -12.05 13.41
N LYS A 103 -7.78 -12.25 13.80
CA LYS A 103 -7.34 -11.89 15.14
C LYS A 103 -7.38 -10.36 15.29
N PHE A 104 -7.06 -9.69 14.20
CA PHE A 104 -7.05 -8.23 14.21
C PHE A 104 -8.48 -7.68 14.19
N GLY A 105 -9.31 -8.28 13.34
CA GLY A 105 -10.69 -7.87 13.22
C GLY A 105 -11.13 -7.86 11.75
N TYR A 106 -10.76 -8.92 11.05
CA TYR A 106 -11.10 -9.06 9.64
C TYR A 106 -11.40 -10.51 9.29
N GLU A 107 -12.64 -10.92 9.54
CA GLU A 107 -13.07 -12.27 9.25
C GLU A 107 -13.85 -12.31 7.94
N LYS A 108 -14.51 -11.20 7.64
CA LYS A 108 -15.29 -11.11 6.42
C LYS A 108 -14.36 -10.93 5.23
N VAL A 109 -13.10 -10.69 5.53
CA VAL A 109 -12.09 -10.51 4.50
C VAL A 109 -11.68 -11.86 3.94
N VAL A 110 -11.86 -12.88 4.77
CA VAL A 110 -11.51 -14.23 4.37
C VAL A 110 -11.90 -14.46 2.92
N ASP A 111 -13.02 -13.86 2.55
CA ASP A 111 -13.53 -13.99 1.19
C ASP A 111 -12.57 -13.29 0.23
N GLN A 112 -12.29 -12.03 0.53
CA GLN A 112 -11.39 -11.24 -0.29
C GLN A 112 -9.97 -11.82 -0.23
N ILE A 113 -9.68 -12.45 0.89
CA ILE A 113 -8.37 -13.05 1.10
C ILE A 113 -8.17 -14.20 0.10
N MET A 114 -9.15 -15.09 0.09
CA MET A 114 -9.10 -16.23 -0.81
C MET A 114 -9.20 -15.79 -2.27
N LYS A 115 -9.91 -14.70 -2.48
CA LYS A 115 -10.10 -14.16 -3.81
C LYS A 115 -8.96 -13.19 -4.12
N ALA A 116 -8.19 -12.88 -3.09
CA ALA A 116 -7.07 -11.97 -3.24
C ALA A 116 -5.91 -12.69 -3.91
N ASP A 117 -5.51 -13.81 -3.32
CA ASP A 117 -4.42 -14.60 -3.86
C ASP A 117 -4.99 -15.77 -4.67
N ALA A 118 -4.27 -16.12 -5.71
CA ALA A 118 -4.68 -17.21 -6.57
C ALA A 118 -3.93 -17.14 -7.90
N ASN A 119 -2.65 -16.84 -7.80
CA ASN A 119 -1.81 -16.73 -8.98
C ASN A 119 -0.72 -17.80 -8.93
N GLY A 120 -0.04 -17.86 -7.78
CA GLY A 120 1.02 -18.83 -7.61
C GLY A 120 1.75 -18.59 -6.28
N ASP A 121 0.98 -18.22 -5.28
CA ASP A 121 1.53 -17.96 -3.96
C ASP A 121 0.67 -18.64 -2.90
N GLY A 122 -0.63 -18.48 -3.04
CA GLY A 122 -1.58 -19.07 -2.10
C GLY A 122 -1.42 -18.46 -0.71
N TYR A 123 -0.60 -17.43 -0.64
CA TYR A 123 -0.37 -16.75 0.62
C TYR A 123 -0.53 -15.23 0.48
N ILE A 124 -0.32 -14.53 1.58
CA ILE A 124 -0.45 -13.09 1.58
C ILE A 124 0.61 -12.49 2.51
N THR A 125 1.47 -11.66 1.93
CA THR A 125 2.53 -11.02 2.69
C THR A 125 2.04 -9.68 3.27
N LEU A 126 2.74 -9.23 4.30
CA LEU A 126 2.39 -7.98 4.96
C LEU A 126 1.94 -6.97 3.90
N GLU A 127 2.73 -6.88 2.84
CA GLU A 127 2.43 -5.95 1.75
C GLU A 127 1.08 -6.31 1.12
N GLU A 128 0.95 -7.58 0.76
CA GLU A 128 -0.28 -8.06 0.14
C GLU A 128 -1.49 -7.52 0.90
N PHE A 129 -1.61 -7.96 2.16
CA PHE A 129 -2.72 -7.53 2.99
C PHE A 129 -2.89 -6.02 2.94
N LEU A 130 -1.79 -5.32 3.17
CA LEU A 130 -1.81 -3.86 3.16
C LEU A 130 -2.16 -3.38 1.75
N ALA A 131 -1.95 -4.26 0.79
CA ALA A 131 -2.24 -3.93 -0.60
C ALA A 131 -3.76 -3.89 -0.80
N PHE A 132 -4.42 -4.92 -0.31
CA PHE A 132 -5.86 -5.02 -0.44
C PHE A 132 -6.53 -3.70 -0.02
N ASN A 133 -5.81 -2.94 0.79
CA ASN A 133 -6.33 -1.67 1.27
C ASN A 133 -5.86 -0.55 0.33
N LEU A 134 -4.61 -0.68 -0.12
CA LEU A 134 -4.04 0.31 -1.01
C LEU A 134 -4.98 0.51 -2.21
N MET A 1 28.07 18.46 -14.97
CA MET A 1 28.84 18.92 -13.83
C MET A 1 28.39 18.24 -12.54
N ALA A 2 27.09 18.25 -12.33
CA ALA A 2 26.52 17.64 -11.14
C ALA A 2 24.99 17.73 -11.21
N GLU A 3 24.35 16.64 -10.81
CA GLU A 3 22.90 16.57 -10.83
C GLU A 3 22.41 15.21 -10.33
N ALA A 4 21.20 15.19 -9.81
CA ALA A 4 20.62 13.97 -9.29
C ALA A 4 19.15 14.22 -8.94
N LEU A 5 18.29 14.02 -9.93
CA LEU A 5 16.86 14.22 -9.73
C LEU A 5 16.12 13.76 -10.99
N PHE A 6 14.90 13.30 -10.77
CA PHE A 6 14.07 12.82 -11.86
C PHE A 6 13.42 13.99 -12.60
N LYS A 7 13.18 15.06 -11.87
CA LYS A 7 12.58 16.25 -12.45
C LYS A 7 13.21 16.53 -13.81
N GLN A 8 14.53 16.63 -13.81
CA GLN A 8 15.26 16.89 -15.04
C GLN A 8 14.87 15.89 -16.12
N LEU A 9 14.59 14.67 -15.68
CA LEU A 9 14.19 13.61 -16.60
C LEU A 9 12.70 13.76 -16.94
N ASP A 10 11.96 14.24 -15.95
CA ASP A 10 10.53 14.44 -16.14
C ASP A 10 10.29 15.75 -16.88
N ALA A 11 11.36 16.50 -17.06
CA ALA A 11 11.28 17.78 -17.75
C ALA A 11 10.16 17.71 -18.79
N ASN A 12 10.04 16.55 -19.42
CA ASN A 12 9.02 16.35 -20.43
C ASN A 12 7.75 17.10 -20.02
N GLY A 13 7.55 17.19 -18.72
CA GLY A 13 6.38 17.87 -18.19
C GLY A 13 5.17 16.93 -18.14
N ASP A 14 5.41 15.72 -17.65
CA ASP A 14 4.36 14.73 -17.54
C ASP A 14 4.08 14.45 -16.07
N GLY A 15 5.02 14.85 -15.22
CA GLY A 15 4.88 14.65 -13.79
C GLY A 15 4.88 13.15 -13.45
N SER A 16 3.81 12.49 -13.88
CA SER A 16 3.67 11.07 -13.63
C SER A 16 4.22 10.27 -14.81
N VAL A 17 4.52 9.01 -14.54
CA VAL A 17 5.05 8.12 -15.58
C VAL A 17 5.33 6.75 -14.96
N SER A 18 5.96 5.90 -15.77
CA SER A 18 6.29 4.56 -15.33
C SER A 18 7.64 4.57 -14.61
N TYR A 19 7.58 4.65 -13.29
CA TYR A 19 8.78 4.67 -12.47
C TYR A 19 9.88 3.82 -13.10
N GLU A 20 9.45 2.77 -13.79
CA GLU A 20 10.39 1.87 -14.43
C GLU A 20 11.46 2.67 -15.19
N GLU A 21 11.02 3.79 -15.74
CA GLU A 21 11.92 4.65 -16.49
C GLU A 21 12.96 5.27 -15.55
N VAL A 22 12.52 5.56 -14.34
CA VAL A 22 13.41 6.16 -13.35
C VAL A 22 14.32 5.07 -12.77
N LYS A 23 13.83 3.84 -12.85
CA LYS A 23 14.58 2.71 -12.33
C LYS A 23 15.81 2.47 -13.22
N ALA A 24 15.60 2.62 -14.52
CA ALA A 24 16.67 2.42 -15.48
C ALA A 24 17.62 3.62 -15.43
N PHE A 25 17.03 4.80 -15.32
CA PHE A 25 17.82 6.02 -15.26
C PHE A 25 18.79 5.99 -14.08
N VAL A 26 18.31 5.48 -12.96
CA VAL A 26 19.12 5.38 -11.77
C VAL A 26 20.01 4.14 -11.86
N SER A 27 19.49 3.13 -12.54
CA SER A 27 20.21 1.88 -12.71
C SER A 27 21.45 2.12 -13.59
N SER A 28 21.37 3.17 -14.39
CA SER A 28 22.46 3.51 -15.29
C SER A 28 23.47 4.39 -14.56
N LYS A 29 23.73 4.04 -13.31
CA LYS A 29 24.67 4.80 -12.50
C LYS A 29 25.66 3.84 -11.84
N ARG A 30 25.30 3.39 -10.65
CA ARG A 30 26.14 2.46 -9.91
C ARG A 30 25.91 1.04 -10.39
N PRO A 31 24.64 0.59 -10.30
CA PRO A 31 24.27 -0.75 -10.72
C PRO A 31 24.24 -0.85 -12.25
N ILE A 32 23.54 -1.88 -12.73
CA ILE A 32 23.42 -2.10 -14.17
C ILE A 32 22.21 -2.99 -14.44
N LYS A 33 22.10 -4.04 -13.65
CA LYS A 33 20.99 -4.98 -13.79
C LYS A 33 20.26 -5.11 -12.46
N ASN A 34 19.00 -4.69 -12.47
CA ASN A 34 18.19 -4.76 -11.27
C ASN A 34 16.88 -4.01 -11.51
N GLU A 35 16.97 -2.97 -12.32
CA GLU A 35 15.80 -2.16 -12.64
C GLU A 35 14.66 -3.05 -13.13
N GLN A 36 15.04 -4.17 -13.73
CA GLN A 36 14.06 -5.11 -14.24
C GLN A 36 13.29 -5.75 -13.10
N LEU A 37 14.04 -6.36 -12.18
CA LEU A 37 13.44 -7.02 -11.03
C LEU A 37 12.69 -5.98 -10.19
N LEU A 38 13.20 -4.75 -10.23
CA LEU A 38 12.59 -3.67 -9.48
C LEU A 38 11.33 -3.19 -10.21
N GLN A 39 11.56 -2.59 -11.37
CA GLN A 39 10.47 -2.08 -12.19
C GLN A 39 9.27 -3.04 -12.13
N LEU A 40 9.60 -4.32 -12.15
CA LEU A 40 8.56 -5.34 -12.10
C LEU A 40 7.98 -5.41 -10.69
N ILE A 41 8.88 -5.45 -9.72
CA ILE A 41 8.47 -5.52 -8.32
C ILE A 41 7.66 -4.28 -7.98
N PHE A 42 8.05 -3.15 -8.58
CA PHE A 42 7.36 -1.90 -8.34
C PHE A 42 6.07 -1.83 -9.14
N LYS A 43 6.20 -1.89 -10.45
CA LYS A 43 5.05 -1.83 -11.33
C LYS A 43 3.94 -2.70 -10.76
N ALA A 44 4.34 -3.81 -10.16
CA ALA A 44 3.38 -4.73 -9.57
C ALA A 44 2.96 -4.20 -8.20
N ILE A 45 3.93 -3.68 -7.47
CA ILE A 45 3.67 -3.15 -6.14
C ILE A 45 3.08 -1.75 -6.27
N ASP A 46 2.82 -1.36 -7.51
CA ASP A 46 2.24 -0.05 -7.79
C ASP A 46 0.72 -0.16 -7.86
N ILE A 47 0.23 -0.34 -9.08
CA ILE A 47 -1.20 -0.47 -9.31
C ILE A 47 -1.94 0.48 -8.36
N ASP A 48 -1.28 1.58 -8.05
CA ASP A 48 -1.87 2.59 -7.17
C ASP A 48 -2.83 3.46 -7.97
N GLY A 49 -2.98 3.11 -9.24
CA GLY A 49 -3.88 3.86 -10.11
C GLY A 49 -3.95 3.21 -11.49
N ASN A 50 -2.83 2.63 -11.91
CA ASN A 50 -2.76 1.98 -13.20
C ASN A 50 -1.41 1.28 -13.34
N GLY A 51 -0.36 2.09 -13.34
CA GLY A 51 0.99 1.57 -13.47
C GLY A 51 2.02 2.70 -13.48
N GLU A 52 1.60 3.84 -14.00
CA GLU A 52 2.47 5.00 -14.07
C GLU A 52 2.30 5.86 -12.83
N ILE A 53 3.38 5.94 -12.05
CA ILE A 53 3.36 6.74 -10.83
C ILE A 53 4.13 8.03 -11.05
N ASP A 54 4.09 8.89 -10.05
CA ASP A 54 4.78 10.17 -10.13
C ASP A 54 5.72 10.31 -8.93
N LEU A 55 6.90 10.84 -9.19
CA LEU A 55 7.88 11.04 -8.14
C LEU A 55 7.18 11.51 -6.86
N ALA A 56 6.09 12.24 -7.06
CA ALA A 56 5.32 12.74 -5.94
C ALA A 56 4.72 11.58 -5.16
N GLU A 57 3.91 10.80 -5.86
CA GLU A 57 3.26 9.65 -5.24
C GLU A 57 4.25 8.93 -4.32
N PHE A 58 5.45 8.72 -4.84
CA PHE A 58 6.48 8.04 -4.08
C PHE A 58 6.91 8.87 -2.87
N THR A 59 7.38 10.08 -3.16
CA THR A 59 7.82 10.98 -2.12
C THR A 59 6.72 11.19 -1.08
N LYS A 60 5.59 11.69 -1.57
CA LYS A 60 4.45 11.93 -0.71
C LYS A 60 4.25 10.74 0.22
N PHE A 61 4.06 9.57 -0.38
CA PHE A 61 3.86 8.36 0.38
C PHE A 61 4.87 8.24 1.52
N ALA A 62 6.14 8.48 1.17
CA ALA A 62 7.21 8.40 2.14
C ALA A 62 6.93 9.40 3.28
N ALA A 63 6.43 10.57 2.88
CA ALA A 63 6.11 11.61 3.86
C ALA A 63 4.85 11.22 4.61
N ALA A 64 3.94 10.56 3.90
CA ALA A 64 2.69 10.13 4.49
C ALA A 64 2.95 8.97 5.46
N VAL A 65 3.96 8.18 5.13
CA VAL A 65 4.32 7.05 5.96
C VAL A 65 5.18 7.52 7.13
N LYS A 66 5.93 8.59 6.89
CA LYS A 66 6.78 9.16 7.91
C LYS A 66 5.92 9.67 9.07
N GLU A 67 5.09 10.65 8.75
CA GLU A 67 4.22 11.24 9.75
C GLU A 67 2.89 11.65 9.12
N GLN A 68 1.82 11.02 9.59
CA GLN A 68 0.50 11.30 9.07
C GLN A 68 -0.52 10.28 9.59
N ASP A 69 -1.78 10.63 9.47
CA ASP A 69 -2.86 9.75 9.93
C ASP A 69 -3.19 8.75 8.83
N LEU A 70 -4.14 7.88 9.13
CA LEU A 70 -4.56 6.86 8.19
C LEU A 70 -3.44 5.83 8.01
N SER A 71 -2.31 6.32 7.51
CA SER A 71 -1.16 5.45 7.29
C SER A 71 -0.88 4.63 8.54
N ASP A 72 -0.87 5.32 9.67
CA ASP A 72 -0.61 4.67 10.95
C ASP A 72 -1.49 3.42 11.07
N GLU A 73 -2.79 3.65 10.94
CA GLU A 73 -3.75 2.56 11.03
C GLU A 73 -3.27 1.35 10.23
N LYS A 74 -2.74 1.64 9.05
CA LYS A 74 -2.23 0.59 8.18
C LYS A 74 -0.89 0.08 8.73
N VAL A 75 -0.12 1.02 9.27
CA VAL A 75 1.18 0.69 9.82
C VAL A 75 0.99 -0.27 11.00
N GLY A 76 0.01 0.05 11.82
CA GLY A 76 -0.29 -0.76 13.00
C GLY A 76 -0.42 -2.23 12.62
N LEU A 77 -1.33 -2.51 11.70
CA LEU A 77 -1.56 -3.86 11.25
C LEU A 77 -0.25 -4.44 10.70
N LYS A 78 0.40 -3.66 9.84
CA LYS A 78 1.66 -4.08 9.25
C LYS A 78 2.63 -4.51 10.36
N ILE A 79 2.96 -3.55 11.20
CA ILE A 79 3.88 -3.80 12.30
C ILE A 79 3.53 -5.16 12.93
N LEU A 80 2.24 -5.34 13.19
CA LEU A 80 1.77 -6.56 13.80
C LEU A 80 1.97 -7.73 12.81
N TYR A 81 1.69 -7.43 11.55
CA TYR A 81 1.83 -8.44 10.50
C TYR A 81 3.29 -8.90 10.39
N LYS A 82 4.20 -7.96 10.61
CA LYS A 82 5.61 -8.26 10.54
C LYS A 82 6.06 -8.94 11.83
N LEU A 83 5.60 -8.38 12.94
CA LEU A 83 5.94 -8.92 14.25
C LEU A 83 5.28 -10.28 14.42
N MET A 84 3.95 -10.25 14.56
CA MET A 84 3.19 -11.46 14.74
C MET A 84 3.40 -12.43 13.56
N ASP A 85 3.17 -11.90 12.37
CA ASP A 85 3.33 -12.70 11.16
C ASP A 85 2.85 -14.13 11.42
N ALA A 86 3.79 -14.98 11.78
CA ALA A 86 3.47 -16.37 12.06
C ALA A 86 4.76 -17.16 12.29
N ASP A 87 5.60 -17.18 11.26
CA ASP A 87 6.86 -17.88 11.34
C ASP A 87 7.99 -16.87 11.55
N GLY A 88 8.05 -15.90 10.64
CA GLY A 88 9.07 -14.87 10.70
C GLY A 88 9.68 -14.61 9.33
N ASP A 89 8.81 -14.60 8.32
CA ASP A 89 9.26 -14.36 6.95
C ASP A 89 8.55 -13.13 6.40
N GLY A 90 7.27 -13.04 6.70
CA GLY A 90 6.47 -11.92 6.23
C GLY A 90 5.35 -12.39 5.29
N LYS A 91 5.40 -13.68 4.97
CA LYS A 91 4.41 -14.27 4.08
C LYS A 91 3.36 -15.01 4.92
N LEU A 92 2.15 -14.48 4.91
CA LEU A 92 1.06 -15.08 5.65
C LEU A 92 0.17 -15.88 4.69
N THR A 93 0.14 -17.19 4.91
CA THR A 93 -0.67 -18.08 4.08
C THR A 93 -2.13 -18.02 4.50
N LYS A 94 -2.97 -18.66 3.70
CA LYS A 94 -4.39 -18.68 3.98
C LYS A 94 -4.61 -18.76 5.49
N GLU A 95 -4.25 -19.90 6.05
CA GLU A 95 -4.40 -20.11 7.48
C GLU A 95 -3.82 -18.92 8.26
N GLU A 96 -2.52 -18.74 8.10
CA GLU A 96 -1.84 -17.64 8.77
C GLU A 96 -2.72 -16.39 8.78
N VAL A 97 -3.07 -15.94 7.58
CA VAL A 97 -3.89 -14.76 7.43
C VAL A 97 -5.24 -15.00 8.11
N THR A 98 -6.04 -15.86 7.47
CA THR A 98 -7.35 -16.19 8.00
C THR A 98 -7.36 -16.10 9.52
N THR A 99 -6.43 -16.82 10.12
CA THR A 99 -6.32 -16.83 11.58
C THR A 99 -5.83 -15.47 12.09
N PHE A 100 -4.76 -15.00 11.47
CA PHE A 100 -4.19 -13.72 11.84
C PHE A 100 -5.20 -12.59 11.65
N PHE A 101 -5.47 -12.30 10.39
CA PHE A 101 -6.42 -11.24 10.06
C PHE A 101 -7.67 -11.33 10.94
N LYS A 102 -8.12 -12.56 11.14
CA LYS A 102 -9.30 -12.79 11.95
C LYS A 102 -8.96 -12.58 13.43
N LYS A 103 -7.73 -12.93 13.78
CA LYS A 103 -7.26 -12.79 15.14
C LYS A 103 -7.26 -11.30 15.52
N PHE A 104 -6.95 -10.47 14.52
CA PHE A 104 -6.90 -9.04 14.74
C PHE A 104 -8.31 -8.46 14.86
N GLY A 105 -9.11 -8.69 13.82
CA GLY A 105 -10.48 -8.19 13.82
C GLY A 105 -10.99 -8.04 12.38
N TYR A 106 -10.77 -9.07 11.59
CA TYR A 106 -11.20 -9.06 10.20
C TYR A 106 -11.74 -10.43 9.78
N GLU A 107 -12.75 -10.88 10.52
CA GLU A 107 -13.37 -12.16 10.23
C GLU A 107 -14.41 -12.01 9.13
N LYS A 108 -13.96 -11.50 7.99
CA LYS A 108 -14.83 -11.31 6.85
C LYS A 108 -13.98 -11.14 5.59
N VAL A 109 -12.94 -10.34 5.72
CA VAL A 109 -12.04 -10.09 4.60
C VAL A 109 -11.57 -11.43 4.02
N VAL A 110 -11.54 -12.43 4.89
CA VAL A 110 -11.11 -13.76 4.47
C VAL A 110 -11.64 -14.05 3.06
N ASP A 111 -12.80 -13.47 2.77
CA ASP A 111 -13.42 -13.66 1.47
C ASP A 111 -12.55 -13.00 0.40
N GLN A 112 -12.35 -11.71 0.56
CA GLN A 112 -11.54 -10.96 -0.38
C GLN A 112 -10.09 -11.44 -0.36
N ILE A 113 -9.64 -11.78 0.84
CA ILE A 113 -8.28 -12.27 1.02
C ILE A 113 -8.05 -13.49 0.12
N MET A 114 -8.96 -14.45 0.24
CA MET A 114 -8.87 -15.66 -0.54
C MET A 114 -8.97 -15.35 -2.04
N LYS A 115 -9.83 -14.39 -2.36
CA LYS A 115 -10.03 -13.99 -3.74
C LYS A 115 -8.90 -13.05 -4.16
N ALA A 116 -8.06 -12.72 -3.19
CA ALA A 116 -6.95 -11.81 -3.45
C ALA A 116 -5.83 -12.59 -4.15
N ASP A 117 -5.27 -13.55 -3.43
CA ASP A 117 -4.19 -14.37 -3.97
C ASP A 117 -4.79 -15.53 -4.77
N ALA A 118 -4.09 -15.91 -5.82
CA ALA A 118 -4.54 -17.00 -6.67
C ALA A 118 -3.79 -16.94 -8.01
N ASN A 119 -2.51 -16.64 -7.91
CA ASN A 119 -1.67 -16.55 -9.11
C ASN A 119 -0.62 -17.66 -9.07
N GLY A 120 0.08 -17.73 -7.94
CA GLY A 120 1.12 -18.73 -7.76
C GLY A 120 1.85 -18.52 -6.44
N ASP A 121 1.08 -18.15 -5.42
CA ASP A 121 1.64 -17.92 -4.10
C ASP A 121 0.78 -18.63 -3.06
N GLY A 122 -0.53 -18.45 -3.20
CA GLY A 122 -1.47 -19.06 -2.27
C GLY A 122 -1.34 -18.46 -0.87
N TYR A 123 -0.53 -17.41 -0.78
CA TYR A 123 -0.31 -16.74 0.48
C TYR A 123 -0.47 -15.23 0.34
N ILE A 124 -0.28 -14.54 1.46
CA ILE A 124 -0.41 -13.09 1.46
C ILE A 124 0.62 -12.50 2.43
N THR A 125 1.49 -11.65 1.88
CA THR A 125 2.52 -11.01 2.69
C THR A 125 2.01 -9.70 3.27
N LEU A 126 2.69 -9.25 4.31
CA LEU A 126 2.32 -8.00 4.96
C LEU A 126 1.89 -6.98 3.91
N GLU A 127 2.66 -6.93 2.84
CA GLU A 127 2.37 -6.00 1.75
C GLU A 127 1.00 -6.31 1.15
N GLU A 128 0.88 -7.52 0.61
CA GLU A 128 -0.36 -7.95 0.00
C GLU A 128 -1.56 -7.43 0.79
N PHE A 129 -1.68 -7.94 2.01
CA PHE A 129 -2.77 -7.53 2.88
C PHE A 129 -2.93 -6.01 2.90
N LEU A 130 -1.81 -5.34 3.17
CA LEU A 130 -1.82 -3.88 3.22
C LEU A 130 -2.16 -3.33 1.83
N ALA A 131 -1.99 -4.18 0.83
CA ALA A 131 -2.27 -3.80 -0.54
C ALA A 131 -3.78 -3.74 -0.74
N PHE A 132 -4.46 -4.78 -0.24
CA PHE A 132 -5.90 -4.86 -0.37
C PHE A 132 -6.57 -3.58 0.18
N ASN A 133 -5.83 -2.89 1.03
CA ASN A 133 -6.34 -1.67 1.64
C ASN A 133 -5.91 -0.48 0.79
N LEU A 134 -4.64 -0.49 0.41
CA LEU A 134 -4.10 0.59 -0.41
C LEU A 134 -4.87 0.67 -1.72
N MET A 1 18.33 25.94 -7.68
CA MET A 1 17.64 25.88 -8.96
C MET A 1 16.15 26.18 -8.78
N ALA A 2 15.51 25.34 -7.97
CA ALA A 2 14.09 25.51 -7.71
C ALA A 2 13.65 24.50 -6.64
N GLU A 3 12.57 24.84 -5.96
CA GLU A 3 12.04 23.99 -4.91
C GLU A 3 10.66 24.47 -4.47
N ALA A 4 9.64 23.80 -4.97
CA ALA A 4 8.27 24.16 -4.64
C ALA A 4 7.37 22.94 -4.85
N LEU A 5 6.07 23.19 -4.78
CA LEU A 5 5.09 22.13 -4.96
C LEU A 5 5.01 21.76 -6.44
N PHE A 6 4.07 20.89 -6.75
CA PHE A 6 3.88 20.44 -8.13
C PHE A 6 3.43 21.59 -9.02
N LYS A 7 2.85 22.61 -8.38
CA LYS A 7 2.37 23.77 -9.10
C LYS A 7 3.38 24.13 -10.19
N GLN A 8 4.65 23.87 -9.90
CA GLN A 8 5.71 24.16 -10.85
C GLN A 8 5.59 23.26 -12.08
N LEU A 9 5.52 21.96 -11.81
CA LEU A 9 5.40 20.99 -12.88
C LEU A 9 4.02 21.12 -13.54
N ASP A 10 3.03 21.38 -12.70
CA ASP A 10 1.66 21.54 -13.19
C ASP A 10 1.49 22.94 -13.77
N ALA A 11 2.49 23.78 -13.52
CA ALA A 11 2.45 25.15 -14.02
C ALA A 11 1.81 25.16 -15.40
N ASN A 12 2.00 24.07 -16.13
CA ASN A 12 1.44 23.95 -17.47
C ASN A 12 0.10 24.71 -17.52
N GLY A 13 -0.64 24.60 -16.44
CA GLY A 13 -1.94 25.26 -16.35
C GLY A 13 -3.06 24.30 -16.73
N ASP A 14 -2.80 23.02 -16.54
CA ASP A 14 -3.78 22.00 -16.86
C ASP A 14 -4.38 21.44 -15.57
N GLY A 15 -3.60 21.57 -14.50
CA GLY A 15 -4.03 21.09 -13.20
C GLY A 15 -3.90 19.56 -13.12
N SER A 16 -4.47 18.90 -14.12
CA SER A 16 -4.43 17.44 -14.16
C SER A 16 -3.23 16.98 -15.01
N VAL A 17 -2.80 15.77 -14.74
CA VAL A 17 -1.67 15.19 -15.47
C VAL A 17 -1.36 13.80 -14.92
N SER A 18 -0.32 13.20 -15.46
CA SER A 18 0.09 11.86 -15.04
C SER A 18 1.01 11.96 -13.84
N TYR A 19 0.44 11.73 -12.66
CA TYR A 19 1.19 11.78 -11.42
C TYR A 19 2.60 11.21 -11.62
N GLU A 20 2.71 10.30 -12.57
CA GLU A 20 3.98 9.67 -12.86
C GLU A 20 5.09 10.72 -12.91
N GLU A 21 4.73 11.89 -13.43
CA GLU A 21 5.69 12.98 -13.54
C GLU A 21 6.00 13.55 -12.15
N VAL A 22 5.01 13.45 -11.28
CA VAL A 22 5.17 13.96 -9.92
C VAL A 22 5.94 12.93 -9.08
N LYS A 23 5.87 11.69 -9.53
CA LYS A 23 6.57 10.61 -8.84
C LYS A 23 8.06 10.71 -9.11
N ALA A 24 8.40 11.08 -10.34
CA ALA A 24 9.78 11.22 -10.74
C ALA A 24 10.31 12.57 -10.27
N PHE A 25 9.41 13.53 -10.19
CA PHE A 25 9.76 14.87 -9.75
C PHE A 25 9.95 14.92 -8.24
N VAL A 26 9.09 14.21 -7.55
CA VAL A 26 9.14 14.16 -6.09
C VAL A 26 10.31 13.27 -5.66
N SER A 27 10.36 12.09 -6.26
CA SER A 27 11.41 11.14 -5.95
C SER A 27 12.76 11.68 -6.42
N SER A 28 12.80 12.09 -7.68
CA SER A 28 14.01 12.63 -8.27
C SER A 28 14.11 14.13 -7.99
N LYS A 29 13.79 14.49 -6.76
CA LYS A 29 13.83 15.88 -6.35
C LYS A 29 15.07 16.12 -5.47
N ARG A 30 15.68 15.01 -5.07
CA ARG A 30 16.87 15.08 -4.23
C ARG A 30 17.15 13.72 -3.60
N PRO A 31 16.09 13.13 -2.99
CA PRO A 31 16.22 11.83 -2.36
C PRO A 31 16.29 10.71 -3.40
N ILE A 32 15.13 10.41 -3.98
CA ILE A 32 15.05 9.37 -5.00
C ILE A 32 14.78 8.03 -4.31
N LYS A 33 14.13 8.10 -3.16
CA LYS A 33 13.80 6.91 -2.40
C LYS A 33 13.41 5.79 -3.37
N ASN A 34 12.33 6.04 -4.11
CA ASN A 34 11.85 5.06 -5.07
C ASN A 34 10.82 5.73 -5.98
N GLU A 35 11.33 6.38 -7.01
CA GLU A 35 10.47 7.06 -7.96
C GLU A 35 9.54 6.06 -8.65
N GLN A 36 10.12 4.93 -9.04
CA GLN A 36 9.37 3.89 -9.71
C GLN A 36 8.45 3.16 -8.70
N LEU A 37 9.09 2.63 -7.67
CA LEU A 37 8.36 1.91 -6.64
C LEU A 37 7.15 2.72 -6.22
N LEU A 38 7.36 4.03 -6.09
CA LEU A 38 6.30 4.93 -5.68
C LEU A 38 5.24 4.98 -6.79
N GLN A 39 5.68 5.30 -8.00
CA GLN A 39 4.79 5.39 -9.13
C GLN A 39 3.91 4.14 -9.20
N LEU A 40 4.43 3.04 -8.67
CA LEU A 40 3.71 1.79 -8.66
C LEU A 40 2.61 1.84 -7.60
N ILE A 41 3.04 1.97 -6.35
CA ILE A 41 2.10 2.03 -5.24
C ILE A 41 0.99 3.03 -5.58
N PHE A 42 1.31 3.96 -6.47
CA PHE A 42 0.35 4.96 -6.87
C PHE A 42 -0.61 4.40 -7.93
N LYS A 43 -0.04 4.07 -9.08
CA LYS A 43 -0.83 3.52 -10.17
C LYS A 43 -1.88 2.57 -9.61
N ALA A 44 -1.51 1.89 -8.52
CA ALA A 44 -2.41 0.95 -7.88
C ALA A 44 -3.37 1.71 -6.96
N ILE A 45 -2.81 2.64 -6.20
CA ILE A 45 -3.60 3.43 -5.29
C ILE A 45 -4.07 4.71 -5.99
N ASP A 46 -4.17 4.61 -7.31
CA ASP A 46 -4.60 5.74 -8.13
C ASP A 46 -5.48 5.24 -9.27
N ILE A 47 -6.18 4.15 -9.00
CA ILE A 47 -7.07 3.55 -9.98
C ILE A 47 -8.03 4.63 -10.51
N ASP A 48 -8.15 5.69 -9.73
CA ASP A 48 -9.03 6.80 -10.10
C ASP A 48 -8.31 7.70 -11.11
N GLY A 49 -6.99 7.53 -11.18
CA GLY A 49 -6.18 8.32 -12.09
C GLY A 49 -6.28 7.77 -13.51
N ASN A 50 -6.20 6.45 -13.62
CA ASN A 50 -6.27 5.80 -14.91
C ASN A 50 -5.15 6.31 -15.80
N GLY A 51 -4.17 6.93 -15.17
CA GLY A 51 -3.03 7.48 -15.89
C GLY A 51 -2.89 8.98 -15.65
N GLU A 52 -4.03 9.66 -15.71
CA GLU A 52 -4.05 11.10 -15.50
C GLU A 52 -4.84 11.44 -14.23
N ILE A 53 -4.29 12.37 -13.46
CA ILE A 53 -4.93 12.79 -12.23
C ILE A 53 -4.58 14.25 -11.95
N ASP A 54 -5.09 14.74 -10.83
CA ASP A 54 -4.83 16.12 -10.43
C ASP A 54 -4.38 16.14 -8.97
N LEU A 55 -3.30 16.88 -8.74
CA LEU A 55 -2.75 16.99 -7.40
C LEU A 55 -3.90 17.04 -6.38
N ALA A 56 -5.00 17.64 -6.82
CA ALA A 56 -6.17 17.76 -5.96
C ALA A 56 -6.65 16.35 -5.56
N GLU A 57 -6.95 15.55 -6.58
CA GLU A 57 -7.42 14.20 -6.35
C GLU A 57 -6.57 13.52 -5.27
N PHE A 58 -5.27 13.68 -5.39
CA PHE A 58 -4.35 13.09 -4.44
C PHE A 58 -4.51 13.74 -3.06
N THR A 59 -4.45 15.06 -3.04
CA THR A 59 -4.59 15.81 -1.81
C THR A 59 -5.91 15.45 -1.11
N LYS A 60 -6.99 15.57 -1.86
CA LYS A 60 -8.30 15.26 -1.32
C LYS A 60 -8.28 13.87 -0.68
N PHE A 61 -7.93 12.88 -1.50
CA PHE A 61 -7.85 11.52 -1.02
C PHE A 61 -7.04 11.42 0.29
N ALA A 62 -5.99 12.23 0.34
CA ALA A 62 -5.14 12.25 1.52
C ALA A 62 -5.91 12.84 2.70
N ALA A 63 -6.75 13.82 2.39
CA ALA A 63 -7.55 14.46 3.41
C ALA A 63 -8.71 13.55 3.80
N ALA A 64 -9.21 12.82 2.80
CA ALA A 64 -10.31 11.90 3.03
C ALA A 64 -9.81 10.70 3.83
N VAL A 65 -8.59 10.30 3.54
CA VAL A 65 -7.98 9.16 4.21
C VAL A 65 -7.44 9.62 5.57
N LYS A 66 -6.95 10.85 5.60
CA LYS A 66 -6.40 11.41 6.82
C LYS A 66 -7.47 11.39 7.91
N GLU A 67 -8.59 12.02 7.62
CA GLU A 67 -9.69 12.08 8.56
C GLU A 67 -10.18 10.67 8.89
N GLN A 68 -10.35 10.42 10.18
CA GLN A 68 -10.81 9.12 10.65
C GLN A 68 -9.87 8.02 10.16
N ASP A 69 -9.13 7.46 11.09
CA ASP A 69 -8.19 6.40 10.78
C ASP A 69 -7.10 6.95 9.86
N LEU A 70 -5.87 6.93 10.36
CA LEU A 70 -4.75 7.43 9.60
C LEU A 70 -3.84 6.25 9.22
N SER A 71 -2.77 6.57 8.50
CA SER A 71 -1.83 5.55 8.07
C SER A 71 -1.34 4.75 9.28
N ASP A 72 -1.28 5.43 10.41
CA ASP A 72 -0.84 4.78 11.64
C ASP A 72 -1.67 3.53 11.90
N GLU A 73 -2.99 3.71 11.81
CA GLU A 73 -3.90 2.60 12.02
C GLU A 73 -3.48 1.39 11.19
N LYS A 74 -3.08 1.68 9.96
CA LYS A 74 -2.65 0.62 9.05
C LYS A 74 -1.25 0.15 9.45
N VAL A 75 -0.44 1.11 9.88
CA VAL A 75 0.92 0.81 10.28
C VAL A 75 0.89 -0.23 11.40
N GLY A 76 -0.10 -0.10 12.27
CA GLY A 76 -0.25 -1.02 13.38
C GLY A 76 -0.29 -2.46 12.90
N LEU A 77 -1.34 -2.78 12.15
CA LEU A 77 -1.51 -4.12 11.61
C LEU A 77 -0.24 -4.53 10.87
N LYS A 78 0.37 -3.55 10.21
CA LYS A 78 1.59 -3.80 9.45
C LYS A 78 2.68 -4.29 10.41
N ILE A 79 3.07 -3.41 11.32
CA ILE A 79 4.09 -3.74 12.29
C ILE A 79 3.76 -5.08 12.95
N LEU A 80 2.47 -5.36 13.03
CA LEU A 80 2.01 -6.60 13.62
C LEU A 80 2.22 -7.75 12.64
N TYR A 81 1.97 -7.46 11.38
CA TYR A 81 2.14 -8.46 10.34
C TYR A 81 3.61 -8.78 10.11
N LYS A 82 4.44 -7.77 10.30
CA LYS A 82 5.87 -7.93 10.12
C LYS A 82 6.47 -8.56 11.38
N LEU A 83 6.00 -8.07 12.53
CA LEU A 83 6.47 -8.57 13.80
C LEU A 83 5.80 -9.91 14.10
N MET A 84 4.51 -9.85 14.36
CA MET A 84 3.74 -11.04 14.66
C MET A 84 3.85 -12.07 13.53
N ASP A 85 3.62 -11.59 12.32
CA ASP A 85 3.70 -12.46 11.15
C ASP A 85 3.16 -13.85 11.50
N ALA A 86 4.09 -14.73 11.87
CA ALA A 86 3.72 -16.09 12.23
C ALA A 86 5.00 -16.91 12.43
N ASP A 87 5.77 -17.01 11.36
CA ASP A 87 7.01 -17.77 11.40
C ASP A 87 8.19 -16.81 11.58
N GLY A 88 8.23 -15.81 10.72
CA GLY A 88 9.29 -14.82 10.77
C GLY A 88 9.82 -14.52 9.37
N ASP A 89 8.90 -14.40 8.43
CA ASP A 89 9.27 -14.11 7.06
C ASP A 89 8.46 -12.90 6.56
N GLY A 90 7.17 -12.96 6.80
CA GLY A 90 6.29 -11.88 6.38
C GLY A 90 5.15 -12.41 5.50
N LYS A 91 5.35 -13.61 4.99
CA LYS A 91 4.35 -14.24 4.13
C LYS A 91 3.40 -15.07 5.00
N LEU A 92 2.12 -14.73 4.90
CA LEU A 92 1.10 -15.43 5.66
C LEU A 92 0.22 -16.23 4.71
N THR A 93 0.15 -17.52 4.97
CA THR A 93 -0.66 -18.42 4.14
C THR A 93 -2.14 -18.29 4.52
N LYS A 94 -2.98 -18.78 3.61
CA LYS A 94 -4.42 -18.74 3.84
C LYS A 94 -4.70 -18.88 5.34
N GLU A 95 -4.63 -20.13 5.80
CA GLU A 95 -4.88 -20.42 7.20
C GLU A 95 -4.24 -19.35 8.08
N GLU A 96 -2.95 -19.16 7.88
CA GLU A 96 -2.21 -18.16 8.65
C GLU A 96 -2.96 -16.83 8.66
N VAL A 97 -3.17 -16.29 7.47
CA VAL A 97 -3.87 -15.04 7.32
C VAL A 97 -5.25 -15.14 7.97
N THR A 98 -6.09 -15.99 7.39
CA THR A 98 -7.43 -16.18 7.91
C THR A 98 -7.44 -16.07 9.44
N THR A 99 -6.48 -16.75 10.06
CA THR A 99 -6.37 -16.74 11.50
C THR A 99 -5.85 -15.38 11.98
N PHE A 100 -4.73 -14.97 11.40
CA PHE A 100 -4.12 -13.69 11.75
C PHE A 100 -5.08 -12.54 11.50
N PHE A 101 -5.41 -12.34 10.23
CA PHE A 101 -6.32 -11.28 9.85
C PHE A 101 -7.58 -11.29 10.71
N LYS A 102 -8.03 -12.50 11.03
CA LYS A 102 -9.22 -12.67 11.85
C LYS A 102 -8.89 -12.31 13.30
N LYS A 103 -7.73 -12.79 13.74
CA LYS A 103 -7.28 -12.53 15.10
C LYS A 103 -7.12 -11.03 15.30
N PHE A 104 -6.76 -10.35 14.21
CA PHE A 104 -6.56 -8.92 14.26
C PHE A 104 -7.90 -8.17 14.37
N GLY A 105 -8.65 -8.22 13.28
CA GLY A 105 -9.95 -7.56 13.24
C GLY A 105 -10.48 -7.50 11.80
N TYR A 106 -10.43 -8.65 11.14
CA TYR A 106 -10.91 -8.73 9.76
C TYR A 106 -11.50 -10.12 9.48
N GLU A 107 -12.60 -10.41 10.16
CA GLU A 107 -13.27 -11.68 9.99
C GLU A 107 -14.29 -11.60 8.85
N LYS A 108 -13.78 -11.27 7.67
CA LYS A 108 -14.64 -11.15 6.50
C LYS A 108 -13.75 -11.01 5.26
N VAL A 109 -12.71 -10.21 5.39
CA VAL A 109 -11.79 -9.98 4.29
C VAL A 109 -11.32 -11.33 3.74
N VAL A 110 -11.30 -12.32 4.63
CA VAL A 110 -10.86 -13.65 4.25
C VAL A 110 -11.41 -13.98 2.85
N ASP A 111 -12.63 -13.51 2.60
CA ASP A 111 -13.28 -13.75 1.32
C ASP A 111 -12.45 -13.10 0.21
N GLN A 112 -12.25 -11.80 0.34
CA GLN A 112 -11.49 -11.05 -0.64
C GLN A 112 -10.03 -11.50 -0.63
N ILE A 113 -9.59 -11.96 0.54
CA ILE A 113 -8.21 -12.42 0.70
C ILE A 113 -8.00 -13.66 -0.18
N MET A 114 -8.86 -14.65 0.02
CA MET A 114 -8.77 -15.88 -0.74
C MET A 114 -9.02 -15.63 -2.23
N LYS A 115 -9.85 -14.63 -2.49
CA LYS A 115 -10.18 -14.28 -3.86
C LYS A 115 -9.07 -13.40 -4.43
N ALA A 116 -8.36 -12.75 -3.54
CA ALA A 116 -7.27 -11.87 -3.94
C ALA A 116 -6.14 -12.71 -4.55
N ASP A 117 -5.60 -13.60 -3.72
CA ASP A 117 -4.52 -14.46 -4.16
C ASP A 117 -5.11 -15.68 -4.88
N ALA A 118 -4.36 -16.16 -5.86
CA ALA A 118 -4.79 -17.32 -6.63
C ALA A 118 -4.00 -17.38 -7.93
N ASN A 119 -2.71 -17.10 -7.82
CA ASN A 119 -1.83 -17.12 -8.98
C ASN A 119 -0.80 -18.24 -8.81
N GLY A 120 -0.16 -18.25 -7.66
CA GLY A 120 0.84 -19.26 -7.35
C GLY A 120 1.52 -18.98 -6.02
N ASP A 121 0.72 -18.50 -5.07
CA ASP A 121 1.24 -18.19 -3.75
C ASP A 121 0.28 -18.75 -2.69
N GLY A 122 -1.00 -18.48 -2.88
CA GLY A 122 -2.02 -18.94 -1.96
C GLY A 122 -1.84 -18.30 -0.58
N TYR A 123 -0.95 -17.33 -0.52
CA TYR A 123 -0.67 -16.63 0.71
C TYR A 123 -0.76 -15.12 0.52
N ILE A 124 -0.55 -14.40 1.62
CA ILE A 124 -0.60 -12.95 1.59
C ILE A 124 0.45 -12.39 2.55
N THR A 125 1.37 -11.62 2.01
CA THR A 125 2.43 -11.01 2.81
C THR A 125 1.97 -9.65 3.34
N LEU A 126 2.72 -9.15 4.30
CA LEU A 126 2.41 -7.86 4.90
C LEU A 126 1.95 -6.89 3.81
N GLU A 127 2.73 -6.83 2.74
CA GLU A 127 2.41 -5.97 1.62
C GLU A 127 1.03 -6.32 1.05
N GLU A 128 0.90 -7.58 0.65
CA GLU A 128 -0.36 -8.05 0.09
C GLU A 128 -1.54 -7.51 0.89
N PHE A 129 -1.63 -7.96 2.13
CA PHE A 129 -2.71 -7.53 3.01
C PHE A 129 -2.89 -6.00 2.94
N LEU A 130 -1.79 -5.31 3.16
CA LEU A 130 -1.82 -3.85 3.13
C LEU A 130 -2.21 -3.38 1.73
N ALA A 131 -1.99 -4.26 0.76
CA ALA A 131 -2.31 -3.96 -0.62
C ALA A 131 -3.84 -3.92 -0.80
N PHE A 132 -4.48 -4.90 -0.21
CA PHE A 132 -5.93 -5.01 -0.29
C PHE A 132 -6.59 -3.70 0.21
N ASN A 133 -5.86 -3.00 1.05
CA ASN A 133 -6.36 -1.75 1.61
C ASN A 133 -5.80 -0.58 0.80
N LEU A 134 -4.64 -0.80 0.21
CA LEU A 134 -3.99 0.22 -0.59
C LEU A 134 -4.77 0.40 -1.90
N MET A 1 -27.24 23.20 22.70
CA MET A 1 -26.67 24.43 23.20
C MET A 1 -25.41 24.81 22.40
N ALA A 2 -24.49 23.85 22.32
CA ALA A 2 -23.24 24.07 21.61
C ALA A 2 -22.41 22.79 21.66
N GLU A 3 -22.19 22.21 20.49
CA GLU A 3 -21.42 20.99 20.40
C GLU A 3 -21.54 20.38 18.99
N ALA A 4 -20.53 19.61 18.62
CA ALA A 4 -20.52 18.97 17.31
C ALA A 4 -19.39 17.94 17.27
N LEU A 5 -19.78 16.68 17.40
CA LEU A 5 -18.81 15.60 17.37
C LEU A 5 -19.54 14.26 17.60
N PHE A 6 -19.18 13.29 16.79
CA PHE A 6 -19.78 11.97 16.89
C PHE A 6 -19.25 11.21 18.10
N LYS A 7 -18.05 11.59 18.51
CA LYS A 7 -17.41 10.95 19.66
C LYS A 7 -18.45 10.74 20.76
N GLN A 8 -19.37 11.68 20.85
CA GLN A 8 -20.42 11.61 21.85
C GLN A 8 -21.36 10.43 21.55
N LEU A 9 -21.74 10.33 20.28
CA LEU A 9 -22.63 9.26 19.85
C LEU A 9 -21.85 7.94 19.80
N ASP A 10 -20.60 8.05 19.38
CA ASP A 10 -19.73 6.89 19.28
C ASP A 10 -19.18 6.54 20.67
N ALA A 11 -19.40 7.46 21.60
CA ALA A 11 -18.93 7.27 22.96
C ALA A 11 -19.06 5.79 23.33
N ASN A 12 -20.06 5.15 22.75
CA ASN A 12 -20.30 3.74 23.01
C ASN A 12 -18.97 3.04 23.30
N GLY A 13 -17.96 3.42 22.51
CA GLY A 13 -16.64 2.85 22.67
C GLY A 13 -16.40 1.73 21.65
N ASP A 14 -17.05 1.87 20.50
CA ASP A 14 -16.93 0.89 19.44
C ASP A 14 -16.13 1.49 18.28
N GLY A 15 -16.22 2.81 18.18
CA GLY A 15 -15.52 3.52 17.12
C GLY A 15 -16.25 3.38 15.79
N SER A 16 -16.52 2.14 15.43
CA SER A 16 -17.22 1.86 14.19
C SER A 16 -18.73 1.72 14.45
N VAL A 17 -19.49 1.94 13.39
CA VAL A 17 -20.94 1.85 13.49
C VAL A 17 -21.56 2.20 12.13
N SER A 18 -22.88 2.26 12.12
CA SER A 18 -23.61 2.57 10.89
C SER A 18 -23.74 4.09 10.74
N TYR A 19 -22.81 4.65 9.99
CA TYR A 19 -22.81 6.09 9.76
C TYR A 19 -24.23 6.63 9.68
N GLU A 20 -25.13 5.79 9.18
CA GLU A 20 -26.53 6.17 9.04
C GLU A 20 -27.00 6.90 10.31
N GLU A 21 -26.43 6.51 11.43
CA GLU A 21 -26.78 7.11 12.70
C GLU A 21 -26.19 8.51 12.80
N VAL A 22 -24.97 8.65 12.31
CA VAL A 22 -24.28 9.93 12.33
C VAL A 22 -24.78 10.80 11.18
N LYS A 23 -25.27 10.13 10.15
CA LYS A 23 -25.79 10.83 8.98
C LYS A 23 -27.10 11.54 9.36
N ALA A 24 -27.90 10.86 10.16
CA ALA A 24 -29.17 11.41 10.60
C ALA A 24 -28.91 12.43 11.72
N PHE A 25 -27.97 12.09 12.58
CA PHE A 25 -27.63 12.96 13.70
C PHE A 25 -27.12 14.32 13.19
N VAL A 26 -26.29 14.25 12.17
CA VAL A 26 -25.72 15.47 11.59
C VAL A 26 -26.74 16.08 10.62
N SER A 27 -27.48 15.21 9.96
CA SER A 27 -28.49 15.64 9.01
C SER A 27 -29.63 16.33 9.74
N SER A 28 -29.73 16.04 11.04
CA SER A 28 -30.77 16.63 11.86
C SER A 28 -30.35 18.00 12.36
N LYS A 29 -29.53 18.66 11.55
CA LYS A 29 -29.04 19.98 11.90
C LYS A 29 -29.51 20.99 10.83
N ARG A 30 -28.74 21.06 9.76
CA ARG A 30 -29.06 21.97 8.67
C ARG A 30 -30.09 21.34 7.74
N PRO A 31 -29.70 20.18 7.15
CA PRO A 31 -30.58 19.47 6.24
C PRO A 31 -31.69 18.74 7.00
N ILE A 32 -32.30 17.78 6.32
CA ILE A 32 -33.37 17.01 6.92
C ILE A 32 -33.81 15.90 5.94
N LYS A 33 -32.81 15.30 5.32
CA LYS A 33 -33.08 14.24 4.36
C LYS A 33 -31.76 13.73 3.79
N ASN A 34 -30.82 14.66 3.62
CA ASN A 34 -29.52 14.32 3.09
C ASN A 34 -29.04 13.00 3.71
N GLU A 35 -29.53 12.74 4.92
CA GLU A 35 -29.16 11.53 5.63
C GLU A 35 -29.39 10.31 4.75
N GLN A 36 -30.45 10.37 3.95
CA GLN A 36 -30.78 9.29 3.05
C GLN A 36 -29.91 9.34 1.80
N LEU A 37 -29.83 10.52 1.21
CA LEU A 37 -29.03 10.71 0.01
C LEU A 37 -27.58 10.35 0.31
N LEU A 38 -27.08 10.89 1.42
CA LEU A 38 -25.71 10.63 1.84
C LEU A 38 -25.56 9.15 2.18
N GLN A 39 -26.25 8.75 3.23
CA GLN A 39 -26.19 7.36 3.68
C GLN A 39 -26.06 6.43 2.47
N LEU A 40 -26.85 6.71 1.45
CA LEU A 40 -26.83 5.90 0.24
C LEU A 40 -25.52 6.16 -0.51
N ILE A 41 -25.39 7.38 -1.00
CA ILE A 41 -24.21 7.77 -1.74
C ILE A 41 -22.97 7.20 -1.06
N PHE A 42 -23.09 7.03 0.25
CA PHE A 42 -22.00 6.49 1.05
C PHE A 42 -21.93 4.96 0.95
N LYS A 43 -22.93 4.33 1.55
CA LYS A 43 -23.01 2.88 1.54
C LYS A 43 -22.52 2.36 0.18
N ALA A 44 -22.79 3.13 -0.86
CA ALA A 44 -22.39 2.77 -2.20
C ALA A 44 -20.92 3.14 -2.41
N ILE A 45 -20.62 4.39 -2.08
CA ILE A 45 -19.26 4.89 -2.22
C ILE A 45 -18.48 4.63 -0.93
N ASP A 46 -18.88 3.57 -0.24
CA ASP A 46 -18.24 3.20 1.00
C ASP A 46 -18.40 1.69 1.24
N ILE A 47 -18.29 0.95 0.13
CA ILE A 47 -18.42 -0.50 0.20
C ILE A 47 -17.51 -1.03 1.30
N ASP A 48 -16.51 -0.23 1.64
CA ASP A 48 -15.56 -0.62 2.67
C ASP A 48 -16.29 -0.70 4.02
N GLY A 49 -17.45 -0.08 4.07
CA GLY A 49 -18.24 -0.07 5.28
C GLY A 49 -19.48 -0.96 5.14
N ASN A 50 -19.84 -1.21 3.89
CA ASN A 50 -21.00 -2.04 3.59
C ASN A 50 -22.14 -1.67 4.54
N GLY A 51 -22.13 -0.41 4.96
CA GLY A 51 -23.16 0.09 5.86
C GLY A 51 -22.55 0.52 7.19
N GLU A 52 -21.66 -0.32 7.70
CA GLU A 52 -21.00 -0.04 8.97
C GLU A 52 -19.64 0.61 8.72
N ILE A 53 -19.55 1.87 9.13
CA ILE A 53 -18.31 2.62 8.96
C ILE A 53 -17.86 3.16 10.32
N ASP A 54 -16.71 3.81 10.31
CA ASP A 54 -16.15 4.38 11.53
C ASP A 54 -15.67 5.79 11.25
N LEU A 55 -15.97 6.69 12.17
CA LEU A 55 -15.58 8.08 12.04
C LEU A 55 -14.18 8.14 11.41
N ALA A 56 -13.39 7.13 11.70
CA ALA A 56 -12.04 7.06 11.17
C ALA A 56 -12.09 6.96 9.65
N GLU A 57 -12.73 5.90 9.19
CA GLU A 57 -12.86 5.67 7.75
C GLU A 57 -13.17 6.99 7.04
N PHE A 58 -14.13 7.71 7.59
CA PHE A 58 -14.53 8.99 7.01
C PHE A 58 -13.38 10.00 7.08
N THR A 59 -12.93 10.24 8.30
CA THR A 59 -11.84 11.18 8.52
C THR A 59 -10.61 10.77 7.70
N LYS A 60 -10.11 9.59 8.00
CA LYS A 60 -8.94 9.08 7.31
C LYS A 60 -9.06 9.38 5.81
N PHE A 61 -10.20 8.98 5.26
CA PHE A 61 -10.45 9.20 3.84
C PHE A 61 -10.23 10.66 3.47
N ALA A 62 -10.83 11.54 4.27
CA ALA A 62 -10.71 12.98 4.04
C ALA A 62 -9.23 13.36 4.04
N ALA A 63 -8.51 12.83 5.01
CA ALA A 63 -7.09 13.11 5.15
C ALA A 63 -6.34 12.50 3.96
N ALA A 64 -6.79 11.32 3.57
CA ALA A 64 -6.18 10.60 2.46
C ALA A 64 -6.32 11.44 1.19
N VAL A 65 -7.43 12.17 1.12
CA VAL A 65 -7.71 13.01 -0.03
C VAL A 65 -6.90 14.31 0.09
N LYS A 66 -6.73 14.74 1.34
CA LYS A 66 -5.99 15.96 1.60
C LYS A 66 -4.60 15.86 0.96
N GLU A 67 -3.78 14.99 1.52
CA GLU A 67 -2.44 14.79 1.01
C GLU A 67 -1.94 13.38 1.35
N GLN A 68 -1.92 13.08 2.65
CA GLN A 68 -1.47 11.79 3.10
C GLN A 68 -1.58 11.71 4.63
N ASP A 69 -2.08 10.57 5.10
CA ASP A 69 -2.23 10.35 6.52
C ASP A 69 -2.94 9.01 6.75
N LEU A 70 -2.31 7.96 6.26
CA LEU A 70 -2.86 6.62 6.40
C LEU A 70 -1.73 5.65 6.75
N SER A 71 -0.66 6.20 7.27
CA SER A 71 0.50 5.40 7.66
C SER A 71 0.21 4.67 8.97
N ASP A 72 0.06 5.44 10.02
CA ASP A 72 -0.21 4.89 11.34
C ASP A 72 -1.19 3.72 11.19
N GLU A 73 -2.39 4.05 10.74
CA GLU A 73 -3.42 3.04 10.55
C GLU A 73 -2.81 1.76 9.98
N LYS A 74 -1.86 1.94 9.07
CA LYS A 74 -1.19 0.81 8.45
C LYS A 74 -0.14 0.25 9.41
N VAL A 75 0.61 1.16 10.01
CA VAL A 75 1.66 0.78 10.94
C VAL A 75 1.10 -0.28 11.91
N GLY A 76 -0.18 -0.11 12.24
CA GLY A 76 -0.83 -1.04 13.15
C GLY A 76 -0.81 -2.46 12.60
N LEU A 77 -1.82 -2.76 11.79
CA LEU A 77 -1.93 -4.08 11.19
C LEU A 77 -0.56 -4.50 10.65
N LYS A 78 0.14 -3.53 10.09
CA LYS A 78 1.46 -3.78 9.53
C LYS A 78 2.36 -4.37 10.62
N ILE A 79 2.63 -3.55 11.62
CA ILE A 79 3.48 -3.97 12.73
C ILE A 79 3.11 -5.38 13.14
N LEU A 80 1.85 -5.55 13.52
CA LEU A 80 1.35 -6.85 13.93
C LEU A 80 1.77 -7.90 12.91
N TYR A 81 1.64 -7.53 11.64
CA TYR A 81 2.00 -8.43 10.56
C TYR A 81 3.49 -8.78 10.59
N LYS A 82 4.28 -7.82 11.05
CA LYS A 82 5.71 -8.01 11.16
C LYS A 82 6.04 -8.80 12.42
N LEU A 83 5.40 -8.39 13.52
CA LEU A 83 5.61 -9.05 14.80
C LEU A 83 4.97 -10.43 14.76
N MET A 84 3.65 -10.44 14.74
CA MET A 84 2.91 -11.69 14.70
C MET A 84 3.27 -12.51 13.47
N ASP A 85 3.15 -11.87 12.31
CA ASP A 85 3.47 -12.53 11.05
C ASP A 85 3.00 -13.99 11.11
N ALA A 86 3.91 -14.85 11.49
CA ALA A 86 3.61 -16.27 11.59
C ALA A 86 4.90 -17.06 11.82
N ASP A 87 5.85 -16.83 10.92
CA ASP A 87 7.14 -17.51 11.02
C ASP A 87 8.23 -16.48 11.31
N GLY A 88 8.10 -15.33 10.66
CA GLY A 88 9.08 -14.26 10.84
C GLY A 88 9.84 -13.99 9.55
N ASP A 89 9.14 -14.19 8.43
CA ASP A 89 9.74 -13.96 7.13
C ASP A 89 9.07 -12.77 6.47
N GLY A 90 7.74 -12.82 6.41
CA GLY A 90 6.97 -11.75 5.81
C GLY A 90 6.02 -12.29 4.75
N LYS A 91 5.30 -13.35 5.13
CA LYS A 91 4.34 -13.96 4.23
C LYS A 91 3.32 -14.76 5.05
N LEU A 92 2.08 -14.32 4.97
CA LEU A 92 1.01 -14.97 5.69
C LEU A 92 0.18 -15.81 4.72
N THR A 93 0.20 -17.11 4.93
CA THR A 93 -0.54 -18.03 4.08
C THR A 93 -2.02 -18.05 4.48
N LYS A 94 -2.80 -18.76 3.68
CA LYS A 94 -4.23 -18.86 3.93
C LYS A 94 -4.46 -19.02 5.44
N GLU A 95 -4.44 -20.26 5.88
CA GLU A 95 -4.65 -20.56 7.29
C GLU A 95 -4.06 -19.45 8.16
N GLU A 96 -2.84 -19.04 7.80
CA GLU A 96 -2.17 -17.99 8.54
C GLU A 96 -2.99 -16.70 8.53
N VAL A 97 -3.00 -16.07 7.37
CA VAL A 97 -3.75 -14.82 7.21
C VAL A 97 -5.14 -14.99 7.83
N THR A 98 -5.87 -15.97 7.31
CA THR A 98 -7.21 -16.24 7.81
C THR A 98 -7.28 -16.04 9.32
N THR A 99 -6.36 -16.72 10.01
CA THR A 99 -6.31 -16.63 11.46
C THR A 99 -5.80 -15.25 11.88
N PHE A 100 -4.64 -14.90 11.36
CA PHE A 100 -4.03 -13.62 11.68
C PHE A 100 -5.04 -12.48 11.51
N PHE A 101 -5.37 -12.21 10.25
CA PHE A 101 -6.31 -11.15 9.93
C PHE A 101 -7.58 -11.27 10.79
N LYS A 102 -8.01 -12.51 10.98
CA LYS A 102 -9.20 -12.77 11.77
C LYS A 102 -8.93 -12.38 13.23
N LYS A 103 -7.70 -12.64 13.66
CA LYS A 103 -7.32 -12.33 15.02
C LYS A 103 -7.31 -10.81 15.21
N PHE A 104 -6.99 -10.11 14.13
CA PHE A 104 -6.95 -8.66 14.17
C PHE A 104 -8.36 -8.07 14.09
N GLY A 105 -9.25 -8.83 13.44
CA GLY A 105 -10.62 -8.39 13.29
C GLY A 105 -10.99 -8.24 11.81
N TYR A 106 -10.74 -9.31 11.06
CA TYR A 106 -11.04 -9.32 9.65
C TYR A 106 -11.39 -10.72 9.17
N GLU A 107 -12.37 -11.32 9.84
CA GLU A 107 -12.80 -12.66 9.49
C GLU A 107 -13.72 -12.62 8.27
N LYS A 108 -13.96 -11.41 7.79
CA LYS A 108 -14.81 -11.22 6.63
C LYS A 108 -13.94 -11.02 5.38
N VAL A 109 -12.67 -10.76 5.63
CA VAL A 109 -11.73 -10.55 4.53
C VAL A 109 -11.32 -11.89 3.95
N VAL A 110 -11.22 -12.88 4.82
CA VAL A 110 -10.84 -14.22 4.40
C VAL A 110 -11.49 -14.53 3.05
N ASP A 111 -12.67 -13.96 2.86
CA ASP A 111 -13.40 -14.16 1.62
C ASP A 111 -12.65 -13.50 0.47
N GLN A 112 -12.42 -12.20 0.63
CA GLN A 112 -11.72 -11.44 -0.39
C GLN A 112 -10.26 -11.90 -0.48
N ILE A 113 -9.76 -12.39 0.64
CA ILE A 113 -8.38 -12.87 0.70
C ILE A 113 -8.24 -14.12 -0.16
N MET A 114 -9.17 -15.05 0.05
CA MET A 114 -9.16 -16.29 -0.69
C MET A 114 -9.44 -16.04 -2.18
N LYS A 115 -10.25 -15.04 -2.44
CA LYS A 115 -10.61 -14.68 -3.81
C LYS A 115 -9.58 -13.69 -4.34
N ALA A 116 -8.73 -13.22 -3.45
CA ALA A 116 -7.70 -12.26 -3.82
C ALA A 116 -6.52 -13.02 -4.44
N ASP A 117 -5.90 -13.85 -3.62
CA ASP A 117 -4.76 -14.64 -4.06
C ASP A 117 -5.26 -15.91 -4.75
N ALA A 118 -4.50 -16.34 -5.75
CA ALA A 118 -4.85 -17.53 -6.49
C ALA A 118 -4.08 -17.56 -7.80
N ASN A 119 -2.81 -17.17 -7.71
CA ASN A 119 -1.95 -17.14 -8.88
C ASN A 119 -0.85 -18.21 -8.73
N GLY A 120 -0.20 -18.18 -7.57
CA GLY A 120 0.86 -19.12 -7.29
C GLY A 120 1.57 -18.78 -5.97
N ASP A 121 0.76 -18.34 -5.01
CA ASP A 121 1.29 -17.98 -3.70
C ASP A 121 0.37 -18.53 -2.61
N GLY A 122 -0.92 -18.29 -2.80
CA GLY A 122 -1.91 -18.76 -1.84
C GLY A 122 -1.72 -18.10 -0.48
N TYR A 123 -0.85 -17.09 -0.47
CA TYR A 123 -0.56 -16.37 0.76
C TYR A 123 -0.68 -14.86 0.54
N ILE A 124 -0.43 -14.11 1.61
CA ILE A 124 -0.51 -12.66 1.55
C ILE A 124 0.53 -12.06 2.50
N THR A 125 1.41 -11.27 1.92
CA THR A 125 2.47 -10.63 2.69
C THR A 125 1.98 -9.28 3.24
N LEU A 126 2.70 -8.79 4.24
CA LEU A 126 2.36 -7.52 4.85
C LEU A 126 1.89 -6.54 3.77
N GLU A 127 2.69 -6.44 2.73
CA GLU A 127 2.38 -5.55 1.62
C GLU A 127 1.03 -5.93 1.01
N GLU A 128 0.91 -7.20 0.68
CA GLU A 128 -0.32 -7.70 0.08
C GLU A 128 -1.53 -7.15 0.83
N PHE A 129 -1.66 -7.57 2.09
CA PHE A 129 -2.76 -7.12 2.91
C PHE A 129 -2.96 -5.62 2.81
N LEU A 130 -1.87 -4.90 3.01
CA LEU A 130 -1.90 -3.44 2.94
C LEU A 130 -2.25 -3.01 1.52
N ALA A 131 -2.01 -3.92 0.58
CA ALA A 131 -2.30 -3.64 -0.82
C ALA A 131 -3.81 -3.62 -1.03
N PHE A 132 -4.47 -4.63 -0.49
CA PHE A 132 -5.91 -4.74 -0.61
C PHE A 132 -6.60 -3.50 -0.02
N ASN A 133 -5.96 -2.92 0.97
CA ASN A 133 -6.49 -1.74 1.62
C ASN A 133 -5.93 -0.48 0.94
N LEU A 134 -4.62 -0.30 1.10
CA LEU A 134 -3.95 0.84 0.52
C LEU A 134 -4.79 2.10 0.76
N MET A 1 24.51 19.89 -13.68
CA MET A 1 23.51 18.86 -13.89
C MET A 1 22.58 18.73 -12.68
N ALA A 2 21.54 19.54 -12.67
CA ALA A 2 20.59 19.54 -11.58
C ALA A 2 19.47 20.55 -11.86
N GLU A 3 18.46 20.53 -11.01
CA GLU A 3 17.33 21.42 -11.16
C GLU A 3 16.17 20.96 -10.29
N ALA A 4 15.42 21.93 -9.78
CA ALA A 4 14.27 21.63 -8.94
C ALA A 4 13.12 21.14 -9.83
N LEU A 5 13.35 20.01 -10.47
CA LEU A 5 12.35 19.43 -11.35
C LEU A 5 12.89 18.13 -11.94
N PHE A 6 12.34 17.02 -11.48
CA PHE A 6 12.75 15.71 -11.97
C PHE A 6 12.22 15.46 -13.38
N LYS A 7 11.18 16.20 -13.74
CA LYS A 7 10.57 16.06 -15.04
C LYS A 7 11.68 15.89 -16.09
N GLN A 8 12.63 16.82 -16.07
CA GLN A 8 13.73 16.77 -17.01
C GLN A 8 14.59 15.54 -16.77
N LEU A 9 15.13 15.46 -15.55
CA LEU A 9 15.97 14.34 -15.17
C LEU A 9 15.41 13.05 -15.80
N ASP A 10 14.10 12.94 -15.75
CA ASP A 10 13.43 11.78 -16.31
C ASP A 10 13.27 11.96 -17.82
N ALA A 11 12.47 12.95 -18.18
CA ALA A 11 12.22 13.24 -19.59
C ALA A 11 11.35 12.13 -20.19
N ASN A 12 11.74 10.89 -19.90
CA ASN A 12 11.01 9.75 -20.40
C ASN A 12 9.51 10.06 -20.41
N GLY A 13 9.10 10.84 -19.42
CA GLY A 13 7.71 11.22 -19.31
C GLY A 13 6.83 10.02 -18.92
N ASP A 14 7.47 9.05 -18.30
CA ASP A 14 6.78 7.85 -17.88
C ASP A 14 6.05 8.12 -16.57
N GLY A 15 6.25 9.32 -16.05
CA GLY A 15 5.62 9.71 -14.80
C GLY A 15 5.89 8.68 -13.70
N SER A 16 7.05 8.06 -13.79
CA SER A 16 7.45 7.05 -12.82
C SER A 16 8.82 6.48 -13.18
N VAL A 17 9.53 6.05 -12.14
CA VAL A 17 10.85 5.48 -12.33
C VAL A 17 11.42 5.08 -10.96
N SER A 18 12.68 4.67 -10.99
CA SER A 18 13.37 4.26 -9.77
C SER A 18 14.00 5.48 -9.10
N TYR A 19 13.33 5.96 -8.06
CA TYR A 19 13.81 7.11 -7.32
C TYR A 19 15.34 7.07 -7.19
N GLU A 20 15.88 5.87 -7.22
CA GLU A 20 17.32 5.67 -7.11
C GLU A 20 18.05 6.71 -7.97
N GLU A 21 17.52 6.94 -9.16
CA GLU A 21 18.11 7.90 -10.07
C GLU A 21 17.91 9.32 -9.56
N VAL A 22 16.79 9.52 -8.87
CA VAL A 22 16.47 10.82 -8.32
C VAL A 22 17.25 11.03 -7.01
N LYS A 23 17.52 9.91 -6.35
CA LYS A 23 18.25 9.95 -5.09
C LYS A 23 19.69 10.39 -5.36
N ALA A 24 20.22 9.92 -6.48
CA ALA A 24 21.58 10.26 -6.86
C ALA A 24 21.61 11.66 -7.46
N PHE A 25 20.56 11.96 -8.22
CA PHE A 25 20.46 13.27 -8.86
C PHE A 25 20.40 14.39 -7.82
N VAL A 26 19.61 14.15 -6.79
CA VAL A 26 19.46 15.13 -5.72
C VAL A 26 20.65 15.01 -4.76
N SER A 27 21.12 13.78 -4.60
CA SER A 27 22.26 13.53 -3.71
C SER A 27 23.52 14.15 -4.29
N SER A 28 23.49 14.36 -5.60
CA SER A 28 24.64 14.94 -6.29
C SER A 28 24.53 16.48 -6.27
N LYS A 29 24.11 16.99 -5.13
CA LYS A 29 23.96 18.43 -4.97
C LYS A 29 24.72 18.88 -3.71
N ARG A 30 24.04 18.78 -2.58
CA ARG A 30 24.63 19.17 -1.31
C ARG A 30 25.49 18.03 -0.76
N PRO A 31 24.84 16.86 -0.58
CA PRO A 31 25.52 15.68 -0.06
C PRO A 31 26.43 15.07 -1.13
N ILE A 32 26.79 13.81 -0.89
CA ILE A 32 27.65 13.10 -1.82
C ILE A 32 27.59 11.60 -1.50
N LYS A 33 27.68 11.29 -0.22
CA LYS A 33 27.64 9.91 0.22
C LYS A 33 26.33 9.65 0.97
N ASN A 34 25.26 10.23 0.43
CA ASN A 34 23.95 10.08 1.03
C ASN A 34 23.06 9.26 0.09
N GLU A 35 23.42 9.29 -1.19
CA GLU A 35 22.67 8.57 -2.19
C GLU A 35 22.57 7.09 -1.82
N GLN A 36 23.60 6.61 -1.14
CA GLN A 36 23.64 5.22 -0.72
C GLN A 36 22.60 4.97 0.37
N LEU A 37 22.75 5.68 1.47
CA LEU A 37 21.83 5.53 2.59
C LEU A 37 20.41 5.87 2.12
N LEU A 38 20.33 6.87 1.26
CA LEU A 38 19.05 7.30 0.73
C LEU A 38 18.46 6.18 -0.13
N GLN A 39 19.14 5.89 -1.23
CA GLN A 39 18.70 4.84 -2.13
C GLN A 39 18.14 3.66 -1.35
N LEU A 40 19.00 3.07 -0.53
CA LEU A 40 18.61 1.92 0.27
C LEU A 40 17.41 2.32 1.14
N ILE A 41 17.44 3.55 1.62
CA ILE A 41 16.37 4.05 2.47
C ILE A 41 15.07 4.09 1.66
N PHE A 42 15.16 4.68 0.47
CA PHE A 42 14.00 4.77 -0.40
C PHE A 42 13.53 3.39 -0.84
N LYS A 43 14.40 2.69 -1.54
CA LYS A 43 14.09 1.36 -2.03
C LYS A 43 13.39 0.57 -0.92
N ALA A 44 13.81 0.83 0.31
CA ALA A 44 13.22 0.16 1.46
C ALA A 44 11.90 0.84 1.82
N ILE A 45 11.90 2.15 1.73
CA ILE A 45 10.72 2.93 2.05
C ILE A 45 9.68 2.76 0.93
N ASP A 46 10.09 2.02 -0.10
CA ASP A 46 9.22 1.78 -1.23
C ASP A 46 8.47 0.45 -1.01
N ILE A 47 8.97 -0.59 -1.66
CA ILE A 47 8.37 -1.90 -1.54
C ILE A 47 6.85 -1.76 -1.54
N ASP A 48 6.38 -0.69 -2.17
CA ASP A 48 4.95 -0.43 -2.23
C ASP A 48 4.33 -1.27 -3.36
N GLY A 49 5.18 -2.09 -3.97
CA GLY A 49 4.73 -2.94 -5.06
C GLY A 49 5.47 -2.61 -6.35
N ASN A 50 6.66 -2.04 -6.19
CA ASN A 50 7.47 -1.68 -7.34
C ASN A 50 8.54 -0.66 -6.90
N GLY A 51 9.76 -1.16 -6.76
CA GLY A 51 10.87 -0.31 -6.35
C GLY A 51 10.85 1.02 -7.10
N GLU A 52 10.16 1.01 -8.23
CA GLU A 52 10.06 2.21 -9.06
C GLU A 52 8.83 3.01 -8.66
N ILE A 53 9.07 4.28 -8.35
CA ILE A 53 7.98 5.18 -7.96
C ILE A 53 8.01 6.42 -8.84
N ASP A 54 7.10 7.34 -8.55
CA ASP A 54 7.01 8.58 -9.30
C ASP A 54 7.07 9.76 -8.34
N LEU A 55 7.85 10.75 -8.72
CA LEU A 55 8.00 11.95 -7.90
C LEU A 55 6.66 12.30 -7.27
N ALA A 56 5.60 12.08 -8.04
CA ALA A 56 4.26 12.38 -7.57
C ALA A 56 3.98 11.58 -6.30
N GLU A 57 4.05 10.26 -6.43
CA GLU A 57 3.81 9.38 -5.31
C GLU A 57 4.49 9.92 -4.04
N PHE A 58 5.74 10.33 -4.23
CA PHE A 58 6.51 10.88 -3.12
C PHE A 58 5.91 12.19 -2.62
N THR A 59 5.78 13.14 -3.54
CA THR A 59 5.23 14.44 -3.21
C THR A 59 3.83 14.28 -2.60
N LYS A 60 2.95 13.64 -3.35
CA LYS A 60 1.59 13.41 -2.89
C LYS A 60 1.62 12.91 -1.45
N PHE A 61 2.24 11.76 -1.27
CA PHE A 61 2.35 11.17 0.05
C PHE A 61 2.76 12.20 1.09
N ALA A 62 3.76 12.99 0.74
CA ALA A 62 4.26 14.02 1.63
C ALA A 62 3.11 14.97 1.98
N ALA A 63 2.42 15.42 0.95
CA ALA A 63 1.30 16.33 1.14
C ALA A 63 0.19 15.62 1.93
N ALA A 64 0.19 14.30 1.81
CA ALA A 64 -0.80 13.50 2.51
C ALA A 64 -0.47 13.45 4.00
N VAL A 65 0.82 13.34 4.28
CA VAL A 65 1.29 13.28 5.65
C VAL A 65 1.35 14.70 6.23
N LYS A 66 1.48 15.67 5.32
CA LYS A 66 1.55 17.06 5.73
C LYS A 66 0.19 17.50 6.27
N GLU A 67 -0.84 16.77 5.85
CA GLU A 67 -2.19 17.07 6.29
C GLU A 67 -2.77 15.89 7.07
N GLN A 68 -1.89 15.22 7.79
CA GLN A 68 -2.30 14.06 8.59
C GLN A 68 -2.86 12.97 7.67
N ASP A 69 -2.99 11.78 8.24
CA ASP A 69 -3.50 10.64 7.50
C ASP A 69 -3.60 9.43 8.43
N LEU A 70 -4.40 8.47 8.01
CA LEU A 70 -4.60 7.25 8.80
C LEU A 70 -3.51 6.23 8.42
N SER A 71 -2.26 6.67 8.54
CA SER A 71 -1.14 5.80 8.22
C SER A 71 -0.87 4.84 9.37
N ASP A 72 -0.94 5.39 10.58
CA ASP A 72 -0.69 4.60 11.78
C ASP A 72 -1.61 3.36 11.75
N GLU A 73 -2.90 3.62 11.63
CA GLU A 73 -3.88 2.55 11.61
C GLU A 73 -3.36 1.39 10.75
N LYS A 74 -2.89 1.72 9.56
CA LYS A 74 -2.36 0.72 8.65
C LYS A 74 -1.03 0.21 9.19
N VAL A 75 -0.26 1.12 9.77
CA VAL A 75 1.04 0.76 10.33
C VAL A 75 0.84 -0.32 11.39
N GLY A 76 -0.26 -0.21 12.12
CA GLY A 76 -0.57 -1.17 13.16
C GLY A 76 -0.70 -2.57 12.60
N LEU A 77 -1.65 -2.72 11.68
CA LEU A 77 -1.89 -4.01 11.06
C LEU A 77 -0.59 -4.53 10.44
N LYS A 78 0.21 -3.59 9.96
CA LYS A 78 1.48 -3.93 9.35
C LYS A 78 2.43 -4.49 10.42
N ILE A 79 2.80 -3.62 11.35
CA ILE A 79 3.69 -4.02 12.42
C ILE A 79 3.23 -5.36 13.00
N LEU A 80 1.91 -5.50 13.12
CA LEU A 80 1.33 -6.72 13.65
C LEU A 80 1.55 -7.86 12.66
N TYR A 81 1.47 -7.51 11.39
CA TYR A 81 1.67 -8.50 10.33
C TYR A 81 3.08 -9.07 10.37
N LYS A 82 4.02 -8.22 10.73
CA LYS A 82 5.42 -8.64 10.81
C LYS A 82 5.65 -9.37 12.13
N LEU A 83 5.08 -8.81 13.20
CA LEU A 83 5.21 -9.41 14.51
C LEU A 83 4.63 -10.83 14.50
N MET A 84 3.32 -10.89 14.27
CA MET A 84 2.63 -12.16 14.23
C MET A 84 3.32 -13.12 13.26
N ASP A 85 3.62 -12.61 12.07
CA ASP A 85 4.28 -13.41 11.06
C ASP A 85 5.65 -13.87 11.58
N ALA A 86 5.62 -14.94 12.35
CA ALA A 86 6.84 -15.49 12.92
C ALA A 86 7.25 -16.73 12.12
N ASP A 87 6.27 -17.34 11.49
CA ASP A 87 6.51 -18.53 10.69
C ASP A 87 6.54 -18.16 9.21
N GLY A 88 5.74 -17.15 8.87
CA GLY A 88 5.67 -16.69 7.49
C GLY A 88 7.06 -16.39 6.94
N ASP A 89 7.83 -15.67 7.75
CA ASP A 89 9.18 -15.30 7.35
C ASP A 89 9.11 -14.17 6.32
N GLY A 90 7.96 -13.52 6.28
CA GLY A 90 7.76 -12.42 5.35
C GLY A 90 6.36 -12.47 4.73
N LYS A 91 5.98 -13.67 4.32
CA LYS A 91 4.67 -13.87 3.72
C LYS A 91 3.76 -14.61 4.70
N LEU A 92 2.51 -14.20 4.72
CA LEU A 92 1.54 -14.82 5.60
C LEU A 92 0.60 -15.71 4.79
N THR A 93 0.62 -16.99 5.12
CA THR A 93 -0.22 -17.96 4.43
C THR A 93 -1.66 -17.86 4.92
N LYS A 94 -2.58 -18.21 4.02
CA LYS A 94 -4.00 -18.16 4.35
C LYS A 94 -4.18 -18.40 5.85
N GLU A 95 -4.07 -19.67 6.23
CA GLU A 95 -4.22 -20.04 7.63
C GLU A 95 -3.69 -18.94 8.54
N GLU A 96 -2.47 -18.52 8.26
CA GLU A 96 -1.85 -17.46 9.05
C GLU A 96 -2.72 -16.21 9.03
N VAL A 97 -2.82 -15.61 7.86
CA VAL A 97 -3.61 -14.41 7.69
C VAL A 97 -5.01 -14.64 8.26
N THR A 98 -5.69 -15.62 7.70
CA THR A 98 -7.03 -15.96 8.13
C THR A 98 -7.15 -15.80 9.65
N THR A 99 -6.25 -16.47 10.35
CA THR A 99 -6.24 -16.42 11.81
C THR A 99 -5.83 -15.02 12.29
N PHE A 100 -4.73 -14.54 11.72
CA PHE A 100 -4.22 -13.22 12.07
C PHE A 100 -5.28 -12.14 11.84
N PHE A 101 -5.53 -11.88 10.57
CA PHE A 101 -6.50 -10.87 10.19
C PHE A 101 -7.81 -11.05 10.98
N LYS A 102 -8.11 -12.30 11.29
CA LYS A 102 -9.31 -12.62 12.04
C LYS A 102 -9.14 -12.16 13.49
N LYS A 103 -7.99 -12.49 14.06
CA LYS A 103 -7.69 -12.12 15.43
C LYS A 103 -7.69 -10.59 15.55
N PHE A 104 -7.29 -9.95 14.47
CA PHE A 104 -7.24 -8.49 14.44
C PHE A 104 -8.66 -7.90 14.31
N GLY A 105 -9.39 -8.43 13.34
CA GLY A 105 -10.75 -7.97 13.10
C GLY A 105 -11.04 -7.85 11.61
N TYR A 106 -10.62 -8.87 10.88
CA TYR A 106 -10.82 -8.90 9.44
C TYR A 106 -11.22 -10.31 8.97
N GLU A 107 -12.28 -10.82 9.57
CA GLU A 107 -12.78 -12.14 9.22
C GLU A 107 -13.53 -12.09 7.88
N LYS A 108 -14.36 -11.09 7.74
CA LYS A 108 -15.13 -10.92 6.52
C LYS A 108 -14.18 -10.66 5.35
N VAL A 109 -12.97 -10.27 5.69
CA VAL A 109 -11.96 -9.99 4.68
C VAL A 109 -11.37 -11.31 4.18
N VAL A 110 -11.38 -12.31 5.05
CA VAL A 110 -10.86 -13.61 4.71
C VAL A 110 -11.37 -14.01 3.31
N ASP A 111 -12.63 -13.66 3.06
CA ASP A 111 -13.24 -13.98 1.78
C ASP A 111 -12.44 -13.31 0.65
N GLN A 112 -12.29 -11.99 0.77
CA GLN A 112 -11.55 -11.23 -0.22
C GLN A 112 -10.08 -11.66 -0.21
N ILE A 113 -9.61 -12.02 0.97
CA ILE A 113 -8.22 -12.44 1.12
C ILE A 113 -8.00 -13.74 0.34
N MET A 114 -8.92 -14.68 0.54
CA MET A 114 -8.83 -15.96 -0.13
C MET A 114 -8.95 -15.79 -1.65
N LYS A 115 -9.74 -14.81 -2.05
CA LYS A 115 -9.92 -14.53 -3.47
C LYS A 115 -8.82 -13.60 -3.96
N ALA A 116 -8.06 -13.09 -3.01
CA ALA A 116 -6.97 -12.18 -3.32
C ALA A 116 -5.84 -12.96 -4.01
N ASP A 117 -5.22 -13.83 -3.22
CA ASP A 117 -4.13 -14.64 -3.73
C ASP A 117 -4.70 -15.84 -4.50
N ALA A 118 -3.99 -16.25 -5.53
CA ALA A 118 -4.40 -17.37 -6.35
C ALA A 118 -3.64 -17.35 -7.68
N ASN A 119 -2.36 -17.06 -7.59
CA ASN A 119 -1.51 -17.00 -8.76
C ASN A 119 -0.40 -18.05 -8.65
N GLY A 120 0.30 -18.00 -7.52
CA GLY A 120 1.38 -18.93 -7.28
C GLY A 120 2.07 -18.64 -5.94
N ASP A 121 1.27 -18.21 -4.97
CA ASP A 121 1.78 -17.89 -3.66
C ASP A 121 0.94 -18.59 -2.59
N GLY A 122 -0.37 -18.49 -2.78
CA GLY A 122 -1.30 -19.10 -1.83
C GLY A 122 -1.25 -18.41 -0.48
N TYR A 123 -0.50 -17.31 -0.43
CA TYR A 123 -0.35 -16.55 0.80
C TYR A 123 -0.52 -15.05 0.54
N ILE A 124 -0.39 -14.29 1.61
CA ILE A 124 -0.53 -12.84 1.52
C ILE A 124 0.49 -12.18 2.45
N THR A 125 1.33 -11.35 1.86
CA THR A 125 2.35 -10.65 2.62
C THR A 125 1.81 -9.30 3.11
N LEU A 126 2.47 -8.77 4.14
CA LEU A 126 2.07 -7.51 4.71
C LEU A 126 1.65 -6.55 3.59
N GLU A 127 2.49 -6.51 2.55
CA GLU A 127 2.22 -5.65 1.41
C GLU A 127 0.87 -6.01 0.79
N GLU A 128 0.68 -7.31 0.58
CA GLU A 128 -0.56 -7.79 -0.02
C GLU A 128 -1.77 -7.23 0.74
N PHE A 129 -1.88 -7.64 1.99
CA PHE A 129 -2.98 -7.19 2.83
C PHE A 129 -3.20 -5.68 2.67
N LEU A 130 -2.12 -4.94 2.81
CA LEU A 130 -2.18 -3.50 2.69
C LEU A 130 -2.53 -3.12 1.24
N ALA A 131 -2.13 -4.00 0.32
CA ALA A 131 -2.39 -3.77 -1.08
C ALA A 131 -3.90 -3.78 -1.32
N PHE A 132 -4.60 -4.58 -0.53
CA PHE A 132 -6.04 -4.69 -0.66
C PHE A 132 -6.73 -3.47 -0.04
N ASN A 133 -5.96 -2.71 0.73
CA ASN A 133 -6.48 -1.52 1.37
C ASN A 133 -5.62 -0.32 0.98
N LEU A 134 -5.13 -0.36 -0.25
CA LEU A 134 -4.31 0.72 -0.77
C LEU A 134 -4.86 1.21 -2.09
N MET A 1 4.73 2.72 4.81
CA MET A 1 4.62 3.71 5.87
C MET A 1 3.98 4.99 5.35
N ALA A 2 4.29 5.30 4.10
CA ALA A 2 3.74 6.50 3.48
C ALA A 2 4.41 6.71 2.11
N GLU A 3 4.50 5.62 1.36
CA GLU A 3 5.11 5.66 0.05
C GLU A 3 4.25 4.90 -0.97
N ALA A 4 4.79 4.76 -2.17
CA ALA A 4 4.08 4.07 -3.23
C ALA A 4 4.56 2.61 -3.29
N LEU A 5 4.06 1.90 -4.29
CA LEU A 5 4.44 0.51 -4.47
C LEU A 5 5.57 0.41 -5.49
N PHE A 6 6.39 1.47 -5.52
CA PHE A 6 7.51 1.51 -6.44
C PHE A 6 8.70 0.71 -5.91
N LYS A 7 8.71 0.55 -4.59
CA LYS A 7 9.78 -0.20 -3.95
C LYS A 7 10.12 -1.42 -4.79
N GLN A 8 9.14 -2.30 -4.94
CA GLN A 8 9.32 -3.51 -5.70
C GLN A 8 10.05 -3.20 -7.02
N LEU A 9 9.70 -2.07 -7.60
CA LEU A 9 10.31 -1.64 -8.85
C LEU A 9 11.73 -1.15 -8.57
N ASP A 10 11.87 -0.44 -7.46
CA ASP A 10 13.16 0.09 -7.06
C ASP A 10 14.03 -1.03 -6.50
N ALA A 11 13.39 -2.17 -6.27
CA ALA A 11 14.09 -3.32 -5.73
C ALA A 11 15.50 -3.38 -6.32
N ASN A 12 15.60 -2.93 -7.56
CA ASN A 12 16.88 -2.92 -8.25
C ASN A 12 17.99 -2.58 -7.25
N GLY A 13 17.67 -1.67 -6.35
CA GLY A 13 18.63 -1.25 -5.33
C GLY A 13 19.37 0.00 -5.77
N ASP A 14 18.83 1.15 -5.38
CA ASP A 14 19.43 2.43 -5.74
C ASP A 14 18.64 3.56 -5.08
N GLY A 15 17.34 3.34 -4.96
CA GLY A 15 16.47 4.32 -4.35
C GLY A 15 16.08 5.41 -5.36
N SER A 16 17.10 6.00 -5.96
CA SER A 16 16.89 7.05 -6.94
C SER A 16 16.89 6.46 -8.35
N VAL A 17 16.19 7.13 -9.25
CA VAL A 17 16.09 6.68 -10.63
C VAL A 17 15.20 7.64 -11.42
N SER A 18 14.95 7.28 -12.66
CA SER A 18 14.12 8.10 -13.52
C SER A 18 12.64 7.74 -13.33
N TYR A 19 11.97 8.57 -12.54
CA TYR A 19 10.55 8.34 -12.26
C TYR A 19 9.82 7.85 -13.51
N GLU A 20 10.36 8.22 -14.66
CA GLU A 20 9.77 7.82 -15.92
C GLU A 20 9.38 6.35 -15.88
N GLU A 21 10.22 5.56 -15.22
CA GLU A 21 10.00 4.13 -15.11
C GLU A 21 8.74 3.87 -14.27
N VAL A 22 8.53 4.73 -13.28
CA VAL A 22 7.39 4.60 -12.41
C VAL A 22 6.14 5.14 -13.12
N LYS A 23 6.39 6.04 -14.06
CA LYS A 23 5.29 6.64 -14.82
C LYS A 23 4.65 5.57 -15.71
N ALA A 24 5.50 4.72 -16.27
CA ALA A 24 5.03 3.66 -17.14
C ALA A 24 4.51 2.50 -16.29
N PHE A 25 5.26 2.18 -15.25
CA PHE A 25 4.88 1.10 -14.35
C PHE A 25 3.49 1.34 -13.76
N VAL A 26 3.24 2.60 -13.41
CA VAL A 26 1.96 2.97 -12.85
C VAL A 26 0.93 3.14 -13.97
N SER A 27 1.35 3.84 -15.02
CA SER A 27 0.50 4.07 -16.16
C SER A 27 -0.14 2.76 -16.63
N SER A 28 0.61 1.67 -16.41
CA SER A 28 0.13 0.36 -16.79
C SER A 28 -0.51 -0.35 -15.59
N LYS A 29 -1.33 0.40 -14.88
CA LYS A 29 -2.01 -0.13 -13.70
C LYS A 29 -3.41 0.47 -13.61
N ARG A 30 -3.52 1.51 -12.80
CA ARG A 30 -4.79 2.19 -12.61
C ARG A 30 -5.05 3.16 -13.75
N PRO A 31 -4.07 4.08 -13.96
CA PRO A 31 -4.19 5.07 -15.03
C PRO A 31 -3.93 4.44 -16.40
N ILE A 32 -3.92 5.29 -17.42
CA ILE A 32 -3.70 4.82 -18.78
C ILE A 32 -3.00 5.93 -19.58
N LYS A 33 -3.64 7.09 -19.61
CA LYS A 33 -3.10 8.22 -20.33
C LYS A 33 -3.08 9.45 -19.41
N ASN A 34 -1.88 9.81 -18.99
CA ASN A 34 -1.70 10.96 -18.11
C ASN A 34 -0.28 10.96 -17.57
N GLU A 35 0.28 9.77 -17.43
CA GLU A 35 1.63 9.63 -16.93
C GLU A 35 2.57 10.62 -17.63
N GLN A 36 2.29 10.85 -18.90
CA GLN A 36 3.10 11.77 -19.69
C GLN A 36 3.12 13.15 -19.03
N LEU A 37 1.93 13.66 -18.74
CA LEU A 37 1.80 14.96 -18.11
C LEU A 37 2.41 14.91 -16.72
N LEU A 38 2.34 13.73 -16.11
CA LEU A 38 2.89 13.54 -14.78
C LEU A 38 4.40 13.76 -14.81
N GLN A 39 5.09 12.84 -15.44
CA GLN A 39 6.53 12.93 -15.55
C GLN A 39 6.95 14.35 -15.96
N LEU A 40 6.23 14.89 -16.92
CA LEU A 40 6.50 16.22 -17.42
C LEU A 40 6.25 17.23 -16.30
N ILE A 41 5.10 17.07 -15.65
CA ILE A 41 4.73 17.96 -14.56
C ILE A 41 5.82 17.93 -13.48
N PHE A 42 6.40 16.75 -13.32
CA PHE A 42 7.46 16.57 -12.33
C PHE A 42 8.80 17.09 -12.86
N LYS A 43 9.31 16.40 -13.87
CA LYS A 43 10.57 16.78 -14.48
C LYS A 43 10.70 18.30 -14.49
N ALA A 44 9.56 18.95 -14.70
CA ALA A 44 9.53 20.40 -14.74
C ALA A 44 9.48 20.95 -13.31
N ILE A 45 8.53 20.41 -12.54
CA ILE A 45 8.37 20.83 -11.17
C ILE A 45 9.27 19.98 -10.26
N ASP A 46 10.39 19.55 -10.84
CA ASP A 46 11.34 18.74 -10.11
C ASP A 46 12.66 19.50 -9.97
N ILE A 47 13.40 19.54 -11.06
CA ILE A 47 14.67 20.24 -11.09
C ILE A 47 15.50 19.81 -9.87
N ASP A 48 15.07 18.71 -9.26
CA ASP A 48 15.76 18.19 -8.09
C ASP A 48 16.26 16.78 -8.39
N GLY A 49 15.93 16.30 -9.59
CA GLY A 49 16.34 14.98 -10.01
C GLY A 49 17.19 15.04 -11.28
N ASN A 50 17.13 16.20 -11.93
CA ASN A 50 17.88 16.40 -13.15
C ASN A 50 17.62 15.24 -14.11
N GLY A 51 16.43 14.67 -13.99
CA GLY A 51 16.05 13.55 -14.83
C GLY A 51 15.87 12.27 -14.00
N GLU A 52 16.60 12.23 -12.89
CA GLU A 52 16.54 11.08 -12.00
C GLU A 52 16.11 11.51 -10.61
N ILE A 53 14.95 11.02 -10.19
CA ILE A 53 14.43 11.35 -8.88
C ILE A 53 14.34 10.07 -8.03
N ASP A 54 14.00 10.26 -6.78
CA ASP A 54 13.87 9.14 -5.85
C ASP A 54 12.52 9.22 -5.14
N LEU A 55 11.89 8.05 -5.02
CA LEU A 55 10.60 7.97 -4.36
C LEU A 55 10.58 8.93 -3.17
N ALA A 56 11.74 9.11 -2.57
CA ALA A 56 11.87 9.99 -1.43
C ALA A 56 11.48 11.41 -1.84
N GLU A 57 12.22 11.94 -2.80
CA GLU A 57 11.95 13.29 -3.28
C GLU A 57 10.45 13.51 -3.44
N PHE A 58 9.79 12.56 -4.08
CA PHE A 58 8.36 12.64 -4.30
C PHE A 58 7.60 12.58 -2.97
N THR A 59 7.96 11.59 -2.17
CA THR A 59 7.32 11.41 -0.88
C THR A 59 7.52 12.65 -0.01
N LYS A 60 8.78 12.96 0.25
CA LYS A 60 9.12 14.12 1.06
C LYS A 60 8.28 15.30 0.62
N PHE A 61 8.38 15.63 -0.66
CA PHE A 61 7.62 16.75 -1.21
C PHE A 61 6.13 16.53 -1.04
N ALA A 62 5.73 15.27 -1.09
CA ALA A 62 4.33 14.92 -0.95
C ALA A 62 3.90 15.13 0.51
N ALA A 63 4.80 14.75 1.42
CA ALA A 63 4.52 14.89 2.83
C ALA A 63 4.73 16.36 3.24
N ALA A 64 5.49 17.06 2.43
CA ALA A 64 5.77 18.47 2.69
C ALA A 64 4.58 19.31 2.26
N VAL A 65 3.94 18.87 1.18
CA VAL A 65 2.78 19.57 0.65
C VAL A 65 1.54 19.19 1.46
N LYS A 66 1.40 17.89 1.69
CA LYS A 66 0.27 17.38 2.44
C LYS A 66 0.55 17.56 3.94
N GLU A 67 1.51 16.79 4.43
CA GLU A 67 1.87 16.86 5.83
C GLU A 67 0.76 16.26 6.69
N GLN A 68 0.42 15.02 6.38
CA GLN A 68 -0.62 14.32 7.11
C GLN A 68 -1.08 13.08 6.33
N ASP A 69 -1.23 11.98 7.05
CA ASP A 69 -1.66 10.74 6.45
C ASP A 69 -2.05 9.74 7.55
N LEU A 70 -3.18 9.07 7.32
CA LEU A 70 -3.67 8.09 8.28
C LEU A 70 -3.06 6.73 7.97
N SER A 71 -1.75 6.72 7.78
CA SER A 71 -1.03 5.49 7.47
C SER A 71 -0.86 4.66 8.75
N ASP A 72 -0.73 5.36 9.86
CA ASP A 72 -0.55 4.71 11.14
C ASP A 72 -1.50 3.51 11.22
N GLU A 73 -2.76 3.77 10.92
CA GLU A 73 -3.77 2.73 10.95
C GLU A 73 -3.26 1.47 10.26
N LYS A 74 -2.59 1.68 9.12
CA LYS A 74 -2.06 0.57 8.36
C LYS A 74 -0.75 0.11 9.00
N VAL A 75 -0.05 1.06 9.60
CA VAL A 75 1.22 0.76 10.26
C VAL A 75 0.99 -0.29 11.34
N GLY A 76 -0.20 -0.25 11.92
CA GLY A 76 -0.56 -1.19 12.97
C GLY A 76 -0.63 -2.61 12.44
N LEU A 77 -1.65 -2.86 11.62
CA LEU A 77 -1.84 -4.18 11.04
C LEU A 77 -0.53 -4.63 10.39
N LYS A 78 0.20 -3.66 9.86
CA LYS A 78 1.46 -3.96 9.21
C LYS A 78 2.44 -4.52 10.24
N ILE A 79 2.86 -3.65 11.14
CA ILE A 79 3.80 -4.05 12.18
C ILE A 79 3.41 -5.44 12.71
N LEU A 80 2.18 -5.52 13.20
CA LEU A 80 1.68 -6.78 13.74
C LEU A 80 2.05 -7.92 12.78
N TYR A 81 1.73 -7.71 11.51
CA TYR A 81 2.03 -8.70 10.50
C TYR A 81 3.52 -9.03 10.47
N LYS A 82 4.33 -8.04 10.81
CA LYS A 82 5.77 -8.22 10.82
C LYS A 82 6.18 -8.94 12.12
N LEU A 83 5.61 -8.47 13.22
CA LEU A 83 5.90 -9.06 14.52
C LEU A 83 5.25 -10.44 14.61
N MET A 84 3.93 -10.44 14.67
CA MET A 84 3.19 -11.68 14.77
C MET A 84 3.49 -12.59 13.58
N ASP A 85 3.32 -12.03 12.39
CA ASP A 85 3.56 -12.77 11.16
C ASP A 85 3.08 -14.21 11.34
N ALA A 86 3.99 -15.07 11.73
CA ALA A 86 3.67 -16.47 11.94
C ALA A 86 4.95 -17.25 12.19
N ASP A 87 5.86 -17.19 11.22
CA ASP A 87 7.12 -17.89 11.33
C ASP A 87 8.23 -16.89 11.63
N GLY A 88 8.23 -15.80 10.86
CA GLY A 88 9.23 -14.76 11.05
C GLY A 88 9.86 -14.36 9.70
N ASP A 89 9.01 -14.24 8.70
CA ASP A 89 9.47 -13.89 7.37
C ASP A 89 8.65 -12.69 6.86
N GLY A 90 7.33 -12.84 6.96
CA GLY A 90 6.43 -11.79 6.51
C GLY A 90 5.36 -12.35 5.57
N LYS A 91 5.50 -13.65 5.27
CA LYS A 91 4.56 -14.30 4.39
C LYS A 91 3.49 -15.00 5.23
N LEU A 92 2.28 -14.49 5.13
CA LEU A 92 1.16 -15.05 5.88
C LEU A 92 0.27 -15.86 4.92
N THR A 93 0.25 -17.16 5.15
CA THR A 93 -0.55 -18.06 4.32
C THR A 93 -2.02 -17.99 4.72
N LYS A 94 -2.85 -18.63 3.92
CA LYS A 94 -4.29 -18.64 4.18
C LYS A 94 -4.51 -18.76 5.69
N GLU A 95 -4.46 -19.99 6.17
CA GLU A 95 -4.66 -20.25 7.59
C GLU A 95 -4.06 -19.13 8.42
N GLU A 96 -2.78 -18.86 8.18
CA GLU A 96 -2.09 -17.80 8.90
C GLU A 96 -2.92 -16.52 8.90
N VAL A 97 -3.26 -16.07 7.69
CA VAL A 97 -4.05 -14.87 7.54
C VAL A 97 -5.40 -15.05 8.22
N THR A 98 -6.19 -15.95 7.67
CA THR A 98 -7.50 -16.23 8.22
C THR A 98 -7.50 -16.07 9.74
N THR A 99 -6.54 -16.74 10.37
CA THR A 99 -6.41 -16.69 11.81
C THR A 99 -5.89 -15.32 12.24
N PHE A 100 -4.77 -14.94 11.66
CA PHE A 100 -4.16 -13.66 11.98
C PHE A 100 -5.13 -12.50 11.72
N PHE A 101 -5.43 -12.30 10.44
CA PHE A 101 -6.35 -11.24 10.05
C PHE A 101 -7.59 -11.23 10.93
N LYS A 102 -8.09 -12.43 11.21
CA LYS A 102 -9.27 -12.57 12.04
C LYS A 102 -8.94 -12.18 13.48
N LYS A 103 -8.05 -12.96 14.08
CA LYS A 103 -7.63 -12.70 15.45
C LYS A 103 -7.37 -11.19 15.63
N PHE A 104 -6.90 -10.58 14.55
CA PHE A 104 -6.61 -9.15 14.57
C PHE A 104 -7.89 -8.34 14.72
N GLY A 105 -8.76 -8.47 13.72
CA GLY A 105 -10.02 -7.76 13.73
C GLY A 105 -10.59 -7.65 12.31
N TYR A 106 -10.52 -8.76 11.59
CA TYR A 106 -11.02 -8.80 10.23
C TYR A 106 -11.61 -10.18 9.91
N GLU A 107 -12.72 -10.48 10.55
CA GLU A 107 -13.39 -11.75 10.34
C GLU A 107 -14.46 -11.61 9.25
N LYS A 108 -13.99 -11.24 8.06
CA LYS A 108 -14.89 -11.08 6.92
C LYS A 108 -14.05 -10.98 5.64
N VAL A 109 -12.99 -10.20 5.73
CA VAL A 109 -12.10 -10.02 4.59
C VAL A 109 -11.71 -11.39 4.02
N VAL A 110 -11.78 -12.39 4.89
CA VAL A 110 -11.44 -13.75 4.50
C VAL A 110 -11.94 -14.01 3.08
N ASP A 111 -13.05 -13.36 2.75
CA ASP A 111 -13.64 -13.51 1.43
C ASP A 111 -12.71 -12.91 0.38
N GLN A 112 -12.38 -11.64 0.59
CA GLN A 112 -11.50 -10.94 -0.34
C GLN A 112 -10.08 -11.51 -0.25
N ILE A 113 -9.76 -12.01 0.94
CA ILE A 113 -8.44 -12.58 1.17
C ILE A 113 -8.27 -13.83 0.30
N MET A 114 -9.32 -14.64 0.27
CA MET A 114 -9.31 -15.86 -0.51
C MET A 114 -9.35 -15.55 -2.02
N LYS A 115 -10.12 -14.52 -2.35
CA LYS A 115 -10.24 -14.11 -3.74
C LYS A 115 -9.18 -13.07 -4.06
N ALA A 116 -8.34 -12.80 -3.07
CA ALA A 116 -7.28 -11.82 -3.24
C ALA A 116 -6.12 -12.46 -4.03
N ASP A 117 -5.46 -13.40 -3.38
CA ASP A 117 -4.34 -14.09 -4.00
C ASP A 117 -4.88 -15.23 -4.88
N ALA A 118 -4.16 -15.49 -5.96
CA ALA A 118 -4.54 -16.55 -6.88
C ALA A 118 -3.81 -16.35 -8.20
N ASN A 119 -2.54 -15.99 -8.09
CA ASN A 119 -1.72 -15.77 -9.27
C ASN A 119 -0.57 -16.78 -9.28
N GLY A 120 0.19 -16.78 -8.19
CA GLY A 120 1.31 -17.68 -8.07
C GLY A 120 2.06 -17.45 -6.75
N ASP A 121 1.28 -17.12 -5.73
CA ASP A 121 1.85 -16.87 -4.41
C ASP A 121 1.21 -17.82 -3.40
N GLY A 122 -0.09 -17.97 -3.51
CA GLY A 122 -0.84 -18.84 -2.61
C GLY A 122 -1.01 -18.18 -1.24
N TYR A 123 0.09 -17.71 -0.70
CA TYR A 123 0.08 -17.06 0.60
C TYR A 123 -0.18 -15.57 0.47
N ILE A 124 -0.17 -14.89 1.61
CA ILE A 124 -0.41 -13.46 1.63
C ILE A 124 0.64 -12.79 2.52
N THR A 125 1.48 -11.99 1.89
CA THR A 125 2.54 -11.29 2.60
C THR A 125 2.03 -9.92 3.09
N LEU A 126 2.69 -9.41 4.11
CA LEU A 126 2.32 -8.13 4.68
C LEU A 126 1.90 -7.19 3.55
N GLU A 127 2.62 -7.29 2.44
CA GLU A 127 2.33 -6.45 1.27
C GLU A 127 0.94 -6.76 0.74
N GLU A 128 0.73 -8.04 0.42
CA GLU A 128 -0.55 -8.48 -0.11
C GLU A 128 -1.70 -7.83 0.67
N PHE A 129 -1.80 -8.20 1.93
CA PHE A 129 -2.85 -7.67 2.79
C PHE A 129 -2.94 -6.15 2.66
N LEU A 130 -1.80 -5.50 2.83
CA LEU A 130 -1.75 -4.05 2.73
C LEU A 130 -2.12 -3.62 1.31
N ALA A 131 -1.99 -4.57 0.39
CA ALA A 131 -2.30 -4.31 -1.01
C ALA A 131 -3.82 -4.24 -1.17
N PHE A 132 -4.51 -5.10 -0.43
CA PHE A 132 -5.96 -5.15 -0.48
C PHE A 132 -6.57 -3.85 0.03
N ASN A 133 -5.80 -3.16 0.87
CA ASN A 133 -6.25 -1.91 1.44
C ASN A 133 -5.67 -0.75 0.63
N LEU A 134 -5.45 -1.01 -0.65
CA LEU A 134 -4.90 0.01 -1.54
C LEU A 134 -4.83 -0.56 -2.96
N MET A 1 18.72 19.95 -16.02
CA MET A 1 18.06 20.57 -17.16
C MET A 1 16.62 20.95 -16.84
N ALA A 2 15.84 19.92 -16.50
CA ALA A 2 14.44 20.13 -16.17
C ALA A 2 13.82 18.79 -15.75
N GLU A 3 12.95 18.87 -14.75
CA GLU A 3 12.29 17.68 -14.25
C GLU A 3 11.32 18.04 -13.13
N ALA A 4 10.78 17.02 -12.49
CA ALA A 4 9.84 17.21 -11.40
C ALA A 4 9.60 15.89 -10.68
N LEU A 5 10.53 15.56 -9.81
CA LEU A 5 10.44 14.32 -9.04
C LEU A 5 11.61 14.24 -8.06
N PHE A 6 11.27 13.87 -6.83
CA PHE A 6 12.27 13.76 -5.79
C PHE A 6 13.42 12.85 -6.22
N LYS A 7 13.14 12.05 -7.24
CA LYS A 7 14.14 11.13 -7.77
C LYS A 7 15.52 11.81 -7.74
N GLN A 8 15.66 12.80 -8.63
CA GLN A 8 16.91 13.53 -8.71
C GLN A 8 17.31 14.08 -7.35
N LEU A 9 16.38 14.81 -6.75
CA LEU A 9 16.61 15.40 -5.43
C LEU A 9 17.40 14.40 -4.57
N ASP A 10 16.99 13.15 -4.64
CA ASP A 10 17.64 12.10 -3.87
C ASP A 10 18.88 11.63 -4.62
N ALA A 11 18.64 11.06 -5.80
CA ALA A 11 19.73 10.56 -6.62
C ALA A 11 20.28 9.29 -6.00
N ASN A 12 20.53 9.35 -4.70
CA ASN A 12 21.06 8.21 -3.98
C ASN A 12 20.45 6.93 -4.53
N GLY A 13 19.19 7.04 -4.96
CA GLY A 13 18.48 5.91 -5.51
C GLY A 13 18.23 4.85 -4.44
N ASP A 14 17.44 5.23 -3.44
CA ASP A 14 17.10 4.33 -2.36
C ASP A 14 15.59 4.19 -2.25
N GLY A 15 14.91 5.30 -2.46
CA GLY A 15 13.45 5.32 -2.40
C GLY A 15 12.97 5.90 -1.07
N SER A 16 13.66 5.52 -0.01
CA SER A 16 13.30 5.99 1.32
C SER A 16 14.36 6.97 1.82
N VAL A 17 13.94 7.84 2.72
CA VAL A 17 14.84 8.84 3.29
C VAL A 17 14.07 9.71 4.28
N SER A 18 14.77 10.71 4.80
CA SER A 18 14.16 11.62 5.75
C SER A 18 13.45 12.75 5.01
N TYR A 19 12.13 12.59 4.89
CA TYR A 19 11.32 13.60 4.21
C TYR A 19 11.83 15.01 4.51
N GLU A 20 12.42 15.15 5.68
CA GLU A 20 12.95 16.45 6.10
C GLU A 20 13.72 17.10 4.96
N GLU A 21 14.55 16.30 4.30
CA GLU A 21 15.34 16.80 3.18
C GLU A 21 14.42 17.22 2.03
N VAL A 22 13.26 16.58 1.99
CA VAL A 22 12.29 16.88 0.94
C VAL A 22 11.52 18.15 1.32
N LYS A 23 11.32 18.32 2.61
CA LYS A 23 10.60 19.48 3.11
C LYS A 23 11.37 20.76 2.73
N ALA A 24 12.69 20.66 2.80
CA ALA A 24 13.54 21.78 2.47
C ALA A 24 13.64 21.92 0.94
N PHE A 25 13.87 20.79 0.30
CA PHE A 25 13.98 20.76 -1.15
C PHE A 25 12.80 21.48 -1.80
N VAL A 26 11.61 21.16 -1.31
CA VAL A 26 10.40 21.77 -1.85
C VAL A 26 10.31 23.22 -1.36
N SER A 27 10.49 23.39 -0.07
CA SER A 27 10.43 24.72 0.52
C SER A 27 11.38 25.67 -0.21
N SER A 28 12.34 25.07 -0.91
CA SER A 28 13.31 25.84 -1.67
C SER A 28 13.07 25.66 -3.16
N LYS A 29 11.81 25.79 -3.55
CA LYS A 29 11.44 25.65 -4.95
C LYS A 29 10.31 26.61 -5.28
N ARG A 30 9.13 26.04 -5.49
CA ARG A 30 7.96 26.85 -5.82
C ARG A 30 7.41 27.51 -4.55
N PRO A 31 7.28 26.69 -3.47
CA PRO A 31 6.76 27.18 -2.21
C PRO A 31 7.81 28.02 -1.48
N ILE A 32 7.61 28.17 -0.18
CA ILE A 32 8.53 28.95 0.64
C ILE A 32 8.41 28.49 2.09
N LYS A 33 7.17 28.33 2.53
CA LYS A 33 6.91 27.91 3.89
C LYS A 33 6.00 26.67 3.88
N ASN A 34 5.43 26.38 5.03
CA ASN A 34 4.54 25.23 5.16
C ASN A 34 5.36 24.01 5.56
N GLU A 35 6.63 24.02 5.16
CA GLU A 35 7.52 22.91 5.46
C GLU A 35 7.59 22.68 6.97
N GLN A 36 7.39 23.77 7.72
CA GLN A 36 7.42 23.70 9.17
C GLN A 36 6.32 22.77 9.68
N LEU A 37 5.08 23.14 9.40
CA LEU A 37 3.93 22.35 9.83
C LEU A 37 4.05 20.95 9.23
N LEU A 38 4.43 20.91 7.95
CA LEU A 38 4.58 19.64 7.26
C LEU A 38 5.67 18.81 7.94
N GLN A 39 6.89 19.27 7.77
CA GLN A 39 8.03 18.58 8.36
C GLN A 39 7.67 18.06 9.75
N LEU A 40 6.92 18.86 10.47
CA LEU A 40 6.50 18.49 11.82
C LEU A 40 5.53 17.31 11.74
N ILE A 41 4.34 17.59 11.22
CA ILE A 41 3.32 16.57 11.07
C ILE A 41 3.98 15.27 10.60
N PHE A 42 5.06 15.42 9.86
CA PHE A 42 5.79 14.27 9.35
C PHE A 42 6.51 13.53 10.47
N LYS A 43 7.43 14.23 11.12
CA LYS A 43 8.19 13.64 12.20
C LYS A 43 7.24 12.90 13.14
N ALA A 44 6.02 13.39 13.21
CA ALA A 44 5.01 12.78 14.05
C ALA A 44 4.40 11.57 13.33
N ILE A 45 4.17 11.75 12.04
CA ILE A 45 3.60 10.69 11.23
C ILE A 45 4.72 9.77 10.74
N ASP A 46 5.90 9.97 11.30
CA ASP A 46 7.05 9.16 10.94
C ASP A 46 7.36 8.18 12.07
N ILE A 47 7.15 8.64 13.30
CA ILE A 47 7.41 7.81 14.46
C ILE A 47 6.79 6.44 14.25
N ASP A 48 5.88 6.37 13.28
CA ASP A 48 5.21 5.12 12.97
C ASP A 48 6.19 3.96 13.14
N GLY A 49 7.46 4.25 12.88
CA GLY A 49 8.49 3.25 13.00
C GLY A 49 9.50 3.35 11.85
N ASN A 50 10.03 4.56 11.68
CA ASN A 50 10.99 4.79 10.61
C ASN A 50 11.21 6.30 10.48
N GLY A 51 12.34 6.76 11.03
CA GLY A 51 12.68 8.17 10.97
C GLY A 51 12.81 8.64 9.52
N GLU A 52 12.86 7.67 8.62
CA GLU A 52 13.00 7.98 7.20
C GLU A 52 11.78 7.43 6.43
N ILE A 53 11.16 8.33 5.68
CA ILE A 53 10.00 7.95 4.89
C ILE A 53 10.38 7.91 3.41
N ASP A 54 9.50 7.30 2.62
CA ASP A 54 9.73 7.19 1.19
C ASP A 54 8.61 7.90 0.44
N LEU A 55 9.01 8.66 -0.57
CA LEU A 55 8.06 9.40 -1.38
C LEU A 55 6.81 8.55 -1.58
N ALA A 56 7.02 7.23 -1.63
CA ALA A 56 5.93 6.30 -1.82
C ALA A 56 4.99 6.38 -0.62
N GLU A 57 5.56 6.13 0.55
CA GLU A 57 4.79 6.16 1.78
C GLU A 57 3.87 7.39 1.81
N PHE A 58 4.44 8.51 1.38
CA PHE A 58 3.70 9.76 1.36
C PHE A 58 2.57 9.70 0.31
N THR A 59 2.99 9.50 -0.94
CA THR A 59 2.03 9.42 -2.04
C THR A 59 0.97 8.38 -1.74
N LYS A 60 1.43 7.17 -1.46
CA LYS A 60 0.53 6.06 -1.17
C LYS A 60 -0.49 6.51 -0.12
N PHE A 61 0.04 7.10 0.95
CA PHE A 61 -0.81 7.57 2.03
C PHE A 61 -1.84 8.57 1.52
N ALA A 62 -1.41 9.37 0.56
CA ALA A 62 -2.29 10.38 -0.04
C ALA A 62 -3.33 9.68 -0.92
N ALA A 63 -2.87 8.65 -1.61
CA ALA A 63 -3.75 7.90 -2.49
C ALA A 63 -4.66 7.00 -1.66
N ALA A 64 -4.19 6.69 -0.45
CA ALA A 64 -4.96 5.85 0.46
C ALA A 64 -6.05 6.68 1.13
N VAL A 65 -5.68 7.91 1.47
CA VAL A 65 -6.62 8.82 2.11
C VAL A 65 -7.61 9.35 1.08
N LYS A 66 -7.13 9.46 -0.16
CA LYS A 66 -7.96 9.95 -1.24
C LYS A 66 -9.37 9.37 -1.10
N GLU A 67 -9.44 8.06 -1.17
CA GLU A 67 -10.72 7.37 -1.06
C GLU A 67 -10.62 6.22 -0.06
N GLN A 68 -10.28 6.57 1.17
CA GLN A 68 -10.15 5.58 2.23
C GLN A 68 -9.65 6.25 3.52
N ASP A 69 -9.73 5.49 4.61
CA ASP A 69 -9.29 5.99 5.89
C ASP A 69 -8.84 4.82 6.76
N LEU A 70 -8.33 5.15 7.94
CA LEU A 70 -7.87 4.14 8.87
C LEU A 70 -6.49 3.64 8.43
N SER A 71 -5.61 4.58 8.18
CA SER A 71 -4.25 4.26 7.76
C SER A 71 -3.45 3.74 8.95
N ASP A 72 -3.56 4.44 10.07
CA ASP A 72 -2.85 4.07 11.27
C ASP A 72 -3.09 2.58 11.57
N GLU A 73 -4.32 2.15 11.31
CA GLU A 73 -4.70 0.77 11.54
C GLU A 73 -3.87 -0.15 10.64
N LYS A 74 -3.54 0.35 9.46
CA LYS A 74 -2.76 -0.41 8.51
C LYS A 74 -1.28 -0.36 8.90
N VAL A 75 -0.92 0.73 9.57
CA VAL A 75 0.46 0.91 10.01
C VAL A 75 0.77 -0.10 11.11
N GLY A 76 -0.03 -0.07 12.16
CA GLY A 76 0.15 -0.98 13.28
C GLY A 76 0.03 -2.45 12.81
N LEU A 77 -0.97 -2.69 11.99
CA LEU A 77 -1.20 -4.03 11.47
C LEU A 77 0.01 -4.48 10.66
N LYS A 78 0.59 -3.52 9.95
CA LYS A 78 1.76 -3.80 9.13
C LYS A 78 2.91 -4.24 10.03
N ILE A 79 3.20 -3.42 11.02
CA ILE A 79 4.27 -3.71 11.95
C ILE A 79 3.99 -5.05 12.66
N LEU A 80 2.71 -5.34 12.77
CA LEU A 80 2.29 -6.59 13.40
C LEU A 80 2.48 -7.75 12.42
N TYR A 81 2.22 -7.46 11.16
CA TYR A 81 2.35 -8.47 10.12
C TYR A 81 3.82 -8.84 9.91
N LYS A 82 4.68 -7.85 10.08
CA LYS A 82 6.11 -8.06 9.91
C LYS A 82 6.68 -8.70 11.18
N LEU A 83 6.24 -8.19 12.32
CA LEU A 83 6.69 -8.71 13.59
C LEU A 83 5.97 -10.02 13.89
N MET A 84 4.67 -9.91 14.15
CA MET A 84 3.87 -11.08 14.45
C MET A 84 3.95 -12.11 13.33
N ASP A 85 3.72 -11.64 12.11
CA ASP A 85 3.76 -12.50 10.95
C ASP A 85 3.17 -13.87 11.30
N ALA A 86 4.06 -14.77 11.68
CA ALA A 86 3.66 -16.11 12.06
C ALA A 86 4.90 -16.96 12.36
N ASP A 87 5.76 -17.07 11.36
CA ASP A 87 6.97 -17.84 11.49
C ASP A 87 8.16 -16.89 11.68
N GLY A 88 8.36 -16.04 10.68
CA GLY A 88 9.44 -15.08 10.72
C GLY A 88 9.93 -14.75 9.32
N ASP A 89 8.98 -14.54 8.42
CA ASP A 89 9.30 -14.21 7.04
C ASP A 89 8.43 -13.03 6.59
N GLY A 90 7.14 -13.14 6.88
CA GLY A 90 6.20 -12.09 6.51
C GLY A 90 5.13 -12.64 5.58
N LYS A 91 5.23 -13.92 5.28
CA LYS A 91 4.27 -14.58 4.40
C LYS A 91 3.20 -15.26 5.26
N LEU A 92 1.99 -14.75 5.14
CA LEU A 92 0.87 -15.29 5.90
C LEU A 92 0.00 -16.14 4.96
N THR A 93 -0.07 -17.42 5.25
CA THR A 93 -0.87 -18.33 4.45
C THR A 93 -2.34 -18.22 4.83
N LYS A 94 -3.18 -18.83 3.99
CA LYS A 94 -4.62 -18.80 4.23
C LYS A 94 -4.89 -18.91 5.72
N GLU A 95 -4.94 -20.16 6.19
CA GLU A 95 -5.20 -20.41 7.60
C GLU A 95 -4.49 -19.36 8.46
N GLU A 96 -3.25 -19.09 8.11
CA GLU A 96 -2.46 -18.11 8.85
C GLU A 96 -3.19 -16.76 8.88
N VAL A 97 -3.27 -16.15 7.71
CA VAL A 97 -3.94 -14.86 7.60
C VAL A 97 -5.32 -14.94 8.24
N THR A 98 -6.17 -15.77 7.65
CA THR A 98 -7.52 -15.95 8.15
C THR A 98 -7.55 -15.78 9.67
N THR A 99 -6.65 -16.49 10.33
CA THR A 99 -6.56 -16.42 11.78
C THR A 99 -6.00 -15.07 12.22
N PHE A 100 -4.83 -14.74 11.68
CA PHE A 100 -4.18 -13.48 12.01
C PHE A 100 -5.11 -12.30 11.73
N PHE A 101 -5.42 -12.11 10.46
CA PHE A 101 -6.30 -11.03 10.06
C PHE A 101 -7.56 -11.00 10.90
N LYS A 102 -8.07 -12.19 11.21
CA LYS A 102 -9.27 -12.30 12.01
C LYS A 102 -8.95 -11.92 13.46
N LYS A 103 -7.72 -12.21 13.85
CA LYS A 103 -7.28 -11.90 15.20
C LYS A 103 -7.11 -10.40 15.35
N PHE A 104 -6.74 -9.76 14.26
CA PHE A 104 -6.55 -8.32 14.25
C PHE A 104 -7.89 -7.58 14.35
N GLY A 105 -8.85 -8.05 13.55
CA GLY A 105 -10.17 -7.45 13.53
C GLY A 105 -10.71 -7.36 12.11
N TYR A 106 -10.55 -8.45 11.37
CA TYR A 106 -11.01 -8.50 10.00
C TYR A 106 -11.65 -9.85 9.69
N GLU A 107 -12.58 -10.25 10.54
CA GLU A 107 -13.28 -11.52 10.37
C GLU A 107 -14.32 -11.40 9.26
N LYS A 108 -13.87 -10.98 8.09
CA LYS A 108 -14.76 -10.81 6.96
C LYS A 108 -13.93 -10.73 5.67
N VAL A 109 -12.86 -9.97 5.75
CA VAL A 109 -11.97 -9.80 4.61
C VAL A 109 -11.59 -11.17 4.06
N VAL A 110 -11.69 -12.17 4.92
CA VAL A 110 -11.36 -13.54 4.55
C VAL A 110 -11.84 -13.79 3.11
N ASP A 111 -12.96 -13.17 2.78
CA ASP A 111 -13.53 -13.33 1.45
C ASP A 111 -12.57 -12.74 0.42
N GLN A 112 -12.23 -11.48 0.63
CA GLN A 112 -11.33 -10.78 -0.28
C GLN A 112 -9.92 -11.38 -0.17
N ILE A 113 -9.61 -11.89 1.01
CA ILE A 113 -8.32 -12.49 1.25
C ILE A 113 -8.17 -13.74 0.37
N MET A 114 -9.21 -14.55 0.39
CA MET A 114 -9.20 -15.78 -0.40
C MET A 114 -9.27 -15.48 -1.89
N LYS A 115 -9.97 -14.40 -2.21
CA LYS A 115 -10.12 -13.99 -3.60
C LYS A 115 -9.04 -12.96 -3.94
N ALA A 116 -8.19 -12.71 -2.97
CA ALA A 116 -7.11 -11.75 -3.15
C ALA A 116 -5.96 -12.40 -3.92
N ASP A 117 -5.36 -13.40 -3.28
CA ASP A 117 -4.25 -14.11 -3.90
C ASP A 117 -4.81 -15.26 -4.74
N ALA A 118 -4.09 -15.56 -5.82
CA ALA A 118 -4.50 -16.63 -6.72
C ALA A 118 -3.77 -16.46 -8.06
N ASN A 119 -2.51 -16.11 -7.97
CA ASN A 119 -1.69 -15.92 -9.16
C ASN A 119 -0.58 -16.97 -9.19
N GLY A 120 0.13 -17.05 -8.08
CA GLY A 120 1.22 -18.01 -7.96
C GLY A 120 1.93 -17.87 -6.61
N ASP A 121 1.13 -17.58 -5.59
CA ASP A 121 1.67 -17.42 -4.25
C ASP A 121 0.84 -18.25 -3.27
N GLY A 122 -0.47 -18.10 -3.37
CA GLY A 122 -1.38 -18.83 -2.52
C GLY A 122 -1.52 -18.14 -1.15
N TYR A 123 -0.38 -17.74 -0.62
CA TYR A 123 -0.36 -17.07 0.68
C TYR A 123 -0.49 -15.56 0.50
N ILE A 124 -0.44 -14.86 1.63
CA ILE A 124 -0.55 -13.41 1.62
C ILE A 124 0.51 -12.82 2.55
N THR A 125 1.42 -12.08 1.96
CA THR A 125 2.49 -11.44 2.72
C THR A 125 2.06 -10.06 3.19
N LEU A 126 2.82 -9.53 4.13
CA LEU A 126 2.54 -8.20 4.67
C LEU A 126 2.19 -7.25 3.53
N GLU A 127 2.87 -7.46 2.41
CA GLU A 127 2.65 -6.63 1.24
C GLU A 127 1.29 -6.94 0.61
N GLU A 128 0.97 -8.23 0.58
CA GLU A 128 -0.29 -8.67 0.01
C GLU A 128 -1.46 -8.01 0.74
N PHE A 129 -1.47 -8.18 2.06
CA PHE A 129 -2.53 -7.61 2.88
C PHE A 129 -2.58 -6.09 2.73
N LEU A 130 -1.41 -5.47 2.88
CA LEU A 130 -1.31 -4.02 2.76
C LEU A 130 -1.58 -3.61 1.30
N ALA A 131 -1.43 -4.58 0.42
CA ALA A 131 -1.66 -4.34 -0.99
C ALA A 131 -3.16 -4.30 -1.27
N PHE A 132 -3.88 -5.21 -0.61
CA PHE A 132 -5.32 -5.28 -0.77
C PHE A 132 -5.98 -3.95 -0.44
N ASN A 133 -5.28 -3.16 0.38
CA ASN A 133 -5.79 -1.87 0.78
C ASN A 133 -4.95 -0.77 0.14
N LEU A 134 -3.69 -0.71 0.56
CA LEU A 134 -2.78 0.30 0.03
C LEU A 134 -3.23 1.68 0.47
N MET A 1 26.69 -0.94 -13.93
CA MET A 1 26.09 -2.24 -14.19
C MET A 1 25.45 -2.80 -12.92
N ALA A 2 24.25 -2.32 -12.63
CA ALA A 2 23.53 -2.77 -11.46
C ALA A 2 22.07 -2.31 -11.55
N GLU A 3 21.88 -1.01 -11.40
CA GLU A 3 20.54 -0.44 -11.47
C GLU A 3 20.62 1.09 -11.39
N ALA A 4 19.47 1.72 -11.53
CA ALA A 4 19.38 3.17 -11.49
C ALA A 4 17.91 3.59 -11.43
N LEU A 5 17.72 4.90 -11.50
CA LEU A 5 16.36 5.45 -11.45
C LEU A 5 15.69 5.24 -12.81
N PHE A 6 14.42 5.61 -12.87
CA PHE A 6 13.66 5.48 -14.09
C PHE A 6 14.11 6.50 -15.14
N LYS A 7 14.78 7.52 -14.66
CA LYS A 7 15.28 8.56 -15.54
C LYS A 7 15.76 7.94 -16.85
N GLN A 8 16.83 7.15 -16.74
CA GLN A 8 17.40 6.50 -17.90
C GLN A 8 16.36 5.56 -18.53
N LEU A 9 15.81 4.68 -17.70
CA LEU A 9 14.81 3.74 -18.18
C LEU A 9 13.91 4.42 -19.20
N ASP A 10 13.50 5.64 -18.86
CA ASP A 10 12.63 6.41 -19.73
C ASP A 10 13.48 7.08 -20.83
N ALA A 11 14.37 7.95 -20.38
CA ALA A 11 15.24 8.66 -21.30
C ALA A 11 14.43 9.71 -22.06
N ASN A 12 13.27 9.28 -22.55
CA ASN A 12 12.39 10.17 -23.28
C ASN A 12 12.45 11.56 -22.67
N GLY A 13 12.63 11.59 -21.35
CA GLY A 13 12.70 12.85 -20.64
C GLY A 13 11.33 13.56 -20.63
N ASP A 14 10.31 12.80 -20.99
CA ASP A 14 8.96 13.34 -21.02
C ASP A 14 8.40 13.39 -19.60
N GLY A 15 9.08 12.71 -18.70
CA GLY A 15 8.66 12.67 -17.31
C GLY A 15 7.48 11.71 -17.12
N SER A 16 6.46 11.92 -17.93
CA SER A 16 5.27 11.09 -17.86
C SER A 16 5.37 9.95 -18.88
N VAL A 17 4.65 8.87 -18.58
CA VAL A 17 4.65 7.71 -19.46
C VAL A 17 3.73 6.64 -18.88
N SER A 18 3.73 5.49 -19.54
CA SER A 18 2.91 4.38 -19.09
C SER A 18 3.67 3.54 -18.06
N TYR A 19 3.38 3.81 -16.80
CA TYR A 19 4.03 3.09 -15.71
C TYR A 19 4.24 1.62 -16.07
N GLU A 20 3.35 1.12 -16.93
CA GLU A 20 3.42 -0.26 -17.36
C GLU A 20 4.87 -0.65 -17.66
N GLU A 21 5.56 0.25 -18.36
CA GLU A 21 6.95 0.01 -18.72
C GLU A 21 7.83 -0.04 -17.47
N VAL A 22 7.44 0.77 -16.49
CA VAL A 22 8.17 0.82 -15.23
C VAL A 22 7.80 -0.39 -14.37
N LYS A 23 6.54 -0.77 -14.47
CA LYS A 23 6.04 -1.91 -13.72
C LYS A 23 6.86 -3.15 -14.07
N ALA A 24 7.17 -3.28 -15.35
CA ALA A 24 7.95 -4.41 -15.82
C ALA A 24 9.41 -4.22 -15.41
N PHE A 25 9.94 -3.04 -15.71
CA PHE A 25 11.31 -2.72 -15.37
C PHE A 25 11.65 -3.16 -13.95
N VAL A 26 10.70 -2.93 -13.06
CA VAL A 26 10.88 -3.30 -11.66
C VAL A 26 10.60 -4.79 -11.49
N SER A 27 9.60 -5.26 -12.21
CA SER A 27 9.23 -6.66 -12.15
C SER A 27 10.43 -7.54 -12.48
N SER A 28 11.40 -6.94 -13.17
CA SER A 28 12.60 -7.66 -13.55
C SER A 28 13.75 -7.29 -12.61
N LYS A 29 13.39 -7.09 -11.34
CA LYS A 29 14.38 -6.74 -10.33
C LYS A 29 14.22 -7.67 -9.13
N ARG A 30 13.75 -7.08 -8.03
CA ARG A 30 13.54 -7.85 -6.81
C ARG A 30 12.29 -8.71 -6.92
N PRO A 31 11.21 -8.10 -7.48
CA PRO A 31 9.95 -8.80 -7.66
C PRO A 31 10.03 -9.80 -8.81
N ILE A 32 8.86 -10.20 -9.29
CA ILE A 32 8.79 -11.14 -10.39
C ILE A 32 7.36 -11.17 -10.93
N LYS A 33 6.41 -11.21 -10.01
CA LYS A 33 5.00 -11.25 -10.38
C LYS A 33 4.22 -10.30 -9.47
N ASN A 34 3.53 -9.37 -10.10
CA ASN A 34 2.73 -8.39 -9.37
C ASN A 34 2.55 -7.14 -10.23
N GLU A 35 3.50 -6.94 -11.14
CA GLU A 35 3.45 -5.79 -12.02
C GLU A 35 2.13 -5.78 -12.81
N GLN A 36 1.64 -6.97 -13.10
CA GLN A 36 0.40 -7.10 -13.83
C GLN A 36 -0.77 -6.53 -13.03
N LEU A 37 -1.06 -7.21 -11.92
CA LEU A 37 -2.15 -6.78 -11.06
C LEU A 37 -2.00 -5.28 -10.76
N LEU A 38 -0.77 -4.89 -10.48
CA LEU A 38 -0.49 -3.50 -10.18
C LEU A 38 -0.72 -2.65 -11.44
N GLN A 39 0.15 -2.84 -12.40
CA GLN A 39 0.06 -2.10 -13.66
C GLN A 39 -1.41 -1.88 -14.03
N LEU A 40 -2.12 -2.99 -14.18
CA LEU A 40 -3.54 -2.93 -14.53
C LEU A 40 -4.27 -2.08 -13.50
N ILE A 41 -4.35 -2.59 -12.28
CA ILE A 41 -5.02 -1.88 -11.21
C ILE A 41 -4.65 -0.40 -11.28
N PHE A 42 -3.46 -0.13 -11.80
CA PHE A 42 -2.99 1.23 -11.93
C PHE A 42 -3.76 1.99 -13.01
N LYS A 43 -3.66 1.48 -14.23
CA LYS A 43 -4.35 2.09 -15.35
C LYS A 43 -5.78 2.42 -14.96
N ALA A 44 -6.32 1.61 -14.07
CA ALA A 44 -7.68 1.81 -13.60
C ALA A 44 -7.68 2.87 -12.50
N ILE A 45 -6.66 2.81 -11.66
CA ILE A 45 -6.54 3.77 -10.57
C ILE A 45 -5.95 5.07 -11.10
N ASP A 46 -5.75 5.10 -12.41
CA ASP A 46 -5.19 6.28 -13.06
C ASP A 46 -6.34 7.19 -13.51
N ILE A 47 -6.74 7.00 -14.76
CA ILE A 47 -7.82 7.79 -15.33
C ILE A 47 -7.68 9.24 -14.85
N ASP A 48 -6.46 9.62 -14.56
CA ASP A 48 -6.18 10.98 -14.10
C ASP A 48 -6.09 11.91 -15.30
N GLY A 49 -6.40 11.37 -16.46
CA GLY A 49 -6.36 12.15 -17.70
C GLY A 49 -5.27 11.63 -18.63
N ASN A 50 -4.94 10.37 -18.46
CA ASN A 50 -3.92 9.73 -19.28
C ASN A 50 -3.34 8.53 -18.54
N GLY A 51 -3.64 7.35 -19.06
CA GLY A 51 -3.16 6.12 -18.46
C GLY A 51 -1.66 6.19 -18.18
N GLU A 52 -1.02 7.17 -18.80
CA GLU A 52 0.40 7.37 -18.62
C GLU A 52 0.67 8.33 -17.47
N ILE A 53 1.34 7.81 -16.45
CA ILE A 53 1.66 8.61 -15.27
C ILE A 53 3.14 8.99 -15.31
N ASP A 54 3.56 9.72 -14.29
CA ASP A 54 4.95 10.15 -14.19
C ASP A 54 5.52 9.70 -12.84
N LEU A 55 6.75 9.21 -12.89
CA LEU A 55 7.42 8.75 -11.69
C LEU A 55 7.09 9.70 -10.54
N ALA A 56 7.42 10.96 -10.73
CA ALA A 56 7.16 11.97 -9.72
C ALA A 56 5.77 11.76 -9.13
N GLU A 57 4.80 11.58 -10.03
CA GLU A 57 3.43 11.37 -9.63
C GLU A 57 3.34 10.20 -8.63
N PHE A 58 4.02 9.11 -8.99
CA PHE A 58 4.02 7.93 -8.14
C PHE A 58 4.74 8.21 -6.82
N THR A 59 5.95 8.73 -6.93
CA THR A 59 6.74 9.05 -5.76
C THR A 59 5.97 10.00 -4.84
N LYS A 60 5.60 11.14 -5.40
CA LYS A 60 4.85 12.14 -4.65
C LYS A 60 3.72 11.46 -3.89
N PHE A 61 2.87 10.78 -4.63
CA PHE A 61 1.73 10.09 -4.06
C PHE A 61 2.19 9.17 -2.91
N ALA A 62 3.30 8.49 -3.15
CA ALA A 62 3.84 7.59 -2.15
C ALA A 62 4.26 8.39 -0.91
N ALA A 63 5.11 9.38 -1.14
CA ALA A 63 5.59 10.23 -0.06
C ALA A 63 4.41 10.98 0.55
N ALA A 64 3.34 11.08 -0.23
CA ALA A 64 2.15 11.77 0.22
C ALA A 64 1.36 10.86 1.17
N VAL A 65 1.29 9.60 0.81
CA VAL A 65 0.58 8.62 1.63
C VAL A 65 1.47 8.20 2.80
N LYS A 66 2.77 8.40 2.62
CA LYS A 66 3.73 8.05 3.65
C LYS A 66 3.53 8.97 4.86
N GLU A 67 3.78 10.25 4.64
CA GLU A 67 3.64 11.24 5.70
C GLU A 67 2.22 11.81 5.71
N GLN A 68 1.34 11.14 6.44
CA GLN A 68 -0.05 11.57 6.54
C GLN A 68 -0.78 10.73 7.58
N ASP A 69 -2.05 11.08 7.77
CA ASP A 69 -2.89 10.36 8.72
C ASP A 69 -3.61 9.21 8.01
N LEU A 70 -4.44 8.52 8.77
CA LEU A 70 -5.18 7.40 8.23
C LEU A 70 -4.23 6.22 7.97
N SER A 71 -3.25 6.48 7.12
CA SER A 71 -2.27 5.46 6.79
C SER A 71 -1.78 4.78 8.06
N ASP A 72 -1.86 5.50 9.16
CA ASP A 72 -1.41 4.98 10.44
C ASP A 72 -2.16 3.67 10.73
N GLU A 73 -3.48 3.79 10.79
CA GLU A 73 -4.32 2.63 11.07
C GLU A 73 -3.81 1.41 10.29
N LYS A 74 -3.27 1.69 9.11
CA LYS A 74 -2.73 0.63 8.26
C LYS A 74 -1.36 0.21 8.77
N VAL A 75 -0.54 1.22 9.05
CA VAL A 75 0.81 0.97 9.54
C VAL A 75 0.73 0.18 10.84
N GLY A 76 -0.40 0.30 11.50
CA GLY A 76 -0.62 -0.39 12.76
C GLY A 76 -0.77 -1.90 12.54
N LEU A 77 -1.77 -2.25 11.74
CA LEU A 77 -2.03 -3.64 11.43
C LEU A 77 -0.79 -4.27 10.79
N LYS A 78 -0.17 -3.51 9.90
CA LYS A 78 1.02 -3.96 9.21
C LYS A 78 2.08 -4.36 10.25
N ILE A 79 2.54 -3.35 10.98
CA ILE A 79 3.55 -3.58 12.01
C ILE A 79 3.17 -4.82 12.83
N LEU A 80 1.89 -4.88 13.18
CA LEU A 80 1.39 -6.00 13.97
C LEU A 80 1.45 -7.27 13.13
N TYR A 81 1.22 -7.09 11.83
CA TYR A 81 1.24 -8.23 10.91
C TYR A 81 2.67 -8.74 10.71
N LYS A 82 3.61 -7.82 10.73
CA LYS A 82 5.01 -8.16 10.56
C LYS A 82 5.57 -8.67 11.88
N LEU A 83 5.21 -7.96 12.95
CA LEU A 83 5.68 -8.33 14.28
C LEU A 83 5.16 -9.74 14.63
N MET A 84 3.85 -9.83 14.79
CA MET A 84 3.23 -11.10 15.12
C MET A 84 3.69 -12.20 14.16
N ASP A 85 4.20 -11.77 13.01
CA ASP A 85 4.66 -12.71 12.01
C ASP A 85 5.89 -13.47 12.55
N ALA A 86 5.61 -14.38 13.47
CA ALA A 86 6.67 -15.16 14.08
C ALA A 86 6.87 -16.44 13.26
N ASP A 87 5.80 -16.87 12.61
CA ASP A 87 5.85 -18.08 11.80
C ASP A 87 5.82 -17.69 10.33
N GLY A 88 5.02 -16.67 10.03
CA GLY A 88 4.90 -16.20 8.66
C GLY A 88 6.27 -15.86 8.07
N ASP A 89 7.03 -15.09 8.83
CA ASP A 89 8.36 -14.68 8.40
C ASP A 89 8.23 -13.59 7.34
N GLY A 90 6.99 -13.21 7.07
CA GLY A 90 6.73 -12.19 6.08
C GLY A 90 5.57 -12.59 5.16
N LYS A 91 5.51 -13.88 4.89
CA LYS A 91 4.46 -14.41 4.03
C LYS A 91 3.46 -15.20 4.89
N LEU A 92 2.19 -14.91 4.66
CA LEU A 92 1.13 -15.58 5.39
C LEU A 92 0.22 -16.33 4.42
N THR A 93 0.16 -17.64 4.60
CA THR A 93 -0.66 -18.48 3.73
C THR A 93 -2.13 -18.37 4.13
N LYS A 94 -2.99 -18.84 3.25
CA LYS A 94 -4.42 -18.80 3.49
C LYS A 94 -4.69 -19.01 4.98
N GLU A 95 -4.72 -20.28 5.37
CA GLU A 95 -4.95 -20.62 6.76
C GLU A 95 -4.25 -19.63 7.68
N GLU A 96 -3.00 -19.34 7.35
CA GLU A 96 -2.21 -18.41 8.14
C GLU A 96 -2.92 -17.06 8.25
N VAL A 97 -3.19 -16.48 7.09
CA VAL A 97 -3.87 -15.20 7.04
C VAL A 97 -5.19 -15.30 7.81
N THR A 98 -6.12 -16.04 7.24
CA THR A 98 -7.42 -16.22 7.85
C THR A 98 -7.31 -16.14 9.37
N THR A 99 -6.36 -16.90 9.90
CA THR A 99 -6.15 -16.92 11.34
C THR A 99 -5.49 -15.62 11.80
N PHE A 100 -4.42 -15.26 11.11
CA PHE A 100 -3.70 -14.04 11.43
C PHE A 100 -4.60 -12.81 11.29
N PHE A 101 -4.96 -12.54 10.04
CA PHE A 101 -5.81 -11.40 9.75
C PHE A 101 -7.02 -11.35 10.70
N LYS A 102 -7.51 -12.54 11.03
CA LYS A 102 -8.65 -12.64 11.93
C LYS A 102 -8.20 -12.35 13.36
N LYS A 103 -7.08 -12.96 13.73
CA LYS A 103 -6.53 -12.77 15.07
C LYS A 103 -6.30 -11.28 15.31
N PHE A 104 -5.96 -10.58 14.24
CA PHE A 104 -5.71 -9.15 14.33
C PHE A 104 -7.01 -8.39 14.60
N GLY A 105 -7.94 -8.51 13.66
CA GLY A 105 -9.22 -7.83 13.79
C GLY A 105 -9.95 -7.78 12.45
N TYR A 106 -9.92 -8.92 11.76
CA TYR A 106 -10.57 -9.03 10.46
C TYR A 106 -11.10 -10.44 10.23
N GLU A 107 -12.28 -10.70 10.78
CA GLU A 107 -12.90 -12.00 10.64
C GLU A 107 -14.05 -11.94 9.63
N LYS A 108 -13.67 -11.70 8.38
CA LYS A 108 -14.66 -11.61 7.30
C LYS A 108 -13.93 -11.48 5.96
N VAL A 109 -12.86 -10.71 5.98
CA VAL A 109 -12.08 -10.48 4.78
C VAL A 109 -11.71 -11.83 4.16
N VAL A 110 -11.76 -12.86 5.00
CA VAL A 110 -11.43 -14.21 4.55
C VAL A 110 -11.97 -14.41 3.14
N ASP A 111 -13.12 -13.81 2.88
CA ASP A 111 -13.75 -13.91 1.57
C ASP A 111 -12.82 -13.32 0.51
N GLN A 112 -12.45 -12.07 0.74
CA GLN A 112 -11.55 -11.37 -0.17
C GLN A 112 -10.17 -12.02 -0.17
N ILE A 113 -9.85 -12.63 0.96
CA ILE A 113 -8.55 -13.28 1.11
C ILE A 113 -8.43 -14.40 0.08
N MET A 114 -9.46 -15.22 0.01
CA MET A 114 -9.48 -16.33 -0.93
C MET A 114 -9.64 -15.83 -2.36
N LYS A 115 -10.39 -14.74 -2.49
CA LYS A 115 -10.64 -14.15 -3.79
C LYS A 115 -9.54 -13.12 -4.10
N ALA A 116 -8.58 -13.04 -3.19
CA ALA A 116 -7.47 -12.12 -3.35
C ALA A 116 -6.33 -12.81 -4.11
N ASP A 117 -5.62 -13.66 -3.40
CA ASP A 117 -4.51 -14.39 -3.98
C ASP A 117 -5.04 -15.59 -4.76
N ALA A 118 -4.35 -15.93 -5.83
CA ALA A 118 -4.75 -17.05 -6.66
C ALA A 118 -4.04 -16.95 -8.01
N ASN A 119 -2.78 -16.58 -7.96
CA ASN A 119 -1.99 -16.44 -9.17
C ASN A 119 -0.85 -17.46 -9.16
N GLY A 120 -0.13 -17.49 -8.05
CA GLY A 120 0.98 -18.40 -7.89
C GLY A 120 1.69 -18.18 -6.56
N ASP A 121 0.89 -17.88 -5.54
CA ASP A 121 1.43 -17.64 -4.22
C ASP A 121 0.59 -18.39 -3.19
N GLY A 122 -0.72 -18.24 -3.31
CA GLY A 122 -1.64 -18.90 -2.40
C GLY A 122 -1.52 -18.33 -0.99
N TYR A 123 -0.74 -17.28 -0.87
CA TYR A 123 -0.52 -16.64 0.41
C TYR A 123 -0.64 -15.11 0.29
N ILE A 124 -0.46 -14.45 1.42
CA ILE A 124 -0.54 -12.99 1.45
C ILE A 124 0.54 -12.45 2.38
N THR A 125 1.40 -11.62 1.81
CA THR A 125 2.50 -11.03 2.56
C THR A 125 2.04 -9.71 3.19
N LEU A 126 2.69 -9.37 4.30
CA LEU A 126 2.37 -8.14 5.00
C LEU A 126 2.06 -7.04 3.99
N GLU A 127 3.09 -6.69 3.23
CA GLU A 127 2.97 -5.65 2.22
C GLU A 127 1.78 -5.95 1.30
N GLU A 128 1.60 -7.24 1.03
CA GLU A 128 0.50 -7.68 0.17
C GLU A 128 -0.83 -7.25 0.76
N PHE A 129 -1.17 -7.85 1.90
CA PHE A 129 -2.42 -7.54 2.57
C PHE A 129 -2.49 -6.06 2.94
N LEU A 130 -1.34 -5.53 3.33
CA LEU A 130 -1.26 -4.13 3.71
C LEU A 130 -1.34 -3.25 2.47
N ALA A 131 -1.06 -3.88 1.33
CA ALA A 131 -1.10 -3.16 0.07
C ALA A 131 -2.55 -3.01 -0.39
N PHE A 132 -3.32 -4.08 -0.21
CA PHE A 132 -4.72 -4.08 -0.60
C PHE A 132 -5.43 -2.86 -0.03
N ASN A 133 -4.85 -2.28 1.00
CA ASN A 133 -5.42 -1.11 1.63
C ASN A 133 -4.43 0.07 1.50
N LEU A 134 -3.97 0.27 0.28
CA LEU A 134 -3.04 1.35 0.00
C LEU A 134 -3.59 2.21 -1.13
N MET A 1 -33.24 9.23 -20.27
CA MET A 1 -32.00 9.92 -20.56
C MET A 1 -31.49 10.67 -19.33
N ALA A 2 -31.19 9.90 -18.29
CA ALA A 2 -30.69 10.47 -17.05
C ALA A 2 -30.59 9.38 -16.00
N GLU A 3 -30.53 9.80 -14.74
CA GLU A 3 -30.43 8.87 -13.63
C GLU A 3 -29.10 8.12 -13.69
N ALA A 4 -28.23 8.45 -12.73
CA ALA A 4 -26.93 7.81 -12.66
C ALA A 4 -26.14 8.41 -11.49
N LEU A 5 -25.48 7.53 -10.74
CA LEU A 5 -24.69 7.96 -9.60
C LEU A 5 -25.64 8.45 -8.49
N PHE A 6 -25.28 8.11 -7.26
CA PHE A 6 -26.07 8.52 -6.12
C PHE A 6 -26.59 9.94 -6.28
N LYS A 7 -25.84 10.72 -7.05
CA LYS A 7 -26.22 12.10 -7.28
C LYS A 7 -27.71 12.18 -7.59
N GLN A 8 -28.20 11.17 -8.29
CA GLN A 8 -29.60 11.11 -8.65
C GLN A 8 -30.47 10.91 -7.40
N LEU A 9 -29.93 10.12 -6.48
CA LEU A 9 -30.64 9.83 -5.24
C LEU A 9 -30.46 11.02 -4.27
N ASP A 10 -29.23 11.50 -4.20
CA ASP A 10 -28.91 12.61 -3.33
C ASP A 10 -29.42 13.91 -3.97
N ALA A 11 -29.77 13.81 -5.24
CA ALA A 11 -30.26 14.96 -5.98
C ALA A 11 -31.15 15.80 -5.06
N ASN A 12 -31.81 15.12 -4.14
CA ASN A 12 -32.68 15.80 -3.20
C ASN A 12 -32.07 17.13 -2.80
N GLY A 13 -30.73 17.15 -2.76
CA GLY A 13 -30.01 18.36 -2.40
C GLY A 13 -29.64 18.33 -0.91
N ASP A 14 -28.50 17.72 -0.63
CA ASP A 14 -28.01 17.63 0.73
C ASP A 14 -26.54 17.22 0.73
N GLY A 15 -26.22 16.33 -0.20
CA GLY A 15 -24.85 15.85 -0.32
C GLY A 15 -24.56 14.74 0.69
N SER A 16 -24.69 15.11 1.96
CA SER A 16 -24.45 14.16 3.05
C SER A 16 -25.76 13.49 3.46
N VAL A 17 -25.64 12.27 3.95
CA VAL A 17 -26.80 11.51 4.39
C VAL A 17 -26.35 10.14 4.88
N SER A 18 -27.33 9.30 5.18
CA SER A 18 -27.05 7.96 5.67
C SER A 18 -26.83 7.01 4.48
N TYR A 19 -25.56 6.80 4.17
CA TYR A 19 -25.20 5.92 3.07
C TYR A 19 -26.19 4.75 2.96
N GLU A 20 -26.71 4.35 4.11
CA GLU A 20 -27.66 3.25 4.16
C GLU A 20 -28.71 3.41 3.05
N GLU A 21 -29.03 4.67 2.76
CA GLU A 21 -30.02 4.97 1.73
C GLU A 21 -29.48 4.57 0.35
N VAL A 22 -28.17 4.77 0.19
CA VAL A 22 -27.52 4.45 -1.08
C VAL A 22 -27.28 2.95 -1.14
N LYS A 23 -27.19 2.33 0.02
CA LYS A 23 -26.96 0.90 0.12
C LYS A 23 -28.20 0.15 -0.38
N ALA A 24 -29.36 0.71 -0.06
CA ALA A 24 -30.62 0.11 -0.45
C ALA A 24 -30.87 0.42 -1.94
N PHE A 25 -30.63 1.67 -2.30
CA PHE A 25 -30.81 2.11 -3.67
C PHE A 25 -29.99 1.26 -4.64
N VAL A 26 -28.76 0.99 -4.23
CA VAL A 26 -27.86 0.19 -5.05
C VAL A 26 -28.18 -1.30 -4.86
N SER A 27 -28.52 -1.64 -3.63
CA SER A 27 -28.85 -3.02 -3.30
C SER A 27 -30.13 -3.43 -4.03
N SER A 28 -30.89 -2.42 -4.45
CA SER A 28 -32.14 -2.67 -5.15
C SER A 28 -31.91 -2.57 -6.66
N LYS A 29 -30.86 -3.22 -7.12
CA LYS A 29 -30.52 -3.21 -8.53
C LYS A 29 -30.27 -4.65 -8.99
N ARG A 30 -29.02 -5.08 -8.86
CA ARG A 30 -28.64 -6.42 -9.26
C ARG A 30 -29.05 -7.43 -8.19
N PRO A 31 -28.66 -7.12 -6.93
CA PRO A 31 -28.98 -7.99 -5.81
C PRO A 31 -30.46 -7.87 -5.43
N ILE A 32 -30.76 -8.33 -4.22
CA ILE A 32 -32.13 -8.28 -3.73
C ILE A 32 -32.14 -8.63 -2.24
N LYS A 33 -32.51 -7.65 -1.44
CA LYS A 33 -32.57 -7.85 0.00
C LYS A 33 -31.15 -8.05 0.55
N ASN A 34 -30.76 -7.15 1.44
CA ASN A 34 -29.44 -7.21 2.03
C ASN A 34 -29.03 -5.83 2.52
N GLU A 35 -29.63 -4.82 1.90
CA GLU A 35 -29.34 -3.44 2.26
C GLU A 35 -29.48 -3.24 3.77
N GLN A 36 -30.27 -4.12 4.38
CA GLN A 36 -30.49 -4.05 5.81
C GLN A 36 -29.21 -4.40 6.57
N LEU A 37 -28.72 -5.61 6.32
CA LEU A 37 -27.51 -6.07 6.96
C LEU A 37 -26.39 -5.06 6.71
N LEU A 38 -26.32 -4.59 5.47
CA LEU A 38 -25.31 -3.63 5.09
C LEU A 38 -25.51 -2.34 5.87
N GLN A 39 -26.66 -1.72 5.67
CA GLN A 39 -26.99 -0.49 6.35
C GLN A 39 -26.44 -0.51 7.78
N LEU A 40 -26.80 -1.56 8.49
CA LEU A 40 -26.35 -1.72 9.87
C LEU A 40 -24.83 -1.71 9.91
N ILE A 41 -24.24 -2.70 9.26
CA ILE A 41 -22.80 -2.83 9.22
C ILE A 41 -22.19 -1.45 8.90
N PHE A 42 -22.62 -0.89 7.78
CA PHE A 42 -22.13 0.40 7.36
C PHE A 42 -22.18 1.41 8.52
N LYS A 43 -23.37 1.57 9.07
CA LYS A 43 -23.55 2.49 10.18
C LYS A 43 -22.40 2.33 11.18
N ALA A 44 -22.17 1.09 11.56
CA ALA A 44 -21.10 0.79 12.51
C ALA A 44 -19.74 0.92 11.80
N ILE A 45 -19.78 0.72 10.49
CA ILE A 45 -18.57 0.81 9.69
C ILE A 45 -18.26 2.28 9.40
N ASP A 46 -19.17 3.13 9.86
CA ASP A 46 -19.01 4.56 9.65
C ASP A 46 -18.84 5.26 11.01
N ILE A 47 -19.96 5.69 11.56
CA ILE A 47 -19.95 6.36 12.85
C ILE A 47 -18.65 7.15 12.99
N ASP A 48 -18.18 7.68 11.87
CA ASP A 48 -16.95 8.46 11.86
C ASP A 48 -17.25 9.86 12.38
N GLY A 49 -18.48 10.29 12.18
CA GLY A 49 -18.90 11.61 12.60
C GLY A 49 -20.32 11.58 13.17
N ASN A 50 -20.93 10.41 13.09
CA ASN A 50 -22.29 10.22 13.58
C ASN A 50 -22.88 8.96 12.98
N GLY A 51 -23.08 9.00 11.66
CA GLY A 51 -23.64 7.87 10.95
C GLY A 51 -23.96 8.23 9.51
N GLU A 52 -24.22 9.52 9.29
CA GLU A 52 -24.54 10.00 7.96
C GLU A 52 -23.27 10.49 7.26
N ILE A 53 -22.98 9.87 6.13
CA ILE A 53 -21.81 10.23 5.35
C ILE A 53 -22.24 10.85 4.03
N ASP A 54 -21.25 11.32 3.28
CA ASP A 54 -21.52 11.94 1.99
C ASP A 54 -20.67 11.26 0.91
N LEU A 55 -21.29 11.06 -0.24
CA LEU A 55 -20.61 10.42 -1.35
C LEU A 55 -19.15 10.90 -1.39
N ALA A 56 -18.97 12.16 -1.03
CA ALA A 56 -17.64 12.75 -1.01
C ALA A 56 -16.75 11.96 -0.04
N GLU A 57 -17.13 11.99 1.22
CA GLU A 57 -16.39 11.29 2.25
C GLU A 57 -15.89 9.95 1.72
N PHE A 58 -16.80 9.21 1.12
CA PHE A 58 -16.48 7.90 0.57
C PHE A 58 -15.41 8.03 -0.53
N THR A 59 -15.73 8.84 -1.52
CA THR A 59 -14.82 9.05 -2.63
C THR A 59 -13.45 9.52 -2.13
N LYS A 60 -13.50 10.45 -1.17
CA LYS A 60 -12.28 10.99 -0.59
C LYS A 60 -11.50 9.86 0.08
N PHE A 61 -12.07 9.36 1.18
CA PHE A 61 -11.43 8.29 1.93
C PHE A 61 -10.89 7.21 0.99
N ALA A 62 -11.58 7.06 -0.14
CA ALA A 62 -11.18 6.06 -1.13
C ALA A 62 -9.85 6.50 -1.76
N ALA A 63 -9.82 7.75 -2.18
CA ALA A 63 -8.62 8.29 -2.81
C ALA A 63 -7.54 8.49 -1.75
N ALA A 64 -7.99 8.71 -0.52
CA ALA A 64 -7.08 8.92 0.58
C ALA A 64 -6.47 7.57 0.99
N VAL A 65 -7.34 6.57 1.09
CA VAL A 65 -6.90 5.24 1.47
C VAL A 65 -6.14 4.61 0.31
N LYS A 66 -6.42 5.11 -0.89
CA LYS A 66 -5.76 4.60 -2.09
C LYS A 66 -4.28 4.37 -1.79
N GLU A 67 -3.67 5.38 -1.17
CA GLU A 67 -2.26 5.29 -0.82
C GLU A 67 -1.76 6.65 -0.30
N GLN A 68 -2.53 7.20 0.63
CA GLN A 68 -2.18 8.48 1.22
C GLN A 68 -3.06 8.78 2.43
N ASP A 69 -3.14 7.79 3.32
CA ASP A 69 -3.95 7.93 4.51
C ASP A 69 -3.85 6.64 5.33
N LEU A 70 -4.44 6.68 6.52
CA LEU A 70 -4.42 5.54 7.41
C LEU A 70 -3.01 5.00 7.52
N SER A 71 -2.10 5.87 7.95
CA SER A 71 -0.71 5.49 8.10
C SER A 71 -0.54 4.59 9.32
N ASP A 72 -0.86 5.14 10.49
CA ASP A 72 -0.75 4.39 11.72
C ASP A 72 -1.53 3.08 11.60
N GLU A 73 -2.77 3.21 11.17
CA GLU A 73 -3.62 2.04 11.01
C GLU A 73 -2.87 0.93 10.28
N LYS A 74 -2.08 1.33 9.29
CA LYS A 74 -1.30 0.39 8.52
C LYS A 74 -0.10 -0.07 9.35
N VAL A 75 0.52 0.89 10.02
CA VAL A 75 1.68 0.60 10.84
C VAL A 75 1.31 -0.46 11.88
N GLY A 76 0.12 -0.29 12.44
CA GLY A 76 -0.36 -1.22 13.45
C GLY A 76 -0.32 -2.67 12.93
N LEU A 77 -1.21 -2.93 11.98
CA LEU A 77 -1.28 -4.26 11.39
C LEU A 77 0.08 -4.65 10.82
N LYS A 78 0.58 -3.80 9.95
CA LYS A 78 1.87 -4.03 9.33
C LYS A 78 2.85 -4.60 10.37
N ILE A 79 3.01 -3.84 11.44
CA ILE A 79 3.90 -4.24 12.51
C ILE A 79 3.53 -5.67 12.97
N LEU A 80 2.32 -5.79 13.49
CA LEU A 80 1.84 -7.08 13.96
C LEU A 80 2.12 -8.14 12.89
N TYR A 81 2.06 -7.71 11.64
CA TYR A 81 2.29 -8.61 10.52
C TYR A 81 3.77 -8.98 10.43
N LYS A 82 4.62 -8.00 10.74
CA LYS A 82 6.06 -8.22 10.69
C LYS A 82 6.49 -8.98 11.94
N LEU A 83 5.95 -8.55 13.08
CA LEU A 83 6.28 -9.18 14.35
C LEU A 83 5.64 -10.57 14.40
N MET A 84 4.31 -10.57 14.52
CA MET A 84 3.57 -11.82 14.58
C MET A 84 3.86 -12.70 13.35
N ASP A 85 3.65 -12.11 12.19
CA ASP A 85 3.89 -12.82 10.94
C ASP A 85 3.43 -14.28 11.10
N ALA A 86 4.38 -15.13 11.45
CA ALA A 86 4.09 -16.54 11.63
C ALA A 86 5.40 -17.30 11.79
N ASP A 87 6.25 -17.19 10.79
CA ASP A 87 7.54 -17.86 10.81
C ASP A 87 8.64 -16.84 11.12
N GLY A 88 8.68 -15.79 10.32
CA GLY A 88 9.67 -14.74 10.50
C GLY A 88 10.17 -14.22 9.15
N ASP A 89 9.21 -14.00 8.25
CA ASP A 89 9.54 -13.49 6.93
C ASP A 89 8.61 -12.33 6.58
N GLY A 90 7.32 -12.58 6.77
CA GLY A 90 6.32 -11.57 6.48
C GLY A 90 5.24 -12.12 5.54
N LYS A 91 5.46 -13.35 5.11
CA LYS A 91 4.52 -14.00 4.21
C LYS A 91 3.48 -14.76 5.02
N LEU A 92 2.25 -14.25 5.00
CA LEU A 92 1.17 -14.87 5.73
C LEU A 92 0.33 -15.72 4.78
N THR A 93 0.39 -17.03 4.99
CA THR A 93 -0.35 -17.96 4.15
C THR A 93 -1.82 -18.01 4.59
N LYS A 94 -2.60 -18.78 3.84
CA LYS A 94 -4.02 -18.92 4.15
C LYS A 94 -4.21 -18.96 5.66
N GLU A 95 -4.03 -20.15 6.22
CA GLU A 95 -4.17 -20.34 7.65
C GLU A 95 -3.62 -19.13 8.41
N GLU A 96 -2.35 -18.85 8.15
CA GLU A 96 -1.68 -17.73 8.80
C GLU A 96 -2.58 -16.48 8.76
N VAL A 97 -2.88 -16.04 7.55
CA VAL A 97 -3.72 -14.88 7.36
C VAL A 97 -5.04 -15.08 8.12
N THR A 98 -5.83 -16.03 7.63
CA THR A 98 -7.10 -16.32 8.25
C THR A 98 -7.03 -16.13 9.76
N THR A 99 -6.07 -16.81 10.37
CA THR A 99 -5.88 -16.71 11.81
C THR A 99 -5.46 -15.29 12.20
N PHE A 100 -4.42 -14.81 11.53
CA PHE A 100 -3.90 -13.48 11.79
C PHE A 100 -5.00 -12.43 11.61
N PHE A 101 -5.42 -12.25 10.37
CA PHE A 101 -6.46 -11.29 10.06
C PHE A 101 -7.62 -11.39 11.04
N LYS A 102 -7.84 -12.61 11.52
CA LYS A 102 -8.91 -12.86 12.48
C LYS A 102 -8.63 -12.10 13.76
N LYS A 103 -7.45 -12.33 14.30
CA LYS A 103 -7.05 -11.67 15.54
C LYS A 103 -7.08 -10.15 15.34
N PHE A 104 -6.85 -9.75 14.10
CA PHE A 104 -6.85 -8.33 13.76
C PHE A 104 -8.28 -7.79 13.66
N GLY A 105 -8.89 -8.08 12.52
CA GLY A 105 -10.25 -7.63 12.28
C GLY A 105 -11.06 -8.71 11.56
N TYR A 106 -10.77 -8.87 10.27
CA TYR A 106 -11.46 -9.86 9.46
C TYR A 106 -12.96 -9.60 9.44
N GLU A 107 -13.47 -9.34 8.26
CA GLU A 107 -14.90 -9.08 8.10
C GLU A 107 -15.23 -8.85 6.62
N LYS A 108 -14.59 -7.84 6.05
CA LYS A 108 -14.80 -7.50 4.65
C LYS A 108 -13.64 -8.04 3.82
N VAL A 109 -12.56 -8.37 4.51
CA VAL A 109 -11.37 -8.88 3.85
C VAL A 109 -11.57 -10.37 3.54
N VAL A 110 -12.33 -11.03 4.42
CA VAL A 110 -12.60 -12.45 4.26
C VAL A 110 -12.89 -12.74 2.78
N ASP A 111 -13.65 -11.85 2.17
CA ASP A 111 -14.00 -12.00 0.78
C ASP A 111 -12.73 -12.26 -0.05
N GLN A 112 -11.85 -11.27 -0.03
CA GLN A 112 -10.60 -11.38 -0.76
C GLN A 112 -9.74 -12.52 -0.19
N ILE A 113 -9.62 -12.50 1.13
CA ILE A 113 -8.84 -13.51 1.82
C ILE A 113 -9.09 -14.88 1.17
N MET A 114 -10.34 -15.08 0.78
CA MET A 114 -10.72 -16.34 0.15
C MET A 114 -10.36 -16.34 -1.33
N LYS A 115 -10.68 -15.23 -1.99
CA LYS A 115 -10.40 -15.09 -3.40
C LYS A 115 -9.45 -13.90 -3.61
N ALA A 116 -8.28 -13.99 -2.97
CA ALA A 116 -7.30 -12.95 -3.08
C ALA A 116 -6.09 -13.47 -3.85
N ASP A 117 -5.36 -14.37 -3.22
CA ASP A 117 -4.18 -14.95 -3.84
C ASP A 117 -4.59 -16.18 -4.65
N ALA A 118 -3.86 -16.42 -5.73
CA ALA A 118 -4.13 -17.55 -6.60
C ALA A 118 -3.44 -17.34 -7.94
N ASN A 119 -2.22 -16.83 -7.87
CA ASN A 119 -1.44 -16.59 -9.07
C ASN A 119 -0.21 -17.49 -9.07
N GLY A 120 0.49 -17.48 -7.95
CA GLY A 120 1.69 -18.30 -7.81
C GLY A 120 2.38 -18.04 -6.48
N ASP A 121 1.57 -17.84 -5.45
CA ASP A 121 2.08 -17.57 -4.12
C ASP A 121 1.32 -18.42 -3.10
N GLY A 122 0.00 -18.39 -3.22
CA GLY A 122 -0.85 -19.13 -2.32
C GLY A 122 -0.79 -18.57 -0.91
N TYR A 123 -0.10 -17.44 -0.79
CA TYR A 123 0.04 -16.79 0.51
C TYR A 123 -0.24 -15.28 0.39
N ILE A 124 -0.12 -14.61 1.52
CA ILE A 124 -0.34 -13.18 1.57
C ILE A 124 0.63 -12.53 2.55
N THR A 125 1.46 -11.65 2.02
CA THR A 125 2.46 -10.96 2.83
C THR A 125 1.87 -9.67 3.40
N LEU A 126 2.52 -9.17 4.44
CA LEU A 126 2.07 -7.94 5.08
C LEU A 126 1.62 -6.95 4.01
N GLU A 127 2.45 -6.81 2.99
CA GLU A 127 2.16 -5.90 1.90
C GLU A 127 0.85 -6.30 1.20
N GLU A 128 0.74 -7.60 0.94
CA GLU A 128 -0.45 -8.12 0.29
C GLU A 128 -1.71 -7.65 1.03
N PHE A 129 -1.81 -8.07 2.27
CA PHE A 129 -2.96 -7.71 3.09
C PHE A 129 -3.22 -6.20 3.03
N LEU A 130 -2.18 -5.44 3.33
CA LEU A 130 -2.28 -3.99 3.31
C LEU A 130 -2.53 -3.52 1.88
N ALA A 131 -2.22 -4.40 0.94
CA ALA A 131 -2.40 -4.09 -0.47
C ALA A 131 -3.83 -4.45 -0.88
N PHE A 132 -4.42 -5.37 -0.13
CA PHE A 132 -5.78 -5.81 -0.40
C PHE A 132 -6.75 -5.26 0.64
N ASN A 133 -6.41 -4.10 1.17
CA ASN A 133 -7.24 -3.46 2.18
C ASN A 133 -7.62 -2.06 1.70
N LEU A 134 -8.37 -2.03 0.60
CA LEU A 134 -8.81 -0.77 0.03
C LEU A 134 -10.29 -0.87 -0.36
N MET A 1 27.45 11.49 -0.49
CA MET A 1 28.57 12.40 -0.71
C MET A 1 28.10 13.86 -0.74
N ALA A 2 27.17 14.12 -1.66
CA ALA A 2 26.64 15.46 -1.81
C ALA A 2 25.56 15.46 -2.89
N GLU A 3 24.34 15.18 -2.47
CA GLU A 3 23.21 15.13 -3.39
C GLU A 3 21.93 14.77 -2.64
N ALA A 4 20.81 15.20 -3.20
CA ALA A 4 19.51 14.92 -2.60
C ALA A 4 18.42 15.59 -3.44
N LEU A 5 18.21 15.05 -4.63
CA LEU A 5 17.20 15.59 -5.52
C LEU A 5 17.13 14.72 -6.79
N PHE A 6 16.10 13.90 -6.85
CA PHE A 6 15.91 13.02 -7.99
C PHE A 6 15.87 13.81 -9.30
N LYS A 7 15.62 15.11 -9.16
CA LYS A 7 15.57 15.98 -10.32
C LYS A 7 16.67 15.60 -11.29
N GLN A 8 17.90 15.88 -10.88
CA GLN A 8 19.06 15.58 -11.70
C GLN A 8 19.03 14.11 -12.14
N LEU A 9 18.90 13.24 -11.15
CA LEU A 9 18.86 11.81 -11.41
C LEU A 9 18.06 11.55 -12.69
N ASP A 10 16.94 12.25 -12.79
CA ASP A 10 16.07 12.11 -13.95
C ASP A 10 16.61 12.98 -15.09
N ALA A 11 16.62 14.28 -14.84
CA ALA A 11 17.10 15.22 -15.83
C ALA A 11 16.09 15.32 -16.97
N ASN A 12 15.67 14.16 -17.45
CA ASN A 12 14.71 14.10 -18.54
C ASN A 12 13.70 15.24 -18.38
N GLY A 13 13.39 15.55 -17.13
CA GLY A 13 12.44 16.61 -16.84
C GLY A 13 11.01 16.19 -17.20
N ASP A 14 10.80 14.88 -17.21
CA ASP A 14 9.49 14.35 -17.54
C ASP A 14 8.61 14.34 -16.29
N GLY A 15 9.16 14.89 -15.22
CA GLY A 15 8.43 14.96 -13.95
C GLY A 15 7.72 13.65 -13.66
N SER A 16 8.36 12.56 -14.08
CA SER A 16 7.79 11.24 -13.87
C SER A 16 8.71 10.17 -14.47
N VAL A 17 8.63 8.99 -13.90
CA VAL A 17 9.45 7.87 -14.37
C VAL A 17 9.16 6.64 -13.53
N SER A 18 9.94 5.60 -13.76
CA SER A 18 9.79 4.35 -13.03
C SER A 18 10.58 4.41 -11.73
N TYR A 19 9.87 4.69 -10.65
CA TYR A 19 10.50 4.76 -9.34
C TYR A 19 11.60 3.72 -9.19
N GLU A 20 11.41 2.60 -9.87
CA GLU A 20 12.37 1.52 -9.82
C GLU A 20 13.79 2.06 -9.99
N GLU A 21 13.90 3.10 -10.82
CA GLU A 21 15.19 3.72 -11.07
C GLU A 21 15.62 4.56 -9.86
N VAL A 22 14.63 5.13 -9.20
CA VAL A 22 14.89 5.97 -8.04
C VAL A 22 15.10 5.07 -6.82
N LYS A 23 14.47 3.90 -6.87
CA LYS A 23 14.58 2.94 -5.78
C LYS A 23 16.00 2.37 -5.74
N ALA A 24 16.55 2.16 -6.93
CA ALA A 24 17.89 1.63 -7.05
C ALA A 24 18.91 2.76 -6.83
N PHE A 25 18.55 3.93 -7.30
CA PHE A 25 19.41 5.09 -7.16
C PHE A 25 19.66 5.41 -5.69
N VAL A 26 18.61 5.30 -4.90
CA VAL A 26 18.71 5.57 -3.48
C VAL A 26 19.31 4.36 -2.77
N SER A 27 18.86 3.18 -3.18
CA SER A 27 19.35 1.95 -2.60
C SER A 27 20.79 1.69 -3.03
N SER A 28 21.18 2.37 -4.10
CA SER A 28 22.53 2.25 -4.62
C SER A 28 23.44 3.32 -4.03
N LYS A 29 23.22 3.60 -2.76
CA LYS A 29 24.00 4.61 -2.06
C LYS A 29 24.60 4.00 -0.79
N ARG A 30 24.23 4.59 0.33
CA ARG A 30 24.72 4.11 1.61
C ARG A 30 23.95 2.87 2.06
N PRO A 31 22.60 2.95 1.88
CA PRO A 31 21.74 1.84 2.26
C PRO A 31 21.84 0.69 1.25
N ILE A 32 20.81 -0.14 1.24
CA ILE A 32 20.78 -1.27 0.34
C ILE A 32 19.34 -1.80 0.25
N LYS A 33 18.75 -2.01 1.42
CA LYS A 33 17.40 -2.52 1.49
C LYS A 33 17.19 -3.57 0.41
N ASN A 34 16.61 -3.13 -0.71
CA ASN A 34 16.36 -4.03 -1.82
C ASN A 34 15.85 -3.21 -3.02
N GLU A 35 16.81 -2.73 -3.81
CA GLU A 35 16.48 -1.93 -4.98
C GLU A 35 15.52 -2.71 -5.90
N GLN A 36 15.84 -3.98 -6.08
CA GLN A 36 15.02 -4.83 -6.93
C GLN A 36 13.76 -5.27 -6.18
N LEU A 37 13.95 -5.99 -5.11
CA LEU A 37 12.85 -6.47 -4.30
C LEU A 37 11.81 -5.34 -4.16
N LEU A 38 12.32 -4.14 -3.98
CA LEU A 38 11.45 -2.98 -3.83
C LEU A 38 10.76 -2.69 -5.16
N GLN A 39 11.57 -2.34 -6.15
CA GLN A 39 11.06 -2.03 -7.46
C GLN A 39 9.94 -3.00 -7.83
N LEU A 40 10.03 -4.21 -7.28
CA LEU A 40 9.03 -5.23 -7.55
C LEU A 40 7.77 -4.92 -6.75
N ILE A 41 7.89 -4.99 -5.44
CA ILE A 41 6.78 -4.72 -4.56
C ILE A 41 6.18 -3.35 -4.90
N PHE A 42 7.06 -2.39 -5.11
CA PHE A 42 6.64 -1.04 -5.45
C PHE A 42 5.82 -1.03 -6.74
N LYS A 43 6.46 -1.47 -7.81
CA LYS A 43 5.81 -1.50 -9.11
C LYS A 43 4.41 -2.09 -8.95
N ALA A 44 4.30 -3.07 -8.05
CA ALA A 44 3.03 -3.71 -7.79
C ALA A 44 2.20 -2.83 -6.86
N ILE A 45 2.89 -2.18 -5.94
CA ILE A 45 2.22 -1.31 -4.99
C ILE A 45 1.96 0.05 -5.63
N ASP A 46 2.31 0.13 -6.91
CA ASP A 46 2.12 1.36 -7.66
C ASP A 46 0.94 1.20 -8.61
N ILE A 47 1.25 0.81 -9.84
CA ILE A 47 0.22 0.61 -10.85
C ILE A 47 -0.92 1.59 -10.59
N ASP A 48 -0.56 2.78 -10.13
CA ASP A 48 -1.54 3.80 -9.85
C ASP A 48 -1.88 4.55 -11.14
N GLY A 49 -0.93 4.52 -12.06
CA GLY A 49 -1.12 5.19 -13.35
C GLY A 49 -0.59 4.32 -14.50
N ASN A 50 0.08 3.24 -14.12
CA ASN A 50 0.64 2.32 -15.11
C ASN A 50 1.84 1.60 -14.49
N GLY A 51 2.81 2.39 -14.07
CA GLY A 51 4.01 1.84 -13.46
C GLY A 51 5.04 2.93 -13.18
N GLU A 52 5.01 3.95 -14.02
CA GLU A 52 5.94 5.07 -13.87
C GLU A 52 5.29 6.17 -13.03
N ILE A 53 5.93 6.46 -11.91
CA ILE A 53 5.42 7.49 -11.00
C ILE A 53 6.40 8.68 -11.01
N ASP A 54 6.05 9.69 -10.23
CA ASP A 54 6.87 10.88 -10.14
C ASP A 54 7.10 11.22 -8.66
N LEU A 55 8.33 11.63 -8.37
CA LEU A 55 8.70 11.98 -7.01
C LEU A 55 7.52 12.71 -6.34
N ALA A 56 6.76 13.43 -7.17
CA ALA A 56 5.61 14.16 -6.68
C ALA A 56 4.55 13.18 -6.18
N GLU A 57 4.09 12.35 -7.11
CA GLU A 57 3.08 11.36 -6.78
C GLU A 57 3.38 10.71 -5.43
N PHE A 58 4.66 10.45 -5.21
CA PHE A 58 5.09 9.84 -3.96
C PHE A 58 4.97 10.82 -2.79
N THR A 59 5.56 11.99 -2.99
CA THR A 59 5.53 13.02 -1.96
C THR A 59 4.08 13.40 -1.64
N LYS A 60 3.34 13.73 -2.69
CA LYS A 60 1.95 14.12 -2.54
C LYS A 60 1.21 13.04 -1.74
N PHE A 61 1.33 11.81 -2.21
CA PHE A 61 0.69 10.68 -1.56
C PHE A 61 1.07 10.61 -0.08
N ALA A 62 2.33 10.92 0.19
CA ALA A 62 2.84 10.89 1.55
C ALA A 62 2.17 12.01 2.35
N ALA A 63 2.06 13.17 1.72
CA ALA A 63 1.45 14.32 2.37
C ALA A 63 -0.04 14.03 2.61
N ALA A 64 -0.72 13.66 1.54
CA ALA A 64 -2.14 13.34 1.64
C ALA A 64 -2.35 12.22 2.65
N VAL A 65 -1.34 11.36 2.74
CA VAL A 65 -1.40 10.23 3.66
C VAL A 65 -1.06 10.72 5.07
N LYS A 66 -0.25 11.77 5.13
CA LYS A 66 0.16 12.35 6.40
C LYS A 66 -0.99 13.15 6.98
N GLU A 67 -1.52 14.04 6.15
CA GLU A 67 -2.63 14.89 6.58
C GLU A 67 -3.69 14.06 7.30
N GLN A 68 -3.69 14.18 8.62
CA GLN A 68 -4.65 13.45 9.43
C GLN A 68 -4.22 11.99 9.56
N ASP A 69 -4.29 11.49 10.79
CA ASP A 69 -3.92 10.10 11.06
C ASP A 69 -4.51 9.20 9.98
N LEU A 70 -3.80 8.13 9.69
CA LEU A 70 -4.24 7.17 8.69
C LEU A 70 -3.17 6.11 8.48
N SER A 71 -2.02 6.57 8.01
CA SER A 71 -0.90 5.67 7.77
C SER A 71 -0.59 4.85 9.03
N ASP A 72 -0.66 5.54 10.16
CA ASP A 72 -0.39 4.91 11.44
C ASP A 72 -1.28 3.67 11.58
N GLU A 73 -2.58 3.89 11.43
CA GLU A 73 -3.53 2.81 11.55
C GLU A 73 -3.06 1.59 10.75
N LYS A 74 -2.60 1.85 9.55
CA LYS A 74 -2.10 0.79 8.69
C LYS A 74 -0.74 0.32 9.19
N VAL A 75 0.00 1.26 9.78
CA VAL A 75 1.32 0.95 10.30
C VAL A 75 1.19 -0.04 11.46
N GLY A 76 0.03 0.00 12.10
CA GLY A 76 -0.24 -0.89 13.23
C GLY A 76 -0.29 -2.34 12.76
N LEU A 77 -1.27 -2.63 11.91
CA LEU A 77 -1.44 -3.98 11.39
C LEU A 77 -0.14 -4.41 10.68
N LYS A 78 0.29 -3.58 9.74
CA LYS A 78 1.50 -3.87 9.00
C LYS A 78 2.56 -4.41 9.95
N ILE A 79 2.96 -3.55 10.89
CA ILE A 79 3.98 -3.93 11.87
C ILE A 79 3.65 -5.32 12.42
N LEU A 80 2.52 -5.40 13.10
CA LEU A 80 2.09 -6.66 13.67
C LEU A 80 2.25 -7.78 12.65
N TYR A 81 1.85 -7.47 11.41
CA TYR A 81 1.95 -8.44 10.34
C TYR A 81 3.39 -8.88 10.12
N LYS A 82 4.30 -7.95 10.37
CA LYS A 82 5.72 -8.23 10.21
C LYS A 82 6.23 -8.99 11.45
N LEU A 83 5.83 -8.49 12.61
CA LEU A 83 6.23 -9.10 13.86
C LEU A 83 5.55 -10.45 14.01
N MET A 84 4.24 -10.40 14.23
CA MET A 84 3.45 -11.60 14.39
C MET A 84 3.58 -12.51 13.17
N ASP A 85 3.30 -11.93 12.01
CA ASP A 85 3.38 -12.68 10.76
C ASP A 85 2.83 -14.09 10.98
N ALA A 86 3.73 -15.00 11.30
CA ALA A 86 3.36 -16.38 11.53
C ALA A 86 4.62 -17.22 11.76
N ASP A 87 5.49 -17.22 10.76
CA ASP A 87 6.73 -17.98 10.84
C ASP A 87 7.86 -17.03 11.22
N GLY A 88 7.87 -15.87 10.57
CA GLY A 88 8.90 -14.88 10.83
C GLY A 88 9.54 -14.40 9.51
N ASP A 89 8.69 -14.19 8.53
CA ASP A 89 9.17 -13.74 7.22
C ASP A 89 8.34 -12.52 6.78
N GLY A 90 7.03 -12.66 6.90
CA GLY A 90 6.12 -11.59 6.53
C GLY A 90 5.05 -12.10 5.56
N LYS A 91 5.18 -13.37 5.20
CA LYS A 91 4.23 -13.99 4.28
C LYS A 91 3.21 -14.80 5.08
N LEU A 92 1.98 -14.31 5.07
CA LEU A 92 0.91 -14.99 5.79
C LEU A 92 0.08 -15.81 4.79
N THR A 93 0.07 -17.11 5.02
CA THR A 93 -0.68 -18.01 4.15
C THR A 93 -2.16 -18.00 4.53
N LYS A 94 -2.95 -18.65 3.68
CA LYS A 94 -4.39 -18.72 3.90
C LYS A 94 -4.65 -18.83 5.40
N GLU A 95 -4.63 -20.07 5.88
CA GLU A 95 -4.86 -20.34 7.29
C GLU A 95 -4.25 -19.24 8.15
N GLU A 96 -2.96 -19.02 7.94
CA GLU A 96 -2.24 -18.00 8.69
C GLU A 96 -3.04 -16.71 8.73
N VAL A 97 -3.20 -16.12 7.55
CA VAL A 97 -3.95 -14.88 7.44
C VAL A 97 -5.32 -15.03 8.10
N THR A 98 -6.14 -15.88 7.49
CA THR A 98 -7.48 -16.14 8.01
C THR A 98 -7.48 -16.04 9.53
N THR A 99 -6.52 -16.72 10.14
CA THR A 99 -6.39 -16.73 11.59
C THR A 99 -5.92 -15.35 12.09
N PHE A 100 -4.79 -14.92 11.54
CA PHE A 100 -4.23 -13.64 11.92
C PHE A 100 -5.21 -12.50 11.68
N PHE A 101 -5.54 -12.31 10.40
CA PHE A 101 -6.46 -11.26 10.03
C PHE A 101 -7.73 -11.31 10.88
N LYS A 102 -8.18 -12.53 11.14
CA LYS A 102 -9.37 -12.73 11.95
C LYS A 102 -9.05 -12.42 13.41
N LYS A 103 -7.85 -12.80 13.82
CA LYS A 103 -7.41 -12.57 15.18
C LYS A 103 -7.38 -11.07 15.45
N PHE A 104 -7.08 -10.32 14.41
CA PHE A 104 -7.01 -8.86 14.53
C PHE A 104 -8.41 -8.26 14.65
N GLY A 105 -9.19 -8.43 13.61
CA GLY A 105 -10.54 -7.91 13.59
C GLY A 105 -11.11 -7.86 12.16
N TYR A 106 -10.82 -8.93 11.42
CA TYR A 106 -11.29 -9.04 10.05
C TYR A 106 -11.79 -10.45 9.76
N GLU A 107 -12.79 -10.86 10.52
CA GLU A 107 -13.37 -12.18 10.35
C GLU A 107 -14.43 -12.16 9.25
N LYS A 108 -13.99 -11.74 8.06
CA LYS A 108 -14.88 -11.67 6.92
C LYS A 108 -14.05 -11.51 5.65
N VAL A 109 -13.05 -10.66 5.72
CA VAL A 109 -12.18 -10.42 4.59
C VAL A 109 -11.70 -11.76 4.02
N VAL A 110 -11.71 -12.77 4.89
CA VAL A 110 -11.29 -14.10 4.49
C VAL A 110 -11.77 -14.38 3.07
N ASP A 111 -12.91 -13.78 2.73
CA ASP A 111 -13.48 -13.97 1.41
C ASP A 111 -12.59 -13.30 0.36
N GLN A 112 -12.36 -12.01 0.57
CA GLN A 112 -11.53 -11.24 -0.34
C GLN A 112 -10.09 -11.76 -0.30
N ILE A 113 -9.68 -12.16 0.89
CA ILE A 113 -8.33 -12.68 1.08
C ILE A 113 -8.11 -13.88 0.16
N MET A 114 -9.06 -14.81 0.21
CA MET A 114 -8.97 -16.00 -0.61
C MET A 114 -9.07 -15.65 -2.09
N LYS A 115 -9.86 -14.63 -2.38
CA LYS A 115 -10.05 -14.19 -3.75
C LYS A 115 -8.92 -13.22 -4.12
N ALA A 116 -8.06 -12.95 -3.15
CA ALA A 116 -6.94 -12.05 -3.36
C ALA A 116 -5.82 -12.80 -4.08
N ASP A 117 -5.18 -13.70 -3.34
CA ASP A 117 -4.09 -14.49 -3.89
C ASP A 117 -4.66 -15.68 -4.66
N ALA A 118 -3.96 -16.06 -5.72
CA ALA A 118 -4.39 -17.18 -6.55
C ALA A 118 -3.64 -17.12 -7.88
N ASN A 119 -2.36 -16.80 -7.80
CA ASN A 119 -1.53 -16.72 -8.99
C ASN A 119 -0.42 -17.78 -8.90
N GLY A 120 0.28 -17.75 -7.79
CA GLY A 120 1.37 -18.70 -7.58
C GLY A 120 2.07 -18.45 -6.24
N ASP A 121 1.26 -18.07 -5.26
CA ASP A 121 1.79 -17.79 -3.93
C ASP A 121 0.95 -18.54 -2.89
N GLY A 122 -0.36 -18.42 -3.04
CA GLY A 122 -1.29 -19.07 -2.12
C GLY A 122 -1.22 -18.45 -0.73
N TYR A 123 -0.45 -17.36 -0.65
CA TYR A 123 -0.30 -16.66 0.62
C TYR A 123 -0.47 -15.15 0.43
N ILE A 124 -0.33 -14.43 1.54
CA ILE A 124 -0.47 -12.99 1.51
C ILE A 124 0.53 -12.36 2.49
N THR A 125 1.38 -11.50 1.95
CA THR A 125 2.39 -10.84 2.77
C THR A 125 1.84 -9.51 3.30
N LEU A 126 2.52 -9.00 4.31
CA LEU A 126 2.11 -7.75 4.93
C LEU A 126 1.77 -6.74 3.84
N GLU A 127 2.50 -6.82 2.75
CA GLU A 127 2.29 -5.93 1.62
C GLU A 127 0.97 -6.27 0.91
N GLU A 128 0.73 -7.58 0.80
CA GLU A 128 -0.48 -8.06 0.15
C GLU A 128 -1.72 -7.54 0.88
N PHE A 129 -1.75 -7.82 2.18
CA PHE A 129 -2.87 -7.40 3.00
C PHE A 129 -3.01 -5.87 2.98
N LEU A 130 -1.89 -5.20 3.15
CA LEU A 130 -1.88 -3.74 3.16
C LEU A 130 -2.13 -3.23 1.73
N ALA A 131 -1.88 -4.10 0.78
CA ALA A 131 -2.06 -3.76 -0.62
C ALA A 131 -3.56 -3.70 -0.93
N PHE A 132 -4.27 -4.67 -0.40
CA PHE A 132 -5.71 -4.75 -0.61
C PHE A 132 -6.42 -3.52 -0.02
N ASN A 133 -5.67 -2.78 0.78
CA ASN A 133 -6.21 -1.59 1.42
C ASN A 133 -5.44 -0.36 0.92
N LEU A 134 -4.78 -0.54 -0.22
CA LEU A 134 -4.00 0.55 -0.80
C LEU A 134 -3.95 0.36 -2.32
N MET A 1 22.53 21.35 -10.61
CA MET A 1 23.49 20.65 -9.79
C MET A 1 22.81 19.53 -8.99
N ALA A 2 23.05 18.30 -9.43
CA ALA A 2 22.47 17.14 -8.78
C ALA A 2 22.56 17.32 -7.26
N GLU A 3 21.39 17.34 -6.64
CA GLU A 3 21.31 17.50 -5.19
C GLU A 3 20.03 16.88 -4.65
N ALA A 4 18.91 17.28 -5.24
CA ALA A 4 17.62 16.78 -4.84
C ALA A 4 16.52 17.66 -5.42
N LEU A 5 15.88 17.14 -6.46
CA LEU A 5 14.81 17.87 -7.13
C LEU A 5 14.36 17.10 -8.36
N PHE A 6 13.24 16.42 -8.22
CA PHE A 6 12.69 15.65 -9.33
C PHE A 6 12.35 16.54 -10.52
N LYS A 7 12.21 17.82 -10.23
CA LYS A 7 11.89 18.80 -11.27
C LYS A 7 12.72 18.49 -12.51
N GLN A 8 14.03 18.46 -12.32
CA GLN A 8 14.95 18.19 -13.42
C GLN A 8 14.72 16.77 -13.96
N LEU A 9 14.89 15.81 -13.08
CA LEU A 9 14.71 14.42 -13.45
C LEU A 9 13.55 14.30 -14.43
N ASP A 10 12.50 15.06 -14.14
CA ASP A 10 11.31 15.05 -14.99
C ASP A 10 11.54 16.00 -16.18
N ALA A 11 11.67 17.28 -15.86
CA ALA A 11 11.89 18.28 -16.89
C ALA A 11 10.60 18.48 -17.68
N ASN A 12 9.99 17.36 -18.06
CA ASN A 12 8.76 17.40 -18.82
C ASN A 12 7.90 18.56 -18.33
N GLY A 13 8.01 18.84 -17.04
CA GLY A 13 7.24 19.92 -16.44
C GLY A 13 5.74 19.61 -16.46
N ASP A 14 5.43 18.33 -16.48
CA ASP A 14 4.05 17.89 -16.51
C ASP A 14 3.49 17.88 -15.08
N GLY A 15 4.36 18.22 -14.14
CA GLY A 15 3.98 18.24 -12.74
C GLY A 15 3.29 16.94 -12.33
N SER A 16 3.71 15.86 -12.98
CA SER A 16 3.14 14.55 -12.69
C SER A 16 3.80 13.50 -13.58
N VAL A 17 3.82 12.27 -13.08
CA VAL A 17 4.41 11.17 -13.81
C VAL A 17 4.32 9.89 -12.96
N SER A 18 4.95 8.84 -13.47
CA SER A 18 4.95 7.57 -12.78
C SER A 18 6.11 7.51 -11.79
N TYR A 19 5.79 7.73 -10.53
CA TYR A 19 6.79 7.72 -9.47
C TYR A 19 7.83 6.62 -9.73
N GLU A 20 7.38 5.57 -10.41
CA GLU A 20 8.25 4.46 -10.72
C GLU A 20 9.61 4.97 -11.20
N GLU A 21 9.56 5.99 -12.04
CA GLU A 21 10.78 6.58 -12.58
C GLU A 21 11.56 7.29 -11.47
N VAL A 22 10.81 7.83 -10.52
CA VAL A 22 11.41 8.54 -9.41
C VAL A 22 11.94 7.54 -8.39
N LYS A 23 11.31 6.36 -8.38
CA LYS A 23 11.71 5.31 -7.47
C LYS A 23 13.08 4.77 -7.87
N ALA A 24 13.29 4.69 -9.18
CA ALA A 24 14.55 4.20 -9.72
C ALA A 24 15.59 5.32 -9.65
N PHE A 25 15.12 6.53 -9.89
CA PHE A 25 16.00 7.69 -9.87
C PHE A 25 16.61 7.88 -8.47
N VAL A 26 15.79 7.66 -7.47
CA VAL A 26 16.24 7.81 -6.09
C VAL A 26 17.02 6.57 -5.68
N SER A 27 16.51 5.42 -6.09
CA SER A 27 17.15 4.15 -5.77
C SER A 27 18.49 4.04 -6.50
N SER A 28 18.61 4.84 -7.55
CA SER A 28 19.84 4.84 -8.33
C SER A 28 20.82 5.88 -7.78
N LYS A 29 20.89 5.93 -6.46
CA LYS A 29 21.77 6.86 -5.79
C LYS A 29 22.67 6.10 -4.80
N ARG A 30 22.14 5.93 -3.59
CA ARG A 30 22.87 5.23 -2.56
C ARG A 30 22.75 3.71 -2.76
N PRO A 31 21.47 3.25 -2.83
CA PRO A 31 21.21 1.83 -3.02
C PRO A 31 21.49 1.40 -4.46
N ILE A 32 20.91 0.27 -4.83
CA ILE A 32 21.09 -0.25 -6.18
C ILE A 32 20.06 -1.35 -6.43
N LYS A 33 19.87 -2.19 -5.43
CA LYS A 33 18.92 -3.29 -5.54
C LYS A 33 17.72 -3.00 -4.62
N ASN A 34 16.66 -2.49 -5.24
CA ASN A 34 15.45 -2.18 -4.51
C ASN A 34 14.47 -1.45 -5.44
N GLU A 35 15.03 -0.68 -6.35
CA GLU A 35 14.22 0.07 -7.30
C GLU A 35 13.15 -0.83 -7.92
N GLN A 36 13.44 -2.12 -7.90
CA GLN A 36 12.51 -3.10 -8.45
C GLN A 36 11.33 -3.32 -7.48
N LEU A 37 11.67 -3.62 -6.24
CA LEU A 37 10.66 -3.85 -5.22
C LEU A 37 9.95 -2.53 -4.92
N LEU A 38 10.75 -1.50 -4.71
CA LEU A 38 10.22 -0.18 -4.40
C LEU A 38 9.26 0.24 -5.51
N GLN A 39 9.78 0.28 -6.72
CA GLN A 39 8.98 0.67 -7.88
C GLN A 39 7.65 -0.09 -7.88
N LEU A 40 7.75 -1.41 -7.88
CA LEU A 40 6.58 -2.26 -7.87
C LEU A 40 5.76 -1.98 -6.62
N ILE A 41 6.46 -1.66 -5.54
CA ILE A 41 5.82 -1.37 -4.28
C ILE A 41 4.98 -0.09 -4.42
N PHE A 42 5.60 0.91 -5.03
CA PHE A 42 4.93 2.19 -5.24
C PHE A 42 3.76 2.04 -6.22
N LYS A 43 4.10 1.61 -7.43
CA LYS A 43 3.09 1.43 -8.46
C LYS A 43 1.89 0.71 -7.87
N ALA A 44 2.18 -0.27 -7.02
CA ALA A 44 1.13 -1.05 -6.38
C ALA A 44 0.56 -0.26 -5.21
N ILE A 45 1.42 0.55 -4.60
CA ILE A 45 1.02 1.35 -3.47
C ILE A 45 0.39 2.66 -3.96
N ASP A 46 0.26 2.74 -5.28
CA ASP A 46 -0.33 3.92 -5.89
C ASP A 46 -1.85 3.76 -5.95
N ILE A 47 -2.29 3.01 -6.96
CA ILE A 47 -3.71 2.78 -7.15
C ILE A 47 -4.48 4.05 -6.81
N ASP A 48 -3.83 5.17 -7.04
CA ASP A 48 -4.44 6.46 -6.76
C ASP A 48 -5.53 6.73 -7.80
N GLY A 49 -5.63 5.82 -8.76
CA GLY A 49 -6.62 5.95 -9.81
C GLY A 49 -5.95 6.02 -11.19
N ASN A 50 -4.82 5.34 -11.29
CA ASN A 50 -4.07 5.33 -12.53
C ASN A 50 -2.69 4.72 -12.29
N GLY A 51 -1.79 5.55 -11.77
CA GLY A 51 -0.44 5.10 -11.49
C GLY A 51 0.55 6.26 -11.61
N GLU A 52 0.10 7.31 -12.28
CA GLU A 52 0.94 8.48 -12.48
C GLU A 52 0.67 9.52 -11.38
N ILE A 53 1.65 9.70 -10.52
CA ILE A 53 1.53 10.65 -9.43
C ILE A 53 2.48 11.82 -9.67
N ASP A 54 2.43 12.79 -8.77
CA ASP A 54 3.27 13.97 -8.87
C ASP A 54 3.95 14.23 -7.52
N LEU A 55 5.23 14.55 -7.60
CA LEU A 55 6.01 14.83 -6.40
C LEU A 55 5.13 15.59 -5.41
N ALA A 56 4.29 16.46 -5.95
CA ALA A 56 3.41 17.26 -5.12
C ALA A 56 2.42 16.34 -4.40
N GLU A 57 1.74 15.53 -5.18
CA GLU A 57 0.76 14.60 -4.63
C GLU A 57 1.36 13.85 -3.43
N PHE A 58 2.62 13.46 -3.58
CA PHE A 58 3.32 12.75 -2.53
C PHE A 58 3.60 13.66 -1.34
N THR A 59 4.34 14.72 -1.61
CA THR A 59 4.68 15.68 -0.57
C THR A 59 3.43 16.13 0.18
N LYS A 60 2.42 16.51 -0.59
CA LYS A 60 1.16 16.96 -0.02
C LYS A 60 0.63 15.88 0.93
N PHE A 61 0.40 14.71 0.36
CA PHE A 61 -0.11 13.59 1.14
C PHE A 61 0.67 13.42 2.45
N ALA A 62 1.97 13.70 2.36
CA ALA A 62 2.83 13.58 3.52
C ALA A 62 2.48 14.70 4.52
N ALA A 63 2.18 15.86 3.97
CA ALA A 63 1.83 17.01 4.79
C ALA A 63 0.40 16.85 5.31
N ALA A 64 -0.40 16.14 4.52
CA ALA A 64 -1.78 15.91 4.89
C ALA A 64 -1.85 14.82 5.96
N VAL A 65 -0.98 13.83 5.81
CA VAL A 65 -0.93 12.73 6.75
C VAL A 65 -0.17 13.17 8.00
N LYS A 66 0.72 14.13 7.80
CA LYS A 66 1.53 14.64 8.90
C LYS A 66 0.63 14.84 10.13
N GLU A 67 -0.33 15.74 9.97
CA GLU A 67 -1.26 16.03 11.06
C GLU A 67 -2.58 15.29 10.83
N GLN A 68 -2.52 13.98 11.00
CA GLN A 68 -3.70 13.15 10.82
C GLN A 68 -3.31 11.66 10.82
N ASP A 69 -4.33 10.82 10.81
CA ASP A 69 -4.12 9.38 10.81
C ASP A 69 -5.04 8.74 9.78
N LEU A 70 -4.47 7.83 8.99
CA LEU A 70 -5.22 7.14 7.97
C LEU A 70 -4.51 5.82 7.63
N SER A 71 -3.33 5.96 7.05
CA SER A 71 -2.55 4.80 6.67
C SER A 71 -1.90 4.17 7.91
N ASP A 72 -1.61 5.02 8.88
CA ASP A 72 -0.99 4.57 10.12
C ASP A 72 -1.73 3.33 10.62
N GLU A 73 -3.04 3.48 10.76
CA GLU A 73 -3.88 2.39 11.24
C GLU A 73 -3.49 1.08 10.54
N LYS A 74 -3.26 1.19 9.23
CA LYS A 74 -2.88 0.03 8.45
C LYS A 74 -1.41 -0.31 8.71
N VAL A 75 -0.62 0.74 8.91
CA VAL A 75 0.80 0.57 9.18
C VAL A 75 0.98 -0.28 10.44
N GLY A 76 0.07 -0.08 11.38
CA GLY A 76 0.12 -0.81 12.63
C GLY A 76 0.06 -2.32 12.38
N LEU A 77 -0.97 -2.73 11.66
CA LEU A 77 -1.16 -4.14 11.35
C LEU A 77 0.06 -4.64 10.57
N LYS A 78 0.53 -3.82 9.66
CA LYS A 78 1.68 -4.17 8.84
C LYS A 78 2.86 -4.49 9.76
N ILE A 79 3.25 -3.49 10.55
CA ILE A 79 4.37 -3.67 11.47
C ILE A 79 4.12 -4.90 12.34
N LEU A 80 2.84 -5.16 12.61
CA LEU A 80 2.45 -6.30 13.42
C LEU A 80 2.50 -7.56 12.56
N TYR A 81 2.39 -7.37 11.26
CA TYR A 81 2.41 -8.48 10.32
C TYR A 81 3.84 -8.97 10.09
N LYS A 82 4.75 -8.01 9.96
CA LYS A 82 6.14 -8.33 9.73
C LYS A 82 6.76 -8.86 11.03
N LEU A 83 6.36 -8.25 12.14
CA LEU A 83 6.86 -8.64 13.44
C LEU A 83 6.16 -9.94 13.88
N MET A 84 4.88 -9.81 14.17
CA MET A 84 4.09 -10.96 14.59
C MET A 84 4.09 -12.05 13.51
N ASP A 85 3.75 -11.63 12.30
CA ASP A 85 3.69 -12.56 11.18
C ASP A 85 3.14 -13.90 11.66
N ALA A 86 4.05 -14.80 12.01
CA ALA A 86 3.66 -16.12 12.48
C ALA A 86 4.92 -16.98 12.66
N ASP A 87 5.65 -17.13 11.56
CA ASP A 87 6.87 -17.91 11.59
C ASP A 87 8.08 -16.98 11.69
N GLY A 88 7.97 -15.84 11.02
CA GLY A 88 9.04 -14.86 11.02
C GLY A 88 9.59 -14.64 9.62
N ASP A 89 8.68 -14.67 8.65
CA ASP A 89 9.06 -14.48 7.27
C ASP A 89 8.35 -13.24 6.72
N GLY A 90 7.04 -13.23 6.89
CA GLY A 90 6.24 -12.11 6.42
C GLY A 90 5.09 -12.60 5.53
N LYS A 91 5.24 -13.83 5.04
CA LYS A 91 4.23 -14.42 4.18
C LYS A 91 3.25 -15.22 5.04
N LEU A 92 2.01 -14.75 5.05
CA LEU A 92 0.97 -15.40 5.82
C LEU A 92 0.04 -16.16 4.87
N THR A 93 0.05 -17.48 5.01
CA THR A 93 -0.78 -18.33 4.18
C THR A 93 -2.22 -18.34 4.71
N LYS A 94 -3.09 -18.97 3.92
CA LYS A 94 -4.49 -19.06 4.30
C LYS A 94 -4.60 -19.24 5.81
N GLU A 95 -4.46 -20.49 6.24
CA GLU A 95 -4.53 -20.81 7.65
C GLU A 95 -3.92 -19.69 8.48
N GLU A 96 -2.69 -19.33 8.12
CA GLU A 96 -1.98 -18.28 8.83
C GLU A 96 -2.84 -17.02 8.91
N VAL A 97 -3.11 -16.44 7.75
CA VAL A 97 -3.91 -15.23 7.68
C VAL A 97 -5.24 -15.47 8.42
N THR A 98 -6.01 -16.40 7.89
CA THR A 98 -7.29 -16.74 8.48
C THR A 98 -7.23 -16.61 10.00
N THR A 99 -6.22 -17.26 10.57
CA THR A 99 -6.04 -17.23 12.02
C THR A 99 -5.57 -15.85 12.46
N PHE A 100 -4.43 -15.44 11.89
CA PHE A 100 -3.85 -14.15 12.22
C PHE A 100 -4.90 -13.03 12.07
N PHE A 101 -5.28 -12.80 10.83
CA PHE A 101 -6.27 -11.77 10.52
C PHE A 101 -7.48 -11.88 11.45
N LYS A 102 -7.86 -13.12 11.72
CA LYS A 102 -9.00 -13.38 12.57
C LYS A 102 -8.76 -12.75 13.95
N LYS A 103 -7.57 -13.02 14.48
CA LYS A 103 -7.20 -12.48 15.78
C LYS A 103 -7.29 -10.95 15.73
N PHE A 104 -6.88 -10.40 14.60
CA PHE A 104 -6.90 -8.96 14.42
C PHE A 104 -8.35 -8.43 14.36
N GLY A 105 -9.24 -9.29 13.90
CA GLY A 105 -10.64 -8.95 13.78
C GLY A 105 -10.93 -8.31 12.42
N TYR A 106 -11.30 -9.17 11.48
CA TYR A 106 -11.62 -8.72 10.13
C TYR A 106 -12.93 -9.35 9.63
N GLU A 107 -13.03 -10.66 9.84
CA GLU A 107 -14.21 -11.39 9.41
C GLU A 107 -14.94 -10.62 8.31
N LYS A 108 -14.24 -10.43 7.20
CA LYS A 108 -14.80 -9.73 6.07
C LYS A 108 -13.78 -9.71 4.92
N VAL A 109 -12.56 -9.35 5.26
CA VAL A 109 -11.50 -9.29 4.28
C VAL A 109 -11.33 -10.66 3.63
N VAL A 110 -11.85 -11.67 4.31
CA VAL A 110 -11.78 -13.03 3.81
C VAL A 110 -11.94 -13.02 2.29
N ASP A 111 -12.94 -12.28 1.85
CA ASP A 111 -13.22 -12.17 0.42
C ASP A 111 -11.97 -11.70 -0.31
N GLN A 112 -11.38 -10.65 0.22
CA GLN A 112 -10.17 -10.09 -0.37
C GLN A 112 -8.97 -11.02 -0.12
N ILE A 113 -9.10 -11.79 0.95
CA ILE A 113 -8.04 -12.72 1.31
C ILE A 113 -7.90 -13.80 0.22
N MET A 114 -9.05 -14.22 -0.28
CA MET A 114 -9.07 -15.23 -1.33
C MET A 114 -8.78 -14.61 -2.71
N LYS A 115 -9.35 -13.43 -2.91
CA LYS A 115 -9.16 -12.72 -4.17
C LYS A 115 -7.77 -12.10 -4.19
N ALA A 116 -7.21 -11.92 -3.00
CA ALA A 116 -5.89 -11.33 -2.87
C ALA A 116 -4.90 -12.14 -3.72
N ASP A 117 -4.69 -13.38 -3.31
CA ASP A 117 -3.77 -14.25 -4.02
C ASP A 117 -4.56 -15.07 -5.06
N ALA A 118 -3.83 -15.54 -6.07
CA ALA A 118 -4.43 -16.32 -7.12
C ALA A 118 -3.48 -16.37 -8.32
N ASN A 119 -2.20 -16.49 -8.03
CA ASN A 119 -1.18 -16.54 -9.07
C ASN A 119 -0.36 -17.82 -8.90
N GLY A 120 0.37 -17.86 -7.79
CA GLY A 120 1.21 -19.01 -7.50
C GLY A 120 1.88 -18.87 -6.12
N ASP A 121 1.16 -18.23 -5.22
CA ASP A 121 1.66 -18.01 -3.87
C ASP A 121 0.76 -18.76 -2.88
N GLY A 122 -0.54 -18.65 -3.11
CA GLY A 122 -1.51 -19.30 -2.25
C GLY A 122 -1.42 -18.75 -0.83
N TYR A 123 -0.69 -17.66 -0.68
CA TYR A 123 -0.51 -17.03 0.62
C TYR A 123 -0.72 -15.52 0.52
N ILE A 124 -0.56 -14.86 1.67
CA ILE A 124 -0.73 -13.42 1.72
C ILE A 124 0.35 -12.83 2.64
N THR A 125 1.09 -11.87 2.09
CA THR A 125 2.15 -11.22 2.84
C THR A 125 1.64 -9.90 3.45
N LEU A 126 2.37 -9.42 4.44
CA LEU A 126 2.01 -8.19 5.11
C LEU A 126 1.51 -7.18 4.07
N GLU A 127 2.19 -7.17 2.93
CA GLU A 127 1.83 -6.25 1.86
C GLU A 127 0.42 -6.57 1.35
N GLU A 128 0.27 -7.77 0.80
CA GLU A 128 -1.01 -8.21 0.28
C GLU A 128 -2.15 -7.69 1.15
N PHE A 129 -2.19 -8.20 2.38
CA PHE A 129 -3.23 -7.80 3.32
C PHE A 129 -3.34 -6.27 3.40
N LEU A 130 -2.19 -5.63 3.54
CA LEU A 130 -2.14 -4.18 3.62
C LEU A 130 -2.60 -3.59 2.29
N ALA A 131 -2.53 -4.42 1.26
CA ALA A 131 -2.93 -3.98 -0.07
C ALA A 131 -4.45 -3.91 -0.14
N PHE A 132 -5.09 -4.95 0.39
CA PHE A 132 -6.55 -5.02 0.39
C PHE A 132 -7.15 -3.68 0.83
N ASN A 133 -6.38 -2.94 1.61
CA ASN A 133 -6.84 -1.65 2.09
C ASN A 133 -5.89 -0.56 1.58
N LEU A 134 -5.86 -0.43 0.26
CA LEU A 134 -5.01 0.57 -0.36
C LEU A 134 -5.88 1.65 -1.00
N MET A 1 21.94 23.31 2.48
CA MET A 1 23.03 22.53 1.91
C MET A 1 23.26 22.90 0.45
N ALA A 2 24.44 22.55 -0.04
CA ALA A 2 24.80 22.84 -1.41
C ALA A 2 23.60 22.58 -2.32
N GLU A 3 22.85 21.54 -1.97
CA GLU A 3 21.68 21.18 -2.74
C GLU A 3 21.19 19.79 -2.33
N ALA A 4 19.87 19.63 -2.33
CA ALA A 4 19.26 18.37 -1.95
C ALA A 4 20.01 17.23 -2.64
N LEU A 5 19.81 16.02 -2.12
CA LEU A 5 20.46 14.85 -2.67
C LEU A 5 19.77 14.46 -3.98
N PHE A 6 18.53 14.03 -3.85
CA PHE A 6 17.75 13.62 -5.02
C PHE A 6 17.76 14.72 -6.08
N LYS A 7 18.07 15.93 -5.64
CA LYS A 7 18.12 17.07 -6.55
C LYS A 7 18.72 16.63 -7.88
N GLN A 8 20.01 16.31 -7.84
CA GLN A 8 20.71 15.88 -9.03
C GLN A 8 20.04 14.65 -9.63
N LEU A 9 19.90 13.63 -8.80
CA LEU A 9 19.27 12.39 -9.24
C LEU A 9 18.09 12.71 -10.15
N ASP A 10 17.32 13.71 -9.74
CA ASP A 10 16.16 14.13 -10.50
C ASP A 10 16.60 15.07 -11.63
N ALA A 11 17.16 16.20 -11.22
CA ALA A 11 17.62 17.18 -12.17
C ALA A 11 16.42 17.87 -12.84
N ASN A 12 15.48 17.04 -13.26
CA ASN A 12 14.28 17.55 -13.91
C ASN A 12 13.85 18.84 -13.22
N GLY A 13 14.11 18.91 -11.93
CA GLY A 13 13.76 20.09 -11.16
C GLY A 13 12.24 20.24 -11.05
N ASP A 14 11.54 19.16 -11.36
CA ASP A 14 10.10 19.16 -11.31
C ASP A 14 9.65 18.99 -9.86
N GLY A 15 10.59 18.57 -9.02
CA GLY A 15 10.30 18.38 -7.61
C GLY A 15 9.58 17.03 -7.39
N SER A 16 8.53 16.82 -8.16
CA SER A 16 7.76 15.60 -8.06
C SER A 16 8.25 14.58 -9.08
N VAL A 17 8.02 13.31 -8.77
CA VAL A 17 8.44 12.24 -9.65
C VAL A 17 8.06 10.89 -9.02
N SER A 18 8.49 9.82 -9.67
CA SER A 18 8.20 8.48 -9.19
C SER A 18 9.28 8.04 -8.19
N TYR A 19 8.94 8.17 -6.92
CA TYR A 19 9.86 7.79 -5.86
C TYR A 19 10.62 6.52 -6.23
N GLU A 20 10.00 5.72 -7.08
CA GLU A 20 10.61 4.47 -7.51
C GLU A 20 12.06 4.70 -7.91
N GLU A 21 12.30 5.81 -8.60
CA GLU A 21 13.63 6.16 -9.05
C GLU A 21 14.52 6.50 -7.85
N VAL A 22 13.86 6.91 -6.78
CA VAL A 22 14.58 7.27 -5.56
C VAL A 22 14.90 6.00 -4.77
N LYS A 23 14.05 5.00 -4.95
CA LYS A 23 14.23 3.73 -4.26
C LYS A 23 15.42 2.99 -4.88
N ALA A 24 15.60 3.20 -6.17
CA ALA A 24 16.69 2.57 -6.89
C ALA A 24 18.00 3.31 -6.62
N PHE A 25 17.92 4.64 -6.74
CA PHE A 25 19.08 5.47 -6.51
C PHE A 25 19.56 5.36 -5.05
N VAL A 26 18.59 5.29 -4.15
CA VAL A 26 18.89 5.18 -2.74
C VAL A 26 19.33 3.75 -2.42
N SER A 27 18.39 2.82 -2.57
CA SER A 27 18.67 1.42 -2.32
C SER A 27 20.01 1.03 -2.92
N SER A 28 20.31 1.64 -4.06
CA SER A 28 21.56 1.36 -4.75
C SER A 28 22.61 2.40 -4.35
N LYS A 29 22.70 2.64 -3.05
CA LYS A 29 23.66 3.61 -2.54
C LYS A 29 24.74 2.86 -1.75
N ARG A 30 24.53 1.57 -1.59
CA ARG A 30 25.48 0.74 -0.87
C ARG A 30 24.90 -0.66 -0.64
N PRO A 31 23.65 -0.69 -0.09
CA PRO A 31 22.98 -1.94 0.18
C PRO A 31 22.46 -2.57 -1.11
N ILE A 32 21.34 -2.05 -1.57
CA ILE A 32 20.73 -2.55 -2.80
C ILE A 32 19.72 -3.64 -2.44
N LYS A 33 19.94 -4.26 -1.29
CA LYS A 33 19.07 -5.33 -0.83
C LYS A 33 17.97 -4.72 0.05
N ASN A 34 16.92 -4.24 -0.59
CA ASN A 34 15.81 -3.65 0.13
C ASN A 34 14.89 -2.94 -0.87
N GLU A 35 15.48 -2.47 -1.95
CA GLU A 35 14.73 -1.78 -2.99
C GLU A 35 13.37 -2.45 -3.19
N GLN A 36 13.35 -3.75 -2.95
CA GLN A 36 12.12 -4.53 -3.11
C GLN A 36 11.07 -4.04 -2.12
N LEU A 37 11.40 -4.13 -0.84
CA LEU A 37 10.49 -3.70 0.21
C LEU A 37 10.15 -2.23 0.01
N LEU A 38 11.17 -1.48 -0.39
CA LEU A 38 10.99 -0.05 -0.61
C LEU A 38 9.91 0.16 -1.67
N GLN A 39 10.24 -0.18 -2.90
CA GLN A 39 9.31 -0.02 -4.00
C GLN A 39 7.89 -0.38 -3.54
N LEU A 40 7.74 -1.59 -3.04
CA LEU A 40 6.46 -2.06 -2.57
C LEU A 40 5.93 -1.11 -1.49
N ILE A 41 6.79 -0.83 -0.52
CA ILE A 41 6.44 0.06 0.56
C ILE A 41 5.96 1.40 -0.01
N PHE A 42 6.92 2.14 -0.57
CA PHE A 42 6.61 3.43 -1.16
C PHE A 42 5.30 3.38 -1.94
N LYS A 43 5.24 2.43 -2.87
CA LYS A 43 4.05 2.27 -3.69
C LYS A 43 2.80 2.37 -2.81
N ALA A 44 2.80 1.59 -1.74
CA ALA A 44 1.69 1.58 -0.81
C ALA A 44 1.76 2.83 0.08
N ILE A 45 2.98 3.35 0.21
CA ILE A 45 3.20 4.53 1.02
C ILE A 45 2.72 5.77 0.26
N ASP A 46 2.37 5.55 -1.00
CA ASP A 46 1.89 6.63 -1.85
C ASP A 46 0.37 6.54 -1.97
N ILE A 47 -0.08 5.94 -3.06
CA ILE A 47 -1.50 5.78 -3.30
C ILE A 47 -2.22 7.08 -2.90
N ASP A 48 -1.49 8.17 -2.96
CA ASP A 48 -2.04 9.46 -2.59
C ASP A 48 -2.74 10.07 -3.82
N GLY A 49 -2.90 9.24 -4.84
CA GLY A 49 -3.55 9.68 -6.07
C GLY A 49 -2.53 9.88 -7.19
N ASN A 50 -1.44 9.12 -7.09
CA ASN A 50 -0.38 9.21 -8.09
C ASN A 50 0.91 8.63 -7.51
N GLY A 51 1.32 7.50 -8.07
CA GLY A 51 2.53 6.84 -7.61
C GLY A 51 3.73 7.81 -7.65
N GLU A 52 3.52 8.93 -8.32
CA GLU A 52 4.56 9.93 -8.43
C GLU A 52 4.44 10.95 -7.30
N ILE A 53 5.49 10.99 -6.47
CA ILE A 53 5.52 11.91 -5.35
C ILE A 53 6.75 12.80 -5.47
N ASP A 54 6.89 13.69 -4.49
CA ASP A 54 8.01 14.61 -4.48
C ASP A 54 8.78 14.45 -3.15
N LEU A 55 10.09 14.44 -3.26
CA LEU A 55 10.94 14.30 -2.09
C LEU A 55 10.32 15.08 -0.93
N ALA A 56 9.66 16.17 -1.26
CA ALA A 56 9.03 17.00 -0.27
C ALA A 56 7.94 16.19 0.45
N GLU A 57 6.95 15.78 -0.31
CA GLU A 57 5.85 14.99 0.23
C GLU A 57 6.39 13.95 1.22
N PHE A 58 7.50 13.35 0.84
CA PHE A 58 8.13 12.32 1.67
C PHE A 58 8.69 12.93 2.95
N THR A 59 9.58 13.90 2.76
CA THR A 59 10.20 14.57 3.89
C THR A 59 9.15 15.01 4.91
N LYS A 60 8.17 15.76 4.41
CA LYS A 60 7.09 16.23 5.27
C LYS A 60 6.42 15.04 5.96
N PHE A 61 5.90 14.14 5.15
CA PHE A 61 5.24 12.95 5.68
C PHE A 61 6.13 12.23 6.69
N ALA A 62 7.43 12.36 6.48
CA ALA A 62 8.40 11.73 7.36
C ALA A 62 8.37 12.43 8.73
N ALA A 63 8.31 13.75 8.67
CA ALA A 63 8.27 14.55 9.88
C ALA A 63 6.89 14.43 10.53
N ALA A 64 5.90 14.20 9.69
CA ALA A 64 4.53 14.07 10.17
C ALA A 64 4.36 12.69 10.82
N VAL A 65 4.98 11.70 10.20
CA VAL A 65 4.89 10.34 10.71
C VAL A 65 5.83 10.19 11.91
N LYS A 66 6.87 11.03 11.91
CA LYS A 66 7.85 10.99 12.99
C LYS A 66 7.12 10.99 14.33
N GLU A 67 6.11 11.85 14.42
CA GLU A 67 5.33 11.96 15.64
C GLU A 67 4.18 10.95 15.62
N GLN A 68 3.18 11.25 14.79
CA GLN A 68 2.03 10.37 14.68
C GLN A 68 1.14 10.82 13.51
N ASP A 69 0.54 9.84 12.86
CA ASP A 69 -0.34 10.13 11.73
C ASP A 69 -1.17 8.88 11.41
N LEU A 70 -2.06 9.04 10.45
CA LEU A 70 -2.92 7.93 10.04
C LEU A 70 -2.05 6.73 9.69
N SER A 71 -0.90 7.02 9.10
CA SER A 71 0.02 5.97 8.70
C SER A 71 0.20 4.97 9.85
N ASP A 72 0.37 5.52 11.04
CA ASP A 72 0.55 4.69 12.22
C ASP A 72 -0.50 3.59 12.24
N GLU A 73 -1.76 4.01 12.16
CA GLU A 73 -2.87 3.07 12.16
C GLU A 73 -2.53 1.85 11.29
N LYS A 74 -2.06 2.15 10.08
CA LYS A 74 -1.69 1.09 9.15
C LYS A 74 -0.44 0.39 9.64
N VAL A 75 0.46 1.18 10.23
CA VAL A 75 1.71 0.64 10.74
C VAL A 75 1.40 -0.42 11.82
N GLY A 76 0.23 -0.28 12.41
CA GLY A 76 -0.19 -1.20 13.45
C GLY A 76 -0.32 -2.63 12.90
N LEU A 77 -1.32 -2.81 12.05
CA LEU A 77 -1.56 -4.11 11.44
C LEU A 77 -0.27 -4.60 10.77
N LYS A 78 0.29 -3.72 9.93
CA LYS A 78 1.52 -4.05 9.23
C LYS A 78 2.49 -4.74 10.19
N ILE A 79 2.79 -4.02 11.27
CA ILE A 79 3.71 -4.55 12.27
C ILE A 79 3.26 -5.95 12.69
N LEU A 80 2.09 -5.99 13.32
CA LEU A 80 1.54 -7.25 13.77
C LEU A 80 1.69 -8.30 12.67
N TYR A 81 1.59 -7.83 11.44
CA TYR A 81 1.72 -8.72 10.28
C TYR A 81 3.14 -9.28 10.18
N LYS A 82 4.10 -8.41 10.46
CA LYS A 82 5.49 -8.81 10.39
C LYS A 82 5.87 -9.55 11.67
N LEU A 83 5.41 -9.00 12.78
CA LEU A 83 5.68 -9.60 14.08
C LEU A 83 5.08 -11.01 14.14
N MET A 84 3.76 -11.04 14.18
CA MET A 84 3.04 -12.30 14.24
C MET A 84 3.61 -13.30 13.21
N ASP A 85 4.21 -12.74 12.17
CA ASP A 85 4.80 -13.57 11.12
C ASP A 85 5.98 -14.36 11.70
N ALA A 86 5.63 -15.42 12.42
CA ALA A 86 6.64 -16.26 13.03
C ALA A 86 7.01 -17.38 12.06
N ASP A 87 6.01 -17.85 11.34
CA ASP A 87 6.20 -18.93 10.38
C ASP A 87 6.42 -18.33 8.98
N GLY A 88 5.66 -17.27 8.71
CA GLY A 88 5.75 -16.60 7.43
C GLY A 88 7.17 -16.08 7.18
N ASP A 89 7.63 -15.25 8.11
CA ASP A 89 8.96 -14.69 8.01
C ASP A 89 8.96 -13.55 6.98
N GLY A 90 7.75 -13.11 6.64
CA GLY A 90 7.58 -12.04 5.68
C GLY A 90 6.18 -12.07 5.05
N LYS A 91 5.85 -13.24 4.52
CA LYS A 91 4.55 -13.42 3.90
C LYS A 91 3.61 -14.14 4.86
N LEU A 92 2.35 -13.75 4.81
CA LEU A 92 1.34 -14.35 5.68
C LEU A 92 0.51 -15.35 4.87
N THR A 93 0.60 -16.62 5.27
CA THR A 93 -0.13 -17.67 4.59
C THR A 93 -1.61 -17.64 5.01
N LYS A 94 -2.43 -18.29 4.20
CA LYS A 94 -3.85 -18.36 4.48
C LYS A 94 -4.08 -18.38 5.99
N GLU A 95 -3.90 -19.55 6.56
CA GLU A 95 -4.08 -19.72 7.99
C GLU A 95 -3.58 -18.49 8.74
N GLU A 96 -2.30 -18.20 8.56
CA GLU A 96 -1.69 -17.05 9.21
C GLU A 96 -2.61 -15.84 9.13
N VAL A 97 -2.91 -15.44 7.90
CA VAL A 97 -3.77 -14.30 7.67
C VAL A 97 -5.14 -14.56 8.33
N THR A 98 -5.87 -15.49 7.74
CA THR A 98 -7.18 -15.84 8.26
C THR A 98 -7.23 -15.66 9.77
N THR A 99 -6.35 -16.38 10.45
CA THR A 99 -6.29 -16.30 11.90
C THR A 99 -5.91 -14.89 12.34
N PHE A 100 -4.88 -14.35 11.71
CA PHE A 100 -4.42 -13.01 12.02
C PHE A 100 -5.50 -11.97 11.72
N PHE A 101 -5.75 -11.77 10.44
CA PHE A 101 -6.75 -10.82 10.01
C PHE A 101 -8.02 -10.94 10.85
N LYS A 102 -8.28 -12.15 11.32
CA LYS A 102 -9.45 -12.42 12.13
C LYS A 102 -9.23 -11.83 13.53
N LYS A 103 -8.03 -12.06 14.05
CA LYS A 103 -7.68 -11.56 15.37
C LYS A 103 -7.75 -10.03 15.38
N PHE A 104 -7.43 -9.45 14.22
CA PHE A 104 -7.44 -8.01 14.08
C PHE A 104 -8.87 -7.47 14.12
N GLY A 105 -9.67 -7.94 13.17
CA GLY A 105 -11.06 -7.51 13.09
C GLY A 105 -11.56 -7.58 11.64
N TYR A 106 -11.23 -8.67 10.98
CA TYR A 106 -11.64 -8.87 9.60
C TYR A 106 -12.07 -10.32 9.36
N GLU A 107 -13.05 -10.75 10.15
CA GLU A 107 -13.57 -12.10 10.03
C GLU A 107 -14.55 -12.19 8.86
N LYS A 108 -14.08 -11.77 7.70
CA LYS A 108 -14.90 -11.80 6.50
C LYS A 108 -14.00 -11.66 5.27
N VAL A 109 -13.05 -10.75 5.36
CA VAL A 109 -12.13 -10.51 4.27
C VAL A 109 -11.54 -11.84 3.81
N VAL A 110 -11.54 -12.81 4.72
CA VAL A 110 -11.02 -14.13 4.42
C VAL A 110 -11.42 -14.52 3.00
N ASP A 111 -12.69 -14.29 2.70
CA ASP A 111 -13.22 -14.62 1.38
C ASP A 111 -12.39 -13.90 0.32
N GLN A 112 -12.26 -12.59 0.48
CA GLN A 112 -11.50 -11.79 -0.46
C GLN A 112 -10.02 -12.17 -0.41
N ILE A 113 -9.60 -12.59 0.77
CA ILE A 113 -8.21 -12.99 0.97
C ILE A 113 -7.89 -14.16 0.04
N MET A 114 -8.70 -15.19 0.13
CA MET A 114 -8.51 -16.37 -0.71
C MET A 114 -8.75 -16.05 -2.18
N LYS A 115 -9.64 -15.10 -2.40
CA LYS A 115 -9.97 -14.69 -3.76
C LYS A 115 -8.94 -13.66 -4.24
N ALA A 116 -8.10 -13.24 -3.32
CA ALA A 116 -7.08 -12.25 -3.63
C ALA A 116 -5.88 -12.97 -4.25
N ASP A 117 -5.23 -13.79 -3.44
CA ASP A 117 -4.08 -14.55 -3.90
C ASP A 117 -4.53 -15.80 -4.63
N ALA A 118 -3.74 -16.20 -5.62
CA ALA A 118 -4.06 -17.38 -6.41
C ALA A 118 -3.26 -17.34 -7.71
N ASN A 119 -2.00 -16.93 -7.58
CA ASN A 119 -1.13 -16.86 -8.74
C ASN A 119 0.01 -17.86 -8.57
N GLY A 120 0.66 -17.81 -7.41
CA GLY A 120 1.76 -18.71 -7.11
C GLY A 120 2.39 -18.37 -5.77
N ASP A 121 1.54 -17.99 -4.82
CA ASP A 121 2.01 -17.64 -3.49
C ASP A 121 1.14 -18.33 -2.46
N GLY A 122 -0.17 -18.27 -2.68
CA GLY A 122 -1.11 -18.89 -1.76
C GLY A 122 -1.11 -18.18 -0.41
N TYR A 123 -0.38 -17.08 -0.35
CA TYR A 123 -0.29 -16.31 0.88
C TYR A 123 -0.52 -14.82 0.60
N ILE A 124 -0.42 -14.04 1.67
CA ILE A 124 -0.61 -12.60 1.56
C ILE A 124 0.32 -11.89 2.54
N THR A 125 1.17 -11.03 1.98
CA THR A 125 2.12 -10.29 2.80
C THR A 125 1.50 -8.98 3.26
N LEU A 126 2.08 -8.43 4.32
CA LEU A 126 1.60 -7.18 4.88
C LEU A 126 1.16 -6.25 3.74
N GLU A 127 1.95 -6.27 2.67
CA GLU A 127 1.67 -5.44 1.52
C GLU A 127 0.33 -5.85 0.90
N GLU A 128 0.27 -7.10 0.47
CA GLU A 128 -0.94 -7.63 -0.15
C GLU A 128 -2.18 -7.13 0.60
N PHE A 129 -2.28 -7.55 1.86
CA PHE A 129 -3.40 -7.16 2.68
C PHE A 129 -3.65 -5.65 2.59
N LEU A 130 -2.61 -4.89 2.85
CA LEU A 130 -2.71 -3.45 2.79
C LEU A 130 -3.02 -3.01 1.36
N ALA A 131 -2.73 -3.92 0.42
CA ALA A 131 -2.98 -3.65 -0.98
C ALA A 131 -4.47 -3.81 -1.28
N PHE A 132 -5.04 -4.85 -0.66
CA PHE A 132 -6.45 -5.13 -0.85
C PHE A 132 -7.30 -3.87 -0.67
N ASN A 133 -6.76 -2.94 0.11
CA ASN A 133 -7.46 -1.69 0.38
C ASN A 133 -6.64 -0.53 -0.21
N LEU A 134 -6.01 -0.80 -1.35
CA LEU A 134 -5.21 0.21 -2.01
C LEU A 134 -5.30 0.00 -3.53
N MET A 1 21.00 22.41 -5.01
CA MET A 1 21.93 22.46 -6.13
C MET A 1 21.18 22.50 -7.46
N ALA A 2 20.20 21.61 -7.59
CA ALA A 2 19.41 21.54 -8.81
C ALA A 2 17.99 21.08 -8.44
N GLU A 3 17.10 21.19 -9.43
CA GLU A 3 15.72 20.80 -9.25
C GLU A 3 14.94 20.95 -10.55
N ALA A 4 13.70 20.49 -10.52
CA ALA A 4 12.83 20.57 -11.68
C ALA A 4 11.44 20.05 -11.32
N LEU A 5 10.54 20.14 -12.29
CA LEU A 5 9.18 19.68 -12.09
C LEU A 5 8.71 18.92 -13.33
N PHE A 6 8.11 17.76 -13.09
CA PHE A 6 7.62 16.93 -14.18
C PHE A 6 6.64 17.71 -15.06
N LYS A 7 6.14 18.80 -14.51
CA LYS A 7 5.20 19.64 -15.24
C LYS A 7 5.62 19.71 -16.71
N GLN A 8 6.73 20.40 -16.94
CA GLN A 8 7.24 20.55 -18.29
C GLN A 8 7.40 19.18 -18.96
N LEU A 9 8.12 18.30 -18.26
CA LEU A 9 8.34 16.96 -18.77
C LEU A 9 7.08 16.45 -19.45
N ASP A 10 5.95 16.68 -18.79
CA ASP A 10 4.66 16.25 -19.31
C ASP A 10 4.18 17.28 -20.33
N ALA A 11 3.95 18.48 -19.85
CA ALA A 11 3.46 19.56 -20.70
C ALA A 11 2.01 19.30 -21.07
N ASN A 12 1.73 18.07 -21.46
CA ASN A 12 0.38 17.69 -21.84
C ASN A 12 -0.62 18.38 -20.91
N GLY A 13 -0.19 18.58 -19.68
CA GLY A 13 -1.03 19.23 -18.69
C GLY A 13 -2.26 18.38 -18.37
N ASP A 14 -1.99 17.20 -17.81
CA ASP A 14 -3.06 16.29 -17.45
C ASP A 14 -2.96 15.95 -15.97
N GLY A 15 -1.73 15.80 -15.52
CA GLY A 15 -1.47 15.48 -14.12
C GLY A 15 -1.08 14.01 -13.96
N SER A 16 -1.95 13.14 -14.48
CA SER A 16 -1.71 11.71 -14.41
C SER A 16 -1.02 11.23 -15.69
N VAL A 17 -0.33 10.10 -15.56
CA VAL A 17 0.37 9.52 -16.70
C VAL A 17 1.09 8.25 -16.25
N SER A 18 1.86 7.69 -17.18
CA SER A 18 2.60 6.48 -16.88
C SER A 18 3.96 6.82 -16.29
N TYR A 19 4.02 6.79 -14.96
CA TYR A 19 5.25 7.10 -14.27
C TYR A 19 6.48 6.59 -15.04
N GLU A 20 6.25 5.51 -15.77
CA GLU A 20 7.32 4.91 -16.57
C GLU A 20 8.10 6.00 -17.32
N GLU A 21 7.35 6.93 -17.88
CA GLU A 21 7.95 8.02 -18.62
C GLU A 21 8.77 8.92 -17.69
N VAL A 22 8.35 8.94 -16.43
CA VAL A 22 9.04 9.75 -15.44
C VAL A 22 10.29 9.00 -14.95
N LYS A 23 10.21 7.68 -15.02
CA LYS A 23 11.31 6.84 -14.59
C LYS A 23 12.48 7.01 -15.57
N ALA A 24 12.14 7.16 -16.84
CA ALA A 24 13.14 7.34 -17.87
C ALA A 24 13.63 8.79 -17.86
N PHE A 25 12.69 9.70 -17.65
CA PHE A 25 13.00 11.11 -17.62
C PHE A 25 14.02 11.42 -16.51
N VAL A 26 13.78 10.82 -15.35
CA VAL A 26 14.65 11.01 -14.21
C VAL A 26 15.91 10.14 -14.37
N SER A 27 15.70 8.98 -14.96
CA SER A 27 16.79 8.04 -15.18
C SER A 27 17.77 8.61 -16.21
N SER A 28 17.26 9.54 -17.01
CA SER A 28 18.07 10.17 -18.04
C SER A 28 18.74 11.42 -17.48
N LYS A 29 19.24 11.29 -16.26
CA LYS A 29 19.90 12.41 -15.60
C LYS A 29 21.27 11.94 -15.08
N ARG A 30 21.27 11.44 -13.86
CA ARG A 30 22.50 10.97 -13.25
C ARG A 30 22.81 9.55 -13.72
N PRO A 31 21.81 8.64 -13.51
CA PRO A 31 21.96 7.25 -13.90
C PRO A 31 21.84 7.10 -15.42
N ILE A 32 21.55 5.87 -15.83
CA ILE A 32 21.41 5.57 -17.25
C ILE A 32 20.73 4.22 -17.41
N LYS A 33 21.17 3.27 -16.59
CA LYS A 33 20.60 1.93 -16.64
C LYS A 33 19.86 1.65 -15.33
N ASN A 34 18.54 1.62 -15.43
CA ASN A 34 17.70 1.37 -14.27
C ASN A 34 16.25 1.68 -14.62
N GLU A 35 16.08 2.64 -15.51
CA GLU A 35 14.74 3.04 -15.93
C GLU A 35 13.92 1.82 -16.31
N GLN A 36 14.61 0.76 -16.71
CA GLN A 36 13.96 -0.47 -17.10
C GLN A 36 13.45 -1.20 -15.87
N LEU A 37 14.38 -1.56 -14.99
CA LEU A 37 14.04 -2.26 -13.77
C LEU A 37 13.06 -1.41 -12.95
N LEU A 38 13.44 -0.15 -12.76
CA LEU A 38 12.62 0.77 -12.00
C LEU A 38 11.20 0.78 -12.58
N GLN A 39 11.12 1.14 -13.86
CA GLN A 39 9.84 1.19 -14.54
C GLN A 39 9.00 -0.03 -14.17
N LEU A 40 9.59 -1.20 -14.36
CA LEU A 40 8.90 -2.45 -14.06
C LEU A 40 8.62 -2.51 -12.56
N ILE A 41 9.57 -2.02 -11.78
CA ILE A 41 9.45 -2.02 -10.34
C ILE A 41 8.21 -1.18 -9.94
N PHE A 42 8.01 -0.10 -10.69
CA PHE A 42 6.89 0.77 -10.43
C PHE A 42 5.57 0.15 -10.90
N LYS A 43 5.50 -0.08 -12.21
CA LYS A 43 4.31 -0.66 -12.80
C LYS A 43 3.84 -1.83 -11.93
N ALA A 44 4.81 -2.50 -11.31
CA ALA A 44 4.50 -3.62 -10.45
C ALA A 44 4.04 -3.11 -9.08
N ILE A 45 4.72 -2.07 -8.62
CA ILE A 45 4.40 -1.48 -7.34
C ILE A 45 3.19 -0.56 -7.49
N ASP A 46 2.63 -0.56 -8.70
CA ASP A 46 1.48 0.26 -9.00
C ASP A 46 0.21 -0.58 -8.91
N ILE A 47 -0.07 -1.27 -10.00
CA ILE A 47 -1.25 -2.12 -10.07
C ILE A 47 -2.41 -1.45 -9.32
N ASP A 48 -2.37 -0.12 -9.33
CA ASP A 48 -3.41 0.65 -8.67
C ASP A 48 -4.74 0.45 -9.40
N GLY A 49 -4.66 -0.24 -10.53
CA GLY A 49 -5.84 -0.50 -11.33
C GLY A 49 -5.69 0.06 -12.74
N ASN A 50 -4.44 0.09 -13.20
CA ASN A 50 -4.15 0.60 -14.53
C ASN A 50 -2.63 0.59 -14.75
N GLY A 51 -2.00 1.66 -14.32
CA GLY A 51 -0.55 1.80 -14.45
C GLY A 51 -0.15 3.26 -14.61
N GLU A 52 -1.13 4.08 -14.93
CA GLU A 52 -0.89 5.50 -15.12
C GLU A 52 -1.16 6.27 -13.82
N ILE A 53 -0.09 6.71 -13.19
CA ILE A 53 -0.20 7.44 -11.94
C ILE A 53 0.09 8.92 -12.20
N ASP A 54 -0.10 9.72 -11.16
CA ASP A 54 0.13 11.15 -11.27
C ASP A 54 1.18 11.57 -10.23
N LEU A 55 2.08 12.44 -10.66
CA LEU A 55 3.14 12.92 -9.78
C LEU A 55 2.56 13.12 -8.38
N ALA A 56 1.30 13.49 -8.34
CA ALA A 56 0.63 13.72 -7.07
C ALA A 56 0.61 12.42 -6.26
N GLU A 57 0.04 11.39 -6.87
CA GLU A 57 -0.05 10.09 -6.22
C GLU A 57 1.29 9.73 -5.58
N PHE A 58 2.35 10.02 -6.31
CA PHE A 58 3.69 9.73 -5.83
C PHE A 58 4.06 10.64 -4.65
N THR A 59 3.97 11.94 -4.89
CA THR A 59 4.29 12.91 -3.86
C THR A 59 3.41 12.69 -2.63
N LYS A 60 2.11 12.65 -2.86
CA LYS A 60 1.16 12.44 -1.78
C LYS A 60 1.57 11.21 -0.98
N PHE A 61 1.84 10.14 -1.69
CA PHE A 61 2.25 8.89 -1.06
C PHE A 61 3.48 9.11 -0.18
N ALA A 62 4.43 9.86 -0.72
CA ALA A 62 5.66 10.15 0.00
C ALA A 62 5.33 10.94 1.27
N ALA A 63 4.52 11.97 1.08
CA ALA A 63 4.12 12.82 2.19
C ALA A 63 3.27 12.01 3.17
N ALA A 64 2.47 11.11 2.60
CA ALA A 64 1.61 10.26 3.40
C ALA A 64 2.45 9.37 4.30
N VAL A 65 3.57 8.90 3.74
CA VAL A 65 4.47 8.04 4.48
C VAL A 65 5.37 8.89 5.38
N LYS A 66 5.73 10.07 4.86
CA LYS A 66 6.58 10.98 5.60
C LYS A 66 6.12 11.04 7.05
N GLU A 67 4.87 11.43 7.24
CA GLU A 67 4.31 11.53 8.57
C GLU A 67 2.86 12.05 8.50
N GLN A 68 1.98 11.17 8.06
CA GLN A 68 0.57 11.52 7.94
C GLN A 68 -0.29 10.56 8.77
N ASP A 69 -1.54 10.95 8.95
CA ASP A 69 -2.48 10.14 9.70
C ASP A 69 -2.99 8.99 8.83
N LEU A 70 -3.81 8.15 9.44
CA LEU A 70 -4.37 7.01 8.72
C LEU A 70 -3.26 5.99 8.45
N SER A 71 -2.29 6.41 7.66
CA SER A 71 -1.18 5.55 7.32
C SER A 71 -0.75 4.73 8.55
N ASP A 72 -0.54 5.44 9.64
CA ASP A 72 -0.12 4.80 10.89
C ASP A 72 -0.99 3.55 11.11
N GLU A 73 -2.28 3.72 10.92
CA GLU A 73 -3.21 2.61 11.10
C GLU A 73 -2.73 1.38 10.34
N LYS A 74 -2.21 1.64 9.14
CA LYS A 74 -1.72 0.56 8.30
C LYS A 74 -0.34 0.10 8.82
N VAL A 75 0.43 1.07 9.27
CA VAL A 75 1.76 0.79 9.78
C VAL A 75 1.64 -0.16 10.97
N GLY A 76 0.50 -0.08 11.65
CA GLY A 76 0.25 -0.92 12.81
C GLY A 76 0.11 -2.38 12.40
N LEU A 77 -0.67 -2.59 11.34
CA LEU A 77 -0.89 -3.94 10.84
C LEU A 77 0.43 -4.51 10.31
N LYS A 78 0.97 -3.83 9.32
CA LYS A 78 2.23 -4.26 8.73
C LYS A 78 3.23 -4.62 9.84
N ILE A 79 3.55 -3.62 10.63
CA ILE A 79 4.48 -3.80 11.73
C ILE A 79 4.16 -5.13 12.44
N LEU A 80 2.95 -5.20 12.97
CA LEU A 80 2.51 -6.39 13.67
C LEU A 80 2.72 -7.61 12.77
N TYR A 81 2.37 -7.44 11.50
CA TYR A 81 2.51 -8.52 10.53
C TYR A 81 3.95 -9.02 10.48
N LYS A 82 4.87 -8.11 10.76
CA LYS A 82 6.29 -8.44 10.75
C LYS A 82 6.66 -9.14 12.06
N LEU A 83 6.19 -8.55 13.15
CA LEU A 83 6.46 -9.10 14.47
C LEU A 83 5.66 -10.39 14.65
N MET A 84 4.35 -10.23 14.76
CA MET A 84 3.47 -11.38 14.94
C MET A 84 3.63 -12.38 13.79
N ASP A 85 3.48 -11.86 12.58
CA ASP A 85 3.60 -12.70 11.40
C ASP A 85 3.01 -14.08 11.69
N ALA A 86 3.90 -15.00 12.05
CA ALA A 86 3.48 -16.36 12.35
C ALA A 86 4.72 -17.24 12.50
N ASP A 87 5.50 -17.30 11.43
CA ASP A 87 6.70 -18.11 11.42
C ASP A 87 7.92 -17.19 11.66
N GLY A 88 7.84 -16.01 11.08
CA GLY A 88 8.93 -15.05 11.21
C GLY A 88 9.56 -14.73 9.86
N ASP A 89 8.71 -14.73 8.84
CA ASP A 89 9.17 -14.45 7.49
C ASP A 89 8.51 -13.16 6.98
N GLY A 90 7.18 -13.13 7.09
CA GLY A 90 6.43 -11.98 6.65
C GLY A 90 5.33 -12.38 5.68
N LYS A 91 5.28 -13.67 5.39
CA LYS A 91 4.28 -14.21 4.48
C LYS A 91 3.29 -15.08 5.26
N LEU A 92 2.04 -14.68 5.21
CA LEU A 92 0.99 -15.41 5.91
C LEU A 92 0.10 -16.13 4.88
N THR A 93 0.00 -17.43 5.06
CA THR A 93 -0.81 -18.25 4.15
C THR A 93 -2.29 -18.12 4.51
N LYS A 94 -3.13 -18.58 3.59
CA LYS A 94 -4.56 -18.52 3.80
C LYS A 94 -4.87 -18.71 5.28
N GLU A 95 -4.90 -19.97 5.68
CA GLU A 95 -5.18 -20.30 7.08
C GLU A 95 -4.52 -19.28 8.01
N GLU A 96 -3.23 -19.09 7.80
CA GLU A 96 -2.47 -18.15 8.61
C GLU A 96 -3.16 -16.78 8.62
N VAL A 97 -3.22 -16.18 7.44
CA VAL A 97 -3.86 -14.88 7.31
C VAL A 97 -5.27 -14.93 7.88
N THR A 98 -6.11 -15.72 7.23
CA THR A 98 -7.48 -15.88 7.65
C THR A 98 -7.59 -15.74 9.17
N THR A 99 -6.75 -16.49 9.86
CA THR A 99 -6.73 -16.46 11.31
C THR A 99 -6.13 -15.15 11.82
N PHE A 100 -4.96 -14.82 11.26
CA PHE A 100 -4.28 -13.60 11.65
C PHE A 100 -5.15 -12.37 11.38
N PHE A 101 -5.34 -12.09 10.10
CA PHE A 101 -6.15 -10.95 9.70
C PHE A 101 -7.47 -10.91 10.48
N LYS A 102 -7.98 -12.10 10.77
CA LYS A 102 -9.23 -12.21 11.50
C LYS A 102 -9.02 -11.74 12.94
N LYS A 103 -7.92 -12.22 13.53
CA LYS A 103 -7.59 -11.86 14.90
C LYS A 103 -7.44 -10.34 14.99
N PHE A 104 -6.98 -9.75 13.91
CA PHE A 104 -6.78 -8.32 13.85
C PHE A 104 -8.11 -7.58 13.73
N GLY A 105 -9.04 -8.20 12.99
CA GLY A 105 -10.34 -7.62 12.80
C GLY A 105 -10.73 -7.61 11.31
N TYR A 106 -10.45 -8.72 10.66
CA TYR A 106 -10.75 -8.86 9.24
C TYR A 106 -11.03 -10.32 8.88
N GLU A 107 -12.15 -10.81 9.37
CA GLU A 107 -12.55 -12.19 9.11
C GLU A 107 -13.25 -12.29 7.75
N LYS A 108 -14.20 -11.40 7.54
CA LYS A 108 -14.95 -11.38 6.29
C LYS A 108 -13.97 -11.24 5.12
N VAL A 109 -12.79 -10.73 5.44
CA VAL A 109 -11.76 -10.55 4.43
C VAL A 109 -11.32 -11.91 3.89
N VAL A 110 -11.37 -12.90 4.78
CA VAL A 110 -10.98 -14.25 4.40
C VAL A 110 -11.51 -14.56 3.00
N ASP A 111 -12.71 -14.07 2.74
CA ASP A 111 -13.34 -14.30 1.44
C ASP A 111 -12.52 -13.59 0.36
N GLN A 112 -12.32 -12.30 0.56
CA GLN A 112 -11.55 -11.51 -0.39
C GLN A 112 -10.11 -11.99 -0.44
N ILE A 113 -9.65 -12.53 0.68
CA ILE A 113 -8.30 -13.04 0.78
C ILE A 113 -8.13 -14.23 -0.16
N MET A 114 -9.10 -15.13 -0.09
CA MET A 114 -9.08 -16.32 -0.93
C MET A 114 -9.22 -15.96 -2.41
N LYS A 115 -10.04 -14.95 -2.65
CA LYS A 115 -10.27 -14.49 -4.02
C LYS A 115 -9.24 -13.41 -4.37
N ALA A 116 -8.39 -13.12 -3.40
CA ALA A 116 -7.36 -12.11 -3.60
C ALA A 116 -6.13 -12.76 -4.25
N ASP A 117 -5.54 -13.68 -3.50
CA ASP A 117 -4.36 -14.38 -3.99
C ASP A 117 -4.80 -15.56 -4.86
N ALA A 118 -3.98 -15.84 -5.87
CA ALA A 118 -4.28 -16.93 -6.78
C ALA A 118 -3.45 -16.75 -8.07
N ASN A 119 -2.20 -16.36 -7.88
CA ASN A 119 -1.30 -16.15 -8.99
C ASN A 119 -0.19 -17.21 -8.96
N GLY A 120 0.38 -17.38 -7.79
CA GLY A 120 1.44 -18.35 -7.60
C GLY A 120 2.14 -18.16 -6.25
N ASP A 121 1.33 -17.87 -5.25
CA ASP A 121 1.85 -17.66 -3.91
C ASP A 121 1.00 -18.45 -2.91
N GLY A 122 -0.31 -18.33 -3.07
CA GLY A 122 -1.24 -19.03 -2.20
C GLY A 122 -1.21 -18.44 -0.78
N TYR A 123 -0.39 -17.40 -0.63
CA TYR A 123 -0.26 -16.74 0.66
C TYR A 123 -0.47 -15.23 0.53
N ILE A 124 -0.34 -14.55 1.65
CA ILE A 124 -0.51 -13.11 1.68
C ILE A 124 0.54 -12.49 2.61
N THR A 125 1.19 -11.45 2.10
CA THR A 125 2.21 -10.77 2.87
C THR A 125 1.65 -9.48 3.48
N LEU A 126 2.50 -8.80 4.23
CA LEU A 126 2.11 -7.56 4.87
C LEU A 126 1.51 -6.61 3.83
N GLU A 127 2.29 -6.38 2.78
CA GLU A 127 1.84 -5.51 1.70
C GLU A 127 0.47 -5.94 1.20
N GLU A 128 0.27 -7.25 1.15
CA GLU A 128 -0.99 -7.80 0.69
C GLU A 128 -2.11 -7.44 1.66
N PHE A 129 -1.83 -7.60 2.94
CA PHE A 129 -2.79 -7.30 3.97
C PHE A 129 -3.31 -5.86 3.84
N LEU A 130 -2.38 -4.93 3.81
CA LEU A 130 -2.72 -3.52 3.69
C LEU A 130 -3.36 -3.28 2.31
N ALA A 131 -2.88 -4.03 1.33
CA ALA A 131 -3.40 -3.90 -0.02
C ALA A 131 -4.93 -4.02 0.01
N PHE A 132 -5.39 -5.10 0.63
CA PHE A 132 -6.82 -5.34 0.74
C PHE A 132 -7.56 -4.08 1.17
N ASN A 133 -6.91 -3.31 2.02
CA ASN A 133 -7.49 -2.07 2.51
C ASN A 133 -6.52 -0.91 2.26
N LEU A 134 -6.27 -0.66 0.98
CA LEU A 134 -5.37 0.41 0.59
C LEU A 134 -6.17 1.54 -0.04
#